data_6SZB
#
_entry.id   6SZB
#
_cell.length_a   1.00
_cell.length_b   1.00
_cell.length_c   1.00
_cell.angle_alpha   90.00
_cell.angle_beta   90.00
_cell.angle_gamma   90.00
#
_symmetry.space_group_name_H-M   'P 1'
#
loop_
_entity.id
_entity.type
_entity.pdbx_description
1 polymer 'RavA + Mg-ADP'
2 non-polymer "ADENOSINE-5'-DIPHOSPHATE"
#
_entity_poly.entity_id   1
_entity_poly.type   'polypeptide(L)'
_entity_poly.pdbx_seq_one_letter_code
;MAHPHLLAERISRLSSSLEKGLYERSHAIRLCLLAALSGESVFLLGPPGIAKSLIARRLKFAFQNARAFEYLMTRFSTPE
EVFGPLSIQALKDEGRYERLTSGYLPEAEIVFLDEIWKAGPAILNTLLTAINERQFRNGAHVEKIPMRLLVAASNELPEA
DSSLEALYDRMLIRLWLDKVQDKANFRSMLTSQQDENDNPVPDALQVTDEEYERWQKEIGEITLPDHVFELIFMLRQQLD
KLPDAPYVSDRRWKKAIRLLQASAFFSGRSAVAPVDLILLKDCLWYDAQSLNLIQQQIDVLMTGHAWQQQGMLTRLGAIV
QRHLQLQQQQSDKTALTVIRLGGIFSRRQQYQLPVNVTASTLTLLLQKPLKLHDMEVVHISFERSALEQWLSKGGEIRGK
LNGIGFAQKLNLEVDSAQHLVVRDVSLQGSTLALPGSSAEGLPGEIKQQLEELESDWRKQHALFSEQQKCLFIPGDWLGR
IEASLQDVGAQIRQAQQC
;
_entity_poly.pdbx_strand_id   D,C,B,A,F,E
#
loop_
_chem_comp.id
_chem_comp.type
_chem_comp.name
_chem_comp.formula
ADP non-polymer ADENOSINE-5'-DIPHOSPHATE 'C10 H15 N5 O10 P2'
#
# COMPACT_ATOMS: atom_id res chain seq x y z
N HIS A 3 33.76 -23.86 52.69
CA HIS A 3 32.42 -23.43 52.35
C HIS A 3 32.21 -23.13 50.86
N PRO A 4 33.11 -22.36 50.23
CA PRO A 4 32.94 -22.11 48.79
C PRO A 4 33.17 -23.35 47.93
N HIS A 5 34.00 -24.29 48.40
CA HIS A 5 34.25 -25.49 47.62
C HIS A 5 33.08 -26.46 47.67
N LEU A 6 32.32 -26.47 48.77
CA LEU A 6 31.18 -27.35 48.90
C LEU A 6 29.97 -26.88 48.11
N LEU A 7 29.97 -25.63 47.64
CA LEU A 7 28.84 -25.13 46.86
C LEU A 7 28.82 -25.73 45.46
N ALA A 8 29.99 -26.06 44.91
CA ALA A 8 30.03 -26.65 43.58
C ALA A 8 29.46 -28.05 43.55
N GLU A 9 29.50 -28.76 44.69
CA GLU A 9 28.95 -30.11 44.74
C GLU A 9 27.43 -30.08 44.71
N ARG A 10 26.81 -29.14 45.42
CA ARG A 10 25.35 -29.04 45.43
C ARG A 10 24.81 -28.56 44.10
N ILE A 11 25.55 -27.70 43.40
CA ILE A 11 25.09 -27.22 42.09
C ILE A 11 25.20 -28.33 41.06
N SER A 12 26.30 -29.09 41.09
CA SER A 12 26.47 -30.18 40.14
C SER A 12 25.46 -31.31 40.39
N ARG A 13 25.04 -31.49 41.64
CA ARG A 13 24.06 -32.52 41.96
C ARG A 13 22.62 -32.06 41.72
N LEU A 14 22.37 -30.76 41.74
CA LEU A 14 21.01 -30.27 41.50
C LEU A 14 20.64 -30.39 40.03
N SER A 15 21.57 -30.06 39.13
CA SER A 15 21.29 -30.16 37.70
C SER A 15 21.31 -31.60 37.21
N SER A 16 21.90 -32.52 37.98
CA SER A 16 21.92 -33.92 37.56
C SER A 16 20.54 -34.54 37.64
N SER A 17 19.75 -34.17 38.65
CA SER A 17 18.39 -34.69 38.77
C SER A 17 17.43 -34.02 37.80
N LEU A 18 17.75 -32.79 37.35
CA LEU A 18 16.89 -32.09 36.41
C LEU A 18 17.04 -32.61 34.99
N GLU A 19 18.15 -33.26 34.66
CA GLU A 19 18.37 -33.80 33.33
C GLU A 19 17.77 -35.19 33.14
N LYS A 20 17.07 -35.72 34.15
CA LYS A 20 16.47 -37.04 34.04
C LYS A 20 15.24 -36.98 33.14
N GLY A 21 15.34 -37.61 31.96
CA GLY A 21 14.27 -37.62 31.00
C GLY A 21 14.43 -36.68 29.83
N LEU A 22 15.42 -35.79 29.89
CA LEU A 22 15.68 -34.82 28.82
C LEU A 22 17.10 -35.04 28.31
N TYR A 23 17.22 -35.75 27.18
CA TYR A 23 18.52 -36.02 26.57
C TYR A 23 18.90 -34.92 25.59
N GLU A 24 20.20 -34.74 25.43
CA GLU A 24 20.75 -33.70 24.55
C GLU A 24 20.26 -32.31 24.92
N ARG A 25 19.99 -32.09 26.20
CA ARG A 25 19.52 -30.81 26.70
C ARG A 25 20.31 -30.36 27.93
N SER A 26 21.58 -30.76 28.01
CA SER A 26 22.41 -30.39 29.16
C SER A 26 22.74 -28.90 29.15
N HIS A 27 23.04 -28.35 27.97
CA HIS A 27 23.36 -26.93 27.87
C HIS A 27 22.14 -26.04 28.05
N ALA A 28 20.94 -26.59 27.91
CA ALA A 28 19.72 -25.81 28.10
C ALA A 28 19.24 -25.79 29.54
N ILE A 29 19.52 -26.85 30.30
CA ILE A 29 19.07 -26.91 31.69
C ILE A 29 20.05 -26.14 32.59
N ARG A 30 21.35 -26.32 32.37
CA ARG A 30 22.33 -25.63 33.20
C ARG A 30 22.33 -24.13 32.95
N LEU A 31 21.93 -23.70 31.74
CA LEU A 31 21.88 -22.27 31.45
C LEU A 31 20.67 -21.62 32.13
N CYS A 32 19.55 -22.34 32.20
CA CYS A 32 18.36 -21.79 32.85
C CYS A 32 18.50 -21.81 34.37
N LEU A 33 19.31 -22.73 34.90
CA LEU A 33 19.49 -22.79 36.35
C LEU A 33 20.35 -21.63 36.84
N LEU A 34 21.32 -21.20 36.03
CA LEU A 34 22.17 -20.09 36.43
C LEU A 34 21.41 -18.76 36.39
N ALA A 35 20.51 -18.61 35.42
CA ALA A 35 19.73 -17.38 35.34
C ALA A 35 18.64 -17.33 36.41
N ALA A 36 18.20 -18.50 36.89
CA ALA A 36 17.17 -18.53 37.92
C ALA A 36 17.72 -18.13 39.29
N LEU A 37 19.01 -18.34 39.52
CA LEU A 37 19.66 -17.99 40.77
C LEU A 37 20.39 -16.66 40.71
N SER A 38 20.26 -15.92 39.62
CA SER A 38 20.92 -14.64 39.47
C SER A 38 19.99 -13.51 39.04
N GLY A 39 18.74 -13.80 38.68
CA GLY A 39 17.82 -12.75 38.28
C GLY A 39 17.92 -12.35 36.83
N GLU A 40 18.23 -13.29 35.94
CA GLU A 40 18.35 -13.03 34.51
C GLU A 40 17.24 -13.74 33.76
N SER A 41 17.28 -13.65 32.44
CA SER A 41 16.30 -14.25 31.55
C SER A 41 16.99 -15.20 30.58
N VAL A 42 16.18 -15.90 29.78
CA VAL A 42 16.69 -16.85 28.80
C VAL A 42 15.70 -16.93 27.65
N PHE A 43 16.22 -16.91 26.42
CA PHE A 43 15.41 -16.97 25.22
C PHE A 43 15.66 -18.28 24.49
N LEU A 44 14.59 -18.90 24.02
CA LEU A 44 14.66 -20.16 23.30
C LEU A 44 14.07 -19.99 21.90
N LEU A 45 14.78 -20.51 20.90
CA LEU A 45 14.36 -20.41 19.51
C LEU A 45 14.47 -21.78 18.86
N GLY A 46 13.43 -22.16 18.11
CA GLY A 46 13.42 -23.42 17.43
C GLY A 46 12.01 -23.85 17.04
N PRO A 47 11.90 -24.99 16.36
CA PRO A 47 10.57 -25.47 15.96
C PRO A 47 9.80 -25.96 17.16
N PRO A 48 8.47 -25.86 17.14
CA PRO A 48 7.65 -26.30 18.28
C PRO A 48 7.71 -27.82 18.43
N GLY A 49 8.28 -28.27 19.54
CA GLY A 49 8.38 -29.70 19.81
C GLY A 49 9.78 -30.17 20.13
N ILE A 50 10.49 -29.40 20.95
CA ILE A 50 11.86 -29.75 21.35
C ILE A 50 12.03 -29.52 22.85
N ALA A 51 11.00 -29.88 23.62
CA ALA A 51 11.00 -29.74 25.08
C ALA A 51 11.27 -28.29 25.50
N LYS A 52 10.57 -27.37 24.85
CA LYS A 52 10.70 -25.95 25.17
C LYS A 52 9.78 -25.51 26.30
N SER A 53 8.73 -26.29 26.61
CA SER A 53 7.82 -25.97 27.70
C SER A 53 8.11 -26.75 28.97
N LEU A 54 8.79 -27.90 28.87
CA LEU A 54 9.10 -28.67 30.07
C LEU A 54 10.22 -28.03 30.87
N ILE A 55 11.13 -27.31 30.21
CA ILE A 55 12.21 -26.65 30.92
C ILE A 55 11.69 -25.52 31.81
N ALA A 56 10.56 -24.93 31.43
CA ALA A 56 9.95 -23.89 32.25
C ALA A 56 9.27 -24.47 33.49
N ARG A 57 8.71 -25.67 33.38
CA ARG A 57 8.04 -26.32 34.50
C ARG A 57 9.00 -27.13 35.37
N ARG A 58 10.20 -27.42 34.88
CA ARG A 58 11.18 -28.18 35.65
C ARG A 58 12.03 -27.30 36.55
N LEU A 59 12.20 -26.03 36.20
CA LEU A 59 13.01 -25.13 37.02
C LEU A 59 12.29 -24.70 38.29
N LYS A 60 10.98 -24.89 38.36
CA LYS A 60 10.24 -24.53 39.57
C LYS A 60 10.44 -25.54 40.69
N PHE A 61 10.98 -26.72 40.39
CA PHE A 61 11.23 -27.72 41.41
C PHE A 61 12.51 -27.48 42.19
N ALA A 62 13.39 -26.60 41.71
CA ALA A 62 14.64 -26.32 42.42
C ALA A 62 14.41 -25.44 43.65
N PHE A 63 13.33 -24.68 43.68
CA PHE A 63 13.00 -23.80 44.79
C PHE A 63 11.96 -24.46 45.69
N GLN A 64 11.90 -23.98 46.94
CA GLN A 64 10.93 -24.51 47.88
C GLN A 64 9.53 -23.96 47.62
N ASN A 65 9.44 -22.68 47.28
CA ASN A 65 8.17 -22.01 47.00
C ASN A 65 8.28 -21.33 45.64
N ALA A 66 7.88 -22.04 44.60
CA ALA A 66 7.93 -21.54 43.24
C ALA A 66 6.66 -21.94 42.50
N ARG A 67 6.05 -20.99 41.82
CA ARG A 67 4.82 -21.20 41.06
C ARG A 67 5.09 -21.01 39.58
N ALA A 68 4.62 -21.95 38.77
CA ALA A 68 4.80 -21.89 37.33
C ALA A 68 3.62 -21.19 36.67
N PHE A 69 3.81 -20.79 35.42
CA PHE A 69 2.77 -20.11 34.65
C PHE A 69 3.03 -20.35 33.18
N GLU A 70 2.20 -21.19 32.56
CA GLU A 70 2.29 -21.52 31.15
C GLU A 70 1.16 -20.84 30.40
N TYR A 71 1.51 -19.97 29.45
CA TYR A 71 0.53 -19.24 28.66
C TYR A 71 1.05 -19.07 27.24
N LEU A 72 0.13 -19.10 26.28
CA LEU A 72 0.45 -18.94 24.87
C LEU A 72 -0.04 -17.58 24.40
N MET A 73 0.90 -16.72 24.01
CA MET A 73 0.54 -15.38 23.56
C MET A 73 -0.05 -15.44 22.16
N THR A 74 -1.24 -14.84 22.01
CA THR A 74 -1.94 -14.80 20.73
C THR A 74 -1.94 -13.39 20.18
N ARG A 75 -2.43 -13.25 18.94
CA ARG A 75 -2.51 -11.94 18.31
C ARG A 75 -3.58 -11.06 18.93
N PHE A 76 -4.61 -11.65 19.54
CA PHE A 76 -5.69 -10.91 20.18
C PHE A 76 -5.69 -11.11 21.69
N SER A 77 -4.51 -11.28 22.28
CA SER A 77 -4.41 -11.48 23.72
C SER A 77 -4.65 -10.18 24.47
N THR A 78 -5.30 -10.29 25.63
CA THR A 78 -5.59 -9.14 26.47
C THR A 78 -4.82 -9.24 27.78
N PRO A 79 -4.44 -8.09 28.37
CA PRO A 79 -3.71 -8.14 29.65
C PRO A 79 -4.54 -8.70 30.80
N GLU A 80 -5.87 -8.77 30.65
CA GLU A 80 -6.71 -9.31 31.71
C GLU A 80 -6.58 -10.83 31.85
N GLU A 81 -6.09 -11.51 30.82
CA GLU A 81 -5.92 -12.96 30.87
C GLU A 81 -4.51 -13.38 31.26
N VAL A 82 -3.54 -12.47 31.20
CA VAL A 82 -2.15 -12.79 31.54
C VAL A 82 -1.80 -12.29 32.93
N PHE A 83 -2.03 -11.00 33.20
CA PHE A 83 -1.73 -10.40 34.49
C PHE A 83 -2.92 -10.42 35.44
N GLY A 84 -3.91 -11.26 35.17
CA GLY A 84 -5.08 -11.36 36.03
C GLY A 84 -6.09 -10.27 35.75
N PRO A 85 -7.37 -10.63 35.77
CA PRO A 85 -8.42 -9.64 35.52
C PRO A 85 -8.70 -8.78 36.74
N LEU A 86 -9.14 -7.56 36.49
CA LEU A 86 -9.46 -6.61 37.55
C LEU A 86 -10.90 -6.77 38.00
N SER A 87 -11.21 -6.16 39.14
CA SER A 87 -12.56 -6.21 39.70
C SER A 87 -13.33 -4.94 39.42
N GLU A 98 -7.04 -4.49 43.61
CA GLU A 98 -8.23 -4.33 42.77
C GLU A 98 -8.16 -5.25 41.56
N ARG A 99 -7.04 -5.94 41.40
CA ARG A 99 -6.82 -6.86 40.29
C ARG A 99 -6.65 -8.27 40.84
N LEU A 100 -7.51 -9.19 40.39
CA LEU A 100 -7.47 -10.58 40.84
C LEU A 100 -6.29 -11.27 40.16
N THR A 101 -5.12 -11.14 40.79
CA THR A 101 -3.88 -11.72 40.29
C THR A 101 -3.51 -13.02 41.00
N SER A 102 -4.51 -13.79 41.43
CA SER A 102 -4.27 -15.04 42.15
C SER A 102 -3.66 -16.06 41.20
N GLY A 103 -2.34 -16.24 41.27
CA GLY A 103 -1.66 -17.20 40.42
C GLY A 103 -1.63 -16.78 38.97
N TYR A 104 -0.79 -15.79 38.65
CA TYR A 104 -0.69 -15.30 37.28
C TYR A 104 0.75 -14.92 36.94
N LEU A 105 1.11 -13.66 37.16
CA LEU A 105 2.44 -13.16 36.82
C LEU A 105 3.05 -12.34 37.95
N PRO A 106 2.34 -11.40 38.57
CA PRO A 106 2.95 -10.63 39.67
C PRO A 106 3.38 -11.47 40.86
N GLU A 107 2.76 -12.64 41.07
CA GLU A 107 3.13 -13.54 42.15
C GLU A 107 3.49 -14.91 41.58
N ALA A 108 4.48 -14.92 40.69
CA ALA A 108 4.95 -16.15 40.06
C ALA A 108 6.47 -16.10 39.97
N GLU A 109 7.12 -17.19 40.38
CA GLU A 109 8.58 -17.25 40.34
C GLU A 109 9.10 -17.48 38.94
N ILE A 110 8.48 -18.39 38.19
CA ILE A 110 8.88 -18.71 36.82
C ILE A 110 7.67 -18.59 35.92
N VAL A 111 7.77 -17.74 34.91
CA VAL A 111 6.70 -17.55 33.94
C VAL A 111 7.17 -18.00 32.57
N PHE A 112 6.24 -18.52 31.77
CA PHE A 112 6.53 -19.03 30.43
C PHE A 112 5.59 -18.36 29.45
N LEU A 113 6.15 -17.67 28.46
CA LEU A 113 5.37 -16.98 27.43
C LEU A 113 5.83 -17.49 26.07
N ASP A 114 5.00 -18.33 25.45
CA ASP A 114 5.32 -18.90 24.15
C ASP A 114 4.87 -17.95 23.04
N GLU A 115 5.72 -17.81 22.01
CA GLU A 115 5.46 -16.94 20.86
C GLU A 115 5.19 -15.51 21.32
N ILE A 116 6.28 -14.86 21.73
CA ILE A 116 6.18 -13.49 22.25
C ILE A 116 6.23 -12.45 21.15
N TRP A 117 6.53 -12.84 19.91
CA TRP A 117 6.63 -11.89 18.81
C TRP A 117 5.27 -11.64 18.15
N LYS A 118 4.19 -11.69 18.95
CA LYS A 118 2.86 -11.44 18.39
C LYS A 118 1.89 -10.91 19.44
N ALA A 119 2.36 -10.31 20.53
CA ALA A 119 1.49 -9.79 21.56
C ALA A 119 1.04 -8.37 21.19
N GLY A 120 0.25 -7.76 22.08
CA GLY A 120 -0.25 -6.43 21.86
C GLY A 120 0.66 -5.37 22.47
N PRO A 121 0.34 -4.09 22.23
CA PRO A 121 1.18 -3.02 22.79
C PRO A 121 1.01 -2.86 24.29
N ALA A 122 -0.16 -3.24 24.84
CA ALA A 122 -0.36 -3.10 26.29
C ALA A 122 0.40 -4.18 27.06
N ILE A 123 0.53 -5.37 26.48
CA ILE A 123 1.25 -6.44 27.16
C ILE A 123 2.75 -6.24 27.07
N LEU A 124 3.24 -5.71 25.96
CA LEU A 124 4.68 -5.49 25.82
C LEU A 124 5.16 -4.33 26.68
N ASN A 125 4.32 -3.32 26.87
CA ASN A 125 4.72 -2.17 27.70
C ASN A 125 4.80 -2.55 29.16
N THR A 126 3.87 -3.38 29.64
CA THR A 126 3.89 -3.80 31.04
C THR A 126 4.97 -4.83 31.32
N LEU A 127 5.45 -5.55 30.30
CA LEU A 127 6.50 -6.54 30.50
C LEU A 127 7.87 -5.93 30.66
N LEU A 128 8.07 -4.69 30.22
CA LEU A 128 9.37 -4.04 30.35
C LEU A 128 9.63 -3.56 31.78
N THR A 129 8.58 -3.14 32.49
CA THR A 129 8.75 -2.67 33.86
C THR A 129 8.93 -3.81 34.85
N ALA A 130 8.54 -5.03 34.49
CA ALA A 130 8.68 -6.16 35.39
C ALA A 130 10.09 -6.76 35.38
N ILE A 131 10.95 -6.30 34.48
CA ILE A 131 12.33 -6.80 34.39
C ILE A 131 13.31 -5.83 35.00
N ASN A 132 13.19 -4.54 34.66
CA ASN A 132 14.10 -3.54 35.20
C ASN A 132 13.70 -3.13 36.63
N GLU A 133 12.45 -2.70 36.80
CA GLU A 133 11.96 -2.28 38.11
C GLU A 133 11.43 -3.44 38.94
N ARG A 134 11.08 -4.56 38.30
CA ARG A 134 10.55 -5.74 39.01
C ARG A 134 9.30 -5.39 39.81
N GLN A 135 8.44 -4.56 39.22
CA GLN A 135 7.20 -4.12 39.85
C GLN A 135 6.06 -4.24 38.85
N PHE A 136 4.86 -3.86 39.29
CA PHE A 136 3.68 -3.91 38.45
C PHE A 136 2.69 -2.85 38.92
N ARG A 137 2.06 -2.18 37.96
CA ARG A 137 1.08 -1.14 38.24
C ARG A 137 -0.25 -1.81 38.56
N ASN A 138 -0.47 -2.09 39.85
CA ASN A 138 -1.70 -2.73 40.31
C ASN A 138 -2.75 -1.67 40.68
N GLY A 139 -3.21 -0.97 39.65
CA GLY A 139 -4.21 0.06 39.83
C GLY A 139 -3.66 1.33 40.46
N ALA A 140 -3.56 1.33 41.79
CA ALA A 140 -3.03 2.49 42.51
C ALA A 140 -1.62 2.23 43.00
N HIS A 141 -1.49 1.47 44.08
CA HIS A 141 -0.17 1.16 44.63
C HIS A 141 0.52 0.09 43.80
N VAL A 142 1.85 0.10 43.83
CA VAL A 142 2.67 -0.86 43.10
C VAL A 142 3.21 -1.89 44.08
N GLU A 143 3.49 -3.09 43.56
CA GLU A 143 4.02 -4.18 44.37
C GLU A 143 5.13 -4.87 43.60
N LYS A 144 6.10 -5.41 44.35
CA LYS A 144 7.22 -6.10 43.75
C LYS A 144 6.79 -7.47 43.22
N ILE A 145 7.58 -7.99 42.28
CA ILE A 145 7.33 -9.27 41.65
C ILE A 145 8.54 -10.17 41.92
N PRO A 146 8.36 -11.32 42.57
CA PRO A 146 9.47 -12.24 42.85
C PRO A 146 9.81 -13.15 41.65
N MET A 147 9.91 -12.55 40.47
CA MET A 147 10.24 -13.28 39.26
C MET A 147 11.71 -13.66 39.29
N ARG A 148 12.01 -14.94 39.47
CA ARG A 148 13.39 -15.41 39.53
C ARG A 148 13.92 -15.87 38.20
N LEU A 149 13.05 -16.27 37.27
CA LEU A 149 13.48 -16.73 35.96
C LEU A 149 12.40 -16.42 34.93
N LEU A 150 12.80 -15.82 33.81
CA LEU A 150 11.89 -15.48 32.73
C LEU A 150 12.35 -16.17 31.46
N VAL A 151 11.52 -17.06 30.93
CA VAL A 151 11.82 -17.82 29.72
C VAL A 151 10.76 -17.49 28.67
N ALA A 152 11.21 -17.32 27.43
CA ALA A 152 10.31 -17.02 26.32
C ALA A 152 10.73 -17.83 25.11
N ALA A 153 9.80 -18.64 24.59
CA ALA A 153 10.05 -19.50 23.45
C ALA A 153 9.20 -19.04 22.27
N SER A 154 9.68 -19.35 21.07
CA SER A 154 8.98 -18.98 19.84
C SER A 154 9.35 -19.92 18.70
N ASN A 155 9.42 -19.39 17.48
CA ASN A 155 9.76 -20.20 16.32
C ASN A 155 10.42 -19.35 15.24
N GLU A 156 9.98 -18.11 15.10
CA GLU A 156 10.50 -17.19 14.10
C GLU A 156 11.19 -16.01 14.78
N LEU A 157 11.66 -15.06 13.97
CA LEU A 157 12.36 -13.88 14.46
C LEU A 157 11.50 -12.64 14.25
N PRO A 158 11.55 -11.68 15.18
CA PRO A 158 10.75 -10.46 15.03
C PRO A 158 11.30 -9.57 13.92
N GLU A 159 10.53 -8.52 13.63
CA GLU A 159 10.92 -7.59 12.58
C GLU A 159 12.08 -6.71 13.04
N ALA A 160 12.82 -6.19 12.06
CA ALA A 160 13.97 -5.33 12.37
C ALA A 160 13.56 -3.91 12.73
N ASP A 161 12.32 -3.50 12.42
CA ASP A 161 11.83 -2.17 12.71
C ASP A 161 10.41 -2.29 13.27
N SER A 162 10.30 -2.81 14.50
CA SER A 162 9.02 -2.99 15.16
C SER A 162 9.20 -2.72 16.65
N SER A 163 8.09 -2.81 17.39
CA SER A 163 8.11 -2.57 18.82
C SER A 163 8.56 -3.79 19.63
N LEU A 164 8.75 -4.94 18.98
CA LEU A 164 9.18 -6.14 19.67
C LEU A 164 10.69 -6.22 19.85
N GLU A 165 11.45 -5.25 19.32
CA GLU A 165 12.89 -5.27 19.48
C GLU A 165 13.34 -4.83 20.86
N ALA A 166 12.45 -4.23 21.65
CA ALA A 166 12.82 -3.80 23.00
C ALA A 166 12.95 -4.99 23.94
N LEU A 167 12.07 -5.98 23.80
CA LEU A 167 12.13 -7.16 24.66
C LEU A 167 13.27 -8.09 24.25
N TYR A 168 13.59 -8.16 22.96
CA TYR A 168 14.67 -9.02 22.52
C TYR A 168 16.04 -8.49 22.95
N ASP A 169 16.19 -7.17 23.01
CA ASP A 169 17.46 -6.60 23.42
C ASP A 169 17.71 -6.73 24.92
N ARG A 170 16.66 -6.96 25.71
CA ARG A 170 16.80 -7.12 27.15
C ARG A 170 17.02 -8.56 27.57
N MET A 171 16.74 -9.52 26.71
CA MET A 171 16.93 -10.94 27.02
C MET A 171 18.41 -11.28 26.86
N LEU A 172 19.04 -11.71 27.95
CA LEU A 172 20.47 -12.03 27.94
C LEU A 172 20.76 -13.31 27.18
N ILE A 173 20.36 -14.45 27.75
CA ILE A 173 20.64 -15.74 27.14
C ILE A 173 19.70 -15.97 25.96
N ARG A 174 20.27 -16.30 24.81
CA ARG A 174 19.50 -16.61 23.60
C ARG A 174 19.98 -17.96 23.08
N LEU A 175 19.21 -19.01 23.34
CA LEU A 175 19.55 -20.36 22.93
C LEU A 175 18.74 -20.77 21.71
N TRP A 176 19.39 -21.52 20.81
CA TRP A 176 18.75 -22.01 19.59
C TRP A 176 18.65 -23.53 19.71
N LEU A 177 17.60 -23.99 20.37
CA LEU A 177 17.39 -25.42 20.56
C LEU A 177 16.94 -26.06 19.25
N ASP A 178 17.25 -27.35 19.11
CA ASP A 178 16.89 -28.10 17.91
C ASP A 178 16.60 -29.55 18.32
N LYS A 179 16.33 -30.38 17.31
CA LYS A 179 16.03 -31.78 17.55
C LYS A 179 17.31 -32.56 17.86
N VAL A 180 17.13 -33.80 18.29
CA VAL A 180 18.25 -34.67 18.62
C VAL A 180 18.90 -35.17 17.33
N GLN A 181 20.21 -35.43 17.40
CA GLN A 181 20.97 -35.91 16.26
C GLN A 181 21.70 -37.23 16.51
N ASP A 182 22.08 -37.51 17.76
CA ASP A 182 22.79 -38.75 18.06
C ASP A 182 21.83 -39.93 18.06
N LYS A 183 22.30 -41.06 17.53
CA LYS A 183 21.46 -42.25 17.47
C LYS A 183 21.37 -42.95 18.82
N ALA A 184 22.46 -42.91 19.61
CA ALA A 184 22.44 -43.55 20.92
C ALA A 184 21.57 -42.79 21.91
N ASN A 185 21.53 -41.46 21.81
CA ASN A 185 20.71 -40.65 22.70
C ASN A 185 19.24 -40.62 22.28
N PHE A 186 18.91 -41.14 21.10
CA PHE A 186 17.52 -41.13 20.65
C PHE A 186 16.75 -42.35 21.13
N ARG A 187 17.45 -43.48 21.34
CA ARG A 187 16.77 -44.69 21.80
C ARG A 187 16.30 -44.55 23.23
N SER A 188 17.15 -44.00 24.11
CA SER A 188 16.75 -43.81 25.50
C SER A 188 15.72 -42.70 25.64
N MET A 189 15.74 -41.71 24.74
CA MET A 189 14.76 -40.63 24.79
C MET A 189 13.40 -41.09 24.28
N LEU A 190 13.39 -41.92 23.23
CA LEU A 190 12.13 -42.40 22.67
C LEU A 190 11.40 -43.33 23.64
N THR A 191 12.13 -44.00 24.53
CA THR A 191 11.52 -44.91 25.48
C THR A 191 11.86 -44.49 26.91
N SER A 192 11.42 -43.31 27.33
CA SER A 192 11.68 -42.78 28.66
C SER A 192 10.43 -42.97 29.52
N GLN A 193 10.58 -43.67 30.64
CA GLN A 193 9.47 -43.92 31.56
C GLN A 193 9.38 -42.88 32.66
N GLN A 194 10.22 -41.85 32.64
CA GLN A 194 10.20 -40.82 33.67
C GLN A 194 9.04 -39.86 33.40
N ASP A 195 8.23 -39.62 34.42
CA ASP A 195 7.09 -38.72 34.29
C ASP A 195 7.57 -37.27 34.22
N GLU A 196 7.04 -36.52 33.25
CA GLU A 196 7.43 -35.13 33.08
C GLU A 196 6.72 -34.19 34.04
N ASN A 197 5.65 -34.64 34.70
CA ASN A 197 4.91 -33.82 35.65
C ASN A 197 5.14 -34.25 37.10
N ASP A 198 6.22 -34.98 37.36
CA ASP A 198 6.55 -35.43 38.70
C ASP A 198 7.64 -34.56 39.29
N ASN A 199 8.12 -34.93 40.48
CA ASN A 199 9.17 -34.19 41.19
C ASN A 199 10.41 -35.07 41.29
N PRO A 200 11.35 -34.97 40.35
CA PRO A 200 12.57 -35.79 40.41
C PRO A 200 13.74 -35.16 41.15
N VAL A 201 13.51 -34.09 41.90
CA VAL A 201 14.55 -33.40 42.65
C VAL A 201 14.34 -33.69 44.13
N PRO A 202 15.35 -34.18 44.84
CA PRO A 202 15.18 -34.46 46.27
C PRO A 202 15.01 -33.17 47.07
N ASP A 203 14.51 -33.34 48.30
CA ASP A 203 14.28 -32.18 49.17
C ASP A 203 15.58 -31.61 49.71
N ALA A 204 16.65 -32.40 49.77
CA ALA A 204 17.93 -31.92 50.28
C ALA A 204 18.65 -31.01 49.30
N LEU A 205 18.35 -31.11 48.01
CA LEU A 205 18.98 -30.27 47.00
C LEU A 205 18.18 -29.04 46.65
N GLN A 206 16.96 -28.90 47.19
CA GLN A 206 16.13 -27.74 46.90
C GLN A 206 16.58 -26.55 47.74
N VAL A 207 16.78 -25.40 47.07
CA VAL A 207 17.19 -24.20 47.78
C VAL A 207 15.98 -23.54 48.42
N THR A 208 16.25 -22.74 49.45
CA THR A 208 15.22 -22.04 50.19
C THR A 208 15.16 -20.57 49.73
N ASP A 209 14.23 -19.82 50.33
CA ASP A 209 14.07 -18.41 49.97
C ASP A 209 15.19 -17.56 50.58
N GLU A 210 15.76 -18.02 51.70
CA GLU A 210 16.84 -17.25 52.32
C GLU A 210 18.15 -17.39 51.56
N GLU A 211 18.38 -18.54 50.93
CA GLU A 211 19.62 -18.74 50.16
C GLU A 211 19.59 -17.99 48.84
N TYR A 212 18.40 -17.73 48.28
CA TYR A 212 18.32 -17.00 47.02
C TYR A 212 18.61 -15.52 47.22
N GLU A 213 18.12 -14.94 48.32
CA GLU A 213 18.37 -13.53 48.58
C GLU A 213 19.81 -13.28 49.01
N ARG A 214 20.45 -14.27 49.65
CA ARG A 214 21.84 -14.10 50.06
C ARG A 214 22.81 -14.23 48.90
N TRP A 215 22.49 -15.07 47.92
CA TRP A 215 23.38 -15.24 46.77
C TRP A 215 23.35 -14.04 45.83
N GLN A 216 22.28 -13.23 45.87
CA GLN A 216 22.21 -12.07 45.00
C GLN A 216 23.20 -10.98 45.41
N LYS A 217 23.62 -10.97 46.68
CA LYS A 217 24.58 -9.98 47.14
C LYS A 217 26.01 -10.44 46.89
N GLU A 218 26.26 -11.75 46.95
CA GLU A 218 27.59 -12.29 46.72
C GLU A 218 27.95 -12.38 45.24
N ILE A 219 26.98 -12.21 44.34
CA ILE A 219 27.28 -12.29 42.92
C ILE A 219 28.05 -11.05 42.47
N GLY A 220 27.59 -9.87 42.88
CA GLY A 220 28.26 -8.64 42.50
C GLY A 220 29.58 -8.39 43.21
N GLU A 221 29.91 -9.17 44.22
CA GLU A 221 31.16 -9.02 44.96
C GLU A 221 32.31 -9.79 44.33
N ILE A 222 32.11 -10.41 43.17
CA ILE A 222 33.18 -11.15 42.51
C ILE A 222 34.16 -10.17 41.89
N THR A 223 35.44 -10.35 42.19
CA THR A 223 36.47 -9.46 41.66
C THR A 223 36.68 -9.70 40.18
N LEU A 224 37.08 -8.64 39.47
CA LEU A 224 37.33 -8.71 38.04
C LEU A 224 38.82 -8.62 37.78
N PRO A 225 39.49 -9.72 37.43
CA PRO A 225 40.94 -9.66 37.20
C PRO A 225 41.28 -8.86 35.95
N ASP A 226 42.53 -8.39 35.91
CA ASP A 226 42.98 -7.59 34.79
C ASP A 226 43.12 -8.42 33.52
N HIS A 227 43.35 -9.73 33.65
CA HIS A 227 43.48 -10.58 32.48
C HIS A 227 42.15 -10.81 31.78
N VAL A 228 41.04 -10.76 32.54
CA VAL A 228 39.73 -10.96 31.93
C VAL A 228 39.26 -9.70 31.22
N PHE A 229 39.63 -8.52 31.73
CA PHE A 229 39.23 -7.27 31.09
C PHE A 229 39.89 -7.09 29.74
N GLU A 230 41.11 -7.62 29.57
CA GLU A 230 41.79 -7.51 28.29
C GLU A 230 41.13 -8.36 27.21
N LEU A 231 40.40 -9.39 27.59
CA LEU A 231 39.71 -10.24 26.62
C LEU A 231 38.33 -9.71 26.26
N ILE A 232 37.64 -9.06 27.20
CA ILE A 232 36.33 -8.52 26.91
C ILE A 232 36.44 -7.29 26.01
N PHE A 233 37.43 -6.43 26.28
CA PHE A 233 37.61 -5.25 25.45
C PHE A 233 38.12 -5.60 24.06
N MET A 234 38.86 -6.70 23.94
CA MET A 234 39.36 -7.11 22.63
C MET A 234 38.24 -7.69 21.77
N LEU A 235 37.33 -8.45 22.38
CA LEU A 235 36.21 -9.01 21.63
C LEU A 235 35.20 -7.94 21.25
N ARG A 236 35.07 -6.90 22.07
CA ARG A 236 34.14 -5.81 21.76
C ARG A 236 34.66 -4.97 20.59
N GLN A 237 35.97 -4.69 20.58
CA GLN A 237 36.55 -3.91 19.50
C GLN A 237 36.61 -4.68 18.19
N GLN A 238 36.67 -6.01 18.25
CA GLN A 238 36.72 -6.80 17.03
C GLN A 238 35.38 -6.79 16.29
N LEU A 239 34.28 -6.70 17.03
CA LEU A 239 32.95 -6.67 16.41
C LEU A 239 32.61 -5.30 15.84
N ASP A 240 33.25 -4.24 16.32
CA ASP A 240 32.98 -2.90 15.81
C ASP A 240 33.63 -2.64 14.46
N LYS A 241 34.59 -3.48 14.06
CA LYS A 241 35.27 -3.31 12.78
C LYS A 241 34.64 -4.14 11.66
N LEU A 242 34.01 -5.25 12.01
CA LEU A 242 33.40 -6.10 10.99
C LEU A 242 32.00 -5.59 10.65
N PRO A 243 31.70 -5.35 9.37
CA PRO A 243 30.35 -4.85 9.03
C PRO A 243 29.26 -5.88 9.26
N ASP A 244 29.56 -7.18 9.11
CA ASP A 244 28.56 -8.22 9.31
C ASP A 244 28.45 -8.67 10.77
N ALA A 245 29.16 -8.01 11.68
CA ALA A 245 29.09 -8.39 13.09
C ALA A 245 27.90 -7.71 13.75
N PRO A 246 27.21 -8.41 14.65
CA PRO A 246 26.06 -7.80 15.33
C PRO A 246 26.50 -6.73 16.32
N TYR A 247 25.65 -5.72 16.46
CA TYR A 247 25.93 -4.61 17.38
C TYR A 247 25.62 -5.02 18.82
N VAL A 248 26.58 -4.84 19.71
CA VAL A 248 26.42 -5.15 21.12
C VAL A 248 26.40 -3.85 21.90
N SER A 249 25.28 -3.56 22.54
CA SER A 249 25.13 -2.33 23.30
C SER A 249 25.77 -2.45 24.67
N ASP A 250 25.74 -1.36 25.44
CA ASP A 250 26.32 -1.39 26.78
C ASP A 250 25.47 -2.19 27.75
N ARG A 251 24.16 -2.33 27.47
CA ARG A 251 23.30 -3.11 28.34
C ARG A 251 23.61 -4.60 28.23
N ARG A 252 23.93 -5.06 27.02
CA ARG A 252 24.26 -6.47 26.83
C ARG A 252 25.61 -6.82 27.47
N TRP A 253 26.56 -5.90 27.46
CA TRP A 253 27.86 -6.17 28.06
C TRP A 253 27.77 -6.16 29.59
N LYS A 254 26.97 -5.27 30.16
CA LYS A 254 26.86 -5.18 31.61
C LYS A 254 26.10 -6.36 32.19
N LYS A 255 25.03 -6.80 31.50
CA LYS A 255 24.25 -7.92 31.99
C LYS A 255 24.97 -9.25 31.82
N ALA A 256 25.92 -9.33 30.88
CA ALA A 256 26.66 -10.57 30.68
C ALA A 256 27.64 -10.85 31.81
N ILE A 257 28.04 -9.81 32.56
CA ILE A 257 28.95 -10.03 33.69
C ILE A 257 28.22 -10.66 34.86
N ARG A 258 26.93 -10.35 35.02
CA ARG A 258 26.16 -10.94 36.12
C ARG A 258 26.03 -12.45 35.95
N LEU A 259 25.94 -12.92 34.70
CA LEU A 259 25.90 -14.36 34.44
C LEU A 259 27.29 -14.99 34.48
N LEU A 260 28.33 -14.20 34.19
CA LEU A 260 29.69 -14.73 34.21
C LEU A 260 30.23 -14.78 35.64
N GLN A 261 29.91 -13.78 36.46
CA GLN A 261 30.37 -13.78 37.85
C GLN A 261 29.69 -14.88 38.65
N ALA A 262 28.41 -15.15 38.36
CA ALA A 262 27.70 -16.22 39.06
C ALA A 262 28.13 -17.60 38.58
N SER A 263 28.74 -17.69 37.40
CA SER A 263 29.21 -18.99 36.91
C SER A 263 30.39 -19.49 37.73
N ALA A 264 31.26 -18.59 38.18
CA ALA A 264 32.40 -18.97 39.00
C ALA A 264 32.04 -19.06 40.48
N PHE A 265 30.98 -18.39 40.91
CA PHE A 265 30.59 -18.45 42.32
C PHE A 265 30.00 -19.81 42.67
N PHE A 266 29.21 -20.39 41.76
CA PHE A 266 28.61 -21.70 41.98
C PHE A 266 29.53 -22.85 41.59
N SER A 267 30.75 -22.56 41.16
CA SER A 267 31.71 -23.59 40.77
C SER A 267 32.90 -23.69 41.72
N GLY A 268 32.93 -22.90 42.78
CA GLY A 268 34.02 -22.95 43.72
C GLY A 268 35.15 -21.96 43.47
N ARG A 269 34.84 -20.81 42.89
CA ARG A 269 35.84 -19.79 42.59
C ARG A 269 35.38 -18.45 43.16
N SER A 270 36.36 -17.57 43.37
CA SER A 270 36.09 -16.24 43.92
C SER A 270 36.28 -15.12 42.91
N ALA A 271 36.96 -15.37 41.80
CA ALA A 271 37.19 -14.37 40.77
C ALA A 271 36.67 -14.88 39.43
N VAL A 272 36.64 -13.98 38.45
CA VAL A 272 36.16 -14.31 37.12
C VAL A 272 37.24 -15.10 36.39
N ALA A 273 36.88 -16.30 35.90
CA ALA A 273 37.81 -17.16 35.20
C ALA A 273 37.73 -16.94 33.70
N PRO A 274 38.85 -17.08 32.98
CA PRO A 274 38.81 -16.91 31.52
C PRO A 274 37.98 -17.96 30.80
N VAL A 275 37.68 -19.09 31.45
CA VAL A 275 36.88 -20.13 30.83
C VAL A 275 35.40 -19.76 30.75
N ASP A 276 34.98 -18.70 31.45
CA ASP A 276 33.59 -18.27 31.43
C ASP A 276 33.22 -17.47 30.19
N LEU A 277 34.18 -17.24 29.29
CA LEU A 277 33.90 -16.47 28.07
C LEU A 277 33.13 -17.28 27.03
N ILE A 278 32.99 -18.59 27.22
CA ILE A 278 32.25 -19.42 26.26
C ILE A 278 30.76 -19.17 26.37
N LEU A 279 30.28 -18.64 27.50
CA LEU A 279 28.85 -18.37 27.66
C LEU A 279 28.37 -17.20 26.82
N LEU A 280 29.28 -16.43 26.22
CA LEU A 280 28.89 -15.29 25.40
C LEU A 280 28.43 -15.70 24.00
N LYS A 281 28.55 -16.98 23.64
CA LYS A 281 28.13 -17.43 22.32
C LYS A 281 26.61 -17.53 22.19
N ASP A 282 25.87 -17.46 23.29
CA ASP A 282 24.42 -17.51 23.26
C ASP A 282 23.80 -16.23 23.81
N CYS A 283 24.49 -15.10 23.63
CA CYS A 283 23.99 -13.82 24.12
C CYS A 283 24.24 -12.72 23.10
N LEU A 284 25.39 -12.77 22.42
CA LEU A 284 25.72 -11.72 21.46
C LEU A 284 24.95 -11.89 20.15
N TRP A 285 24.64 -13.12 19.76
CA TRP A 285 23.92 -13.36 18.52
C TRP A 285 22.45 -12.95 18.66
N TYR A 286 21.81 -12.74 17.52
CA TYR A 286 20.40 -12.36 17.49
C TYR A 286 19.61 -12.96 16.33
N ASP A 287 20.26 -13.49 15.30
CA ASP A 287 19.54 -14.09 14.17
C ASP A 287 20.41 -15.19 13.59
N ALA A 288 20.02 -15.68 12.41
CA ALA A 288 20.77 -16.76 11.76
C ALA A 288 22.10 -16.29 11.19
N GLN A 289 22.21 -15.01 10.82
CA GLN A 289 23.47 -14.51 10.27
C GLN A 289 24.51 -14.26 11.35
N SER A 290 24.08 -13.87 12.55
CA SER A 290 25.01 -13.59 13.64
C SER A 290 25.41 -14.84 14.41
N LEU A 291 24.79 -15.99 14.13
CA LEU A 291 25.14 -17.21 14.86
C LEU A 291 26.48 -17.76 14.39
N ASN A 292 26.73 -17.73 13.07
CA ASN A 292 27.98 -18.26 12.54
C ASN A 292 29.15 -17.31 12.72
N LEU A 293 28.90 -16.04 13.03
CA LEU A 293 29.97 -15.08 13.24
C LEU A 293 30.35 -14.94 14.70
N ILE A 294 29.38 -15.06 15.61
CA ILE A 294 29.68 -14.96 17.04
C ILE A 294 30.43 -16.22 17.51
N GLN A 295 29.97 -17.39 17.09
CA GLN A 295 30.62 -18.64 17.48
C GLN A 295 32.01 -18.79 16.87
N GLN A 296 32.30 -18.06 15.78
CA GLN A 296 33.61 -18.14 15.16
C GLN A 296 34.59 -17.15 15.78
N GLN A 297 34.11 -15.95 16.14
CA GLN A 297 34.99 -14.95 16.73
C GLN A 297 35.38 -15.32 18.15
N ILE A 298 34.47 -15.96 18.90
CA ILE A 298 34.79 -16.36 20.26
C ILE A 298 35.73 -17.56 20.28
N ASP A 299 35.55 -18.48 19.33
CA ASP A 299 36.41 -19.66 19.27
C ASP A 299 37.85 -19.28 18.96
N VAL A 300 38.07 -18.19 18.23
CA VAL A 300 39.42 -17.74 17.95
C VAL A 300 40.07 -17.17 19.21
N LEU A 301 39.32 -16.35 19.95
CA LEU A 301 39.86 -15.77 21.18
C LEU A 301 39.99 -16.82 22.28
N MET A 302 39.11 -17.81 22.31
CA MET A 302 39.21 -18.85 23.32
C MET A 302 40.38 -19.79 23.06
N THR A 303 40.82 -19.90 21.81
CA THR A 303 41.95 -20.74 21.43
C THR A 303 43.12 -19.92 20.92
N GLY A 304 43.24 -18.67 21.37
CA GLY A 304 44.31 -17.81 20.93
C GLY A 304 44.84 -16.89 22.01
N HIS A 305 43.96 -16.06 22.57
CA HIS A 305 44.35 -15.10 23.59
C HIS A 305 43.80 -15.44 24.97
N ALA A 306 43.03 -16.53 25.10
CA ALA A 306 42.48 -16.90 26.39
C ALA A 306 43.57 -17.44 27.32
N TRP A 307 44.28 -18.48 26.87
CA TRP A 307 45.36 -19.08 27.64
C TRP A 307 46.73 -18.80 27.03
N GLN A 308 46.89 -17.60 26.44
CA GLN A 308 48.15 -17.18 25.83
C GLN A 308 48.59 -18.15 24.73
N GLN A 309 47.62 -18.66 23.96
CA GLN A 309 47.94 -19.57 22.88
C GLN A 309 48.60 -18.83 21.72
N GLN A 310 47.93 -17.79 21.21
CA GLN A 310 48.51 -16.99 20.13
C GLN A 310 49.61 -16.07 20.65
N GLY A 311 49.57 -15.72 21.94
CA GLY A 311 50.60 -14.89 22.51
C GLY A 311 51.94 -15.58 22.60
N MET A 312 51.94 -16.90 22.80
CA MET A 312 53.18 -17.67 22.82
C MET A 312 53.63 -18.11 21.44
N LEU A 313 52.75 -18.10 20.45
CA LEU A 313 53.14 -18.46 19.10
C LEU A 313 54.00 -17.38 18.46
N THR A 314 53.63 -16.11 18.66
CA THR A 314 54.43 -15.01 18.13
C THR A 314 55.73 -14.83 18.90
N ARG A 315 55.79 -15.29 20.15
CA ARG A 315 57.02 -15.21 20.92
C ARG A 315 57.97 -16.36 20.58
N LEU A 316 57.42 -17.52 20.19
CA LEU A 316 58.26 -18.64 19.81
C LEU A 316 58.95 -18.39 18.48
N GLY A 317 58.30 -17.66 17.57
CA GLY A 317 58.92 -17.35 16.29
C GLY A 317 60.13 -16.45 16.42
N ALA A 318 60.16 -15.60 17.45
CA ALA A 318 61.32 -14.75 17.67
C ALA A 318 62.52 -15.56 18.15
N ILE A 319 62.28 -16.65 18.87
CA ILE A 319 63.39 -17.50 19.31
C ILE A 319 63.95 -18.29 18.13
N VAL A 320 63.07 -18.75 17.24
CA VAL A 320 63.54 -19.47 16.05
C VAL A 320 64.30 -18.53 15.12
N GLN A 321 63.82 -17.30 14.98
CA GLN A 321 64.52 -16.32 14.16
C GLN A 321 65.86 -15.93 14.78
N ARG A 322 65.94 -15.89 16.11
CA ARG A 322 67.20 -15.58 16.77
C ARG A 322 68.17 -16.74 16.68
N HIS A 323 67.66 -17.98 16.68
CA HIS A 323 68.54 -19.14 16.55
C HIS A 323 69.13 -19.24 15.15
N LEU A 324 68.34 -18.89 14.13
CA LEU A 324 68.86 -18.91 12.76
C LEU A 324 69.83 -17.75 12.52
N GLN A 325 69.68 -16.65 13.25
CA GLN A 325 70.59 -15.52 13.09
C GLN A 325 71.96 -15.84 13.69
N LEU A 326 71.98 -16.53 14.84
CA LEU A 326 73.25 -16.90 15.45
C LEU A 326 73.93 -18.02 14.68
N GLN A 327 73.16 -18.84 13.96
CA GLN A 327 73.75 -19.93 13.18
C GLN A 327 74.40 -19.41 11.91
N GLN A 328 73.78 -18.42 11.26
CA GLN A 328 74.35 -17.85 10.04
C GLN A 328 75.52 -16.92 10.34
N GLN A 329 75.66 -16.45 11.58
CA GLN A 329 76.77 -15.58 11.93
C GLN A 329 78.04 -16.37 12.21
N GLN A 330 77.92 -17.58 12.78
CA GLN A 330 79.06 -18.43 13.07
C GLN A 330 79.24 -19.52 12.01
N SER A 331 78.86 -19.24 10.77
CA SER A 331 78.98 -20.21 9.69
C SER A 331 80.39 -20.29 9.12
N ASP A 332 81.32 -19.46 9.60
CA ASP A 332 82.69 -19.49 9.11
C ASP A 332 83.52 -20.61 9.70
N LYS A 333 82.99 -21.34 10.68
CA LYS A 333 83.74 -22.44 11.29
C LYS A 333 83.52 -23.74 10.51
N THR A 334 82.30 -24.01 10.09
CA THR A 334 81.96 -25.22 9.34
C THR A 334 81.65 -24.84 7.90
N ALA A 335 82.41 -25.39 6.96
CA ALA A 335 82.21 -25.10 5.55
C ALA A 335 81.30 -26.14 4.90
N LEU A 336 81.55 -26.45 3.63
CA LEU A 336 80.74 -27.44 2.91
C LEU A 336 81.63 -28.05 1.83
N THR A 337 82.24 -29.19 2.15
CA THR A 337 83.13 -29.90 1.23
C THR A 337 82.34 -30.95 0.47
N VAL A 338 82.52 -30.99 -0.85
CA VAL A 338 81.85 -31.95 -1.72
C VAL A 338 82.89 -32.94 -2.23
N ILE A 339 82.68 -34.21 -1.92
CA ILE A 339 83.60 -35.26 -2.34
C ILE A 339 83.34 -35.61 -3.80
N ARG A 340 84.37 -36.14 -4.46
CA ARG A 340 84.30 -36.52 -5.86
C ARG A 340 84.21 -38.03 -5.98
N LEU A 341 83.85 -38.48 -7.19
CA LEU A 341 83.73 -39.90 -7.49
C LEU A 341 84.38 -40.19 -8.84
N GLY A 342 84.87 -41.42 -8.98
CA GLY A 342 85.52 -41.83 -10.22
C GLY A 342 84.54 -42.27 -11.29
N GLY A 343 84.70 -43.49 -11.78
CA GLY A 343 83.81 -44.02 -12.79
C GLY A 343 84.09 -43.46 -14.17
N ILE A 344 83.31 -43.93 -15.13
CA ILE A 344 83.41 -43.51 -16.53
C ILE A 344 82.15 -42.74 -16.87
N PHE A 345 82.29 -41.42 -17.02
CA PHE A 345 81.16 -40.56 -17.36
C PHE A 345 81.67 -39.36 -18.14
N SER A 346 80.82 -38.83 -19.00
CA SER A 346 81.18 -37.68 -19.82
C SER A 346 81.13 -36.37 -19.05
N ARG A 347 80.36 -36.30 -17.97
CA ARG A 347 80.24 -35.11 -17.16
C ARG A 347 80.86 -35.33 -15.79
N ARG A 348 81.30 -34.23 -15.17
CA ARG A 348 81.92 -34.30 -13.85
C ARG A 348 80.87 -34.54 -12.77
N GLN A 349 80.65 -35.79 -12.41
CA GLN A 349 79.66 -36.14 -11.40
C GLN A 349 80.22 -35.90 -10.01
N GLN A 350 79.39 -35.35 -9.13
CA GLN A 350 79.76 -35.07 -7.75
C GLN A 350 78.86 -35.84 -6.80
N TYR A 351 79.41 -36.16 -5.63
CA TYR A 351 78.69 -36.90 -4.60
C TYR A 351 78.61 -36.08 -3.32
N GLN A 352 77.52 -36.25 -2.59
CA GLN A 352 77.31 -35.56 -1.33
C GLN A 352 77.94 -36.34 -0.19
N LEU A 353 77.81 -35.81 1.03
CA LEU A 353 78.37 -36.48 2.19
C LEU A 353 77.52 -37.70 2.54
N PRO A 354 78.15 -38.80 2.97
CA PRO A 354 77.38 -40.01 3.29
C PRO A 354 76.56 -39.89 4.57
N VAL A 355 77.09 -40.45 5.67
CA VAL A 355 76.36 -40.44 6.94
C VAL A 355 76.33 -39.08 7.60
N ASN A 356 77.09 -38.11 7.09
CA ASN A 356 77.10 -36.77 7.69
C ASN A 356 75.77 -36.07 7.51
N VAL A 357 75.04 -36.39 6.44
CA VAL A 357 73.73 -35.80 6.17
C VAL A 357 72.80 -36.91 5.69
N THR A 358 71.65 -37.04 6.36
CA THR A 358 70.68 -38.05 5.98
C THR A 358 69.25 -37.53 5.88
N ALA A 359 68.99 -36.27 6.22
CA ALA A 359 67.64 -35.74 6.13
C ALA A 359 67.27 -35.43 4.68
N SER A 360 65.98 -35.53 4.37
CA SER A 360 65.50 -35.25 3.02
C SER A 360 65.37 -33.75 2.78
N THR A 361 64.61 -33.07 3.65
CA THR A 361 64.41 -31.62 3.53
C THR A 361 65.34 -30.87 4.48
N LEU A 362 66.64 -31.08 4.27
CA LEU A 362 67.65 -30.42 5.09
C LEU A 362 67.80 -28.96 4.69
N THR A 363 68.32 -28.17 5.62
CA THR A 363 68.54 -26.74 5.41
C THR A 363 70.04 -26.45 5.30
N LEU A 364 70.37 -25.48 4.45
CA LEU A 364 71.75 -25.06 4.24
C LEU A 364 71.84 -23.55 4.38
N LEU A 365 72.69 -23.09 5.29
CA LEU A 365 72.87 -21.67 5.53
C LEU A 365 73.84 -21.07 4.53
N LEU A 366 74.04 -19.76 4.65
CA LEU A 366 74.94 -19.03 3.77
C LEU A 366 75.63 -17.92 4.56
N GLN A 367 76.77 -17.47 4.03
CA GLN A 367 77.54 -16.41 4.68
C GLN A 367 76.95 -15.04 4.38
N LYS A 368 77.44 -14.41 3.32
CA LYS A 368 76.95 -13.09 2.95
C LYS A 368 75.55 -13.19 2.38
N PRO A 369 74.55 -12.52 2.98
CA PRO A 369 73.19 -12.62 2.45
C PRO A 369 73.04 -11.85 1.14
N LEU A 370 72.17 -12.36 0.29
CA LEU A 370 71.90 -11.77 -1.02
C LEU A 370 70.41 -11.44 -1.13
N LYS A 371 70.07 -10.80 -2.25
CA LYS A 371 68.69 -10.40 -2.54
C LYS A 371 68.17 -11.29 -3.67
N LEU A 372 67.36 -12.28 -3.32
CA LEU A 372 66.78 -13.22 -4.28
C LEU A 372 65.29 -12.96 -4.39
N HIS A 373 64.81 -12.79 -5.63
CA HIS A 373 63.40 -12.54 -5.91
C HIS A 373 62.89 -11.31 -5.16
N ASP A 374 63.72 -10.25 -5.16
CA ASP A 374 63.38 -8.98 -4.51
C ASP A 374 63.06 -9.16 -3.03
N MET A 375 63.82 -10.03 -2.37
CA MET A 375 63.65 -10.27 -0.95
C MET A 375 64.92 -10.86 -0.38
N GLU A 376 65.08 -10.75 0.93
CA GLU A 376 66.24 -11.28 1.62
C GLU A 376 65.99 -12.70 2.10
N VAL A 377 67.07 -13.43 2.35
CA VAL A 377 67.00 -14.82 2.79
C VAL A 377 68.17 -15.09 3.72
N VAL A 378 68.01 -16.05 4.63
CA VAL A 378 69.07 -16.41 5.56
C VAL A 378 69.39 -17.91 5.52
N HIS A 379 68.49 -18.73 4.96
CA HIS A 379 68.73 -20.16 4.86
C HIS A 379 67.91 -20.72 3.70
N ILE A 380 68.50 -21.63 2.95
CA ILE A 380 67.86 -22.25 1.80
C ILE A 380 67.75 -23.74 2.07
N SER A 381 66.52 -24.25 2.14
CA SER A 381 66.27 -25.66 2.41
C SER A 381 66.17 -26.41 1.08
N PHE A 382 67.10 -27.32 0.84
CA PHE A 382 67.12 -28.12 -0.37
C PHE A 382 66.51 -29.49 -0.12
N GLU A 383 66.34 -30.24 -1.21
CA GLU A 383 65.77 -31.58 -1.17
C GLU A 383 66.85 -32.60 -1.50
N ARG A 384 66.92 -33.67 -0.71
CA ARG A 384 67.92 -34.71 -0.93
C ARG A 384 67.64 -35.53 -2.18
N SER A 385 66.38 -35.60 -2.62
CA SER A 385 66.04 -36.36 -3.81
C SER A 385 66.43 -35.63 -5.09
N ALA A 386 66.46 -34.29 -5.05
CA ALA A 386 66.83 -33.50 -6.22
C ALA A 386 68.29 -33.06 -6.22
N LEU A 387 68.97 -33.12 -5.07
CA LEU A 387 70.37 -32.72 -5.02
C LEU A 387 71.27 -33.78 -5.64
N GLU A 388 70.87 -35.04 -5.60
CA GLU A 388 71.70 -36.10 -6.18
C GLU A 388 71.65 -36.09 -7.70
N GLN A 389 70.54 -35.64 -8.28
CA GLN A 389 70.42 -35.60 -9.74
C GLN A 389 71.15 -34.40 -10.33
N TRP A 390 71.22 -33.28 -9.60
CA TRP A 390 71.90 -32.10 -10.11
C TRP A 390 73.41 -32.23 -10.00
N LEU A 391 73.90 -32.88 -8.94
CA LEU A 391 75.33 -33.07 -8.75
C LEU A 391 75.93 -34.14 -9.66
N SER A 392 75.09 -34.96 -10.30
CA SER A 392 75.56 -36.02 -11.18
C SER A 392 75.18 -35.75 -12.63
N LYS A 393 73.88 -35.69 -12.94
CA LYS A 393 73.45 -35.45 -14.32
C LYS A 393 73.62 -33.98 -14.70
N GLY A 394 73.20 -33.06 -13.84
CA GLY A 394 73.33 -31.65 -14.11
C GLY A 394 71.99 -30.96 -14.35
N GLY A 395 71.99 -29.91 -15.16
CA GLY A 395 70.77 -29.18 -15.46
C GLY A 395 70.50 -28.06 -14.47
N GLU A 396 69.23 -27.84 -14.17
CA GLU A 396 68.81 -26.79 -13.24
C GLU A 396 68.22 -27.41 -11.98
N ILE A 397 68.28 -26.65 -10.88
CA ILE A 397 67.76 -27.09 -9.60
C ILE A 397 66.81 -26.03 -9.07
N ARG A 398 65.94 -26.44 -8.15
CA ARG A 398 64.98 -25.56 -7.52
C ARG A 398 65.17 -25.56 -6.02
N GLY A 399 64.59 -24.56 -5.36
CA GLY A 399 64.69 -24.44 -3.93
C GLY A 399 63.92 -23.26 -3.36
N LYS A 400 63.23 -23.48 -2.26
CA LYS A 400 62.45 -22.43 -1.63
C LYS A 400 63.34 -21.53 -0.78
N LEU A 401 62.83 -20.34 -0.49
CA LEU A 401 63.56 -19.34 0.30
C LEU A 401 62.99 -19.28 1.71
N ASN A 402 63.87 -19.29 2.71
CA ASN A 402 63.49 -19.20 4.12
C ASN A 402 62.55 -20.34 4.52
N GLY A 403 62.65 -21.48 3.83
CA GLY A 403 61.81 -22.62 4.16
C GLY A 403 60.34 -22.42 3.88
N ILE A 404 59.97 -21.42 3.09
CA ILE A 404 58.58 -21.13 2.76
C ILE A 404 58.49 -20.81 1.28
N GLY A 405 57.26 -20.80 0.77
CA GLY A 405 57.02 -20.51 -0.62
C GLY A 405 57.28 -21.71 -1.52
N PHE A 406 57.23 -21.44 -2.83
CA PHE A 406 57.46 -22.46 -3.83
C PHE A 406 58.95 -22.63 -4.09
N ALA A 407 59.30 -23.76 -4.70
CA ALA A 407 60.69 -24.08 -5.02
C ALA A 407 61.09 -23.27 -6.25
N GLN A 408 61.72 -22.12 -6.00
CA GLN A 408 62.16 -21.25 -7.07
C GLN A 408 63.53 -21.66 -7.59
N LYS A 409 63.80 -21.30 -8.84
CA LYS A 409 65.08 -21.63 -9.46
C LYS A 409 66.18 -20.69 -8.98
N LEU A 410 67.34 -21.25 -8.69
CA LEU A 410 68.49 -20.50 -8.22
C LEU A 410 69.68 -20.73 -9.13
N ASN A 411 70.68 -19.87 -9.00
CA ASN A 411 71.90 -19.96 -9.81
C ASN A 411 72.98 -20.73 -9.08
N LEU A 412 72.69 -22.00 -8.81
CA LEU A 412 73.63 -22.87 -8.12
C LEU A 412 74.69 -23.39 -9.07
N GLU A 413 75.93 -23.44 -8.59
CA GLU A 413 77.04 -23.93 -9.39
C GLU A 413 78.12 -24.44 -8.45
N VAL A 414 79.10 -25.13 -9.02
CA VAL A 414 80.21 -25.69 -8.28
C VAL A 414 81.35 -24.69 -8.26
N ASP A 415 82.24 -24.84 -7.28
CA ASP A 415 83.40 -23.96 -7.12
C ASP A 415 84.68 -24.76 -7.31
N SER A 416 85.81 -24.03 -7.30
CA SER A 416 87.10 -24.67 -7.46
C SER A 416 87.55 -25.41 -6.20
N ALA A 417 87.02 -25.04 -5.03
CA ALA A 417 87.37 -25.69 -3.78
C ALA A 417 86.27 -26.64 -3.30
N GLN A 418 85.49 -27.20 -4.23
CA GLN A 418 84.41 -28.12 -3.92
C GLN A 418 83.40 -27.50 -2.96
N HIS A 419 82.77 -26.41 -3.43
CA HIS A 419 81.78 -25.69 -2.65
C HIS A 419 80.63 -25.29 -3.56
N LEU A 420 79.53 -24.87 -2.94
CA LEU A 420 78.34 -24.44 -3.66
C LEU A 420 78.25 -22.91 -3.64
N VAL A 421 78.14 -22.31 -4.82
CA VAL A 421 78.07 -20.86 -4.96
C VAL A 421 76.69 -20.50 -5.49
N VAL A 422 76.00 -19.61 -4.80
CA VAL A 422 74.66 -19.16 -5.18
C VAL A 422 74.78 -17.71 -5.64
N ARG A 423 74.43 -17.47 -6.91
CA ARG A 423 74.49 -16.15 -7.50
C ARG A 423 73.09 -15.56 -7.62
N ASP A 424 73.03 -14.24 -7.76
CA ASP A 424 71.76 -13.53 -7.90
C ASP A 424 71.69 -12.78 -9.22
N VAL A 425 71.22 -11.53 -9.17
CA VAL A 425 71.12 -10.71 -10.37
C VAL A 425 72.34 -9.84 -10.61
N SER A 426 73.22 -9.71 -9.62
CA SER A 426 74.42 -8.91 -9.74
C SER A 426 75.70 -9.75 -9.77
N LEU A 427 75.58 -11.05 -9.99
CA LEU A 427 76.72 -11.97 -10.03
C LEU A 427 77.54 -11.91 -8.74
N GLN A 428 76.85 -12.10 -7.62
CA GLN A 428 77.47 -12.08 -6.30
C GLN A 428 77.63 -13.50 -5.80
N GLY A 429 78.86 -13.87 -5.44
CA GLY A 429 79.13 -15.20 -4.95
C GLY A 429 78.83 -15.34 -3.48
N SER A 430 78.38 -16.55 -3.09
CA SER A 430 78.05 -16.84 -1.71
C SER A 430 78.22 -18.34 -1.48
N THR A 431 79.16 -18.69 -0.60
CA THR A 431 79.42 -20.09 -0.30
C THR A 431 78.42 -20.61 0.73
N LEU A 432 77.81 -21.74 0.43
CA LEU A 432 76.83 -22.34 1.33
C LEU A 432 77.52 -23.13 2.44
N ALA A 433 76.78 -23.37 3.51
CA ALA A 433 77.30 -24.12 4.65
C ALA A 433 76.15 -24.79 5.37
N LEU A 434 76.45 -25.92 6.02
CA LEU A 434 75.43 -26.66 6.75
C LEU A 434 75.50 -26.32 8.24
N PRO A 435 74.37 -26.35 8.94
CA PRO A 435 74.38 -26.06 10.38
C PRO A 435 75.03 -27.19 11.16
N GLY A 436 75.86 -26.81 12.14
CA GLY A 436 76.54 -27.78 12.95
C GLY A 436 75.66 -28.35 14.05
N SER A 437 76.22 -29.31 14.78
CA SER A 437 75.49 -29.97 15.86
C SER A 437 75.44 -29.08 17.09
N LEU A 442 73.03 -26.22 20.68
CA LEU A 442 72.12 -25.21 21.21
C LEU A 442 72.87 -24.17 22.04
N PRO A 443 72.82 -22.91 21.62
CA PRO A 443 73.51 -21.85 22.35
C PRO A 443 72.87 -21.61 23.71
N GLY A 444 73.61 -20.88 24.55
CA GLY A 444 73.12 -20.57 25.88
C GLY A 444 72.00 -19.54 25.88
N GLU A 445 72.02 -18.61 24.93
CA GLU A 445 70.97 -17.60 24.86
C GLU A 445 69.67 -18.19 24.34
N ILE A 446 69.74 -19.12 23.40
CA ILE A 446 68.52 -19.74 22.87
C ILE A 446 67.89 -20.66 23.90
N LYS A 447 68.72 -21.39 24.65
CA LYS A 447 68.19 -22.29 25.68
C LYS A 447 67.58 -21.52 26.85
N GLN A 448 68.09 -20.32 27.12
CA GLN A 448 67.54 -19.52 28.21
C GLN A 448 66.16 -18.98 27.86
N GLN A 449 65.98 -18.49 26.64
CA GLN A 449 64.68 -17.98 26.22
C GLN A 449 63.67 -19.11 26.01
N LEU A 450 64.14 -20.29 25.61
CA LEU A 450 63.24 -21.42 25.41
C LEU A 450 62.76 -22.00 26.74
N GLU A 451 63.60 -21.93 27.78
CA GLU A 451 63.20 -22.44 29.09
C GLU A 451 62.18 -21.53 29.76
N GLU A 452 62.26 -20.22 29.51
CA GLU A 452 61.29 -19.30 30.09
C GLU A 452 59.94 -19.41 29.41
N LEU A 453 59.93 -19.64 28.09
CA LEU A 453 58.65 -19.80 27.39
C LEU A 453 57.99 -21.13 27.72
N GLU A 454 58.78 -22.18 27.96
CA GLU A 454 58.21 -23.47 28.33
C GLU A 454 57.59 -23.43 29.73
N SER A 455 58.14 -22.62 30.63
CA SER A 455 57.57 -22.50 31.96
C SER A 455 56.23 -21.77 31.93
N ASP A 456 56.06 -20.83 31.00
CA ASP A 456 54.79 -20.12 30.89
C ASP A 456 53.70 -21.02 30.30
N TRP A 457 54.08 -21.98 29.45
CA TRP A 457 53.11 -22.91 28.90
C TRP A 457 52.60 -23.89 29.96
N ARG A 458 53.48 -24.29 30.88
CA ARG A 458 53.06 -25.18 31.95
C ARG A 458 52.19 -24.47 32.98
N LYS A 459 52.47 -23.19 33.23
CA LYS A 459 51.64 -22.42 34.16
C LYS A 459 50.27 -22.10 33.57
N GLN A 460 50.21 -21.88 32.25
CA GLN A 460 48.92 -21.62 31.62
C GLN A 460 48.10 -22.90 31.51
N HIS A 461 48.75 -24.04 31.30
CA HIS A 461 48.03 -25.31 31.23
C HIS A 461 47.52 -25.74 32.59
N ALA A 462 48.20 -25.32 33.66
CA ALA A 462 47.75 -25.67 35.00
C ALA A 462 46.49 -24.91 35.40
N LEU A 463 46.30 -23.71 34.85
CA LEU A 463 45.09 -22.94 35.15
C LEU A 463 43.87 -23.53 34.46
N PHE A 464 44.05 -24.11 33.27
CA PHE A 464 42.93 -24.72 32.57
C PHE A 464 42.51 -26.03 33.23
N SER A 465 43.46 -26.76 33.81
CA SER A 465 43.16 -28.02 34.49
C SER A 465 42.54 -27.81 35.87
N GLU A 466 42.39 -26.57 36.32
CA GLU A 466 41.80 -26.29 37.63
C GLU A 466 40.47 -25.55 37.53
N GLN A 467 39.97 -25.30 36.31
CA GLN A 467 38.71 -24.60 36.15
C GLN A 467 37.84 -25.15 35.02
N GLN A 468 38.26 -26.23 34.36
CA GLN A 468 37.47 -26.82 33.28
C GLN A 468 36.28 -27.62 33.78
N LYS A 469 36.21 -27.92 35.09
CA LYS A 469 35.13 -28.69 35.66
C LYS A 469 33.89 -27.85 35.97
N CYS A 470 33.69 -26.73 35.26
CA CYS A 470 32.52 -25.91 35.48
C CYS A 470 31.28 -26.57 34.91
N LEU A 471 30.14 -26.36 35.56
CA LEU A 471 28.89 -26.98 35.13
C LEU A 471 28.28 -26.26 33.93
N PHE A 472 28.48 -24.94 33.83
CA PHE A 472 27.92 -24.14 32.74
C PHE A 472 28.84 -24.06 31.53
N ILE A 473 29.56 -25.13 31.24
CA ILE A 473 30.47 -25.17 30.09
C ILE A 473 30.12 -26.38 29.24
N PRO A 474 29.94 -26.22 27.93
CA PRO A 474 29.61 -27.36 27.08
C PRO A 474 30.76 -28.37 27.02
N GLY A 475 30.39 -29.62 26.74
CA GLY A 475 31.38 -30.68 26.70
C GLY A 475 32.18 -30.73 25.41
N ASP A 476 31.58 -30.34 24.29
CA ASP A 476 32.28 -30.36 23.01
C ASP A 476 33.32 -29.25 22.90
N TRP A 477 33.21 -28.21 23.73
CA TRP A 477 34.18 -27.12 23.69
C TRP A 477 35.48 -27.46 24.40
N LEU A 478 35.49 -28.51 25.23
CA LEU A 478 36.72 -28.89 25.93
C LEU A 478 37.72 -29.54 24.99
N GLY A 479 37.25 -30.14 23.89
CA GLY A 479 38.15 -30.77 22.94
C GLY A 479 38.96 -29.80 22.12
N ARG A 480 38.47 -28.57 21.95
CA ARG A 480 39.19 -27.56 21.18
C ARG A 480 40.19 -26.79 22.01
N ILE A 481 39.93 -26.62 23.31
CA ILE A 481 40.87 -25.91 24.17
C ILE A 481 42.08 -26.77 24.47
N GLU A 482 41.87 -28.08 24.66
CA GLU A 482 42.99 -28.98 24.91
C GLU A 482 43.84 -29.18 23.66
N ALA A 483 43.20 -29.19 22.49
CA ALA A 483 43.95 -29.37 21.25
C ALA A 483 44.75 -28.11 20.90
N SER A 484 44.26 -26.94 21.28
CA SER A 484 44.99 -25.71 21.00
C SER A 484 46.18 -25.53 21.93
N LEU A 485 46.07 -25.98 23.18
CA LEU A 485 47.19 -25.87 24.11
C LEU A 485 48.29 -26.89 23.82
N GLN A 486 47.91 -28.06 23.30
CA GLN A 486 48.91 -29.07 22.96
C GLN A 486 49.71 -28.72 21.71
N ASP A 487 49.12 -27.94 20.81
CA ASP A 487 49.84 -27.55 19.60
C ASP A 487 50.97 -26.57 19.90
N VAL A 488 50.80 -25.72 20.91
CA VAL A 488 51.86 -24.78 21.28
C VAL A 488 52.99 -25.51 21.99
N GLY A 489 52.66 -26.48 22.85
CA GLY A 489 53.69 -27.22 23.54
C GLY A 489 54.44 -28.18 22.64
N ALA A 490 53.82 -28.60 21.54
CA ALA A 490 54.50 -29.49 20.60
C ALA A 490 55.45 -28.75 19.68
N GLN A 491 55.19 -27.45 19.43
CA GLN A 491 56.07 -26.68 18.57
C GLN A 491 57.31 -26.18 19.30
N ILE A 492 57.20 -25.93 20.61
CA ILE A 492 58.36 -25.47 21.36
C ILE A 492 59.30 -26.63 21.67
N ARG A 493 58.78 -27.86 21.68
CA ARG A 493 59.62 -29.03 21.96
C ARG A 493 60.45 -29.44 20.74
N GLN A 494 60.07 -28.99 19.54
CA GLN A 494 60.82 -29.36 18.35
C GLN A 494 62.04 -28.46 18.14
N ALA A 495 62.01 -27.24 18.66
CA ALA A 495 63.14 -26.33 18.50
C ALA A 495 64.30 -26.72 19.40
N GLN A 496 64.02 -27.42 20.50
CA GLN A 496 65.07 -27.84 21.44
C GLN A 496 65.52 -29.27 21.15
N GLN A 497 65.78 -29.56 19.89
CA GLN A 497 66.22 -30.89 19.48
C GLN A 497 67.62 -30.84 18.86
N HIS B 3 24.63 34.88 48.90
CA HIS B 3 23.50 34.02 48.53
C HIS B 3 23.60 33.47 47.10
N PRO B 4 23.88 34.32 46.09
CA PRO B 4 24.01 33.78 44.74
C PRO B 4 25.25 32.93 44.55
N HIS B 5 26.31 33.17 45.32
CA HIS B 5 27.52 32.37 45.18
C HIS B 5 27.36 30.99 45.80
N LEU B 6 26.51 30.87 46.81
CA LEU B 6 26.29 29.58 47.45
C LEU B 6 25.40 28.66 46.64
N LEU B 7 24.70 29.18 45.63
CA LEU B 7 23.83 28.35 44.81
C LEU B 7 24.64 27.46 43.88
N ALA B 8 25.82 27.92 43.45
CA ALA B 8 26.64 27.12 42.55
C ALA B 8 27.21 25.89 43.25
N GLU B 9 27.37 25.95 44.58
CA GLU B 9 27.89 24.79 45.31
C GLU B 9 26.85 23.68 45.40
N ARG B 10 25.59 24.04 45.63
CA ARG B 10 24.53 23.04 45.72
C ARG B 10 24.25 22.40 44.37
N ILE B 11 24.38 23.16 43.28
CA ILE B 11 24.15 22.59 41.95
C ILE B 11 25.27 21.64 41.57
N SER B 12 26.52 22.02 41.86
CA SER B 12 27.65 21.16 41.54
C SER B 12 27.65 19.90 42.39
N ARG B 13 27.11 19.96 43.61
CA ARG B 13 27.05 18.78 44.47
C ARG B 13 25.85 17.90 44.14
N LEU B 14 24.79 18.47 43.56
CA LEU B 14 23.63 17.67 43.21
C LEU B 14 23.90 16.79 42.00
N SER B 15 24.58 17.35 40.98
CA SER B 15 24.89 16.58 39.80
C SER B 15 26.01 15.56 40.04
N SER B 16 26.80 15.74 41.10
CA SER B 16 27.86 14.79 41.39
C SER B 16 27.31 13.46 41.88
N SER B 17 26.22 13.50 42.66
CA SER B 17 25.61 12.27 43.14
C SER B 17 24.80 11.58 42.05
N LEU B 18 24.34 12.35 41.05
CA LEU B 18 23.56 11.77 39.96
C LEU B 18 24.43 11.02 38.95
N GLU B 19 25.73 11.32 38.92
CA GLU B 19 26.65 10.65 37.99
C GLU B 19 27.20 9.35 38.55
N LYS B 20 26.76 8.92 39.73
CA LYS B 20 27.24 7.68 40.32
C LYS B 20 26.64 6.49 39.59
N GLY B 21 27.47 5.75 38.86
CA GLY B 21 27.04 4.59 38.11
C GLY B 21 26.89 4.81 36.62
N LEU B 22 26.92 6.06 36.17
CA LEU B 22 26.80 6.39 34.75
C LEU B 22 28.08 7.08 34.30
N TYR B 23 28.95 6.34 33.63
CA TYR B 23 30.21 6.86 33.14
C TYR B 23 30.05 7.40 31.71
N GLU B 24 30.88 8.40 31.38
CA GLU B 24 30.86 9.06 30.08
C GLU B 24 29.48 9.66 29.78
N ARG B 25 28.76 10.08 30.82
CA ARG B 25 27.44 10.66 30.66
C ARG B 25 27.32 11.97 31.46
N SER B 26 28.44 12.67 31.62
CA SER B 26 28.41 13.92 32.38
C SER B 26 27.65 15.01 31.64
N HIS B 27 27.85 15.10 30.32
CA HIS B 27 27.15 16.12 29.53
C HIS B 27 25.67 15.83 29.38
N ALA B 28 25.24 14.58 29.60
CA ALA B 28 23.83 14.24 29.48
C ALA B 28 23.08 14.45 30.78
N ILE B 29 23.76 14.28 31.92
CA ILE B 29 23.09 14.48 33.21
C ILE B 29 22.99 15.96 33.54
N ARG B 30 24.06 16.72 33.31
CA ARG B 30 24.03 18.15 33.61
C ARG B 30 23.07 18.90 32.70
N LEU B 31 22.87 18.41 31.47
CA LEU B 31 21.95 19.06 30.56
C LEU B 31 20.49 18.80 30.93
N CYS B 32 20.20 17.59 31.42
CA CYS B 32 18.83 17.27 31.82
C CYS B 32 18.47 17.92 33.14
N LEU B 33 19.47 18.21 33.98
CA LEU B 33 19.20 18.86 35.27
C LEU B 33 18.86 20.33 35.08
N LEU B 34 19.47 20.99 34.11
CA LEU B 34 19.17 22.40 33.86
C LEU B 34 17.78 22.58 33.27
N ALA B 35 17.36 21.65 32.40
CA ALA B 35 16.03 21.73 31.81
C ALA B 35 14.93 21.36 32.79
N ALA B 36 15.24 20.53 33.80
CA ALA B 36 14.23 20.14 34.79
C ALA B 36 13.92 21.28 35.75
N LEU B 37 14.87 22.19 35.97
CA LEU B 37 14.68 23.31 36.87
C LEU B 37 14.30 24.59 36.13
N SER B 38 14.07 24.50 34.82
CA SER B 38 13.70 25.68 34.02
C SER B 38 12.43 25.48 33.20
N GLY B 39 11.88 24.27 33.14
CA GLY B 39 10.67 24.05 32.36
C GLY B 39 10.89 23.75 30.90
N GLU B 40 12.05 23.20 30.54
CA GLU B 40 12.36 22.87 29.16
C GLU B 40 12.29 21.36 28.94
N SER B 41 12.69 20.93 27.76
CA SER B 41 12.68 19.52 27.38
C SER B 41 14.08 19.11 26.90
N VAL B 42 14.22 17.83 26.58
CA VAL B 42 15.49 17.28 26.11
C VAL B 42 15.19 16.12 25.18
N PHE B 43 16.04 15.93 24.17
CA PHE B 43 15.91 14.87 23.20
C PHE B 43 17.17 14.02 23.17
N LEU B 44 16.99 12.71 23.11
CA LEU B 44 18.09 11.76 23.08
C LEU B 44 18.01 10.92 21.81
N LEU B 45 19.15 10.74 21.15
CA LEU B 45 19.22 9.98 19.91
C LEU B 45 20.42 9.05 19.98
N GLY B 46 20.21 7.79 19.58
CA GLY B 46 21.27 6.80 19.57
C GLY B 46 20.73 5.39 19.53
N PRO B 47 21.63 4.41 19.49
CA PRO B 47 21.19 3.02 19.46
C PRO B 47 20.61 2.60 20.80
N PRO B 48 19.65 1.68 20.81
CA PRO B 48 19.05 1.25 22.08
C PRO B 48 20.05 0.47 22.92
N GLY B 49 20.39 1.03 24.08
CA GLY B 49 21.32 0.38 24.99
C GLY B 49 22.48 1.26 25.40
N ILE B 50 22.18 2.53 25.70
CA ILE B 50 23.22 3.48 26.12
C ILE B 50 22.70 4.28 27.31
N ALA B 51 21.99 3.62 28.22
CA ALA B 51 21.44 4.23 29.43
C ALA B 51 20.53 5.41 29.08
N LYS B 52 19.64 5.20 28.11
CA LYS B 52 18.69 6.23 27.71
C LYS B 52 17.43 6.24 28.56
N SER B 53 17.16 5.16 29.30
CA SER B 53 15.98 5.09 30.16
C SER B 53 16.31 5.35 31.63
N LEU B 54 17.56 5.17 32.04
CA LEU B 54 17.92 5.41 33.43
C LEU B 54 18.01 6.89 33.75
N ILE B 55 18.36 7.71 32.75
CA ILE B 55 18.45 9.15 32.97
C ILE B 55 17.07 9.76 33.26
N ALA B 56 16.00 9.14 32.76
CA ALA B 56 14.67 9.65 33.05
C ALA B 56 14.24 9.31 34.47
N ARG B 57 14.63 8.14 34.97
CA ARG B 57 14.29 7.73 36.32
C ARG B 57 15.25 8.31 37.36
N ARG B 58 16.39 8.84 36.95
CA ARG B 58 17.35 9.41 37.89
C ARG B 58 17.08 10.88 38.19
N LEU B 59 16.45 11.60 37.25
CA LEU B 59 16.17 13.01 37.47
C LEU B 59 15.01 13.23 38.44
N LYS B 60 14.21 12.19 38.70
CA LYS B 60 13.10 12.33 39.63
C LYS B 60 13.55 12.33 41.08
N PHE B 61 14.79 11.92 41.35
CA PHE B 61 15.31 11.91 42.71
C PHE B 61 15.78 13.28 43.18
N ALA B 62 15.95 14.24 42.27
CA ALA B 62 16.39 15.57 42.67
C ALA B 62 15.27 16.37 43.33
N PHE B 63 14.02 16.00 43.11
CA PHE B 63 12.88 16.68 43.70
C PHE B 63 12.33 15.88 44.87
N GLN B 64 11.58 16.57 45.74
CA GLN B 64 11.00 15.91 46.90
C GLN B 64 9.77 15.09 46.52
N ASN B 65 8.94 15.62 45.63
CA ASN B 65 7.72 14.95 45.17
C ASN B 65 7.76 14.92 43.64
N ALA B 66 8.29 13.83 43.09
CA ALA B 66 8.38 13.65 41.65
C ALA B 66 8.05 12.21 41.30
N ARG B 67 7.22 12.02 40.29
CA ARG B 67 6.80 10.70 39.84
C ARG B 67 7.29 10.45 38.43
N ALA B 68 7.80 9.24 38.20
CA ALA B 68 8.31 8.87 36.89
C ALA B 68 7.24 8.14 36.07
N PHE B 69 7.48 8.03 34.78
CA PHE B 69 6.56 7.37 33.86
C PHE B 69 7.35 6.86 32.67
N GLU B 70 7.49 5.55 32.56
CA GLU B 70 8.21 4.90 31.47
C GLU B 70 7.21 4.18 30.58
N TYR B 71 7.22 4.52 29.29
CA TYR B 71 6.30 3.90 28.34
C TYR B 71 6.96 3.89 26.97
N LEU B 72 6.69 2.82 26.21
CA LEU B 72 7.24 2.65 24.87
C LEU B 72 6.14 2.92 23.85
N MET B 73 6.32 3.96 23.04
CA MET B 73 5.32 4.31 22.04
C MET B 73 5.39 3.34 20.86
N THR B 74 4.28 2.69 20.57
CA THR B 74 4.18 1.74 19.47
C THR B 74 3.38 2.32 18.33
N ARG B 75 3.31 1.58 17.22
CA ARG B 75 2.54 2.03 16.06
C ARG B 75 1.04 1.94 16.29
N PHE B 76 0.59 1.06 17.17
CA PHE B 76 -0.83 0.90 17.48
C PHE B 76 -1.15 1.35 18.91
N SER B 77 -0.43 2.36 19.40
CA SER B 77 -0.64 2.85 20.75
C SER B 77 -1.91 3.71 20.82
N THR B 78 -2.62 3.60 21.93
CA THR B 78 -3.85 4.35 22.15
C THR B 78 -3.67 5.34 23.29
N PRO B 79 -4.35 6.49 23.24
CA PRO B 79 -4.22 7.46 24.34
C PRO B 79 -4.77 6.97 25.67
N GLU B 80 -5.57 5.90 25.66
CA GLU B 80 -6.11 5.37 26.91
C GLU B 80 -5.06 4.67 27.75
N GLU B 81 -3.96 4.23 27.14
CA GLU B 81 -2.89 3.55 27.87
C GLU B 81 -1.78 4.49 28.31
N VAL B 82 -1.74 5.71 27.77
CA VAL B 82 -0.71 6.68 28.13
C VAL B 82 -1.25 7.75 29.07
N PHE B 83 -2.36 8.37 28.70
CA PHE B 83 -2.98 9.41 29.51
C PHE B 83 -4.05 8.87 30.44
N GLY B 84 -4.08 7.55 30.67
CA GLY B 84 -5.06 6.96 31.55
C GLY B 84 -6.39 6.74 30.86
N PRO B 85 -7.02 5.61 31.13
CA PRO B 85 -8.33 5.33 30.52
C PRO B 85 -9.45 6.05 31.23
N LEU B 86 -10.48 6.40 30.45
CA LEU B 86 -11.64 7.12 30.96
C LEU B 86 -12.64 6.14 31.56
N SER B 87 -13.63 6.69 32.26
CA SER B 87 -14.67 5.87 32.89
C SER B 87 -15.97 5.95 32.10
N GLU B 98 -13.28 12.35 35.07
CA GLU B 98 -13.93 11.25 34.36
C GLU B 98 -12.89 10.32 33.73
N ARG B 99 -11.63 10.70 33.83
CA ARG B 99 -10.52 9.94 33.28
C ARG B 99 -9.63 9.47 34.42
N LEU B 100 -9.45 8.15 34.53
CA LEU B 100 -8.62 7.56 35.59
C LEU B 100 -7.15 7.79 35.24
N THR B 101 -6.64 8.97 35.62
CA THR B 101 -5.27 9.36 35.36
C THR B 101 -4.37 9.17 36.58
N SER B 102 -4.64 8.16 37.40
CA SER B 102 -3.85 7.90 38.59
C SER B 102 -2.47 7.41 38.20
N GLY B 103 -1.48 8.30 38.23
CA GLY B 103 -0.12 7.95 37.88
C GLY B 103 0.05 7.66 36.41
N TYR B 104 0.04 8.70 35.58
CA TYR B 104 0.19 8.52 34.14
C TYR B 104 1.00 9.67 33.53
N LEU B 105 0.32 10.75 33.15
CA LEU B 105 0.98 11.88 32.51
C LEU B 105 0.50 13.23 33.05
N PRO B 106 -0.81 13.46 33.22
CA PRO B 106 -1.24 14.76 33.76
C PRO B 106 -0.73 15.04 35.16
N GLU B 107 -0.43 14.01 35.95
CA GLU B 107 0.10 14.21 37.29
C GLU B 107 1.46 13.54 37.44
N ALA B 108 2.38 13.84 36.53
CA ALA B 108 3.72 13.28 36.56
C ALA B 108 4.74 14.38 36.34
N GLU B 109 5.80 14.39 37.15
CA GLU B 109 6.82 15.42 37.02
C GLU B 109 7.76 15.13 35.86
N ILE B 110 8.17 13.88 35.69
CA ILE B 110 9.08 13.48 34.62
C ILE B 110 8.45 12.31 33.88
N VAL B 111 8.25 12.47 32.57
CA VAL B 111 7.67 11.44 31.72
C VAL B 111 8.72 11.02 30.70
N PHE B 112 8.71 9.74 30.33
CA PHE B 112 9.65 9.17 29.38
C PHE B 112 8.88 8.48 28.28
N LEU B 113 9.11 8.90 27.03
CA LEU B 113 8.44 8.32 25.86
C LEU B 113 9.50 7.85 24.89
N ASP B 114 9.70 6.54 24.80
CA ASP B 114 10.69 5.95 23.92
C ASP B 114 10.10 5.74 22.53
N GLU B 115 10.89 6.06 21.50
CA GLU B 115 10.50 5.93 20.09
C GLU B 115 9.22 6.74 19.82
N ILE B 116 9.40 8.05 19.80
CA ILE B 116 8.29 8.97 19.59
C ILE B 116 7.98 9.19 18.11
N TRP B 117 8.82 8.71 17.20
CA TRP B 117 8.61 8.91 15.77
C TRP B 117 7.73 7.81 15.19
N LYS B 118 6.80 7.27 15.99
CA LYS B 118 5.91 6.24 15.48
C LYS B 118 4.59 6.18 16.24
N ALA B 119 4.16 7.27 16.88
CA ALA B 119 2.92 7.30 17.63
C ALA B 119 1.75 7.59 16.69
N GLY B 120 0.55 7.69 17.27
CA GLY B 120 -0.64 7.96 16.50
C GLY B 120 -0.93 9.45 16.40
N PRO B 121 -1.96 9.81 15.63
CA PRO B 121 -2.30 11.23 15.50
C PRO B 121 -2.95 11.82 16.74
N ALA B 122 -3.67 11.00 17.51
CA ALA B 122 -4.33 11.51 18.72
C ALA B 122 -3.33 11.74 19.85
N ILE B 123 -2.27 10.94 19.93
CA ILE B 123 -1.29 11.11 20.99
C ILE B 123 -0.38 12.30 20.70
N LEU B 124 -0.04 12.52 19.44
CA LEU B 124 0.83 13.64 19.10
C LEU B 124 0.11 14.98 19.24
N ASN B 125 -1.19 15.02 18.98
CA ASN B 125 -1.94 16.26 19.10
C ASN B 125 -2.09 16.68 20.56
N THR B 126 -2.34 15.71 21.45
CA THR B 126 -2.49 16.02 22.86
C THR B 126 -1.16 16.33 23.53
N LEU B 127 -0.04 15.91 22.94
CA LEU B 127 1.27 16.17 23.53
C LEU B 127 1.74 17.60 23.28
N LEU B 128 1.20 18.28 22.27
CA LEU B 128 1.61 19.66 22.00
C LEU B 128 1.00 20.64 22.98
N THR B 129 -0.21 20.37 23.48
CA THR B 129 -0.85 21.27 24.43
C THR B 129 -0.27 21.15 25.84
N ALA B 130 0.42 20.04 26.15
CA ALA B 130 1.01 19.86 27.46
C ALA B 130 2.35 20.58 27.63
N ILE B 131 2.89 21.13 26.55
CA ILE B 131 4.17 21.85 26.60
C ILE B 131 3.97 23.35 26.60
N ASN B 132 3.12 23.85 25.69
CA ASN B 132 2.87 25.29 25.62
C ASN B 132 1.89 25.74 26.69
N GLU B 133 0.70 25.12 26.72
CA GLU B 133 -0.32 25.47 27.70
C GLU B 133 -0.14 24.75 29.03
N ARG B 134 0.59 23.64 29.05
CA ARG B 134 0.83 22.86 30.27
C ARG B 134 -0.49 22.43 30.92
N GLN B 135 -1.45 22.02 30.08
CA GLN B 135 -2.76 21.59 30.54
C GLN B 135 -3.15 20.30 29.82
N PHE B 136 -4.33 19.79 30.14
CA PHE B 136 -4.83 18.57 29.53
C PHE B 136 -6.35 18.62 29.50
N ARG B 137 -6.93 18.18 28.39
CA ARG B 137 -8.39 18.15 28.21
C ARG B 137 -8.94 16.93 28.94
N ASN B 138 -9.30 17.11 30.20
CA ASN B 138 -9.84 16.03 31.02
C ASN B 138 -11.37 15.98 30.92
N GLY B 139 -11.84 15.67 29.71
CA GLY B 139 -13.26 15.59 29.47
C GLY B 139 -13.94 16.95 29.38
N ALA B 140 -14.30 17.51 30.53
CA ALA B 140 -14.95 18.81 30.58
C ALA B 140 -13.96 19.90 31.00
N HIS B 141 -13.68 19.98 32.30
CA HIS B 141 -12.76 20.97 32.82
C HIS B 141 -11.32 20.55 32.55
N VAL B 142 -10.45 21.55 32.45
CA VAL B 142 -9.03 21.33 32.19
C VAL B 142 -8.26 21.53 33.49
N GLU B 143 -7.13 20.83 33.60
CA GLU B 143 -6.28 20.90 34.78
C GLU B 143 -4.83 21.05 34.34
N LYS B 144 -4.05 21.73 35.18
CA LYS B 144 -2.63 21.94 34.88
C LYS B 144 -1.83 20.66 35.10
N ILE B 145 -0.70 20.57 34.42
CA ILE B 145 0.20 19.44 34.50
C ILE B 145 1.52 19.91 35.09
N PRO B 146 1.96 19.37 36.23
CA PRO B 146 3.25 19.80 36.79
C PRO B 146 4.43 19.09 36.15
N MET B 147 4.52 19.16 34.82
CA MET B 147 5.61 18.53 34.09
C MET B 147 6.85 19.41 34.16
N ARG B 148 7.86 18.95 34.87
CA ARG B 148 9.09 19.71 35.03
C ARG B 148 10.17 19.34 34.04
N LEU B 149 10.12 18.13 33.48
CA LEU B 149 11.13 17.68 32.52
C LEU B 149 10.50 16.67 31.57
N LEU B 150 10.73 16.86 30.27
CA LEU B 150 10.22 15.97 29.24
C LEU B 150 11.39 15.43 28.43
N VAL B 151 11.56 14.12 28.46
CA VAL B 151 12.65 13.44 27.75
C VAL B 151 12.04 12.49 26.73
N ALA B 152 12.61 12.48 25.53
CA ALA B 152 12.14 11.61 24.45
C ALA B 152 13.35 10.97 23.78
N ALA B 153 13.40 9.64 23.79
CA ALA B 153 14.48 8.89 23.19
C ALA B 153 13.96 8.04 22.04
N SER B 154 14.86 7.76 21.09
CA SER B 154 14.52 6.95 19.93
C SER B 154 15.76 6.29 19.35
N ASN B 155 15.82 6.17 18.02
CA ASN B 155 16.96 5.55 17.35
C ASN B 155 17.16 6.12 15.96
N GLU B 156 16.08 6.44 15.28
CA GLU B 156 16.11 6.96 13.92
C GLU B 156 15.59 8.40 13.90
N LEU B 157 15.55 8.98 12.71
CA LEU B 157 15.09 10.35 12.52
C LEU B 157 13.75 10.36 11.78
N PRO B 158 12.86 11.29 12.13
CA PRO B 158 11.56 11.35 11.45
C PRO B 158 11.70 11.85 10.02
N GLU B 159 10.59 11.76 9.28
CA GLU B 159 10.57 12.19 7.90
C GLU B 159 10.63 13.72 7.80
N ALA B 160 11.09 14.20 6.66
CA ALA B 160 11.22 15.63 6.42
C ALA B 160 9.87 16.29 6.12
N ASP B 161 8.88 15.52 5.69
CA ASP B 161 7.55 16.04 5.35
C ASP B 161 6.52 15.13 6.02
N SER B 162 6.42 15.22 7.34
CA SER B 162 5.47 14.41 8.10
C SER B 162 4.92 15.25 9.25
N SER B 163 3.97 14.67 9.98
CA SER B 163 3.34 15.35 11.10
C SER B 163 4.16 15.26 12.38
N LEU B 164 5.25 14.47 12.39
CA LEU B 164 6.08 14.34 13.57
C LEU B 164 7.10 15.46 13.70
N GLU B 165 7.17 16.37 12.73
CA GLU B 165 8.11 17.48 12.79
C GLU B 165 7.68 18.58 13.76
N ALA B 166 6.43 18.54 14.22
CA ALA B 166 5.97 19.57 15.16
C ALA B 166 6.58 19.37 16.54
N LEU B 167 6.69 18.11 16.98
CA LEU B 167 7.28 17.83 18.29
C LEU B 167 8.79 18.00 18.29
N TYR B 168 9.44 17.70 17.15
CA TYR B 168 10.89 17.85 17.08
C TYR B 168 11.31 19.31 17.09
N ASP B 169 10.51 20.19 16.49
CA ASP B 169 10.84 21.61 16.47
C ASP B 169 10.64 22.27 17.82
N ARG B 170 9.84 21.67 18.70
CA ARG B 170 9.60 22.23 20.03
C ARG B 170 10.60 21.75 21.07
N MET B 171 11.28 20.63 20.82
CA MET B 171 12.28 20.11 21.74
C MET B 171 13.54 20.95 21.64
N LEU B 172 13.92 21.59 22.75
CA LEU B 172 15.08 22.49 22.76
C LEU B 172 16.38 21.71 22.65
N ILE B 173 16.74 20.97 23.70
CA ILE B 173 18.00 20.24 23.74
C ILE B 173 17.87 18.97 22.92
N ARG B 174 18.83 18.73 22.03
CA ARG B 174 18.89 17.53 21.21
C ARG B 174 20.27 16.91 21.36
N LEU B 175 20.36 15.84 22.13
CA LEU B 175 21.62 15.16 22.40
C LEU B 175 21.72 13.89 21.56
N TRP B 176 22.92 13.57 21.11
CA TRP B 176 23.20 12.38 20.32
C TRP B 176 24.12 11.47 21.15
N LEU B 177 23.51 10.70 22.05
CA LEU B 177 24.26 9.80 22.90
C LEU B 177 24.77 8.61 22.11
N ASP B 178 25.89 8.05 22.58
CA ASP B 178 26.51 6.91 21.92
C ASP B 178 27.13 6.02 22.99
N LYS B 179 27.81 4.96 22.54
CA LYS B 179 28.45 4.02 23.44
C LYS B 179 29.75 4.61 23.99
N VAL B 180 30.32 3.91 24.97
CA VAL B 180 31.56 4.34 25.60
C VAL B 180 32.73 4.06 24.65
N GLN B 181 33.76 4.89 24.75
CA GLN B 181 34.96 4.75 23.92
C GLN B 181 36.25 4.63 24.71
N ASP B 182 36.32 5.20 25.91
CA ASP B 182 37.53 5.13 26.72
C ASP B 182 37.67 3.75 27.36
N LYS B 183 38.91 3.27 27.43
CA LYS B 183 39.15 1.96 28.02
C LYS B 183 39.14 2.01 29.54
N ALA B 184 39.60 3.12 30.13
CA ALA B 184 39.61 3.24 31.57
C ALA B 184 38.19 3.41 32.13
N ASN B 185 37.33 4.11 31.39
CA ASN B 185 35.96 4.31 31.81
C ASN B 185 35.07 3.10 31.55
N PHE B 186 35.55 2.12 30.78
CA PHE B 186 34.74 0.94 30.49
C PHE B 186 34.91 -0.14 31.56
N ARG B 187 36.06 -0.19 32.23
CA ARG B 187 36.27 -1.20 33.27
C ARG B 187 35.41 -0.91 34.49
N SER B 188 35.35 0.35 34.92
CA SER B 188 34.52 0.70 36.08
C SER B 188 33.05 0.62 35.75
N MET B 189 32.68 0.86 34.49
CA MET B 189 31.27 0.77 34.10
C MET B 189 30.82 -0.69 33.98
N LEU B 190 31.68 -1.56 33.46
CA LEU B 190 31.32 -2.96 33.30
C LEU B 190 31.15 -3.66 34.64
N THR B 191 31.83 -3.19 35.68
CA THR B 191 31.72 -3.79 37.01
C THR B 191 31.27 -2.75 38.03
N SER B 192 30.04 -2.27 37.90
CA SER B 192 29.49 -1.28 38.82
C SER B 192 28.49 -1.95 39.75
N GLN B 193 28.69 -1.79 41.05
CA GLN B 193 27.82 -2.37 42.07
C GLN B 193 26.72 -1.43 42.52
N GLN B 194 26.62 -0.24 41.92
CA GLN B 194 25.59 0.72 42.30
C GLN B 194 24.25 0.32 41.71
N ASP B 195 23.23 0.27 42.55
CA ASP B 195 21.89 -0.10 42.10
C ASP B 195 21.28 1.02 41.28
N GLU B 196 20.66 0.67 40.16
CA GLU B 196 20.05 1.66 39.28
C GLU B 196 18.65 2.08 39.76
N ASN B 197 18.04 1.33 40.67
CA ASN B 197 16.71 1.63 41.19
C ASN B 197 16.76 2.14 42.62
N ASP B 198 17.92 2.58 43.09
CA ASP B 198 18.08 3.10 44.44
C ASP B 198 18.06 4.63 44.43
N ASN B 199 18.27 5.22 45.61
CA ASN B 199 18.30 6.67 45.78
C ASN B 199 19.70 7.11 46.17
N PRO B 200 20.53 7.50 45.20
CA PRO B 200 21.90 7.94 45.52
C PRO B 200 22.05 9.43 45.79
N VAL B 201 20.97 10.16 45.99
CA VAL B 201 21.00 11.60 46.25
C VAL B 201 20.59 11.83 47.69
N PRO B 202 21.39 12.53 48.48
CA PRO B 202 21.03 12.79 49.87
C PRO B 202 19.82 13.71 49.98
N ASP B 203 19.21 13.72 51.16
CA ASP B 203 18.03 14.54 51.40
C ASP B 203 18.37 16.03 51.49
N ALA B 204 19.62 16.37 51.83
CA ALA B 204 20.01 17.76 51.94
C ALA B 204 20.18 18.44 50.58
N LEU B 205 20.42 17.67 49.52
CA LEU B 205 20.59 18.22 48.19
C LEU B 205 19.31 18.20 47.36
N GLN B 206 18.24 17.60 47.86
CA GLN B 206 16.98 17.53 47.13
C GLN B 206 16.24 18.85 47.27
N VAL B 207 15.80 19.40 46.14
CA VAL B 207 15.06 20.66 46.15
C VAL B 207 13.59 20.39 46.50
N THR B 208 12.93 21.43 47.01
CA THR B 208 11.53 21.35 47.39
C THR B 208 10.65 21.96 46.31
N ASP B 209 9.34 21.92 46.55
CA ASP B 209 8.39 22.48 45.58
C ASP B 209 8.40 24.00 45.61
N GLU B 210 8.75 24.60 46.76
CA GLU B 210 8.78 26.05 46.86
C GLU B 210 9.99 26.64 46.15
N GLU B 211 11.11 25.90 46.13
CA GLU B 211 12.30 26.41 45.46
C GLU B 211 12.18 26.32 43.94
N TYR B 212 11.38 25.38 43.44
CA TYR B 212 11.21 25.25 41.99
C TYR B 212 10.34 26.38 41.44
N GLU B 213 9.29 26.75 42.17
CA GLU B 213 8.42 27.84 41.70
C GLU B 213 9.09 29.20 41.84
N ARG B 214 10.00 29.34 42.81
CA ARG B 214 10.70 30.61 42.99
C ARG B 214 11.79 30.82 41.94
N TRP B 215 12.44 29.74 41.51
CA TRP B 215 13.49 29.87 40.50
C TRP B 215 12.95 30.18 39.12
N GLN B 216 11.68 29.87 38.85
CA GLN B 216 11.10 30.14 37.54
C GLN B 216 10.91 31.64 37.32
N LYS B 217 10.77 32.41 38.39
CA LYS B 217 10.60 33.86 38.25
C LYS B 217 11.95 34.57 38.13
N GLU B 218 12.99 34.04 38.78
CA GLU B 218 14.31 34.64 38.72
C GLU B 218 15.07 34.30 37.44
N ILE B 219 14.57 33.36 36.65
CA ILE B 219 15.25 33.01 35.41
C ILE B 219 15.05 34.10 34.36
N GLY B 220 13.82 34.57 34.21
CA GLY B 220 13.53 35.61 33.24
C GLY B 220 14.04 36.99 33.62
N GLU B 221 14.48 37.17 34.86
CA GLU B 221 14.99 38.45 35.33
C GLU B 221 16.48 38.65 35.05
N ILE B 222 17.11 37.72 34.35
CA ILE B 222 18.53 37.84 34.05
C ILE B 222 18.71 38.88 32.94
N THR B 223 19.60 39.84 33.20
CA THR B 223 19.85 40.90 32.22
C THR B 223 20.61 40.36 31.01
N LEU B 224 20.38 40.99 29.86
CA LEU B 224 21.01 40.60 28.62
C LEU B 224 22.02 41.66 28.22
N PRO B 225 23.32 41.41 28.36
CA PRO B 225 24.32 42.42 28.00
C PRO B 225 24.35 42.66 26.49
N ASP B 226 24.89 43.83 26.13
CA ASP B 226 24.98 44.18 24.72
C ASP B 226 26.01 43.35 23.98
N HIS B 227 27.00 42.82 24.70
CA HIS B 227 28.03 42.00 24.05
C HIS B 227 27.48 40.63 23.67
N VAL B 228 26.50 40.12 24.40
CA VAL B 228 25.93 38.82 24.07
C VAL B 228 24.97 38.92 22.90
N PHE B 229 24.27 40.05 22.77
CA PHE B 229 23.33 40.22 21.66
C PHE B 229 24.05 40.30 20.32
N GLU B 230 25.27 40.83 20.31
CA GLU B 230 26.03 40.91 19.06
C GLU B 230 26.50 39.53 18.59
N LEU B 231 26.59 38.57 19.51
CA LEU B 231 27.00 37.22 19.13
C LEU B 231 25.82 36.38 18.68
N ILE B 232 24.63 36.62 19.23
CA ILE B 232 23.45 35.86 18.81
C ILE B 232 22.98 36.30 17.43
N PHE B 233 23.00 37.61 17.17
CA PHE B 233 22.57 38.10 15.87
C PHE B 233 23.58 37.74 14.78
N MET B 234 24.86 37.61 15.12
CA MET B 234 25.86 37.25 14.13
C MET B 234 25.76 35.78 13.75
N LEU B 235 25.49 34.91 14.73
CA LEU B 235 25.33 33.49 14.44
C LEU B 235 24.04 33.20 13.69
N ARG B 236 22.99 33.99 13.93
CA ARG B 236 21.73 33.79 13.23
C ARG B 236 21.85 34.21 11.78
N GLN B 237 22.54 35.33 11.50
CA GLN B 237 22.70 35.78 10.12
C GLN B 237 23.68 34.92 9.34
N GLN B 238 24.61 34.24 10.02
CA GLN B 238 25.56 33.39 9.32
C GLN B 238 24.90 32.13 8.80
N LEU B 239 23.90 31.60 9.51
CA LEU B 239 23.21 30.40 9.06
C LEU B 239 22.20 30.68 7.97
N ASP B 240 21.75 31.92 7.81
CA ASP B 240 20.80 32.26 6.76
C ASP B 240 21.45 32.40 5.39
N LYS B 241 22.78 32.50 5.34
CA LYS B 241 23.48 32.63 4.07
C LYS B 241 23.97 31.30 3.53
N LEU B 242 24.25 30.33 4.40
CA LEU B 242 24.72 29.03 3.95
C LEU B 242 23.55 28.16 3.54
N PRO B 243 23.56 27.59 2.34
CA PRO B 243 22.44 26.73 1.92
C PRO B 243 22.34 25.44 2.70
N ASP B 244 23.47 24.88 3.14
CA ASP B 244 23.48 23.64 3.90
C ASP B 244 23.28 23.85 5.40
N ALA B 245 23.03 25.08 5.83
CA ALA B 245 22.83 25.34 7.25
C ALA B 245 21.38 25.10 7.64
N PRO B 246 21.12 24.52 8.81
CA PRO B 246 19.74 24.28 9.23
C PRO B 246 19.02 25.57 9.59
N TYR B 247 17.74 25.63 9.25
CA TYR B 247 16.93 26.80 9.52
C TYR B 247 16.55 26.85 11.00
N VAL B 248 16.81 27.99 11.63
CA VAL B 248 16.49 28.22 13.03
C VAL B 248 15.36 29.23 13.10
N SER B 249 14.21 28.81 13.61
CA SER B 249 13.04 29.67 13.70
C SER B 249 13.14 30.57 14.93
N ASP B 250 12.12 31.42 15.11
CA ASP B 250 12.11 32.33 16.25
C ASP B 250 11.80 31.59 17.55
N ARG B 251 11.10 30.45 17.46
CA ARG B 251 10.80 29.68 18.67
C ARG B 251 12.06 29.04 19.24
N ARG B 252 12.96 28.58 18.38
CA ARG B 252 14.21 27.97 18.86
C ARG B 252 15.13 29.01 19.47
N TRP B 253 15.13 30.24 18.94
CA TRP B 253 15.98 31.28 19.49
C TRP B 253 15.45 31.79 20.82
N LYS B 254 14.13 31.90 20.94
CA LYS B 254 13.54 32.41 22.19
C LYS B 254 13.67 31.41 23.31
N LYS B 255 13.46 30.12 23.02
CA LYS B 255 13.56 29.09 24.04
C LYS B 255 15.01 28.82 24.46
N ALA B 256 15.98 29.13 23.60
CA ALA B 256 17.38 28.93 23.95
C ALA B 256 17.86 29.93 25.00
N ILE B 257 17.17 31.07 25.15
CA ILE B 257 17.57 32.05 26.16
C ILE B 257 17.18 31.58 27.55
N ARG B 258 16.07 30.84 27.67
CA ARG B 258 15.65 30.33 28.97
C ARG B 258 16.67 29.33 29.53
N LEU B 259 17.30 28.55 28.67
CA LEU B 259 18.33 27.62 29.12
C LEU B 259 19.67 28.32 29.32
N LEU B 260 19.91 29.42 28.59
CA LEU B 260 21.16 30.15 28.73
C LEU B 260 21.13 31.05 29.96
N GLN B 261 19.98 31.65 30.26
CA GLN B 261 19.87 32.50 31.44
C GLN B 261 19.94 31.68 32.72
N ALA B 262 19.37 30.47 32.71
CA ALA B 262 19.41 29.59 33.87
C ALA B 262 20.78 28.96 34.07
N SER B 263 21.62 28.92 33.04
CA SER B 263 22.95 28.36 33.18
C SER B 263 23.84 29.25 34.04
N ALA B 264 23.67 30.57 33.92
CA ALA B 264 24.43 31.51 34.73
C ALA B 264 23.81 31.76 36.09
N PHE B 265 22.51 31.52 36.25
CA PHE B 265 21.87 31.73 37.55
C PHE B 265 22.29 30.66 38.54
N PHE B 266 22.41 29.41 38.09
CA PHE B 266 22.81 28.31 38.95
C PHE B 266 24.33 28.18 39.07
N SER B 267 25.10 29.09 38.46
CA SER B 267 26.54 29.07 38.52
C SER B 267 27.13 30.22 39.32
N GLY B 268 26.30 31.13 39.81
CA GLY B 268 26.78 32.26 40.57
C GLY B 268 26.94 33.55 39.80
N ARG B 269 26.12 33.75 38.77
CA ARG B 269 26.18 34.96 37.96
C ARG B 269 24.80 35.58 37.86
N SER B 270 24.77 36.88 37.56
CA SER B 270 23.52 37.62 37.43
C SER B 270 23.19 38.02 36.01
N ALA B 271 24.15 37.97 35.09
CA ALA B 271 23.94 38.33 33.70
C ALA B 271 24.33 37.16 32.81
N VAL B 272 23.99 37.28 31.52
CA VAL B 272 24.29 36.24 30.54
C VAL B 272 25.76 36.33 30.18
N ALA B 273 26.48 35.22 30.35
CA ALA B 273 27.91 35.17 30.05
C ALA B 273 28.14 34.66 28.63
N PRO B 274 29.20 35.14 27.97
CA PRO B 274 29.50 34.66 26.61
C PRO B 274 29.87 33.19 26.55
N VAL B 275 30.26 32.58 27.67
CA VAL B 275 30.62 31.17 27.68
C VAL B 275 29.41 30.25 27.57
N ASP B 276 28.20 30.79 27.73
CA ASP B 276 26.99 29.98 27.64
C ASP B 276 26.57 29.70 26.20
N LEU B 277 27.31 30.21 25.21
CA LEU B 277 26.97 29.97 23.82
C LEU B 277 27.33 28.56 23.35
N ILE B 278 28.11 27.81 24.14
CA ILE B 278 28.47 26.46 23.74
C ILE B 278 27.28 25.50 23.85
N LEU B 279 26.27 25.85 24.65
CA LEU B 279 25.09 25.01 24.79
C LEU B 279 24.23 24.97 23.54
N LEU B 280 24.46 25.87 22.58
CA LEU B 280 23.68 25.90 21.36
C LEU B 280 24.08 24.80 20.37
N LYS B 281 25.15 24.06 20.64
CA LYS B 281 25.58 23.00 19.73
C LYS B 281 24.68 21.78 19.78
N ASP B 282 23.82 21.66 20.79
CA ASP B 282 22.90 20.54 20.92
C ASP B 282 21.44 21.01 20.85
N CYS B 283 21.19 22.08 20.10
CA CYS B 283 19.83 22.61 19.97
C CYS B 283 19.55 23.02 18.53
N LEU B 284 20.55 23.60 17.85
CA LEU B 284 20.36 24.07 16.48
C LEU B 284 20.35 22.92 15.48
N TRP B 285 21.10 21.86 15.75
CA TRP B 285 21.16 20.73 14.83
C TRP B 285 19.87 19.92 14.89
N TYR B 286 19.64 19.12 13.84
CA TYR B 286 18.45 18.28 13.76
C TYR B 286 18.69 16.93 13.11
N ASP B 287 19.79 16.72 12.40
CA ASP B 287 20.07 15.45 11.76
C ASP B 287 21.58 15.26 11.69
N ALA B 288 22.02 14.25 10.94
CA ALA B 288 23.44 13.96 10.80
C ALA B 288 24.17 15.01 9.95
N GLN B 289 23.47 15.65 9.01
CA GLN B 289 24.12 16.64 8.17
C GLN B 289 24.32 17.97 8.89
N SER B 290 23.41 18.32 9.80
CA SER B 290 23.51 19.57 10.53
C SER B 290 24.39 19.47 11.77
N LEU B 291 24.84 18.26 12.14
CA LEU B 291 25.68 18.12 13.32
C LEU B 291 27.10 18.62 13.05
N ASN B 292 27.64 18.34 11.87
CA ASN B 292 28.98 18.76 11.53
C ASN B 292 29.06 20.24 11.15
N LEU B 293 27.93 20.87 10.86
CA LEU B 293 27.92 22.28 10.51
C LEU B 293 27.64 23.19 11.69
N ILE B 294 26.81 22.73 12.63
CA ILE B 294 26.50 23.54 13.82
C ILE B 294 27.70 23.58 14.75
N GLN B 295 28.33 22.43 14.99
CA GLN B 295 29.49 22.37 15.87
C GLN B 295 30.70 23.11 15.28
N GLN B 296 30.73 23.29 13.96
CA GLN B 296 31.83 24.00 13.32
C GLN B 296 31.62 25.51 13.29
N GLN B 297 30.38 25.96 13.06
CA GLN B 297 30.11 27.39 13.02
C GLN B 297 30.18 28.01 14.42
N ILE B 298 29.78 27.26 15.44
CA ILE B 298 29.83 27.79 16.80
C ILE B 298 31.27 27.83 17.30
N ASP B 299 32.08 26.83 16.94
CA ASP B 299 33.48 26.80 17.37
C ASP B 299 34.26 27.98 16.79
N VAL B 300 33.88 28.46 15.61
CA VAL B 300 34.55 29.62 15.03
C VAL B 300 34.20 30.88 15.81
N LEU B 301 32.92 31.05 16.14
CA LEU B 301 32.51 32.23 16.90
C LEU B 301 32.98 32.16 18.35
N MET B 302 33.07 30.95 18.91
CA MET B 302 33.54 30.82 20.29
C MET B 302 35.03 31.08 20.40
N THR B 303 35.78 30.87 19.32
CA THR B 303 37.22 31.10 19.30
C THR B 303 37.59 32.25 18.35
N GLY B 304 36.68 33.21 18.17
CA GLY B 304 36.92 34.33 17.29
C GLY B 304 36.31 35.63 17.77
N HIS B 305 34.99 35.63 17.95
CA HIS B 305 34.28 36.83 18.38
C HIS B 305 33.73 36.73 19.80
N ALA B 306 33.90 35.59 20.47
CA ALA B 306 33.38 35.46 21.83
C ALA B 306 34.22 36.29 22.81
N TRP B 307 35.54 36.13 22.77
CA TRP B 307 36.44 36.86 23.65
C TRP B 307 37.32 37.82 22.86
N GLN B 308 36.79 38.38 21.76
CA GLN B 308 37.51 39.32 20.90
C GLN B 308 38.80 38.71 20.37
N GLN B 309 38.76 37.43 20.03
CA GLN B 309 39.93 36.76 19.48
C GLN B 309 40.20 37.23 18.05
N GLN B 310 39.20 37.11 17.18
CA GLN B 310 39.34 37.59 15.81
C GLN B 310 39.24 39.10 15.71
N GLY B 311 38.57 39.76 16.66
CA GLY B 311 38.49 41.21 16.63
C GLY B 311 39.81 41.89 16.90
N MET B 312 40.67 41.25 17.70
CA MET B 312 42.01 41.78 17.96
C MET B 312 43.03 41.38 16.91
N LEU B 313 42.74 40.33 16.13
CA LEU B 313 43.66 39.93 15.07
C LEU B 313 43.66 40.94 13.92
N THR B 314 42.47 41.40 13.51
CA THR B 314 42.40 42.41 12.46
C THR B 314 42.88 43.77 12.93
N ARG B 315 42.84 44.03 14.25
CA ARG B 315 43.36 45.29 14.77
C ARG B 315 44.88 45.24 14.94
N LEU B 316 45.43 44.06 15.20
CA LEU B 316 46.88 43.93 15.32
C LEU B 316 47.56 44.08 13.96
N GLY B 317 46.91 43.63 12.88
CA GLY B 317 47.49 43.79 11.56
C GLY B 317 47.59 45.22 11.12
N ALA B 318 46.69 46.08 11.61
CA ALA B 318 46.77 47.51 11.29
C ALA B 318 47.97 48.17 11.96
N ILE B 319 48.36 47.69 13.14
CA ILE B 319 49.53 48.23 13.81
C ILE B 319 50.81 47.79 13.10
N VAL B 320 50.84 46.55 12.63
CA VAL B 320 52.01 46.06 11.88
C VAL B 320 52.11 46.78 10.54
N GLN B 321 50.97 47.03 9.89
CA GLN B 321 50.99 47.76 8.63
C GLN B 321 51.38 49.22 8.85
N ARG B 322 51.00 49.80 9.98
CA ARG B 322 51.41 51.18 10.28
C ARG B 322 52.88 51.26 10.63
N HIS B 323 53.43 50.22 11.27
CA HIS B 323 54.85 50.22 11.59
C HIS B 323 55.69 50.10 10.33
N LEU B 324 55.25 49.28 9.37
CA LEU B 324 55.99 49.15 8.11
C LEU B 324 55.82 50.40 7.25
N GLN B 325 54.73 51.13 7.41
CA GLN B 325 54.54 52.35 6.63
C GLN B 325 55.46 53.47 7.13
N LEU B 326 55.64 53.57 8.45
CA LEU B 326 56.54 54.59 8.99
C LEU B 326 57.99 54.24 8.74
N GLN B 327 58.31 52.95 8.60
CA GLN B 327 59.69 52.54 8.33
C GLN B 327 60.07 52.81 6.88
N GLN B 328 59.16 52.56 5.95
CA GLN B 328 59.44 52.80 4.53
C GLN B 328 59.41 54.27 4.17
N GLN B 329 58.81 55.12 5.01
CA GLN B 329 58.77 56.55 4.73
C GLN B 329 60.08 57.23 5.12
N GLN B 330 60.73 56.76 6.19
CA GLN B 330 62.00 57.31 6.65
C GLN B 330 63.19 56.50 6.15
N SER B 331 63.05 55.84 5.00
CA SER B 331 64.13 55.03 4.44
C SER B 331 65.20 55.87 3.74
N ASP B 332 65.00 57.18 3.62
CA ASP B 332 65.98 58.04 2.96
C ASP B 332 67.17 58.37 3.85
N LYS B 333 67.12 58.00 5.13
CA LYS B 333 68.24 58.28 6.03
C LYS B 333 69.29 57.18 5.98
N THR B 334 68.87 55.92 5.95
CA THR B 334 69.76 54.77 5.90
C THR B 334 69.67 54.14 4.52
N ALA B 335 70.81 54.09 3.81
CA ALA B 335 70.85 53.51 2.49
C ALA B 335 71.23 52.03 2.55
N LEU B 336 71.95 51.56 1.53
CA LEU B 336 72.38 50.16 1.48
C LEU B 336 73.67 50.10 0.64
N THR B 337 74.80 50.15 1.33
CA THR B 337 76.11 50.11 0.69
C THR B 337 76.62 48.68 0.64
N VAL B 338 77.11 48.28 -0.53
CA VAL B 338 77.64 46.94 -0.75
C VAL B 338 79.15 47.06 -0.93
N ILE B 339 79.90 46.39 -0.05
CA ILE B 339 81.35 46.44 -0.11
C ILE B 339 81.85 45.48 -1.19
N ARG B 340 83.04 45.76 -1.70
CA ARG B 340 83.66 44.95 -2.75
C ARG B 340 84.78 44.10 -2.16
N LEU B 341 85.21 43.11 -2.95
CA LEU B 341 86.28 42.21 -2.56
C LEU B 341 87.24 42.03 -3.73
N GLY B 342 88.49 41.74 -3.39
CA GLY B 342 89.51 41.55 -4.39
C GLY B 342 89.53 40.14 -4.97
N GLY B 343 90.67 39.47 -4.87
CA GLY B 343 90.78 38.12 -5.37
C GLY B 343 90.89 38.05 -6.88
N ILE B 344 91.02 36.82 -7.37
CA ILE B 344 91.14 36.55 -8.80
C ILE B 344 89.89 35.80 -9.24
N PHE B 345 89.02 36.49 -9.97
CA PHE B 345 87.78 35.90 -10.46
C PHE B 345 87.39 36.56 -11.77
N SER B 346 86.70 35.80 -12.62
CA SER B 346 86.28 36.31 -13.92
C SER B 346 85.06 37.22 -13.82
N ARG B 347 84.27 37.09 -12.76
CA ARG B 347 83.07 37.91 -12.57
C ARG B 347 83.27 38.85 -11.38
N ARG B 348 82.56 39.97 -11.40
CA ARG B 348 82.64 40.95 -10.33
C ARG B 348 81.89 40.45 -9.09
N GLN B 349 82.61 39.82 -8.17
CA GLN B 349 82.00 39.30 -6.96
C GLN B 349 81.81 40.42 -5.94
N GLN B 350 80.66 40.40 -5.28
CA GLN B 350 80.31 41.38 -4.26
C GLN B 350 80.09 40.69 -2.92
N TYR B 351 80.34 41.43 -1.85
CA TYR B 351 80.19 40.93 -0.50
C TYR B 351 79.20 41.79 0.28
N GLN B 352 78.46 41.15 1.19
CA GLN B 352 77.48 41.83 2.01
C GLN B 352 78.14 42.42 3.25
N LEU B 353 77.35 43.06 4.09
CA LEU B 353 77.87 43.64 5.31
C LEU B 353 78.17 42.54 6.33
N PRO B 354 79.26 42.66 7.10
CA PRO B 354 79.62 41.60 8.05
C PRO B 354 78.69 41.55 9.26
N VAL B 355 79.13 42.13 10.38
CA VAL B 355 78.35 42.10 11.61
C VAL B 355 77.14 43.00 11.58
N ASN B 356 77.01 43.85 10.56
CA ASN B 356 75.87 44.76 10.47
C ASN B 356 74.57 44.00 10.24
N VAL B 357 74.64 42.85 9.57
CA VAL B 357 73.49 42.01 9.30
C VAL B 357 73.87 40.55 9.54
N THR B 358 73.09 39.88 10.38
CA THR B 358 73.34 38.48 10.69
C THR B 358 72.11 37.59 10.60
N ALA B 359 70.93 38.13 10.37
CA ALA B 359 69.73 37.31 10.28
C ALA B 359 69.67 36.59 8.94
N SER B 360 69.03 35.41 8.95
CA SER B 360 68.89 34.62 7.73
C SER B 360 67.75 35.15 6.87
N THR B 361 66.54 35.23 7.44
CA THR B 361 65.37 35.73 6.73
C THR B 361 65.12 37.20 7.06
N LEU B 362 66.12 38.03 6.74
CA LEU B 362 66.02 39.46 6.98
C LEU B 362 65.13 40.12 5.95
N THR B 363 64.61 41.30 6.31
CA THR B 363 63.74 42.07 5.43
C THR B 363 64.47 43.32 4.94
N LEU B 364 64.15 43.72 3.71
CA LEU B 364 64.75 44.89 3.10
C LEU B 364 63.63 45.75 2.52
N LEU B 365 63.57 47.01 2.94
CA LEU B 365 62.54 47.93 2.48
C LEU B 365 62.96 48.58 1.16
N LEU B 366 62.08 49.43 0.64
CA LEU B 366 62.32 50.13 -0.62
C LEU B 366 61.70 51.52 -0.55
N GLN B 367 62.19 52.40 -1.41
CA GLN B 367 61.70 53.78 -1.45
C GLN B 367 60.41 53.88 -2.25
N LYS B 368 60.53 54.12 -3.54
CA LYS B 368 59.35 54.24 -4.39
C LYS B 368 58.71 52.87 -4.60
N PRO B 369 57.45 52.67 -4.21
CA PRO B 369 56.83 51.35 -4.39
C PRO B 369 56.52 51.08 -5.85
N LEU B 370 56.60 49.81 -6.21
CA LEU B 370 56.34 49.36 -7.57
C LEU B 370 55.22 48.32 -7.57
N LYS B 371 54.83 47.90 -8.77
CA LYS B 371 53.77 46.92 -8.98
C LYS B 371 54.42 45.64 -9.47
N LEU B 372 54.57 44.66 -8.58
CA LEU B 372 55.17 43.37 -8.89
C LEU B 372 54.10 42.29 -8.84
N HIS B 373 54.01 41.50 -9.92
CA HIS B 373 53.03 40.42 -10.03
C HIS B 373 51.60 40.93 -9.86
N ASP B 374 51.32 42.08 -10.47
CA ASP B 374 49.99 42.70 -10.43
C ASP B 374 49.54 42.97 -9.00
N MET B 375 50.47 43.41 -8.16
CA MET B 375 50.16 43.74 -6.78
C MET B 375 51.24 44.66 -6.24
N GLU B 376 50.90 45.37 -5.16
CA GLU B 376 51.82 46.29 -4.53
C GLU B 376 52.59 45.59 -3.42
N VAL B 377 53.74 46.18 -3.05
CA VAL B 377 54.61 45.63 -2.02
C VAL B 377 55.27 46.78 -1.29
N VAL B 378 55.64 46.55 -0.03
CA VAL B 378 56.32 47.57 0.76
C VAL B 378 57.64 47.07 1.36
N HIS B 379 57.86 45.76 1.39
CA HIS B 379 59.09 45.20 1.92
C HIS B 379 59.31 43.83 1.31
N ILE B 380 60.56 43.54 0.96
CA ILE B 380 60.94 42.27 0.35
C ILE B 380 61.91 41.57 1.28
N SER B 381 61.52 40.40 1.79
CA SER B 381 62.34 39.63 2.71
C SER B 381 63.20 38.65 1.91
N PHE B 382 64.51 38.83 1.95
CA PHE B 382 65.45 37.97 1.25
C PHE B 382 66.03 36.92 2.20
N GLU B 383 66.79 35.99 1.62
CA GLU B 383 67.43 34.93 2.36
C GLU B 383 68.94 35.13 2.35
N ARG B 384 69.57 34.98 3.52
CA ARG B 384 71.01 35.17 3.60
C ARG B 384 71.78 34.03 2.93
N SER B 385 71.19 32.84 2.82
CA SER B 385 71.87 31.73 2.18
C SER B 385 71.90 31.88 0.66
N ALA B 386 70.91 32.56 0.08
CA ALA B 386 70.85 32.75 -1.36
C ALA B 386 71.42 34.09 -1.81
N LEU B 387 71.57 35.05 -0.90
CA LEU B 387 72.11 36.35 -1.28
C LEU B 387 73.62 36.29 -1.50
N GLU B 388 74.31 35.37 -0.82
CA GLU B 388 75.76 35.26 -0.98
C GLU B 388 76.12 34.62 -2.31
N GLN B 389 75.28 33.72 -2.82
CA GLN B 389 75.56 33.06 -4.09
C GLN B 389 75.28 33.97 -5.29
N TRP B 390 74.27 34.84 -5.17
CA TRP B 390 73.94 35.75 -6.27
C TRP B 390 74.92 36.90 -6.38
N LEU B 391 75.43 37.40 -5.26
CA LEU B 391 76.38 38.51 -5.27
C LEU B 391 77.78 38.08 -5.69
N SER B 392 78.06 36.78 -5.72
CA SER B 392 79.37 36.28 -6.11
C SER B 392 79.33 35.52 -7.43
N LYS B 393 78.58 34.42 -7.49
CA LYS B 393 78.49 33.63 -8.72
C LYS B 393 77.61 34.32 -9.75
N GLY B 394 76.44 34.80 -9.34
CA GLY B 394 75.53 35.46 -10.25
C GLY B 394 74.27 34.66 -10.52
N GLY B 395 73.70 34.84 -11.71
CA GLY B 395 72.49 34.13 -12.08
C GLY B 395 71.23 34.86 -11.69
N GLU B 396 70.20 34.11 -11.30
CA GLU B 396 68.92 34.67 -10.89
C GLU B 396 68.69 34.42 -9.41
N ILE B 397 67.87 35.28 -8.80
CA ILE B 397 67.53 35.19 -7.38
C ILE B 397 66.01 35.20 -7.24
N ARG B 398 65.55 34.70 -6.11
CA ARG B 398 64.13 34.63 -5.80
C ARG B 398 63.85 35.40 -4.51
N GLY B 399 62.57 35.71 -4.29
CA GLY B 399 62.16 36.43 -3.11
C GLY B 399 60.66 36.64 -3.02
N LYS B 400 60.10 36.44 -1.82
CA LYS B 400 58.67 36.61 -1.62
C LYS B 400 58.33 38.08 -1.45
N LEU B 401 57.05 38.39 -1.66
CA LEU B 401 56.55 39.76 -1.55
C LEU B 401 55.76 39.92 -0.25
N ASN B 402 56.04 41.00 0.47
CA ASN B 402 55.37 41.33 1.74
C ASN B 402 55.54 40.22 2.77
N GLY B 403 56.62 39.46 2.68
CA GLY B 403 56.88 38.39 3.62
C GLY B 403 55.91 37.24 3.56
N ILE B 404 55.15 37.12 2.47
CA ILE B 404 54.17 36.05 2.29
C ILE B 404 54.28 35.52 0.87
N GLY B 405 53.65 34.37 0.63
CA GLY B 405 53.67 33.76 -0.67
C GLY B 405 54.97 33.02 -0.96
N PHE B 406 55.09 32.58 -2.20
CA PHE B 406 56.25 31.85 -2.66
C PHE B 406 57.36 32.81 -3.07
N ALA B 407 58.58 32.28 -3.14
CA ALA B 407 59.75 33.07 -3.52
C ALA B 407 59.72 33.28 -5.04
N GLN B 408 59.17 34.41 -5.46
CA GLN B 408 59.08 34.74 -6.88
C GLN B 408 60.37 35.39 -7.37
N LYS B 409 60.59 35.28 -8.67
CA LYS B 409 61.79 35.85 -9.29
C LYS B 409 61.63 37.35 -9.47
N LEU B 410 62.68 38.09 -9.17
CA LEU B 410 62.70 39.54 -9.30
C LEU B 410 63.84 39.97 -10.21
N ASN B 411 63.77 41.22 -10.66
CA ASN B 411 64.80 41.79 -11.53
C ASN B 411 65.84 42.55 -10.72
N LEU B 412 66.54 41.82 -9.87
CA LEU B 412 67.57 42.41 -9.02
C LEU B 412 68.87 42.58 -9.80
N GLU B 413 69.53 43.72 -9.59
CA GLU B 413 70.79 44.02 -10.24
C GLU B 413 71.58 44.99 -9.39
N VAL B 414 72.84 45.18 -9.75
CA VAL B 414 73.73 46.08 -9.03
C VAL B 414 73.67 47.45 -9.66
N ASP B 415 74.06 48.47 -8.90
CA ASP B 415 74.07 49.85 -9.35
C ASP B 415 75.49 50.39 -9.38
N SER B 416 75.63 51.62 -9.89
CA SER B 416 76.94 52.25 -9.97
C SER B 416 77.42 52.73 -8.61
N ALA B 417 76.51 52.98 -7.66
CA ALA B 417 76.86 53.44 -6.33
C ALA B 417 76.79 52.33 -5.29
N GLN B 418 76.97 51.08 -5.72
CA GLN B 418 76.93 49.90 -4.84
C GLN B 418 75.60 49.82 -4.11
N HIS B 419 74.53 49.67 -4.90
CA HIS B 419 73.18 49.57 -4.36
C HIS B 419 72.42 48.50 -5.15
N LEU B 420 71.27 48.11 -4.61
CA LEU B 420 70.41 47.10 -5.23
C LEU B 420 69.23 47.78 -5.89
N VAL B 421 69.02 47.50 -7.18
CA VAL B 421 67.94 48.08 -7.96
C VAL B 421 66.97 46.98 -8.34
N VAL B 422 65.70 47.17 -8.02
CA VAL B 422 64.64 46.21 -8.34
C VAL B 422 63.76 46.81 -9.42
N ARG B 423 63.70 46.14 -10.57
CA ARG B 423 62.91 46.58 -11.70
C ARG B 423 61.66 45.73 -11.83
N ASP B 424 60.67 46.28 -12.55
CA ASP B 424 59.40 45.59 -12.77
C ASP B 424 59.16 45.37 -14.25
N VAL B 425 57.92 45.62 -14.70
CA VAL B 425 57.57 45.45 -16.10
C VAL B 425 57.74 46.73 -16.91
N SER B 426 57.94 47.88 -16.26
CA SER B 426 58.11 49.16 -16.94
C SER B 426 59.51 49.72 -16.80
N LEU B 427 60.47 48.88 -16.37
CA LEU B 427 61.86 49.30 -16.19
C LEU B 427 61.97 50.49 -15.23
N GLN B 428 61.39 50.33 -14.04
CA GLN B 428 61.41 51.35 -13.01
C GLN B 428 62.43 51.00 -11.95
N GLY B 429 63.35 51.92 -11.68
CA GLY B 429 64.38 51.68 -10.69
C GLY B 429 63.90 51.97 -9.29
N SER B 430 64.43 51.21 -8.33
CA SER B 430 64.08 51.36 -6.92
C SER B 430 65.24 50.88 -6.07
N THR B 431 65.82 51.78 -5.30
CA THR B 431 66.95 51.43 -4.44
C THR B 431 66.44 50.81 -3.14
N LEU B 432 67.00 49.66 -2.78
CA LEU B 432 66.61 48.99 -1.56
C LEU B 432 67.33 49.58 -0.34
N ALA B 433 66.76 49.31 0.83
CA ALA B 433 67.33 49.81 2.08
C ALA B 433 66.92 48.88 3.21
N LEU B 434 67.78 48.83 4.25
CA LEU B 434 67.49 47.99 5.39
C LEU B 434 66.89 48.81 6.53
N PRO B 435 66.03 48.20 7.34
CA PRO B 435 65.43 48.94 8.46
C PRO B 435 66.46 49.21 9.56
N GLY B 436 66.41 50.42 10.10
CA GLY B 436 67.31 50.82 11.14
C GLY B 436 66.89 50.31 12.50
N SER B 437 67.73 50.59 13.50
CA SER B 437 67.48 50.17 14.87
C SER B 437 66.43 51.05 15.53
N LEU B 442 61.49 51.36 18.07
CA LEU B 442 60.04 51.39 18.15
C LEU B 442 59.54 52.83 18.33
N PRO B 443 58.75 53.31 17.39
CA PRO B 443 58.23 54.67 17.48
C PRO B 443 57.24 54.82 18.62
N GLY B 444 56.95 56.07 18.96
CA GLY B 444 56.01 56.35 20.04
C GLY B 444 54.57 56.05 19.68
N GLU B 445 54.21 56.21 18.40
CA GLU B 445 52.85 55.93 17.98
C GLU B 445 52.56 54.44 17.92
N ILE B 446 53.56 53.64 17.53
CA ILE B 446 53.37 52.20 17.46
C ILE B 446 53.30 51.60 18.86
N LYS B 447 54.12 52.11 19.78
CA LYS B 447 54.10 51.60 21.15
C LYS B 447 52.84 52.00 21.88
N GLN B 448 52.23 53.13 21.50
CA GLN B 448 50.99 53.55 22.15
C GLN B 448 49.82 52.67 21.75
N GLN B 449 49.72 52.34 20.46
CA GLN B 449 48.64 51.48 20.00
C GLN B 449 48.84 50.03 20.43
N LEU B 450 50.10 49.60 20.58
CA LEU B 450 50.36 48.23 21.02
C LEU B 450 50.07 48.06 22.51
N GLU B 451 50.27 49.10 23.30
CA GLU B 451 49.99 49.02 24.73
C GLU B 451 48.50 48.99 25.01
N GLU B 452 47.70 49.68 24.19
CA GLU B 452 46.26 49.66 24.38
C GLU B 452 45.65 48.33 23.95
N LEU B 453 46.19 47.70 22.90
CA LEU B 453 45.68 46.41 22.48
C LEU B 453 46.08 45.30 23.44
N GLU B 454 47.25 45.42 24.07
CA GLU B 454 47.67 44.41 25.04
C GLU B 454 46.83 44.47 26.31
N SER B 455 46.35 45.66 26.68
CA SER B 455 45.51 45.77 27.86
C SER B 455 44.13 45.16 27.63
N ASP B 456 43.64 45.20 26.39
CA ASP B 456 42.35 44.59 26.09
C ASP B 456 42.45 43.06 26.10
N TRP B 457 43.61 42.51 25.77
CA TRP B 457 43.78 41.06 25.80
C TRP B 457 43.82 40.55 27.23
N ARG B 458 44.40 41.33 28.15
CA ARG B 458 44.44 40.92 29.54
C ARG B 458 43.07 41.04 30.20
N LYS B 459 42.28 42.03 29.80
CA LYS B 459 40.94 42.17 30.36
C LYS B 459 40.00 41.10 29.82
N GLN B 460 40.19 40.69 28.56
CA GLN B 460 39.35 39.64 28.00
C GLN B 460 39.72 38.27 28.57
N HIS B 461 41.01 38.06 28.85
CA HIS B 461 41.44 36.79 29.45
C HIS B 461 41.00 36.68 30.90
N ALA B 462 40.83 37.81 31.59
CA ALA B 462 40.37 37.77 32.98
C ALA B 462 38.90 37.39 33.07
N LEU B 463 38.10 37.71 32.05
CA LEU B 463 36.69 37.35 32.06
C LEU B 463 36.51 35.85 31.84
N PHE B 464 37.38 35.22 31.06
CA PHE B 464 37.29 33.78 30.85
C PHE B 464 37.72 33.00 32.09
N SER B 465 38.64 33.55 32.86
CA SER B 465 39.11 32.90 34.08
C SER B 465 38.16 33.08 35.26
N GLU B 466 37.02 33.74 35.05
CA GLU B 466 36.04 33.95 36.11
C GLU B 466 34.69 33.33 35.79
N GLN B 467 34.55 32.62 34.67
CA GLN B 467 33.28 32.01 34.31
C GLN B 467 33.43 30.64 33.67
N GLN B 468 34.65 30.10 33.58
CA GLN B 468 34.86 28.78 32.98
C GLN B 468 34.48 27.63 33.91
N LYS B 469 34.17 27.92 35.18
CA LYS B 469 33.84 26.88 36.14
C LYS B 469 32.35 26.56 36.11
N CYS B 470 31.71 26.71 34.95
CA CYS B 470 30.30 26.42 34.83
C CYS B 470 30.08 24.91 34.74
N LEU B 471 29.02 24.43 35.38
CA LEU B 471 28.74 23.00 35.40
C LEU B 471 28.17 22.51 34.07
N PHE B 472 27.46 23.37 33.34
CA PHE B 472 26.84 23.01 32.07
C PHE B 472 27.75 23.28 30.88
N ILE B 473 29.05 23.12 31.03
CA ILE B 473 30.03 23.33 29.97
C ILE B 473 30.91 22.10 29.88
N PRO B 474 31.09 21.52 28.69
CA PRO B 474 31.94 20.33 28.58
C PRO B 474 33.39 20.65 28.88
N GLY B 475 34.16 19.58 29.17
CA GLY B 475 35.56 19.76 29.53
C GLY B 475 36.49 19.85 28.34
N ASP B 476 36.14 19.20 27.23
CA ASP B 476 36.99 19.23 26.05
C ASP B 476 36.94 20.57 25.33
N TRP B 477 35.92 21.38 25.60
CA TRP B 477 35.81 22.69 24.95
C TRP B 477 36.69 23.75 25.61
N LEU B 478 37.16 23.49 26.84
CA LEU B 478 38.01 24.48 27.51
C LEU B 478 39.42 24.48 26.92
N GLY B 479 39.82 23.41 26.25
CA GLY B 479 41.14 23.36 25.66
C GLY B 479 41.26 24.17 24.38
N ARG B 480 40.13 24.47 23.74
CA ARG B 480 40.15 25.26 22.50
C ARG B 480 40.02 26.74 22.78
N ILE B 481 39.38 27.13 23.88
CA ILE B 481 39.26 28.54 24.21
C ILE B 481 40.57 29.07 24.76
N GLU B 482 41.27 28.27 25.57
CA GLU B 482 42.56 28.70 26.11
C GLU B 482 43.63 28.75 25.03
N ALA B 483 43.56 27.83 24.07
CA ALA B 483 44.54 27.82 22.99
C ALA B 483 44.31 28.98 22.01
N SER B 484 43.07 29.41 21.84
CA SER B 484 42.78 30.52 20.95
C SER B 484 43.16 31.86 21.56
N LEU B 485 43.04 32.00 22.89
CA LEU B 485 43.42 33.25 23.54
C LEU B 485 44.93 33.40 23.65
N GLN B 486 45.65 32.28 23.75
CA GLN B 486 47.11 32.34 23.83
C GLN B 486 47.75 32.66 22.49
N ASP B 487 47.08 32.34 21.38
CA ASP B 487 47.64 32.65 20.06
C ASP B 487 47.60 34.13 19.77
N VAL B 488 46.59 34.84 20.29
CA VAL B 488 46.51 36.28 20.07
C VAL B 488 47.55 37.01 20.92
N GLY B 489 47.75 36.55 22.16
CA GLY B 489 48.75 37.17 23.02
C GLY B 489 50.17 36.90 22.59
N ALA B 490 50.39 35.79 21.87
CA ALA B 490 51.73 35.47 21.40
C ALA B 490 52.09 36.24 20.14
N GLN B 491 51.10 36.67 19.36
CA GLN B 491 51.37 37.42 18.14
C GLN B 491 51.62 38.90 18.44
N ILE B 492 50.99 39.44 19.48
CA ILE B 492 51.21 40.84 19.82
C ILE B 492 52.54 41.03 20.53
N ARG B 493 53.08 39.97 21.16
CA ARG B 493 54.36 40.08 21.84
C ARG B 493 55.54 40.04 20.88
N GLN B 494 55.33 39.55 19.65
CA GLN B 494 56.42 39.48 18.68
C GLN B 494 56.64 40.81 17.98
N ALA B 495 55.59 41.64 17.86
CA ALA B 495 55.74 42.92 17.20
C ALA B 495 56.51 43.92 18.05
N GLN B 496 56.50 43.75 19.36
CA GLN B 496 57.20 44.65 20.28
C GLN B 496 58.59 44.11 20.64
N GLN B 497 59.33 43.69 19.62
CA GLN B 497 60.67 43.16 19.83
C GLN B 497 61.72 44.00 19.12
N HIS C 3 -21.04 59.02 18.58
CA HIS C 3 -21.03 57.57 18.76
C HIS C 3 -20.15 56.83 17.75
N PRO C 4 -20.27 57.13 16.44
CA PRO C 4 -19.39 56.44 15.48
C PRO C 4 -17.95 56.86 15.60
N HIS C 5 -17.67 58.08 16.06
CA HIS C 5 -16.29 58.53 16.19
C HIS C 5 -15.59 57.89 17.39
N LEU C 6 -16.35 57.57 18.44
CA LEU C 6 -15.78 56.94 19.63
C LEU C 6 -15.47 55.46 19.43
N LEU C 7 -15.99 54.84 18.36
CA LEU C 7 -15.71 53.43 18.12
C LEU C 7 -14.28 53.21 17.64
N ALA C 8 -13.70 54.19 16.94
CA ALA C 8 -12.33 54.04 16.47
C ALA C 8 -11.32 54.08 17.61
N GLU C 9 -11.67 54.72 18.72
CA GLU C 9 -10.75 54.77 19.86
C GLU C 9 -10.69 53.42 20.56
N ARG C 10 -11.83 52.74 20.71
CA ARG C 10 -11.83 51.44 21.36
C ARG C 10 -11.15 50.38 20.51
N ILE C 11 -11.27 50.48 19.19
CA ILE C 11 -10.61 49.50 18.31
C ILE C 11 -9.10 49.71 18.32
N SER C 12 -8.65 50.97 18.28
CA SER C 12 -7.22 51.25 18.30
C SER C 12 -6.59 50.87 19.65
N ARG C 13 -7.37 50.94 20.73
CA ARG C 13 -6.85 50.56 22.04
C ARG C 13 -6.91 49.06 22.27
N LEU C 14 -7.81 48.36 21.59
CA LEU C 14 -7.90 46.91 21.77
C LEU C 14 -6.75 46.21 21.08
N SER C 15 -6.39 46.63 19.87
CA SER C 15 -5.28 46.02 19.16
C SER C 15 -3.92 46.40 19.73
N SER C 16 -3.86 47.51 20.49
CA SER C 16 -2.59 47.90 21.09
C SER C 16 -2.19 46.96 22.21
N SER C 17 -3.16 46.47 22.98
CA SER C 17 -2.85 45.55 24.06
C SER C 17 -2.56 44.15 23.54
N LEU C 18 -3.06 43.81 22.34
CA LEU C 18 -2.81 42.51 21.76
C LEU C 18 -1.42 42.38 21.16
N GLU C 19 -0.76 43.50 20.87
CA GLU C 19 0.59 43.49 20.31
C GLU C 19 1.68 43.39 21.37
N LYS C 20 1.32 43.25 22.64
CA LYS C 20 2.31 43.15 23.71
C LYS C 20 2.96 41.77 23.68
N GLY C 21 4.25 41.73 23.35
CA GLY C 21 4.99 40.50 23.27
C GLY C 21 5.19 39.96 21.87
N LEU C 22 4.53 40.53 20.88
CA LEU C 22 4.65 40.11 19.49
C LEU C 22 5.16 41.29 18.67
N TYR C 23 6.43 41.21 18.27
CA TYR C 23 7.07 42.25 17.49
C TYR C 23 7.01 41.91 16.00
N GLU C 24 6.95 42.95 15.17
CA GLU C 24 6.87 42.81 13.71
C GLU C 24 5.66 41.99 13.29
N ARG C 25 4.58 42.05 14.08
CA ARG C 25 3.36 41.31 13.79
C ARG C 25 2.13 42.23 13.89
N SER C 26 2.31 43.52 13.60
CA SER C 26 1.19 44.45 13.68
C SER C 26 0.18 44.20 12.57
N HIS C 27 0.67 43.87 11.36
CA HIS C 27 -0.23 43.62 10.24
C HIS C 27 -0.98 42.30 10.39
N ALA C 28 -0.49 41.39 11.22
CA ALA C 28 -1.16 40.10 11.43
C ALA C 28 -2.20 40.15 12.53
N ILE C 29 -2.01 41.02 13.53
CA ILE C 29 -2.98 41.13 14.61
C ILE C 29 -4.19 41.97 14.19
N ARG C 30 -3.94 43.09 13.51
CA ARG C 30 -5.04 43.95 13.07
C ARG C 30 -5.89 43.28 12.00
N LEU C 31 -5.29 42.40 11.20
CA LEU C 31 -6.05 41.70 10.16
C LEU C 31 -6.91 40.60 10.76
N CYS C 32 -6.41 39.91 11.79
CA CYS C 32 -7.20 38.87 12.43
C CYS C 32 -8.31 39.43 13.31
N LEU C 33 -8.12 40.65 13.83
CA LEU C 33 -9.15 41.26 14.66
C LEU C 33 -10.35 41.71 13.84
N LEU C 34 -10.12 42.18 12.62
CA LEU C 34 -11.23 42.61 11.77
C LEU C 34 -12.05 41.43 11.29
N ALA C 35 -11.41 40.30 11.01
CA ALA C 35 -12.13 39.11 10.58
C ALA C 35 -12.87 38.45 11.74
N ALA C 36 -12.40 38.64 12.97
CA ALA C 36 -13.07 38.04 14.12
C ALA C 36 -14.35 38.78 14.47
N LEU C 37 -14.44 40.07 14.13
CA LEU C 37 -15.63 40.88 14.39
C LEU C 37 -16.54 41.00 13.18
N SER C 38 -16.24 40.27 12.09
CA SER C 38 -17.06 40.33 10.89
C SER C 38 -17.48 38.96 10.37
N GLY C 39 -16.97 37.86 10.93
CA GLY C 39 -17.34 36.54 10.48
C GLY C 39 -16.56 36.02 9.30
N GLU C 40 -15.33 36.48 9.11
CA GLU C 40 -14.49 36.03 8.00
C GLU C 40 -13.41 35.09 8.52
N SER C 41 -12.47 34.74 7.64
CA SER C 41 -11.38 33.83 7.97
C SER C 41 -10.05 34.52 7.63
N VAL C 42 -8.95 33.81 7.92
CA VAL C 42 -7.61 34.31 7.67
C VAL C 42 -6.69 33.12 7.45
N PHE C 43 -5.75 33.28 6.52
CA PHE C 43 -4.79 32.24 6.18
C PHE C 43 -3.37 32.73 6.46
N LEU C 44 -2.56 31.87 7.07
CA LEU C 44 -1.17 32.18 7.39
C LEU C 44 -0.25 31.21 6.66
N LEU C 45 0.84 31.74 6.11
CA LEU C 45 1.81 30.95 5.38
C LEU C 45 3.21 31.36 5.78
N GLY C 46 4.05 30.38 6.07
CA GLY C 46 5.42 30.64 6.46
C GLY C 46 6.07 29.44 7.12
N PRO C 47 7.34 29.57 7.49
CA PRO C 47 8.03 28.45 8.15
C PRO C 47 7.51 28.26 9.55
N PRO C 48 7.51 27.03 10.06
CA PRO C 48 7.01 26.78 11.42
C PRO C 48 7.92 27.39 12.46
N GLY C 49 7.39 28.36 13.20
CA GLY C 49 8.16 29.01 14.25
C GLY C 49 8.20 30.52 14.13
N ILE C 50 7.05 31.13 13.83
CA ILE C 50 6.96 32.58 13.70
C ILE C 50 5.70 33.07 14.40
N ALA C 51 5.41 32.49 15.57
CA ALA C 51 4.24 32.87 16.37
C ALA C 51 2.94 32.71 15.57
N LYS C 52 2.82 31.60 14.84
CA LYS C 52 1.62 31.34 14.07
C LYS C 52 0.51 30.73 14.91
N SER C 53 0.83 30.19 16.08
CA SER C 53 -0.18 29.60 16.96
C SER C 53 -0.58 30.53 18.11
N LEU C 54 0.26 31.51 18.45
CA LEU C 54 -0.10 32.43 19.53
C LEU C 54 -1.16 33.43 19.09
N ILE C 55 -1.19 33.76 17.80
CA ILE C 55 -2.20 34.70 17.31
C ILE C 55 -3.59 34.09 17.38
N ALA C 56 -3.70 32.77 17.32
CA ALA C 56 -4.99 32.10 17.45
C ALA C 56 -5.48 32.11 18.89
N ARG C 57 -4.56 31.98 19.85
CA ARG C 57 -4.92 31.99 21.26
C ARG C 57 -5.04 33.40 21.83
N ARG C 58 -4.55 34.41 21.12
CA ARG C 58 -4.63 35.79 21.61
C ARG C 58 -5.93 36.47 21.21
N LEU C 59 -6.55 36.04 20.11
CA LEU C 59 -7.79 36.67 19.67
C LEU C 59 -8.99 36.25 20.52
N LYS C 60 -8.86 35.17 21.29
CA LYS C 60 -9.96 34.74 22.16
C LYS C 60 -10.09 35.62 23.39
N PHE C 61 -9.09 36.44 23.70
CA PHE C 61 -9.15 37.32 24.86
C PHE C 61 -9.95 38.60 24.60
N ALA C 62 -10.23 38.92 23.33
CA ALA C 62 -11.00 40.11 23.02
C ALA C 62 -12.48 39.94 23.32
N PHE C 63 -12.97 38.71 23.39
CA PHE C 63 -14.36 38.43 23.69
C PHE C 63 -14.53 38.00 25.15
N GLN C 64 -15.75 38.15 25.64
CA GLN C 64 -16.03 37.77 27.03
C GLN C 64 -16.16 36.27 27.18
N ASN C 65 -16.76 35.59 26.21
CA ASN C 65 -16.96 34.14 26.23
C ASN C 65 -16.45 33.58 24.91
N ALA C 66 -15.17 33.20 24.88
CA ALA C 66 -14.54 32.64 23.69
C ALA C 66 -13.66 31.47 24.10
N ARG C 67 -13.78 30.37 23.36
CA ARG C 67 -13.00 29.16 23.63
C ARG C 67 -12.06 28.89 22.46
N ALA C 68 -10.82 28.54 22.78
CA ALA C 68 -9.82 28.26 21.76
C ALA C 68 -9.76 26.76 21.48
N PHE C 69 -9.14 26.42 20.35
CA PHE C 69 -9.00 25.02 19.95
C PHE C 69 -7.77 24.91 19.05
N GLU C 70 -6.74 24.24 19.54
CA GLU C 70 -5.49 24.04 18.81
C GLU C 70 -5.40 22.57 18.40
N TYR C 71 -5.19 22.32 17.11
CA TYR C 71 -5.10 20.96 16.60
C TYR C 71 -4.21 20.95 15.36
N LEU C 72 -3.47 19.87 15.19
CA LEU C 72 -2.58 19.68 14.05
C LEU C 72 -3.15 18.61 13.15
N MET C 73 -3.51 18.99 11.93
CA MET C 73 -4.09 18.03 10.98
C MET C 73 -3.00 17.13 10.43
N THR C 74 -3.17 15.83 10.58
CA THR C 74 -2.23 14.83 10.10
C THR C 74 -2.79 14.09 8.89
N ARG C 75 -1.96 13.25 8.30
CA ARG C 75 -2.38 12.47 7.14
C ARG C 75 -3.35 11.36 7.51
N PHE C 76 -3.34 10.89 8.76
CA PHE C 76 -4.22 9.84 9.22
C PHE C 76 -5.19 10.35 10.29
N SER C 77 -5.57 11.61 10.21
CA SER C 77 -6.48 12.20 11.19
C SER C 77 -7.92 11.74 10.93
N THR C 78 -8.66 11.55 12.01
CA THR C 78 -10.05 11.12 11.94
C THR C 78 -10.97 12.21 12.45
N PRO C 79 -12.19 12.32 11.91
CA PRO C 79 -13.12 13.35 12.39
C PRO C 79 -13.56 13.17 13.83
N GLU C 80 -13.34 11.98 14.41
CA GLU C 80 -13.72 11.76 15.80
C GLU C 80 -12.79 12.46 16.79
N GLU C 81 -11.60 12.86 16.35
CA GLU C 81 -10.65 13.56 17.21
C GLU C 81 -10.71 15.08 17.06
N VAL C 82 -11.34 15.58 16.01
CA VAL C 82 -11.46 17.01 15.78
C VAL C 82 -12.82 17.55 16.21
N PHE C 83 -13.89 16.94 15.72
CA PHE C 83 -15.25 17.35 16.03
C PHE C 83 -15.83 16.59 17.21
N GLY C 84 -15.00 15.87 17.97
CA GLY C 84 -15.47 15.12 19.11
C GLY C 84 -16.00 13.76 18.71
N PRO C 85 -15.71 12.74 19.52
CA PRO C 85 -16.20 11.39 19.21
C PRO C 85 -17.66 11.22 19.58
N LEU C 86 -18.32 10.30 18.87
CA LEU C 86 -19.72 10.01 19.10
C LEU C 86 -19.88 8.93 20.16
N SER C 87 -21.11 8.74 20.62
CA SER C 87 -21.42 7.75 21.64
C SER C 87 -22.05 6.51 21.02
N GLU C 98 -25.71 13.09 20.31
CA GLU C 98 -25.13 11.74 20.28
C GLU C 98 -23.62 11.79 20.09
N ARG C 99 -23.10 12.99 19.87
CA ARG C 99 -21.68 13.21 19.66
C ARG C 99 -21.13 14.05 20.81
N LEU C 100 -20.12 13.52 21.50
CA LEU C 100 -19.49 14.23 22.63
C LEU C 100 -18.61 15.33 22.08
N THR C 101 -19.23 16.49 21.83
CA THR C 101 -18.55 17.65 21.28
C THR C 101 -18.20 18.68 22.36
N SER C 102 -17.96 18.23 23.59
CA SER C 102 -17.65 19.14 24.68
C SER C 102 -16.27 19.74 24.47
N GLY C 103 -16.22 20.99 24.02
CA GLY C 103 -14.96 21.67 23.79
C GLY C 103 -14.19 21.11 22.61
N TYR C 104 -14.67 21.39 21.40
CA TYR C 104 -14.01 20.90 20.20
C TYR C 104 -14.09 21.92 19.06
N LEU C 105 -15.14 21.83 18.25
CA LEU C 105 -15.29 22.71 17.10
C LEU C 105 -16.70 23.29 16.98
N PRO C 106 -17.77 22.49 17.12
CA PRO C 106 -19.12 23.07 17.02
C PRO C 106 -19.43 24.11 18.08
N GLU C 107 -18.75 24.07 19.23
CA GLU C 107 -18.97 25.07 20.28
C GLU C 107 -17.67 25.77 20.61
N ALA C 108 -17.00 26.33 19.60
CA ALA C 108 -15.75 27.05 19.79
C ALA C 108 -15.80 28.34 19.00
N GLU C 109 -15.35 29.44 19.63
CA GLU C 109 -15.36 30.73 18.96
C GLU C 109 -14.20 30.88 17.99
N ILE C 110 -13.01 30.45 18.39
CA ILE C 110 -11.81 30.53 17.56
C ILE C 110 -11.18 29.15 17.49
N VAL C 111 -11.01 28.62 16.28
CA VAL C 111 -10.40 27.32 16.06
C VAL C 111 -9.12 27.52 15.27
N PHE C 112 -8.12 26.68 15.58
CA PHE C 112 -6.82 26.73 14.93
C PHE C 112 -6.50 25.36 14.36
N LEU C 113 -6.22 25.32 13.05
CA LEU C 113 -5.88 24.08 12.36
C LEU C 113 -4.54 24.27 11.65
N ASP C 114 -3.50 23.61 12.15
CA ASP C 114 -2.17 23.71 11.58
C ASP C 114 -1.97 22.64 10.50
N GLU C 115 -1.34 23.04 9.40
CA GLU C 115 -1.08 22.18 8.26
C GLU C 115 -2.38 21.56 7.73
N ILE C 116 -3.15 22.43 7.06
CA ILE C 116 -4.45 22.01 6.52
C ILE C 116 -4.34 21.33 5.16
N TRP C 117 -3.17 21.38 4.53
CA TRP C 117 -2.97 20.78 3.21
C TRP C 117 -2.59 19.30 3.29
N LYS C 118 -3.06 18.59 4.33
CA LYS C 118 -2.75 17.17 4.46
C LYS C 118 -3.80 16.40 5.24
N ALA C 119 -5.03 16.92 5.36
CA ALA C 119 -6.08 16.25 6.10
C ALA C 119 -6.76 15.21 5.21
N GLY C 120 -7.74 14.52 5.77
CA GLY C 120 -8.47 13.49 5.06
C GLY C 120 -9.67 14.06 4.31
N PRO C 121 -10.30 13.23 3.48
CA PRO C 121 -11.46 13.71 2.73
C PRO C 121 -12.70 13.90 3.58
N ALA C 122 -12.83 13.18 4.70
CA ALA C 122 -14.01 13.33 5.55
C ALA C 122 -13.95 14.62 6.36
N ILE C 123 -12.76 15.02 6.79
CA ILE C 123 -12.62 16.25 7.56
C ILE C 123 -12.73 17.49 6.68
N LEU C 124 -12.26 17.39 5.44
CA LEU C 124 -12.33 18.54 4.53
C LEU C 124 -13.77 18.80 4.09
N ASN C 125 -14.56 17.75 3.91
CA ASN C 125 -15.95 17.93 3.49
C ASN C 125 -16.79 18.56 4.59
N THR C 126 -16.57 18.15 5.84
CA THR C 126 -17.32 18.70 6.96
C THR C 126 -16.89 20.13 7.29
N LEU C 127 -15.67 20.53 6.92
CA LEU C 127 -15.20 21.87 7.21
C LEU C 127 -15.80 22.92 6.27
N LEU C 128 -16.28 22.50 5.10
CA LEU C 128 -16.88 23.47 4.18
C LEU C 128 -18.27 23.89 4.62
N THR C 129 -19.01 23.01 5.31
CA THR C 129 -20.34 23.34 5.79
C THR C 129 -20.32 24.24 7.02
N ALA C 130 -19.21 24.28 7.75
CA ALA C 130 -19.11 25.12 8.93
C ALA C 130 -18.83 26.58 8.61
N ILE C 131 -18.51 26.90 7.36
CA ILE C 131 -18.23 28.27 6.94
C ILE C 131 -19.43 28.89 6.24
N ASN C 132 -20.03 28.16 5.30
CA ASN C 132 -21.19 28.67 4.58
C ASN C 132 -22.47 28.53 5.41
N GLU C 133 -22.82 27.30 5.78
CA GLU C 133 -24.02 27.06 6.57
C GLU C 133 -23.82 27.36 8.05
N ARG C 134 -22.58 27.36 8.53
CA ARG C 134 -22.27 27.62 9.94
C ARG C 134 -23.00 26.64 10.86
N GLN C 135 -23.09 25.39 10.43
CA GLN C 135 -23.76 24.34 11.18
C GLN C 135 -22.90 23.09 11.15
N PHE C 136 -23.38 22.03 11.81
CA PHE C 136 -22.67 20.77 11.88
C PHE C 136 -23.68 19.64 11.96
N ARG C 137 -23.41 18.55 11.22
CA ARG C 137 -24.28 17.39 11.20
C ARG C 137 -24.03 16.57 12.46
N ASN C 138 -24.81 16.86 13.51
CA ASN C 138 -24.69 16.17 14.79
C ASN C 138 -25.63 14.96 14.84
N GLY C 139 -25.34 13.99 13.97
CA GLY C 139 -26.13 12.78 13.90
C GLY C 139 -27.48 13.00 13.23
N ALA C 140 -28.47 13.43 14.01
CA ALA C 140 -29.80 13.67 13.47
C ALA C 140 -30.04 15.15 13.24
N HIS C 141 -30.32 15.89 14.31
CA HIS C 141 -30.56 17.32 14.20
C HIS C 141 -29.26 18.09 14.05
N VAL C 142 -29.34 19.26 13.46
CA VAL C 142 -28.18 20.13 13.23
C VAL C 142 -28.24 21.30 14.20
N GLU C 143 -27.06 21.81 14.55
CA GLU C 143 -26.94 22.93 15.47
C GLU C 143 -25.97 23.95 14.90
N LYS C 144 -26.22 25.22 15.21
CA LYS C 144 -25.36 26.30 14.73
C LYS C 144 -24.02 26.29 15.46
N ILE C 145 -23.03 26.89 14.81
CA ILE C 145 -21.67 26.98 15.34
C ILE C 145 -21.33 28.45 15.50
N PRO C 146 -21.01 28.93 16.71
CA PRO C 146 -20.65 30.34 16.93
C PRO C 146 -19.18 30.64 16.60
N MET C 147 -18.72 30.14 15.45
CA MET C 147 -17.34 30.36 15.02
C MET C 147 -17.20 31.82 14.55
N ARG C 148 -16.40 32.59 15.29
CA ARG C 148 -16.21 34.00 14.98
C ARG C 148 -14.94 34.26 14.18
N LEU C 149 -13.95 33.36 14.24
CA LEU C 149 -12.71 33.54 13.53
C LEU C 149 -12.11 32.18 13.22
N LEU C 150 -11.70 31.99 11.97
CA LEU C 150 -11.08 30.74 11.51
C LEU C 150 -9.71 31.05 10.96
N VAL C 151 -8.67 30.50 11.59
CA VAL C 151 -7.28 30.71 11.19
C VAL C 151 -6.68 29.37 10.80
N ALA C 152 -5.99 29.34 9.66
CA ALA C 152 -5.34 28.13 9.16
C ALA C 152 -3.92 28.46 8.76
N ALA C 153 -2.96 27.72 9.33
CA ALA C 153 -1.55 27.93 9.04
C ALA C 153 -0.91 26.62 8.59
N SER C 154 0.17 26.74 7.82
CA SER C 154 0.85 25.55 7.32
C SER C 154 2.32 25.92 7.05
N ASN C 155 2.82 25.55 5.87
CA ASN C 155 4.20 25.84 5.51
C ASN C 155 4.37 25.81 3.99
N GLU C 156 3.70 24.87 3.33
CA GLU C 156 3.78 24.71 1.89
C GLU C 156 2.45 25.10 1.25
N LEU C 157 2.39 24.97 -0.08
CA LEU C 157 1.20 25.31 -0.84
C LEU C 157 0.57 24.04 -1.42
N PRO C 158 -0.76 23.98 -1.50
CA PRO C 158 -1.42 22.81 -2.06
C PRO C 158 -1.21 22.70 -3.56
N GLU C 159 -1.59 21.56 -4.11
CA GLU C 159 -1.44 21.31 -5.54
C GLU C 159 -2.44 22.13 -6.33
N ALA C 160 -2.12 22.33 -7.61
CA ALA C 160 -2.98 23.12 -8.49
C ALA C 160 -4.20 22.35 -8.96
N ASP C 161 -4.17 21.02 -8.91
CA ASP C 161 -5.28 20.18 -9.34
C ASP C 161 -5.54 19.12 -8.26
N SER C 162 -6.01 19.58 -7.10
CA SER C 162 -6.30 18.70 -5.97
C SER C 162 -7.60 19.16 -5.31
N SER C 163 -8.06 18.38 -4.35
CA SER C 163 -9.28 18.68 -3.63
C SER C 163 -9.08 19.71 -2.53
N LEU C 164 -7.84 20.08 -2.22
CA LEU C 164 -7.57 21.07 -1.18
C LEU C 164 -7.76 22.50 -1.65
N GLU C 165 -8.02 22.70 -2.95
CA GLU C 165 -8.24 24.04 -3.47
C GLU C 165 -9.61 24.62 -3.12
N ALA C 166 -10.52 23.80 -2.61
CA ALA C 166 -11.84 24.30 -2.24
C ALA C 166 -11.77 25.16 -0.98
N LEU C 167 -10.97 24.73 0.00
CA LEU C 167 -10.83 25.49 1.24
C LEU C 167 -9.96 26.72 1.04
N TYR C 168 -8.99 26.66 0.13
CA TYR C 168 -8.13 27.82 -0.12
C TYR C 168 -8.89 28.94 -0.82
N ASP C 169 -9.80 28.60 -1.72
CA ASP C 169 -10.57 29.62 -2.42
C ASP C 169 -11.60 30.30 -1.52
N ARG C 170 -11.97 29.67 -0.41
CA ARG C 170 -12.93 30.26 0.52
C ARG C 170 -12.27 31.14 1.58
N MET C 171 -10.99 30.94 1.84
CA MET C 171 -10.27 31.76 2.82
C MET C 171 -10.02 33.14 2.24
N LEU C 172 -10.55 34.18 2.88
CA LEU C 172 -10.44 35.54 2.39
C LEU C 172 -9.01 36.07 2.55
N ILE C 173 -8.61 36.35 3.79
CA ILE C 173 -7.30 36.93 4.05
C ILE C 173 -6.24 35.85 3.95
N ARG C 174 -5.19 36.12 3.18
CA ARG C 174 -4.06 35.20 3.01
C ARG C 174 -2.78 35.99 3.32
N LEU C 175 -2.21 35.74 4.50
CA LEU C 175 -1.01 36.44 4.93
C LEU C 175 0.20 35.52 4.81
N TRP C 176 1.32 36.11 4.41
CA TRP C 176 2.59 35.38 4.26
C TRP C 176 3.54 35.87 5.35
N LEU C 177 3.46 35.24 6.52
CA LEU C 177 4.31 35.62 7.64
C LEU C 177 5.71 35.04 7.46
N ASP C 178 6.68 35.73 8.04
CA ASP C 178 8.08 35.32 7.97
C ASP C 178 8.76 35.69 9.28
N LYS C 179 10.07 35.48 9.33
CA LYS C 179 10.85 35.79 10.53
C LYS C 179 11.12 37.29 10.61
N VAL C 180 11.67 37.70 11.74
CA VAL C 180 11.99 39.12 11.97
C VAL C 180 13.25 39.48 11.20
N GLN C 181 13.34 40.75 10.81
CA GLN C 181 14.48 41.26 10.05
C GLN C 181 15.18 42.43 10.72
N ASP C 182 14.47 43.24 11.50
CA ASP C 182 15.08 44.38 12.16
C ASP C 182 15.91 43.93 13.35
N LYS C 183 17.06 44.59 13.55
CA LYS C 183 17.93 44.25 14.65
C LYS C 183 17.42 44.82 15.98
N ALA C 184 16.80 45.99 15.94
CA ALA C 184 16.29 46.59 17.17
C ALA C 184 15.05 45.84 17.67
N ASN C 185 14.23 45.32 16.75
CA ASN C 185 13.05 44.57 17.14
C ASN C 185 13.37 43.13 17.55
N PHE C 186 14.59 42.67 17.29
CA PHE C 186 14.95 41.30 17.65
C PHE C 186 15.47 41.22 19.09
N ARG C 187 16.06 42.29 19.61
CA ARG C 187 16.57 42.27 20.98
C ARG C 187 15.43 42.24 21.99
N SER C 188 14.40 43.05 21.77
CA SER C 188 13.27 43.06 22.69
C SER C 188 12.43 41.79 22.56
N MET C 189 12.40 41.18 21.38
CA MET C 189 11.65 39.94 21.19
C MET C 189 12.39 38.75 21.81
N LEU C 190 13.72 38.72 21.70
CA LEU C 190 14.48 37.60 22.25
C LEU C 190 14.45 37.59 23.76
N THR C 191 14.25 38.75 24.39
CA THR C 191 14.21 38.84 25.85
C THR C 191 12.90 39.47 26.30
N SER C 192 11.78 38.78 26.07
CA SER C 192 10.45 39.27 26.44
C SER C 192 9.98 38.51 27.67
N GLN C 193 9.60 39.23 28.71
CA GLN C 193 9.11 38.63 29.95
C GLN C 193 7.60 38.52 30.00
N GLN C 194 6.90 38.88 28.92
CA GLN C 194 5.45 38.80 28.89
C GLN C 194 5.01 37.36 28.67
N ASP C 195 4.12 36.88 29.53
CA ASP C 195 3.62 35.51 29.42
C ASP C 195 2.69 35.38 28.22
N GLU C 196 2.89 34.31 27.44
CA GLU C 196 2.06 34.09 26.26
C GLU C 196 0.71 33.46 26.59
N ASN C 197 0.55 32.91 27.79
CA ASN C 197 -0.69 32.27 28.20
C ASN C 197 -1.46 33.12 29.22
N ASP C 198 -1.13 34.39 29.34
CA ASP C 198 -1.79 35.29 30.27
C ASP C 198 -2.85 36.11 29.53
N ASN C 199 -3.47 37.04 30.27
CA ASN C 199 -4.52 37.90 29.73
C ASN C 199 -4.02 39.34 29.74
N PRO C 200 -3.45 39.83 28.64
CA PRO C 200 -2.94 41.22 28.61
C PRO C 200 -3.96 42.25 28.12
N VAL C 201 -5.23 41.91 28.04
CA VAL C 201 -6.28 42.81 27.58
C VAL C 201 -7.15 43.17 28.78
N PRO C 202 -7.37 44.45 29.07
CA PRO C 202 -8.22 44.82 30.20
C PRO C 202 -9.67 44.45 29.96
N ASP C 203 -10.44 44.44 31.05
CA ASP C 203 -11.86 44.09 30.96
C ASP C 203 -12.69 45.19 30.30
N ALA C 204 -12.22 46.43 30.33
CA ALA C 204 -12.96 47.53 29.72
C ALA C 204 -12.91 47.50 28.20
N LEU C 205 -11.89 46.86 27.61
CA LEU C 205 -11.77 46.79 26.17
C LEU C 205 -12.33 45.50 25.58
N GLN C 206 -12.75 44.56 26.42
CA GLN C 206 -13.29 43.30 25.93
C GLN C 206 -14.74 43.49 25.51
N VAL C 207 -15.07 43.04 24.29
CA VAL C 207 -16.43 43.16 23.79
C VAL C 207 -17.30 42.04 24.35
N THR C 208 -18.60 42.27 24.36
CA THR C 208 -19.57 41.32 24.88
C THR C 208 -20.23 40.57 23.72
N ASP C 209 -21.13 39.65 24.07
CA ASP C 209 -21.83 38.88 23.04
C ASP C 209 -22.91 39.71 22.36
N GLU C 210 -23.44 40.73 23.05
CA GLU C 210 -24.48 41.57 22.45
C GLU C 210 -23.89 42.53 21.43
N GLU C 211 -22.65 42.98 21.65
CA GLU C 211 -22.02 43.91 20.71
C GLU C 211 -21.57 43.22 19.44
N TYR C 212 -21.27 41.91 19.52
CA TYR C 212 -20.84 41.19 18.32
C TYR C 212 -22.01 40.92 17.38
N GLU C 213 -23.19 40.61 17.94
CA GLU C 213 -24.36 40.36 17.11
C GLU C 213 -24.91 41.65 16.51
N ARG C 214 -24.73 42.77 17.21
CA ARG C 214 -25.21 44.05 16.69
C ARG C 214 -24.33 44.60 15.58
N TRP C 215 -23.02 44.35 15.65
CA TRP C 215 -22.12 44.84 14.62
C TRP C 215 -22.26 44.08 13.31
N GLN C 216 -22.76 42.84 13.34
CA GLN C 216 -22.92 42.08 12.11
C GLN C 216 -24.04 42.64 11.24
N LYS C 217 -25.00 43.34 11.84
CA LYS C 217 -26.09 43.93 11.06
C LYS C 217 -25.69 45.27 10.47
N GLU C 218 -24.85 46.03 11.19
CA GLU C 218 -24.40 47.34 10.73
C GLU C 218 -23.28 47.25 9.69
N ILE C 219 -22.68 46.08 9.51
CA ILE C 219 -21.61 45.94 8.53
C ILE C 219 -22.18 45.97 7.11
N GLY C 220 -23.26 45.21 6.88
CA GLY C 220 -23.87 45.17 5.56
C GLY C 220 -24.64 46.42 5.18
N GLU C 221 -24.88 47.32 6.13
CA GLU C 221 -25.61 48.55 5.87
C GLU C 221 -24.71 49.69 5.41
N ILE C 222 -23.43 49.43 5.17
CA ILE C 222 -22.52 50.48 4.71
C ILE C 222 -22.80 50.78 3.25
N THR C 223 -22.98 52.06 2.95
CA THR C 223 -23.27 52.47 1.58
C THR C 223 -22.04 52.30 0.69
N LEU C 224 -22.29 51.98 -0.58
CA LEU C 224 -21.22 51.79 -1.55
C LEU C 224 -21.19 52.98 -2.51
N PRO C 225 -20.22 53.89 -2.38
CA PRO C 225 -20.18 55.05 -3.27
C PRO C 225 -19.86 54.66 -4.70
N ASP C 226 -20.23 55.54 -5.63
CA ASP C 226 -19.99 55.28 -7.05
C ASP C 226 -18.51 55.35 -7.39
N HIS C 227 -17.73 56.11 -6.62
CA HIS C 227 -16.30 56.21 -6.90
C HIS C 227 -15.56 54.93 -6.54
N VAL C 228 -16.06 54.18 -5.56
CA VAL C 228 -15.40 52.94 -5.17
C VAL C 228 -15.73 51.82 -6.15
N PHE C 229 -16.93 51.83 -6.73
CA PHE C 229 -17.30 50.79 -7.69
C PHE C 229 -16.49 50.89 -8.97
N GLU C 230 -16.07 52.10 -9.35
CA GLU C 230 -15.26 52.26 -10.56
C GLU C 230 -13.86 51.71 -10.37
N LEU C 231 -13.39 51.61 -9.12
CA LEU C 231 -12.06 51.06 -8.86
C LEU C 231 -12.08 49.55 -8.76
N ILE C 232 -13.18 48.97 -8.26
CA ILE C 232 -13.27 47.52 -8.15
C ILE C 232 -13.46 46.89 -9.52
N PHE C 233 -14.28 47.50 -10.38
CA PHE C 233 -14.50 46.96 -11.71
C PHE C 233 -13.28 47.13 -12.59
N MET C 234 -12.47 48.17 -12.36
CA MET C 234 -11.27 48.37 -13.15
C MET C 234 -10.19 47.38 -12.78
N LEU C 235 -10.05 47.07 -11.48
CA LEU C 235 -9.06 46.10 -11.05
C LEU C 235 -9.44 44.68 -11.46
N ARG C 236 -10.75 44.39 -11.51
CA ARG C 236 -11.19 43.06 -11.92
C ARG C 236 -10.96 42.84 -13.40
N GLN C 237 -11.22 43.85 -14.23
CA GLN C 237 -11.02 43.72 -15.67
C GLN C 237 -9.54 43.72 -16.04
N GLN C 238 -8.68 44.33 -15.22
CA GLN C 238 -7.25 44.35 -15.53
C GLN C 238 -6.61 42.98 -15.33
N LEU C 239 -7.11 42.21 -14.36
CA LEU C 239 -6.56 40.88 -14.11
C LEU C 239 -7.05 39.84 -15.11
N ASP C 240 -8.18 40.10 -15.80
CA ASP C 240 -8.70 39.17 -16.78
C ASP C 240 -7.96 39.24 -18.10
N LYS C 241 -7.17 40.28 -18.33
CA LYS C 241 -6.41 40.41 -19.57
C LYS C 241 -4.99 39.89 -19.46
N LEU C 242 -4.41 39.90 -18.27
CA LEU C 242 -3.05 39.41 -18.08
C LEU C 242 -3.06 37.90 -17.93
N PRO C 243 -2.27 37.16 -18.72
CA PRO C 243 -2.26 35.70 -18.58
C PRO C 243 -1.64 35.23 -17.27
N ASP C 244 -0.68 35.96 -16.73
CA ASP C 244 -0.02 35.59 -15.47
C ASP C 244 -0.76 36.10 -14.25
N ALA C 245 -1.94 36.70 -14.42
CA ALA C 245 -2.68 37.21 -13.27
C ALA C 245 -3.57 36.11 -12.69
N PRO C 246 -3.69 36.05 -11.36
CA PRO C 246 -4.53 35.01 -10.75
C PRO C 246 -6.01 35.29 -10.99
N TYR C 247 -6.76 34.22 -11.20
CA TYR C 247 -8.19 34.32 -11.44
C TYR C 247 -8.93 34.60 -10.14
N VAL C 248 -9.74 35.66 -10.14
CA VAL C 248 -10.54 36.04 -8.98
C VAL C 248 -12.00 35.76 -9.31
N SER C 249 -12.60 34.83 -8.57
CA SER C 249 -13.99 34.45 -8.80
C SER C 249 -14.94 35.45 -8.14
N ASP C 250 -16.24 35.20 -8.28
CA ASP C 250 -17.24 36.08 -7.68
C ASP C 250 -17.32 35.92 -6.17
N ARG C 251 -16.94 34.75 -5.63
CA ARG C 251 -16.98 34.57 -4.19
C ARG C 251 -15.91 35.40 -3.50
N ARG C 252 -14.73 35.52 -4.13
CA ARG C 252 -13.66 36.32 -3.55
C ARG C 252 -13.99 37.81 -3.58
N TRP C 253 -14.68 38.27 -4.62
CA TRP C 253 -15.03 39.68 -4.71
C TRP C 253 -16.15 40.04 -3.74
N LYS C 254 -17.11 39.14 -3.56
CA LYS C 254 -18.23 39.41 -2.67
C LYS C 254 -17.80 39.39 -1.20
N LYS C 255 -16.93 38.45 -0.83
CA LYS C 255 -16.47 38.35 0.55
C LYS C 255 -15.48 39.46 0.90
N ALA C 256 -14.82 40.05 -0.10
CA ALA C 256 -13.89 41.14 0.17
C ALA C 256 -14.59 42.42 0.58
N ILE C 257 -15.88 42.56 0.25
CA ILE C 257 -16.61 43.76 0.63
C ILE C 257 -16.96 43.73 2.11
N ARG C 258 -17.18 42.54 2.66
CA ARG C 258 -17.50 42.43 4.09
C ARG C 258 -16.32 42.87 4.95
N LEU C 259 -15.10 42.62 4.48
CA LEU C 259 -13.93 43.08 5.20
C LEU C 259 -13.62 44.54 4.93
N LEU C 260 -14.02 45.05 3.76
CA LEU C 260 -13.77 46.45 3.42
C LEU C 260 -14.80 47.36 4.09
N GLN C 261 -16.06 46.91 4.18
CA GLN C 261 -17.08 47.71 4.83
C GLN C 261 -16.85 47.79 6.34
N ALA C 262 -16.37 46.69 6.94
CA ALA C 262 -16.09 46.69 8.36
C ALA C 262 -14.81 47.46 8.70
N SER C 263 -13.93 47.68 7.72
CA SER C 263 -12.72 48.46 7.98
C SER C 263 -13.04 49.93 8.23
N ALA C 264 -14.05 50.46 7.54
CA ALA C 264 -14.46 51.85 7.74
C ALA C 264 -15.45 52.01 8.88
N PHE C 265 -16.17 50.96 9.24
CA PHE C 265 -17.13 51.06 10.34
C PHE C 265 -16.42 51.16 11.68
N PHE C 266 -15.32 50.43 11.87
CA PHE C 266 -14.56 50.46 13.10
C PHE C 266 -13.53 51.59 13.13
N SER C 267 -13.49 52.43 12.10
CA SER C 267 -12.56 53.54 12.04
C SER C 267 -13.23 54.89 12.13
N GLY C 268 -14.56 54.93 12.21
CA GLY C 268 -15.28 56.19 12.31
C GLY C 268 -15.84 56.71 11.01
N ARG C 269 -16.20 55.81 10.08
CA ARG C 269 -16.75 56.21 8.80
C ARG C 269 -18.05 55.44 8.56
N SER C 270 -18.89 56.01 7.68
CA SER C 270 -20.17 55.41 7.35
C SER C 270 -20.24 54.85 5.93
N ALA C 271 -19.31 55.23 5.06
CA ALA C 271 -19.26 54.75 3.68
C ALA C 271 -17.92 54.09 3.42
N VAL C 272 -17.83 53.43 2.26
CA VAL C 272 -16.61 52.75 1.86
C VAL C 272 -15.61 53.78 1.36
N ALA C 273 -14.42 53.79 1.97
CA ALA C 273 -13.38 54.74 1.60
C ALA C 273 -12.43 54.12 0.56
N PRO C 274 -11.88 54.94 -0.34
CA PRO C 274 -10.93 54.40 -1.32
C PRO C 274 -9.64 53.89 -0.72
N VAL C 275 -9.32 54.27 0.52
CA VAL C 275 -8.10 53.79 1.17
C VAL C 275 -8.21 52.34 1.62
N ASP C 276 -9.41 51.77 1.62
CA ASP C 276 -9.60 50.38 2.02
C ASP C 276 -9.21 49.38 0.94
N LEU C 277 -8.81 49.85 -0.24
CA LEU C 277 -8.41 48.94 -1.32
C LEU C 277 -7.04 48.32 -1.09
N ILE C 278 -6.27 48.80 -0.12
CA ILE C 278 -4.95 48.23 0.15
C ILE C 278 -5.07 46.86 0.79
N LEU C 279 -6.19 46.56 1.45
CA LEU C 279 -6.38 45.26 2.09
C LEU C 279 -6.55 44.14 1.08
N LEU C 280 -6.74 44.44 -0.20
CA LEU C 280 -6.90 43.41 -1.22
C LEU C 280 -5.58 42.76 -1.63
N LYS C 281 -4.45 43.27 -1.14
CA LYS C 281 -3.16 42.70 -1.50
C LYS C 281 -2.88 41.38 -0.80
N ASP C 282 -3.67 41.03 0.22
CA ASP C 282 -3.50 39.77 0.95
C ASP C 282 -4.72 38.88 0.80
N CYS C 283 -5.42 38.98 -0.33
CA CYS C 283 -6.61 38.18 -0.58
C CYS C 283 -6.63 37.67 -2.01
N LEU C 284 -6.18 38.49 -2.96
CA LEU C 284 -6.20 38.09 -4.36
C LEU C 284 -5.09 37.11 -4.71
N TRP C 285 -3.96 37.21 -4.02
CA TRP C 285 -2.83 36.32 -4.30
C TRP C 285 -3.11 34.93 -3.76
N TYR C 286 -2.36 33.95 -4.29
CA TYR C 286 -2.50 32.56 -3.87
C TYR C 286 -1.20 31.77 -3.84
N ASP C 287 -0.13 32.25 -4.45
CA ASP C 287 1.14 31.54 -4.45
C ASP C 287 2.26 32.57 -4.54
N ALA C 288 3.49 32.09 -4.79
CA ALA C 288 4.63 32.99 -4.88
C ALA C 288 4.62 33.79 -6.18
N GLN C 289 4.01 33.24 -7.24
CA GLN C 289 3.97 33.95 -8.52
C GLN C 289 2.96 35.08 -8.51
N SER C 290 1.84 34.91 -7.80
CA SER C 290 0.81 35.94 -7.76
C SER C 290 1.08 37.01 -6.70
N LEU C 291 2.09 36.82 -5.85
CA LEU C 291 2.38 37.81 -4.83
C LEU C 291 3.02 39.06 -5.42
N ASN C 292 3.92 38.89 -6.39
CA ASN C 292 4.58 40.03 -7.02
C ASN C 292 3.71 40.72 -8.05
N LEU C 293 2.61 40.09 -8.47
CA LEU C 293 1.72 40.70 -9.45
C LEU C 293 0.54 41.40 -8.80
N ILE C 294 0.03 40.86 -7.70
CA ILE C 294 -1.10 41.49 -7.02
C ILE C 294 -0.65 42.77 -6.32
N GLN C 295 0.50 42.73 -5.63
CA GLN C 295 1.01 43.92 -4.96
C GLN C 295 1.44 45.00 -5.93
N GLN C 296 1.74 44.64 -7.19
CA GLN C 296 2.13 45.63 -8.19
C GLN C 296 0.94 46.24 -8.91
N GLN C 297 -0.09 45.44 -9.20
CA GLN C 297 -1.26 45.97 -9.89
C GLN C 297 -2.09 46.87 -8.97
N ILE C 298 -2.14 46.55 -7.68
CA ILE C 298 -2.90 47.37 -6.74
C ILE C 298 -2.17 48.68 -6.47
N ASP C 299 -0.84 48.62 -6.39
CA ASP C 299 -0.06 49.84 -6.13
C ASP C 299 -0.20 50.85 -7.26
N VAL C 300 -0.42 50.37 -8.49
CA VAL C 300 -0.63 51.29 -9.62
C VAL C 300 -1.98 51.97 -9.49
N LEU C 301 -3.02 51.22 -9.16
CA LEU C 301 -4.35 51.81 -9.01
C LEU C 301 -4.44 52.67 -7.75
N MET C 302 -3.70 52.31 -6.70
CA MET C 302 -3.72 53.10 -5.47
C MET C 302 -2.98 54.42 -5.63
N THR C 303 -2.03 54.47 -6.56
CA THR C 303 -1.27 55.68 -6.84
C THR C 303 -1.55 56.23 -8.24
N GLY C 304 -2.75 55.99 -8.75
CA GLY C 304 -3.11 56.45 -10.07
C GLY C 304 -4.57 56.85 -10.19
N HIS C 305 -5.48 55.91 -9.95
CA HIS C 305 -6.90 56.16 -10.07
C HIS C 305 -7.62 56.21 -8.72
N ALA C 306 -6.90 56.00 -7.61
CA ALA C 306 -7.54 56.06 -6.30
C ALA C 306 -7.90 57.48 -5.92
N TRP C 307 -6.92 58.38 -5.93
CA TRP C 307 -7.13 59.78 -5.60
C TRP C 307 -7.00 60.69 -6.83
N GLN C 308 -7.41 60.18 -7.99
CA GLN C 308 -7.37 60.92 -9.26
C GLN C 308 -5.94 61.38 -9.58
N GLN C 309 -4.96 60.53 -9.27
CA GLN C 309 -3.58 60.86 -9.58
C GLN C 309 -3.31 60.79 -11.07
N GLN C 310 -3.62 59.64 -11.69
CA GLN C 310 -3.45 59.49 -13.12
C GLN C 310 -4.55 60.20 -13.92
N GLY C 311 -5.73 60.40 -13.31
CA GLY C 311 -6.79 61.11 -14.00
C GLY C 311 -6.48 62.58 -14.22
N MET C 312 -5.72 63.18 -13.31
CA MET C 312 -5.31 64.57 -13.45
C MET C 312 -4.05 64.73 -14.30
N LEU C 313 -3.28 63.66 -14.49
CA LEU C 313 -2.08 63.74 -15.32
C LEU C 313 -2.45 63.84 -16.80
N THR C 314 -3.42 63.03 -17.24
CA THR C 314 -3.89 63.11 -18.62
C THR C 314 -4.68 64.38 -18.89
N ARG C 315 -5.28 64.98 -17.86
CA ARG C 315 -5.99 66.24 -18.04
C ARG C 315 -5.04 67.42 -18.05
N LEU C 316 -3.90 67.31 -17.35
CA LEU C 316 -2.92 68.39 -17.36
C LEU C 316 -2.22 68.49 -18.71
N GLY C 317 -2.02 67.36 -19.39
CA GLY C 317 -1.41 67.40 -20.71
C GLY C 317 -2.26 68.08 -21.75
N ALA C 318 -3.58 68.06 -21.58
CA ALA C 318 -4.46 68.76 -22.51
C ALA C 318 -4.34 70.28 -22.35
N ILE C 319 -4.06 70.74 -21.14
CA ILE C 319 -3.88 72.18 -20.92
C ILE C 319 -2.55 72.64 -21.52
N VAL C 320 -1.51 71.82 -21.40
CA VAL C 320 -0.22 72.16 -21.99
C VAL C 320 -0.30 72.12 -23.51
N GLN C 321 -1.04 71.14 -24.05
CA GLN C 321 -1.23 71.09 -25.50
C GLN C 321 -2.08 72.25 -26.01
N ARG C 322 -3.03 72.71 -25.20
CA ARG C 322 -3.83 73.86 -25.59
C ARG C 322 -3.03 75.16 -25.53
N HIS C 323 -2.06 75.25 -24.61
CA HIS C 323 -1.22 76.44 -24.53
C HIS C 323 -0.27 76.51 -25.72
N LEU C 324 0.23 75.36 -26.17
CA LEU C 324 1.11 75.35 -27.34
C LEU C 324 0.32 75.57 -28.63
N GLN C 325 -0.97 75.23 -28.63
CA GLN C 325 -1.79 75.46 -29.81
C GLN C 325 -2.10 76.93 -29.99
N LEU C 326 -2.37 77.64 -28.89
CA LEU C 326 -2.64 79.07 -28.98
C LEU C 326 -1.37 79.88 -29.27
N GLN C 327 -0.20 79.36 -28.92
CA GLN C 327 1.04 80.07 -29.19
C GLN C 327 1.43 79.97 -30.67
N GLN C 328 1.22 78.80 -31.28
CA GLN C 328 1.53 78.65 -32.69
C GLN C 328 0.51 79.31 -33.61
N GLN C 329 -0.68 79.61 -33.08
CA GLN C 329 -1.70 80.29 -33.89
C GLN C 329 -1.43 81.77 -34.02
N GLN C 330 -0.88 82.40 -32.97
CA GLN C 330 -0.55 83.82 -32.98
C GLN C 330 0.92 84.07 -33.29
N SER C 331 1.55 83.17 -34.05
CA SER C 331 2.97 83.31 -34.38
C SER C 331 3.21 84.30 -35.51
N ASP C 332 2.16 84.87 -36.10
CA ASP C 332 2.32 85.84 -37.18
C ASP C 332 2.70 87.23 -36.69
N LYS C 333 2.69 87.46 -35.38
CA LYS C 333 3.05 88.77 -34.84
C LYS C 333 4.55 88.90 -34.62
N THR C 334 5.18 87.84 -34.09
CA THR C 334 6.61 87.82 -33.82
C THR C 334 7.29 86.90 -34.82
N ALA C 335 8.22 87.45 -35.60
CA ALA C 335 8.94 86.66 -36.59
C ALA C 335 10.25 86.12 -36.02
N LEU C 336 11.27 85.98 -36.87
CA LEU C 336 12.57 85.47 -36.43
C LEU C 336 13.63 86.07 -37.37
N THR C 337 14.22 87.19 -36.94
CA THR C 337 15.23 87.88 -37.72
C THR C 337 16.62 87.41 -37.29
N VAL C 338 17.46 87.09 -38.27
CA VAL C 338 18.83 86.64 -38.02
C VAL C 338 19.78 87.74 -38.47
N ILE C 339 20.58 88.24 -37.53
CA ILE C 339 21.53 89.30 -37.81
C ILE C 339 22.77 88.72 -38.49
N ARG C 340 23.45 89.55 -39.26
CA ARG C 340 24.66 89.16 -39.98
C ARG C 340 25.90 89.71 -39.29
N LEU C 341 27.04 89.15 -39.66
CA LEU C 341 28.33 89.56 -39.12
C LEU C 341 29.34 89.73 -40.26
N GLY C 342 30.31 90.61 -40.03
CA GLY C 342 31.33 90.88 -41.02
C GLY C 342 32.46 89.87 -40.99
N GLY C 343 33.69 90.36 -40.81
CA GLY C 343 34.84 89.49 -40.75
C GLY C 343 35.27 88.97 -42.11
N ILE C 344 36.33 88.18 -42.09
CA ILE C 344 36.90 87.58 -43.30
C ILE C 344 36.68 86.07 -43.21
N PHE C 345 35.76 85.57 -44.02
CA PHE C 345 35.46 84.14 -44.04
C PHE C 345 34.99 83.75 -45.43
N SER C 346 35.25 82.49 -45.80
CA SER C 346 34.86 81.99 -47.11
C SER C 346 33.38 81.67 -47.20
N ARG C 347 32.72 81.40 -46.07
CA ARG C 347 31.31 81.07 -46.05
C ARG C 347 30.52 82.19 -45.36
N ARG C 348 29.25 82.30 -45.71
CA ARG C 348 28.37 83.32 -45.14
C ARG C 348 27.99 82.95 -43.71
N GLN C 349 28.74 83.44 -42.73
CA GLN C 349 28.47 83.15 -41.33
C GLN C 349 27.32 84.02 -40.82
N GLN C 350 26.44 83.41 -40.03
CA GLN C 350 25.31 84.11 -39.44
C GLN C 350 25.39 84.05 -37.93
N TYR C 351 24.81 85.05 -37.28
CA TYR C 351 24.80 85.15 -35.82
C TYR C 351 23.37 85.21 -35.32
N GLN C 352 23.16 84.64 -34.13
CA GLN C 352 21.84 84.62 -33.51
C GLN C 352 21.62 85.91 -32.70
N LEU C 353 20.46 86.00 -32.06
CA LEU C 353 20.15 87.17 -31.27
C LEU C 353 20.95 87.14 -29.96
N PRO C 354 21.43 88.29 -29.49
CA PRO C 354 22.25 88.30 -28.26
C PRO C 354 21.43 88.05 -27.00
N VAL C 355 21.08 89.12 -26.28
CA VAL C 355 20.35 88.98 -25.03
C VAL C 355 18.89 88.60 -25.22
N ASN C 356 18.40 88.62 -26.47
CA ASN C 356 17.01 88.28 -26.70
C ASN C 356 16.73 86.80 -26.43
N VAL C 357 17.74 85.95 -26.60
CA VAL C 357 17.63 84.52 -26.33
C VAL C 357 18.89 84.06 -25.61
N THR C 358 18.70 83.42 -24.46
CA THR C 358 19.82 82.91 -23.67
C THR C 358 19.66 81.47 -23.22
N ALA C 359 18.52 80.83 -23.45
CA ALA C 359 18.33 79.46 -23.02
C ALA C 359 19.07 78.49 -23.94
N SER C 360 19.49 77.37 -23.38
CA SER C 360 20.21 76.37 -24.17
C SER C 360 19.25 75.50 -24.98
N THR C 361 18.26 74.90 -24.30
CA THR C 361 17.27 74.06 -24.97
C THR C 361 15.98 74.84 -25.20
N LEU C 362 16.10 75.92 -25.97
CA LEU C 362 14.96 76.76 -26.29
C LEU C 362 14.08 76.10 -27.36
N THR C 363 12.82 76.52 -27.39
CA THR C 363 11.85 76.00 -28.35
C THR C 363 11.52 77.06 -29.39
N LEU C 364 11.27 76.61 -30.61
CA LEU C 364 10.93 77.48 -31.73
C LEU C 364 9.68 76.94 -32.41
N LEU C 365 8.64 77.77 -32.49
CA LEU C 365 7.40 77.37 -33.11
C LEU C 365 7.48 77.53 -34.63
N LEU C 366 6.37 77.23 -35.31
CA LEU C 366 6.30 77.34 -36.76
C LEU C 366 4.87 77.70 -37.16
N GLN C 367 4.74 78.24 -38.36
CA GLN C 367 3.44 78.65 -38.88
C GLN C 367 2.67 77.47 -39.44
N LYS C 368 2.82 77.20 -40.73
CA LYS C 368 2.13 76.09 -41.35
C LYS C 368 2.73 74.76 -40.89
N PRO C 369 1.96 73.88 -40.27
CA PRO C 369 2.52 72.61 -39.82
C PRO C 369 2.80 71.67 -40.98
N LEU C 370 3.85 70.86 -40.82
CA LEU C 370 4.28 69.91 -41.84
C LEU C 370 4.27 68.50 -41.26
N LYS C 371 4.55 67.53 -42.12
CA LYS C 371 4.59 66.11 -41.75
C LYS C 371 6.04 65.66 -41.80
N LEU C 372 6.68 65.57 -40.64
CA LEU C 372 8.06 65.14 -40.51
C LEU C 372 8.11 63.76 -39.88
N HIS C 373 8.83 62.85 -40.53
CA HIS C 373 8.99 61.47 -40.06
C HIS C 373 7.64 60.79 -39.88
N ASP C 374 6.74 61.00 -40.84
CA ASP C 374 5.41 60.40 -40.84
C ASP C 374 4.63 60.76 -39.58
N MET C 375 4.76 62.01 -39.13
CA MET C 375 4.06 62.49 -37.95
C MET C 375 3.99 64.00 -37.99
N GLU C 376 3.05 64.55 -37.25
CA GLU C 376 2.87 65.99 -37.17
C GLU C 376 3.67 66.57 -36.01
N VAL C 377 3.94 67.87 -36.09
CA VAL C 377 4.72 68.57 -35.07
C VAL C 377 4.19 70.00 -34.97
N VAL C 378 4.35 70.60 -33.79
CA VAL C 378 3.91 71.97 -33.57
C VAL C 378 5.02 72.87 -33.04
N HIS C 379 6.11 72.29 -32.54
CA HIS C 379 7.23 73.07 -32.03
C HIS C 379 8.49 72.22 -32.09
N ILE C 380 9.59 72.84 -32.49
CA ILE C 380 10.89 72.16 -32.61
C ILE C 380 11.86 72.83 -31.64
N SER C 381 12.32 72.06 -30.65
CA SER C 381 13.25 72.57 -29.65
C SER C 381 14.68 72.33 -30.13
N PHE C 382 15.41 73.42 -30.36
CA PHE C 382 16.79 73.36 -30.82
C PHE C 382 17.75 73.53 -29.64
N GLU C 383 19.03 73.32 -29.92
CA GLU C 383 20.08 73.45 -28.91
C GLU C 383 20.94 74.66 -29.25
N ARG C 384 21.24 75.47 -28.23
CA ARG C 384 22.06 76.67 -28.44
C ARG C 384 23.51 76.33 -28.73
N SER C 385 23.99 75.17 -28.29
CA SER C 385 25.37 74.79 -28.54
C SER C 385 25.59 74.33 -29.97
N ALA C 386 24.56 73.78 -30.61
CA ALA C 386 24.66 73.32 -31.99
C ALA C 386 24.16 74.32 -33.00
N LEU C 387 23.39 75.33 -32.58
CA LEU C 387 22.89 76.33 -33.51
C LEU C 387 23.98 77.32 -33.92
N GLU C 388 24.97 77.54 -33.05
CA GLU C 388 26.03 78.48 -33.38
C GLU C 388 27.01 77.88 -34.40
N GLN C 389 27.17 76.56 -34.39
CA GLN C 389 28.09 75.92 -35.32
C GLN C 389 27.48 75.77 -36.72
N TRP C 390 26.16 75.62 -36.80
CA TRP C 390 25.50 75.47 -38.09
C TRP C 390 25.36 76.81 -38.80
N LEU C 391 25.12 77.89 -38.04
CA LEU C 391 24.96 79.21 -38.62
C LEU C 391 26.29 79.84 -39.04
N SER C 392 27.42 79.28 -38.62
CA SER C 392 28.74 79.79 -38.96
C SER C 392 29.51 78.84 -39.86
N LYS C 393 29.81 77.64 -39.38
CA LYS C 393 30.56 76.68 -40.18
C LYS C 393 29.67 76.04 -41.25
N GLY C 394 28.47 75.60 -40.87
CA GLY C 394 27.56 75.00 -41.82
C GLY C 394 27.36 73.51 -41.58
N GLY C 395 27.08 72.76 -42.64
CA GLY C 395 26.86 71.34 -42.52
C GLY C 395 25.41 70.98 -42.25
N GLU C 396 25.19 69.95 -41.44
CA GLU C 396 23.86 69.48 -41.09
C GLU C 396 23.58 69.73 -39.61
N ILE C 397 22.30 69.84 -39.27
CA ILE C 397 21.87 70.07 -37.89
C ILE C 397 20.83 69.02 -37.54
N ARG C 398 20.66 68.81 -36.23
CA ARG C 398 19.70 67.86 -35.70
C ARG C 398 18.72 68.57 -34.78
N GLY C 399 17.61 67.89 -34.51
CA GLY C 399 16.58 68.45 -33.66
C GLY C 399 15.42 67.49 -33.42
N LYS C 400 14.96 67.42 -32.18
CA LYS C 400 13.85 66.55 -31.84
C LYS C 400 12.52 67.20 -32.19
N LEU C 401 11.48 66.37 -32.30
CA LEU C 401 10.15 66.82 -32.65
C LEU C 401 9.26 66.82 -31.41
N ASN C 402 8.51 67.91 -31.22
CA ASN C 402 7.59 68.08 -30.10
C ASN C 402 8.30 67.95 -28.76
N GLY C 403 9.59 68.28 -28.71
CA GLY C 403 10.34 68.21 -27.48
C GLY C 403 10.54 66.81 -26.93
N ILE C 404 10.35 65.79 -27.76
CA ILE C 404 10.51 64.40 -27.35
C ILE C 404 11.23 63.64 -28.46
N GLY C 405 11.69 62.44 -28.11
CA GLY C 405 12.41 61.61 -29.06
C GLY C 405 13.86 62.03 -29.24
N PHE C 406 14.49 61.40 -30.22
CA PHE C 406 15.88 61.68 -30.54
C PHE C 406 16.00 62.88 -31.46
N ALA C 407 17.21 63.44 -31.51
CA ALA C 407 17.49 64.60 -32.34
C ALA C 407 17.62 64.14 -33.79
N GLN C 408 16.53 64.25 -34.53
CA GLN C 408 16.49 63.83 -35.92
C GLN C 408 16.97 64.96 -36.83
N LYS C 409 17.47 64.57 -38.00
CA LYS C 409 17.97 65.53 -38.97
C LYS C 409 16.81 66.20 -39.71
N LEU C 410 16.92 67.52 -39.88
CA LEU C 410 15.91 68.31 -40.57
C LEU C 410 16.54 69.05 -41.74
N ASN C 411 15.68 69.56 -42.63
CA ASN C 411 16.12 70.29 -43.81
C ASN C 411 16.09 71.80 -43.52
N LEU C 412 16.94 72.20 -42.57
CA LEU C 412 17.02 73.61 -42.19
C LEU C 412 17.92 74.37 -43.17
N GLU C 413 17.50 75.58 -43.51
CA GLU C 413 18.25 76.42 -44.43
C GLU C 413 17.91 77.88 -44.15
N VAL C 414 18.68 78.77 -44.76
CA VAL C 414 18.49 80.22 -44.59
C VAL C 414 17.58 80.72 -45.70
N ASP C 415 16.97 81.87 -45.46
CA ASP C 415 16.07 82.50 -46.41
C ASP C 415 16.63 83.85 -46.86
N SER C 416 15.95 84.46 -47.84
CA SER C 416 16.38 85.74 -48.34
C SER C 416 16.07 86.88 -47.38
N ALA C 417 15.10 86.70 -46.49
CA ALA C 417 14.73 87.72 -45.50
C ALA C 417 15.28 87.41 -44.12
N GLN C 418 16.39 86.67 -44.04
CA GLN C 418 17.02 86.29 -42.78
C GLN C 418 16.05 85.54 -41.88
N HIS C 419 15.61 84.38 -42.37
CA HIS C 419 14.67 83.54 -41.64
C HIS C 419 15.08 82.07 -41.82
N LEU C 420 14.52 81.21 -40.98
CA LEU C 420 14.79 79.79 -41.02
C LEU C 420 13.64 79.07 -41.69
N VAL C 421 13.95 78.28 -42.72
CA VAL C 421 12.96 77.54 -43.49
C VAL C 421 13.20 76.06 -43.27
N VAL C 422 12.15 75.34 -42.85
CA VAL C 422 12.21 73.91 -42.61
C VAL C 422 11.41 73.22 -43.69
N ARG C 423 12.06 72.35 -44.46
CA ARG C 423 11.44 71.61 -45.54
C ARG C 423 11.22 70.16 -45.13
N ASP C 424 10.31 69.49 -45.83
CA ASP C 424 10.01 68.10 -45.56
C ASP C 424 10.29 67.23 -46.79
N VAL C 425 9.39 66.30 -47.09
CA VAL C 425 9.56 65.42 -48.25
C VAL C 425 8.90 65.98 -49.50
N SER C 426 8.07 67.01 -49.38
CA SER C 426 7.39 67.61 -50.53
C SER C 426 7.91 69.01 -50.83
N LEU C 427 9.05 69.40 -50.27
CA LEU C 427 9.65 70.72 -50.49
C LEU C 427 8.68 71.83 -50.11
N GLN C 428 8.18 71.76 -48.88
CA GLN C 428 7.25 72.74 -48.35
C GLN C 428 7.97 73.68 -47.40
N GLY C 429 7.89 74.99 -47.67
CA GLY C 429 8.55 75.96 -46.82
C GLY C 429 7.74 76.30 -45.59
N SER C 430 8.45 76.60 -44.51
CA SER C 430 7.82 76.95 -43.24
C SER C 430 8.79 77.84 -42.46
N THR C 431 8.37 79.07 -42.20
CA THR C 431 9.20 80.01 -41.45
C THR C 431 9.06 79.77 -39.96
N LEU C 432 10.18 79.65 -39.26
CA LEU C 432 10.17 79.43 -37.82
C LEU C 432 9.98 80.74 -37.07
N ALA C 433 9.55 80.62 -35.81
CA ALA C 433 9.33 81.78 -34.97
C ALA C 433 9.49 81.37 -33.52
N LEU C 434 9.89 82.35 -32.68
CA LEU C 434 10.07 82.10 -31.26
C LEU C 434 8.85 82.55 -30.48
N PRO C 435 8.55 81.88 -29.36
CA PRO C 435 7.39 82.29 -28.56
C PRO C 435 7.65 83.59 -27.82
N GLY C 436 6.64 84.45 -27.80
CA GLY C 436 6.75 85.73 -27.14
C GLY C 436 6.58 85.64 -25.64
N SER C 437 6.72 86.79 -24.99
CA SER C 437 6.59 86.86 -23.53
C SER C 437 5.11 86.85 -23.12
N LEU C 442 0.58 84.45 -19.97
CA LEU C 442 -0.42 83.41 -19.77
C LEU C 442 -1.81 83.88 -20.18
N PRO C 443 -2.41 83.20 -21.15
CA PRO C 443 -3.74 83.58 -21.62
C PRO C 443 -4.80 83.35 -20.54
N GLY C 444 -5.96 83.94 -20.77
CA GLY C 444 -7.06 83.79 -19.83
C GLY C 444 -7.69 82.41 -19.85
N GLU C 445 -7.69 81.76 -21.02
CA GLU C 445 -8.27 80.43 -21.11
C GLU C 445 -7.38 79.38 -20.46
N ILE C 446 -6.06 79.53 -20.56
CA ILE C 446 -5.15 78.57 -19.95
C ILE C 446 -5.16 78.72 -18.43
N LYS C 447 -5.23 79.95 -17.94
CA LYS C 447 -5.27 80.17 -16.49
C LYS C 447 -6.59 79.71 -15.88
N GLN C 448 -7.67 79.74 -16.66
CA GLN C 448 -8.96 79.29 -16.13
C GLN C 448 -8.99 77.77 -15.97
N GLN C 449 -8.47 77.03 -16.95
CA GLN C 449 -8.44 75.57 -16.85
C GLN C 449 -7.40 75.11 -15.83
N LEU C 450 -6.32 75.86 -15.65
CA LEU C 450 -5.32 75.48 -14.67
C LEU C 450 -5.79 75.72 -13.24
N GLU C 451 -6.62 76.74 -13.03
CA GLU C 451 -7.13 77.00 -11.69
C GLU C 451 -8.18 75.97 -11.28
N GLU C 452 -8.95 75.44 -12.23
CA GLU C 452 -9.93 74.43 -11.91
C GLU C 452 -9.28 73.09 -11.60
N LEU C 453 -8.19 72.77 -12.30
CA LEU C 453 -7.49 71.51 -12.03
C LEU C 453 -6.73 71.56 -10.71
N GLU C 454 -6.24 72.74 -10.32
CA GLU C 454 -5.54 72.86 -9.04
C GLU C 454 -6.50 72.75 -7.87
N SER C 455 -7.75 73.17 -8.05
CA SER C 455 -8.73 73.03 -6.97
C SER C 455 -9.13 71.58 -6.75
N ASP C 456 -9.12 70.76 -7.81
CA ASP C 456 -9.43 69.35 -7.66
C ASP C 456 -8.30 68.60 -6.96
N TRP C 457 -7.06 69.06 -7.10
CA TRP C 457 -5.95 68.41 -6.41
C TRP C 457 -5.98 68.69 -4.92
N ARG C 458 -6.42 69.89 -4.54
CA ARG C 458 -6.53 70.22 -3.12
C ARG C 458 -7.70 69.48 -2.47
N LYS C 459 -8.79 69.28 -3.20
CA LYS C 459 -9.93 68.54 -2.66
C LYS C 459 -9.62 67.05 -2.54
N GLN C 460 -8.84 66.51 -3.47
CA GLN C 460 -8.48 65.10 -3.39
C GLN C 460 -7.45 64.86 -2.29
N HIS C 461 -6.56 65.83 -2.07
CA HIS C 461 -5.57 65.68 -1.00
C HIS C 461 -6.21 65.82 0.38
N ALA C 462 -7.32 66.56 0.47
CA ALA C 462 -8.00 66.69 1.76
C ALA C 462 -8.71 65.41 2.16
N LEU C 463 -9.15 64.61 1.19
CA LEU C 463 -9.80 63.35 1.50
C LEU C 463 -8.80 62.32 2.03
N PHE C 464 -7.56 62.36 1.55
CA PHE C 464 -6.55 61.43 2.04
C PHE C 464 -6.10 61.79 3.45
N SER C 465 -6.12 63.08 3.79
CA SER C 465 -5.74 63.53 5.13
C SER C 465 -6.84 63.35 6.16
N GLU C 466 -7.97 62.75 5.79
CA GLU C 466 -9.07 62.51 6.71
C GLU C 466 -9.42 61.03 6.86
N GLN C 467 -8.68 60.14 6.19
CA GLN C 467 -8.96 58.71 6.29
C GLN C 467 -7.71 57.85 6.36
N GLN C 468 -6.52 58.45 6.43
CA GLN C 468 -5.28 57.68 6.50
C GLN C 468 -5.00 57.12 7.88
N LYS C 469 -5.77 57.51 8.89
CA LYS C 469 -5.55 57.05 10.25
C LYS C 469 -6.26 55.73 10.52
N CYS C 470 -6.42 54.91 9.49
CA CYS C 470 -7.06 53.61 9.66
C CYS C 470 -6.10 52.62 10.31
N LEU C 471 -6.64 51.79 11.21
CA LEU C 471 -5.81 50.82 11.92
C LEU C 471 -5.42 49.65 11.03
N PHE C 472 -6.25 49.29 10.06
CA PHE C 472 -6.00 48.15 9.18
C PHE C 472 -5.21 48.54 7.93
N ILE C 473 -4.36 49.56 8.02
CA ILE C 473 -3.55 49.99 6.89
C ILE C 473 -2.07 49.99 7.32
N PRO C 474 -1.19 49.36 6.54
CA PRO C 474 0.23 49.34 6.92
C PRO C 474 0.85 50.73 6.87
N GLY C 475 1.98 50.86 7.57
CA GLY C 475 2.64 52.15 7.64
C GLY C 475 3.52 52.46 6.45
N ASP C 476 4.11 51.43 5.83
CA ASP C 476 4.97 51.65 4.67
C ASP C 476 4.19 52.06 3.43
N TRP C 477 2.88 51.80 3.39
CA TRP C 477 2.07 52.17 2.24
C TRP C 477 1.69 53.64 2.25
N LEU C 478 1.79 54.31 3.39
CA LEU C 478 1.44 55.73 3.45
C LEU C 478 2.49 56.60 2.77
N GLY C 479 3.74 56.12 2.69
CA GLY C 479 4.78 56.88 2.04
C GLY C 479 4.67 56.95 0.54
N ARG C 480 3.98 55.99 -0.08
CA ARG C 480 3.82 55.97 -1.53
C ARG C 480 2.60 56.77 -1.98
N ILE C 481 1.57 56.87 -1.15
CA ILE C 481 0.39 57.66 -1.51
C ILE C 481 0.69 59.14 -1.41
N GLU C 482 1.46 59.55 -0.40
CA GLU C 482 1.82 60.96 -0.25
C GLU C 482 2.81 61.39 -1.32
N ALA C 483 3.72 60.50 -1.72
CA ALA C 483 4.68 60.84 -2.76
C ALA C 483 4.02 60.91 -4.13
N SER C 484 2.97 60.13 -4.36
CA SER C 484 2.28 60.17 -5.65
C SER C 484 1.39 61.41 -5.78
N LEU C 485 0.82 61.89 -4.68
CA LEU C 485 -0.01 63.09 -4.74
C LEU C 485 0.83 64.34 -4.88
N GLN C 486 2.05 64.34 -4.35
CA GLN C 486 2.92 65.51 -4.47
C GLN C 486 3.50 65.66 -5.87
N ASP C 487 3.63 64.56 -6.61
CA ASP C 487 4.16 64.65 -7.97
C ASP C 487 3.16 65.31 -8.92
N VAL C 488 1.86 65.12 -8.68
CA VAL C 488 0.86 65.74 -9.53
C VAL C 488 0.76 67.22 -9.24
N GLY C 489 0.85 67.61 -7.96
CA GLY C 489 0.80 69.02 -7.61
C GLY C 489 2.05 69.78 -8.00
N ALA C 490 3.17 69.09 -8.16
CA ALA C 490 4.40 69.76 -8.56
C ALA C 490 4.46 69.97 -10.07
N GLN C 491 3.76 69.14 -10.85
CA GLN C 491 3.76 69.29 -12.30
C GLN C 491 2.80 70.39 -12.76
N ILE C 492 1.71 70.61 -12.02
CA ILE C 492 0.77 71.65 -12.40
C ILE C 492 1.30 73.03 -12.00
N ARG C 493 2.19 73.10 -11.02
CA ARG C 493 2.75 74.37 -10.59
C ARG C 493 3.83 74.87 -11.54
N GLN C 494 4.40 73.99 -12.38
CA GLN C 494 5.44 74.41 -13.30
C GLN C 494 4.85 75.03 -14.57
N ALA C 495 3.63 74.65 -14.94
CA ALA C 495 3.02 75.20 -16.15
C ALA C 495 2.56 76.64 -15.94
N GLN C 496 2.30 77.03 -14.70
CA GLN C 496 1.86 78.39 -14.39
C GLN C 496 3.03 79.28 -13.98
N GLN C 497 4.09 79.25 -14.76
CA GLN C 497 5.28 80.04 -14.48
C GLN C 497 5.58 81.01 -15.62
N HIS D 3 -57.80 25.35 -14.82
CA HIS D 3 -56.82 24.64 -14.00
C HIS D 3 -55.42 24.57 -14.62
N PRO D 4 -55.31 24.17 -15.91
CA PRO D 4 -53.97 24.13 -16.51
C PRO D 4 -53.38 25.51 -16.73
N HIS D 5 -54.21 26.54 -16.90
CA HIS D 5 -53.69 27.89 -17.11
C HIS D 5 -53.17 28.50 -15.82
N LEU D 6 -53.73 28.10 -14.68
CA LEU D 6 -53.28 28.63 -13.39
C LEU D 6 -51.96 28.02 -12.92
N LEU D 7 -51.53 26.92 -13.54
CA LEU D 7 -50.26 26.30 -13.14
C LEU D 7 -49.07 27.13 -13.60
N ALA D 8 -49.19 27.82 -14.73
CA ALA D 8 -48.08 28.63 -15.23
C ALA D 8 -47.83 29.85 -14.33
N GLU D 9 -48.84 30.32 -13.61
CA GLU D 9 -48.66 31.45 -12.72
C GLU D 9 -47.87 31.05 -11.48
N ARG D 10 -48.16 29.88 -10.93
CA ARG D 10 -47.43 29.42 -9.74
C ARG D 10 -45.99 29.06 -10.06
N ILE D 11 -45.74 28.54 -11.26
CA ILE D 11 -44.38 28.20 -11.65
C ILE D 11 -43.55 29.45 -11.88
N SER D 12 -44.12 30.45 -12.55
CA SER D 12 -43.40 31.70 -12.78
C SER D 12 -43.17 32.47 -11.49
N ARG D 13 -44.07 32.34 -10.52
CA ARG D 13 -43.90 33.03 -9.24
C ARG D 13 -42.95 32.28 -8.31
N LEU D 14 -42.80 30.96 -8.48
CA LEU D 14 -41.88 30.21 -7.62
C LEU D 14 -40.43 30.50 -7.97
N SER D 15 -40.12 30.58 -9.27
CA SER D 15 -38.75 30.86 -9.69
C SER D 15 -38.39 32.33 -9.50
N SER D 16 -39.37 33.21 -9.33
CA SER D 16 -39.07 34.63 -9.12
C SER D 16 -38.47 34.86 -7.74
N SER D 17 -38.95 34.13 -6.73
CA SER D 17 -38.41 34.28 -5.38
C SER D 17 -37.06 33.59 -5.23
N LEU D 18 -36.79 32.58 -6.06
CA LEU D 18 -35.51 31.89 -6.00
C LEU D 18 -34.38 32.68 -6.63
N GLU D 19 -34.67 33.64 -7.50
CA GLU D 19 -33.65 34.46 -8.13
C GLU D 19 -33.24 35.65 -7.29
N LYS D 20 -33.77 35.79 -6.07
CA LYS D 20 -33.41 36.91 -5.21
C LYS D 20 -32.01 36.69 -4.64
N GLY D 21 -31.06 37.53 -5.08
CA GLY D 21 -29.69 37.44 -4.64
C GLY D 21 -28.74 36.78 -5.63
N LEU D 22 -29.27 36.22 -6.73
CA LEU D 22 -28.45 35.57 -7.75
C LEU D 22 -28.70 36.28 -9.07
N TYR D 23 -27.74 37.09 -9.50
CA TYR D 23 -27.84 37.83 -10.75
C TYR D 23 -27.17 37.05 -11.88
N GLU D 24 -27.71 37.22 -13.09
CA GLU D 24 -27.22 36.54 -14.29
C GLU D 24 -27.24 35.02 -14.14
N ARG D 25 -28.20 34.51 -13.36
CA ARG D 25 -28.34 33.07 -13.13
C ARG D 25 -29.78 32.62 -13.35
N SER D 26 -30.51 33.32 -14.21
CA SER D 26 -31.90 32.94 -14.47
C SER D 26 -31.98 31.65 -15.27
N HIS D 27 -31.04 31.42 -16.18
CA HIS D 27 -31.04 30.20 -16.97
C HIS D 27 -30.65 28.96 -16.15
N ALA D 28 -29.99 29.16 -15.01
CA ALA D 28 -29.59 28.04 -14.16
C ALA D 28 -30.64 27.68 -13.12
N ILE D 29 -31.43 28.65 -12.67
CA ILE D 29 -32.45 28.38 -11.67
C ILE D 29 -33.69 27.76 -12.31
N ARG D 30 -34.13 28.30 -13.46
CA ARG D 30 -35.30 27.77 -14.13
C ARG D 30 -35.04 26.38 -14.70
N LEU D 31 -33.79 26.08 -15.05
CA LEU D 31 -33.48 24.75 -15.58
C LEU D 31 -33.41 23.71 -14.48
N CYS D 32 -32.96 24.10 -13.28
CA CYS D 32 -32.90 23.15 -12.17
C CYS D 32 -34.28 22.88 -11.59
N LEU D 33 -35.21 23.83 -11.73
CA LEU D 33 -36.57 23.62 -11.24
C LEU D 33 -37.33 22.63 -12.08
N LEU D 34 -37.07 22.59 -13.39
CA LEU D 34 -37.77 21.65 -14.25
C LEU D 34 -37.30 20.22 -14.00
N ALA D 35 -36.00 20.03 -13.76
CA ALA D 35 -35.49 18.69 -13.49
C ALA D 35 -35.87 18.22 -12.10
N ALA D 36 -36.11 19.14 -11.17
CA ALA D 36 -36.49 18.76 -9.81
C ALA D 36 -37.94 18.29 -9.74
N LEU D 37 -38.80 18.76 -10.63
CA LEU D 37 -40.20 18.39 -10.65
C LEU D 37 -40.49 17.31 -11.70
N SER D 38 -39.46 16.73 -12.30
CA SER D 38 -39.65 15.69 -13.31
C SER D 38 -38.79 14.47 -13.09
N GLY D 39 -37.84 14.49 -12.15
CA GLY D 39 -37.00 13.34 -11.91
C GLY D 39 -35.78 13.24 -12.79
N GLU D 40 -35.27 14.37 -13.28
CA GLU D 40 -34.09 14.38 -14.14
C GLU D 40 -32.89 14.92 -13.36
N SER D 41 -31.79 15.14 -14.07
CA SER D 41 -30.55 15.64 -13.48
C SER D 41 -30.10 16.89 -14.23
N VAL D 42 -29.02 17.49 -13.73
CA VAL D 42 -28.45 18.69 -14.34
C VAL D 42 -26.95 18.71 -14.07
N PHE D 43 -26.18 19.19 -15.05
CA PHE D 43 -24.74 19.26 -14.95
C PHE D 43 -24.30 20.71 -15.08
N LEU D 44 -23.35 21.11 -14.24
CA LEU D 44 -22.79 22.45 -14.24
C LEU D 44 -21.30 22.40 -14.52
N LEU D 45 -20.81 23.34 -15.32
CA LEU D 45 -19.40 23.40 -15.70
C LEU D 45 -18.94 24.84 -15.67
N GLY D 46 -17.79 25.09 -15.04
CA GLY D 46 -17.25 26.42 -14.95
C GLY D 46 -16.18 26.53 -13.87
N PRO D 47 -15.60 27.72 -13.73
CA PRO D 47 -14.58 27.91 -12.70
C PRO D 47 -15.20 27.91 -11.32
N PRO D 48 -14.46 27.45 -10.31
CA PRO D 48 -15.02 27.42 -8.93
C PRO D 48 -15.20 28.82 -8.39
N GLY D 49 -16.45 29.19 -8.12
CA GLY D 49 -16.75 30.49 -7.57
C GLY D 49 -17.76 31.28 -8.38
N ILE D 50 -18.83 30.62 -8.82
CA ILE D 50 -19.88 31.27 -9.59
C ILE D 50 -21.24 30.81 -9.08
N ALA D 51 -21.37 30.70 -7.76
CA ALA D 51 -22.62 30.30 -7.10
C ALA D 51 -23.09 28.93 -7.61
N LYS D 52 -22.14 27.99 -7.74
CA LYS D 52 -22.48 26.65 -8.17
C LYS D 52 -23.00 25.77 -7.05
N SER D 53 -22.76 26.16 -5.79
CA SER D 53 -23.24 25.39 -4.64
C SER D 53 -24.49 25.98 -4.01
N LEU D 54 -24.77 27.27 -4.24
CA LEU D 54 -25.99 27.87 -3.68
C LEU D 54 -27.24 27.39 -4.41
N ILE D 55 -27.12 27.04 -5.69
CA ILE D 55 -28.27 26.55 -6.43
C ILE D 55 -28.68 25.17 -5.95
N ALA D 56 -27.74 24.40 -5.41
CA ALA D 56 -28.07 23.09 -4.86
C ALA D 56 -28.76 23.21 -3.51
N ARG D 57 -28.60 24.35 -2.83
CA ARG D 57 -29.24 24.56 -1.54
C ARG D 57 -30.49 25.41 -1.64
N ARG D 58 -30.77 26.00 -2.80
CA ARG D 58 -31.95 26.83 -2.97
C ARG D 58 -33.16 26.06 -3.50
N LEU D 59 -32.93 24.98 -4.25
CA LEU D 59 -34.03 24.19 -4.79
C LEU D 59 -34.71 23.36 -3.71
N LYS D 60 -34.07 23.16 -2.56
CA LYS D 60 -34.67 22.40 -1.48
C LYS D 60 -35.77 23.16 -0.77
N PHE D 61 -35.85 24.48 -0.96
CA PHE D 61 -36.90 25.28 -0.33
C PHE D 61 -38.23 25.22 -1.08
N ALA D 62 -38.22 24.76 -2.33
CA ALA D 62 -39.47 24.67 -3.08
C ALA D 62 -40.35 23.54 -2.58
N PHE D 63 -39.76 22.52 -1.97
CA PHE D 63 -40.50 21.38 -1.42
C PHE D 63 -40.72 21.57 0.07
N GLN D 64 -41.77 20.91 0.57
CA GLN D 64 -42.09 20.99 1.99
C GLN D 64 -41.13 20.16 2.83
N ASN D 65 -40.76 18.98 2.34
CA ASN D 65 -39.85 18.07 3.03
C ASN D 65 -38.72 17.71 2.07
N ALA D 66 -37.63 18.49 2.13
CA ALA D 66 -36.48 18.25 1.27
C ALA D 66 -35.21 18.45 2.09
N ARG D 67 -34.26 17.53 1.93
CA ARG D 67 -32.99 17.56 2.65
C ARG D 67 -31.86 17.73 1.66
N ALA D 68 -30.98 18.69 1.92
CA ALA D 68 -29.83 18.96 1.07
C ALA D 68 -28.64 18.12 1.50
N PHE D 69 -27.66 18.03 0.60
CA PHE D 69 -26.44 17.25 0.86
C PHE D 69 -25.32 17.81 0.00
N GLU D 70 -24.34 18.44 0.62
CA GLU D 70 -23.19 19.02 -0.07
C GLU D 70 -21.97 18.16 0.23
N TYR D 71 -21.29 17.73 -0.84
CA TYR D 71 -20.11 16.89 -0.70
C TYR D 71 -19.15 17.16 -1.85
N LEU D 72 -17.87 17.07 -1.56
CA LEU D 72 -16.81 17.27 -2.54
C LEU D 72 -16.10 15.95 -2.80
N MET D 73 -16.24 15.42 -4.01
CA MET D 73 -15.60 14.16 -4.35
C MET D 73 -14.10 14.34 -4.51
N THR D 74 -13.32 13.56 -3.79
CA THR D 74 -11.87 13.61 -3.83
C THR D 74 -11.32 12.36 -4.51
N ARG D 75 -10.00 12.36 -4.72
CA ARG D 75 -9.34 11.22 -5.34
C ARG D 75 -9.26 10.02 -4.40
N PHE D 76 -9.32 10.23 -3.09
CA PHE D 76 -9.27 9.17 -2.10
C PHE D 76 -10.57 9.05 -1.32
N SER D 77 -11.68 9.41 -1.96
CA SER D 77 -12.99 9.35 -1.30
C SER D 77 -13.46 7.90 -1.19
N THR D 78 -14.13 7.59 -0.08
CA THR D 78 -14.67 6.26 0.17
C THR D 78 -16.19 6.30 0.19
N PRO D 79 -16.84 5.21 -0.21
CA PRO D 79 -18.32 5.19 -0.19
C PRO D 79 -18.90 5.26 1.22
N GLU D 80 -18.09 5.05 2.26
CA GLU D 80 -18.61 5.12 3.62
C GLU D 80 -18.79 6.55 4.10
N GLU D 81 -18.29 7.53 3.35
CA GLU D 81 -18.44 8.94 3.74
C GLU D 81 -19.44 9.70 2.87
N VAL D 82 -19.96 9.07 1.81
CA VAL D 82 -20.92 9.71 0.93
C VAL D 82 -22.32 9.19 1.26
N PHE D 83 -22.50 7.87 1.19
CA PHE D 83 -23.78 7.25 1.48
C PHE D 83 -23.97 6.97 2.96
N GLY D 84 -22.90 6.90 3.73
CA GLY D 84 -22.99 6.64 5.15
C GLY D 84 -22.21 5.39 5.55
N PRO D 85 -21.58 5.44 6.72
CA PRO D 85 -20.80 4.29 7.19
C PRO D 85 -21.70 3.20 7.76
N LEU D 86 -21.24 1.96 7.62
CA LEU D 86 -21.97 0.81 8.11
C LEU D 86 -21.62 0.53 9.57
N SER D 87 -22.40 -0.37 10.18
CA SER D 87 -22.19 -0.73 11.58
C SER D 87 -21.50 -2.08 11.70
N GLU D 98 -28.27 -1.83 8.45
CA GLU D 98 -26.93 -2.11 8.95
C GLU D 98 -25.96 -0.99 8.58
N ARG D 99 -26.45 -0.04 7.78
CA ARG D 99 -25.65 1.10 7.33
C ARG D 99 -26.27 2.38 7.88
N LEU D 100 -25.49 3.13 8.66
CA LEU D 100 -25.95 4.39 9.25
C LEU D 100 -25.99 5.45 8.15
N THR D 101 -27.12 5.48 7.44
CA THR D 101 -27.34 6.41 6.34
C THR D 101 -28.24 7.57 6.73
N SER D 102 -28.25 7.94 8.00
CA SER D 102 -29.10 9.03 8.48
C SER D 102 -28.60 10.36 7.94
N GLY D 103 -29.34 10.92 6.98
CA GLY D 103 -28.96 12.19 6.39
C GLY D 103 -27.71 12.11 5.53
N TYR D 104 -27.83 11.46 4.37
CA TYR D 104 -26.69 11.32 3.47
C TYR D 104 -27.13 11.39 2.01
N LEU D 105 -27.43 10.23 1.42
CA LEU D 105 -27.81 10.17 0.01
C LEU D 105 -29.06 9.32 -0.21
N PRO D 106 -29.18 8.13 0.37
CA PRO D 106 -30.41 7.35 0.16
C PRO D 106 -31.67 8.02 0.67
N GLU D 107 -31.57 8.92 1.64
CA GLU D 107 -32.72 9.65 2.18
C GLU D 107 -32.48 11.16 2.04
N ALA D 108 -32.29 11.60 0.80
CA ALA D 108 -32.05 13.00 0.49
C ALA D 108 -32.77 13.36 -0.80
N GLU D 109 -33.48 14.49 -0.80
CA GLU D 109 -34.21 14.90 -1.99
C GLU D 109 -33.29 15.54 -3.01
N ILE D 110 -32.35 16.36 -2.58
CA ILE D 110 -31.41 17.04 -3.46
C ILE D 110 -30.00 16.78 -2.94
N VAL D 111 -29.15 16.21 -3.80
CA VAL D 111 -27.77 15.91 -3.45
C VAL D 111 -26.86 16.71 -4.36
N PHE D 112 -25.71 17.13 -3.81
CA PHE D 112 -24.73 17.92 -4.55
C PHE D 112 -23.37 17.24 -4.46
N LEU D 113 -22.77 16.95 -5.60
CA LEU D 113 -21.46 16.31 -5.69
C LEU D 113 -20.53 17.21 -6.49
N ASP D 114 -19.58 17.83 -5.81
CA ASP D 114 -18.63 18.73 -6.45
C ASP D 114 -17.43 17.96 -6.97
N GLU D 115 -17.01 18.29 -8.20
CA GLU D 115 -15.86 17.66 -8.85
C GLU D 115 -16.05 16.15 -8.94
N ILE D 116 -16.94 15.75 -9.85
CA ILE D 116 -17.27 14.34 -10.04
C ILE D 116 -16.30 13.62 -10.95
N TRP D 117 -15.43 14.36 -11.66
CA TRP D 117 -14.47 13.75 -12.58
C TRP D 117 -13.17 13.34 -11.87
N LYS D 118 -13.23 12.92 -10.61
CA LYS D 118 -12.05 12.50 -9.89
C LYS D 118 -12.38 11.54 -8.75
N ALA D 119 -13.47 10.79 -8.88
CA ALA D 119 -13.89 9.84 -7.85
C ALA D 119 -13.27 8.47 -8.11
N GLY D 120 -13.52 7.55 -7.19
CA GLY D 120 -13.01 6.20 -7.30
C GLY D 120 -13.93 5.30 -8.06
N PRO D 121 -13.47 4.07 -8.32
CA PRO D 121 -14.31 3.12 -9.06
C PRO D 121 -15.47 2.58 -8.25
N ALA D 122 -15.37 2.59 -6.91
CA ALA D 122 -16.45 2.08 -6.09
C ALA D 122 -17.62 3.06 -6.04
N ILE D 123 -17.33 4.36 -6.04
CA ILE D 123 -18.40 5.36 -5.99
C ILE D 123 -19.10 5.49 -7.34
N LEU D 124 -18.38 5.23 -8.43
CA LEU D 124 -18.99 5.36 -9.76
C LEU D 124 -19.96 4.22 -10.04
N ASN D 125 -19.66 3.01 -9.58
CA ASN D 125 -20.55 1.88 -9.81
C ASN D 125 -21.82 2.00 -8.98
N THR D 126 -21.75 2.65 -7.82
CA THR D 126 -22.93 2.81 -6.98
C THR D 126 -23.79 4.00 -7.38
N LEU D 127 -23.20 5.00 -8.04
CA LEU D 127 -23.96 6.17 -8.46
C LEU D 127 -24.83 5.91 -9.68
N LEU D 128 -24.53 4.88 -10.46
CA LEU D 128 -25.33 4.59 -11.64
C LEU D 128 -26.63 3.87 -11.29
N THR D 129 -26.65 3.13 -10.18
CA THR D 129 -27.86 2.42 -9.78
C THR D 129 -28.87 3.32 -9.09
N ALA D 130 -28.44 4.47 -8.58
CA ALA D 130 -29.34 5.39 -7.90
C ALA D 130 -30.07 6.32 -8.86
N ILE D 131 -29.76 6.27 -10.16
CA ILE D 131 -30.40 7.11 -11.15
C ILE D 131 -31.39 6.31 -11.99
N ASN D 132 -30.98 5.15 -12.48
CA ASN D 132 -31.87 4.32 -13.29
C ASN D 132 -32.87 3.56 -12.43
N GLU D 133 -32.39 2.81 -11.45
CA GLU D 133 -33.27 2.05 -10.56
C GLU D 133 -33.72 2.82 -9.34
N ARG D 134 -33.04 3.93 -9.01
CA ARG D 134 -33.37 4.76 -7.85
C ARG D 134 -33.37 3.94 -6.56
N GLN D 135 -32.37 3.07 -6.42
CA GLN D 135 -32.24 2.21 -5.25
C GLN D 135 -30.80 2.25 -4.76
N PHE D 136 -30.54 1.57 -3.65
CA PHE D 136 -29.21 1.51 -3.06
C PHE D 136 -29.03 0.18 -2.36
N ARG D 137 -27.86 -0.42 -2.52
CA ARG D 137 -27.53 -1.70 -1.90
C ARG D 137 -27.21 -1.46 -0.44
N ASN D 138 -28.24 -1.54 0.41
CA ASN D 138 -28.07 -1.34 1.85
C ASN D 138 -27.78 -2.66 2.56
N GLY D 139 -26.62 -3.22 2.24
CA GLY D 139 -26.21 -4.48 2.83
C GLY D 139 -26.93 -5.67 2.25
N ALA D 140 -28.14 -5.94 2.75
CA ALA D 140 -28.92 -7.08 2.28
C ALA D 140 -30.03 -6.60 1.35
N HIS D 141 -31.13 -6.11 1.91
CA HIS D 141 -32.25 -5.63 1.12
C HIS D 141 -31.95 -4.24 0.56
N VAL D 142 -32.69 -3.88 -0.48
CA VAL D 142 -32.55 -2.60 -1.14
C VAL D 142 -33.74 -1.73 -0.80
N GLU D 143 -33.53 -0.41 -0.83
CA GLU D 143 -34.58 0.56 -0.52
C GLU D 143 -34.58 1.65 -1.57
N LYS D 144 -35.76 2.24 -1.78
CA LYS D 144 -35.90 3.30 -2.76
C LYS D 144 -35.28 4.60 -2.25
N ILE D 145 -34.91 5.47 -3.17
CA ILE D 145 -34.29 6.75 -2.88
C ILE D 145 -35.19 7.85 -3.45
N PRO D 146 -35.71 8.77 -2.63
CA PRO D 146 -36.56 9.86 -3.12
C PRO D 146 -35.77 11.04 -3.67
N MET D 147 -34.77 10.74 -4.49
CA MET D 147 -33.92 11.78 -5.10
C MET D 147 -34.73 12.49 -6.18
N ARG D 148 -35.05 13.76 -5.95
CA ARG D 148 -35.84 14.54 -6.89
C ARG D 148 -34.99 15.38 -7.83
N LEU D 149 -33.77 15.73 -7.43
CA LEU D 149 -32.90 16.54 -8.27
C LEU D 149 -31.45 16.18 -7.99
N LEU D 150 -30.69 15.89 -9.03
CA LEU D 150 -29.27 15.55 -8.94
C LEU D 150 -28.47 16.58 -9.71
N VAL D 151 -27.64 17.34 -9.00
CA VAL D 151 -26.82 18.38 -9.58
C VAL D 151 -25.35 18.02 -9.38
N ALA D 152 -24.57 18.12 -10.45
CA ALA D 152 -23.15 17.83 -10.41
C ALA D 152 -22.38 18.96 -11.07
N ALA D 153 -21.47 19.57 -10.31
CA ALA D 153 -20.67 20.69 -10.78
C ALA D 153 -19.19 20.37 -10.63
N SER D 154 -18.40 20.84 -11.60
CA SER D 154 -16.96 20.61 -11.57
C SER D 154 -16.27 21.77 -12.29
N ASN D 155 -15.05 21.53 -12.77
CA ASN D 155 -14.29 22.58 -13.44
C ASN D 155 -13.73 22.17 -14.81
N GLU D 156 -13.20 20.96 -14.96
CA GLU D 156 -12.62 20.51 -16.22
C GLU D 156 -13.55 19.50 -16.88
N LEU D 157 -13.03 18.86 -17.93
CA LEU D 157 -13.77 17.85 -18.69
C LEU D 157 -13.10 16.48 -18.55
N PRO D 158 -13.90 15.42 -18.49
CA PRO D 158 -13.32 14.08 -18.36
C PRO D 158 -12.67 13.63 -19.66
N GLU D 159 -11.99 12.48 -19.59
CA GLU D 159 -11.30 11.95 -20.74
C GLU D 159 -12.29 11.33 -21.72
N ALA D 160 -11.85 11.20 -22.97
CA ALA D 160 -12.68 10.61 -24.02
C ALA D 160 -12.76 9.09 -23.94
N ASP D 161 -11.85 8.46 -23.20
CA ASP D 161 -11.83 7.00 -23.05
C ASP D 161 -11.46 6.69 -21.59
N SER D 162 -12.45 6.80 -20.71
CA SER D 162 -12.26 6.55 -19.29
C SER D 162 -13.55 5.99 -18.71
N SER D 163 -13.53 5.70 -17.41
CA SER D 163 -14.69 5.17 -16.72
C SER D 163 -15.69 6.24 -16.32
N LEU D 164 -15.34 7.52 -16.46
CA LEU D 164 -16.23 8.61 -16.08
C LEU D 164 -17.21 8.98 -17.20
N GLU D 165 -17.12 8.34 -18.36
CA GLU D 165 -18.03 8.65 -19.46
C GLU D 165 -19.41 8.02 -19.27
N ALA D 166 -19.55 7.06 -18.35
CA ALA D 166 -20.85 6.44 -18.12
C ALA D 166 -21.78 7.38 -17.37
N LEU D 167 -21.24 8.16 -16.43
CA LEU D 167 -22.07 9.09 -15.67
C LEU D 167 -22.40 10.34 -16.48
N TYR D 168 -21.52 10.76 -17.39
CA TYR D 168 -21.78 11.94 -18.20
C TYR D 168 -22.85 11.67 -19.25
N ASP D 169 -22.93 10.44 -19.76
CA ASP D 169 -23.93 10.12 -20.78
C ASP D 169 -25.34 10.03 -20.19
N ARG D 170 -25.46 9.86 -18.88
CA ARG D 170 -26.78 9.78 -18.25
C ARG D 170 -27.30 11.12 -17.78
N MET D 171 -26.43 12.12 -17.61
CA MET D 171 -26.86 13.45 -17.21
C MET D 171 -27.49 14.16 -18.40
N LEU D 172 -28.77 14.52 -18.27
CA LEU D 172 -29.51 15.15 -19.35
C LEU D 172 -29.05 16.58 -19.59
N ILE D 173 -29.39 17.48 -18.66
CA ILE D 173 -29.06 18.90 -18.81
C ILE D 173 -27.60 19.12 -18.47
N ARG D 174 -26.88 19.82 -19.35
CA ARG D 174 -25.48 20.16 -19.14
C ARG D 174 -25.33 21.66 -19.35
N LEU D 175 -25.15 22.40 -18.26
CA LEU D 175 -25.02 23.85 -18.31
C LEU D 175 -23.55 24.25 -18.17
N TRP D 176 -23.19 25.34 -18.83
CA TRP D 176 -21.82 25.88 -18.80
C TRP D 176 -21.90 27.28 -18.17
N LEU D 177 -21.81 27.33 -16.85
CA LEU D 177 -21.88 28.59 -16.12
C LEU D 177 -20.53 29.30 -16.15
N ASP D 178 -20.58 30.63 -16.02
CA ASP D 178 -19.38 31.45 -16.03
C ASP D 178 -19.61 32.64 -15.10
N LYS D 179 -18.66 33.57 -15.10
CA LYS D 179 -18.75 34.75 -14.26
C LYS D 179 -19.66 35.80 -14.90
N VAL D 180 -19.93 36.87 -14.15
CA VAL D 180 -20.79 37.94 -14.62
C VAL D 180 -20.01 38.81 -15.60
N GLN D 181 -20.74 39.41 -16.54
CA GLN D 181 -20.15 40.28 -17.55
C GLN D 181 -20.73 41.68 -17.58
N ASP D 182 -21.99 41.85 -17.19
CA ASP D 182 -22.61 43.17 -17.21
C ASP D 182 -22.13 44.01 -16.03
N LYS D 183 -21.94 45.31 -16.28
CA LYS D 183 -21.48 46.20 -15.22
C LYS D 183 -22.60 46.59 -14.27
N ALA D 184 -23.83 46.72 -14.80
CA ALA D 184 -24.95 47.09 -13.95
C ALA D 184 -25.36 45.94 -13.04
N ASN D 185 -25.23 44.70 -13.53
CA ASN D 185 -25.58 43.54 -12.72
C ASN D 185 -24.49 43.18 -11.72
N PHE D 186 -23.29 43.76 -11.85
CA PHE D 186 -22.21 43.45 -10.92
C PHE D 186 -22.26 44.32 -9.68
N ARG D 187 -22.81 45.54 -9.78
CA ARG D 187 -22.88 46.41 -8.63
C ARG D 187 -23.90 45.92 -7.61
N SER D 188 -25.07 45.47 -8.08
CA SER D 188 -26.08 44.94 -7.17
C SER D 188 -25.66 43.59 -6.59
N MET D 189 -24.88 42.81 -7.33
CA MET D 189 -24.42 41.52 -6.83
C MET D 189 -23.30 41.69 -5.81
N LEU D 190 -22.40 42.66 -6.03
CA LEU D 190 -21.30 42.87 -5.11
C LEU D 190 -21.78 43.40 -3.76
N THR D 191 -22.92 44.09 -3.74
CA THR D 191 -23.47 44.62 -2.50
C THR D 191 -24.88 44.10 -2.25
N SER D 192 -25.00 42.80 -1.99
CA SER D 192 -26.29 42.17 -1.75
C SER D 192 -26.44 41.86 -0.27
N GLN D 193 -27.55 42.29 0.33
CA GLN D 193 -27.82 42.05 1.73
C GLN D 193 -28.72 40.86 1.98
N GLN D 194 -29.10 40.14 0.92
CA GLN D 194 -29.97 38.97 1.06
C GLN D 194 -29.16 37.79 1.58
N ASP D 195 -29.65 37.15 2.65
CA ASP D 195 -28.96 36.01 3.22
C ASP D 195 -29.11 34.80 2.31
N GLU D 196 -27.99 34.12 2.03
CA GLU D 196 -27.99 32.96 1.17
C GLU D 196 -28.45 31.69 1.88
N ASN D 197 -28.51 31.70 3.21
CA ASN D 197 -28.93 30.54 3.98
C ASN D 197 -30.32 30.71 4.59
N ASP D 198 -31.07 31.70 4.15
CA ASP D 198 -32.41 31.96 4.65
C ASP D 198 -33.45 31.28 3.76
N ASN D 199 -34.73 31.56 4.01
CA ASN D 199 -35.83 30.99 3.25
C ASN D 199 -36.58 32.12 2.55
N PRO D 200 -36.22 32.45 1.31
CA PRO D 200 -36.91 33.54 0.59
C PRO D 200 -38.11 33.10 -0.24
N VAL D 201 -38.66 31.92 0.01
CA VAL D 201 -39.81 31.40 -0.72
C VAL D 201 -40.99 31.35 0.24
N PRO D 202 -42.13 31.95 -0.10
CA PRO D 202 -43.29 31.90 0.79
C PRO D 202 -43.86 30.48 0.89
N ASP D 203 -44.66 30.28 1.93
CA ASP D 203 -45.27 28.98 2.16
C ASP D 203 -46.36 28.65 1.15
N ALA D 204 -46.97 29.68 0.54
CA ALA D 204 -48.03 29.44 -0.44
C ALA D 204 -47.50 28.92 -1.76
N LEU D 205 -46.24 29.19 -2.09
CA LEU D 205 -45.65 28.74 -3.35
C LEU D 205 -44.90 27.43 -3.21
N GLN D 206 -44.74 26.91 -1.99
CA GLN D 206 -44.03 25.65 -1.78
C GLN D 206 -44.93 24.48 -2.12
N VAL D 207 -44.42 23.56 -2.94
CA VAL D 207 -45.19 22.38 -3.33
C VAL D 207 -45.12 21.33 -2.23
N THR D 208 -46.10 20.43 -2.23
CA THR D 208 -46.18 19.36 -1.25
C THR D 208 -45.73 18.04 -1.87
N ASP D 209 -45.74 16.99 -1.06
CA ASP D 209 -45.35 15.67 -1.54
C ASP D 209 -46.41 15.05 -2.42
N GLU D 210 -47.67 15.43 -2.23
CA GLU D 210 -48.75 14.88 -3.06
C GLU D 210 -48.76 15.49 -4.45
N GLU D 211 -48.38 16.77 -4.57
CA GLU D 211 -48.35 17.41 -5.88
C GLU D 211 -47.17 16.94 -6.72
N TYR D 212 -46.09 16.49 -6.08
CA TYR D 212 -44.93 16.01 -6.83
C TYR D 212 -45.21 14.64 -7.45
N GLU D 213 -45.89 13.77 -6.71
CA GLU D 213 -46.20 12.43 -7.24
C GLU D 213 -47.29 12.49 -8.30
N ARG D 214 -48.17 13.48 -8.22
CA ARG D 214 -49.24 13.61 -9.22
C ARG D 214 -48.74 14.18 -10.53
N TRP D 215 -47.74 15.07 -10.48
CA TRP D 215 -47.21 15.66 -11.70
C TRP D 215 -46.36 14.68 -12.50
N GLN D 216 -45.83 13.64 -11.85
CA GLN D 216 -45.01 12.67 -12.57
C GLN D 216 -45.85 11.81 -13.52
N LYS D 217 -47.14 11.67 -13.25
CA LYS D 217 -48.00 10.89 -14.13
C LYS D 217 -48.55 11.72 -15.27
N GLU D 218 -48.77 13.02 -15.03
CA GLU D 218 -49.29 13.91 -16.07
C GLU D 218 -48.22 14.35 -17.06
N ILE D 219 -46.95 14.09 -16.77
CA ILE D 219 -45.88 14.49 -17.70
C ILE D 219 -45.88 13.57 -18.92
N GLY D 220 -45.98 12.27 -18.71
CA GLY D 220 -45.99 11.32 -19.80
C GLY D 220 -47.26 11.31 -20.61
N GLU D 221 -48.32 11.95 -20.14
CA GLU D 221 -49.59 12.00 -20.84
C GLU D 221 -49.66 13.15 -21.85
N ILE D 222 -48.57 13.89 -22.05
CA ILE D 222 -48.58 14.99 -23.00
C ILE D 222 -48.53 14.43 -24.42
N THR D 223 -49.46 14.89 -25.25
CA THR D 223 -49.51 14.41 -26.63
C THR D 223 -48.33 14.94 -27.44
N LEU D 224 -47.87 14.12 -28.38
CA LEU D 224 -46.75 14.47 -29.23
C LEU D 224 -47.27 14.82 -30.62
N PRO D 225 -47.31 16.09 -31.01
CA PRO D 225 -47.83 16.45 -32.33
C PRO D 225 -46.92 15.97 -33.45
N ASP D 226 -47.51 15.82 -34.63
CA ASP D 226 -46.74 15.36 -35.78
C ASP D 226 -45.76 16.41 -36.28
N HIS D 227 -46.04 17.69 -36.03
CA HIS D 227 -45.13 18.74 -36.47
C HIS D 227 -43.86 18.76 -35.64
N VAL D 228 -43.93 18.36 -34.37
CA VAL D 228 -42.75 18.34 -33.53
C VAL D 228 -41.87 17.13 -33.85
N PHE D 229 -42.48 16.02 -34.26
CA PHE D 229 -41.70 14.83 -34.58
C PHE D 229 -40.88 15.02 -35.84
N GLU D 230 -41.35 15.86 -36.76
CA GLU D 230 -40.60 16.10 -38.00
C GLU D 230 -39.35 16.93 -37.72
N LEU D 231 -39.37 17.76 -36.68
CA LEU D 231 -38.20 18.57 -36.34
C LEU D 231 -37.18 17.80 -35.52
N ILE D 232 -37.64 16.85 -34.69
CA ILE D 232 -36.70 16.07 -33.89
C ILE D 232 -35.98 15.04 -34.76
N PHE D 233 -36.71 14.41 -35.68
CA PHE D 233 -36.09 13.43 -36.56
C PHE D 233 -35.13 14.08 -37.55
N MET D 234 -35.40 15.34 -37.92
CA MET D 234 -34.51 16.04 -38.85
C MET D 234 -33.20 16.42 -38.16
N LEU D 235 -33.26 16.82 -36.90
CA LEU D 235 -32.05 17.18 -36.17
C LEU D 235 -31.21 15.96 -35.85
N ARG D 236 -31.84 14.80 -35.64
CA ARG D 236 -31.08 13.58 -35.37
C ARG D 236 -30.36 13.09 -36.61
N GLN D 237 -31.01 13.18 -37.78
CA GLN D 237 -30.37 12.75 -39.02
C GLN D 237 -29.29 13.73 -39.46
N GLN D 238 -29.39 15.00 -39.04
CA GLN D 238 -28.37 15.97 -39.42
C GLN D 238 -27.06 15.75 -38.66
N LEU D 239 -27.14 15.28 -37.41
CA LEU D 239 -25.94 15.03 -36.62
C LEU D 239 -25.25 13.74 -37.01
N ASP D 240 -25.97 12.79 -37.63
CA ASP D 240 -25.36 11.54 -38.04
C ASP D 240 -24.52 11.67 -39.30
N LYS D 241 -24.67 12.77 -40.03
CA LYS D 241 -23.90 12.98 -41.25
C LYS D 241 -22.66 13.85 -41.02
N LEU D 242 -22.66 14.67 -39.99
CA LEU D 242 -21.51 15.53 -39.70
C LEU D 242 -20.48 14.76 -38.88
N PRO D 243 -19.23 14.68 -39.33
CA PRO D 243 -18.22 13.96 -38.54
C PRO D 243 -17.87 14.64 -37.23
N ASP D 244 -17.97 15.98 -37.17
CA ASP D 244 -17.66 16.71 -35.95
C ASP D 244 -18.84 16.81 -34.99
N ALA D 245 -19.97 16.18 -35.31
CA ALA D 245 -21.13 16.24 -34.44
C ALA D 245 -21.03 15.18 -33.34
N PRO D 246 -21.48 15.48 -32.13
CA PRO D 246 -21.40 14.49 -31.05
C PRO D 246 -22.38 13.35 -31.26
N TYR D 247 -21.96 12.17 -30.83
CA TYR D 247 -22.78 10.96 -30.97
C TYR D 247 -23.89 10.99 -29.93
N VAL D 248 -25.13 10.90 -30.40
CA VAL D 248 -26.31 10.89 -29.52
C VAL D 248 -26.93 9.50 -29.62
N SER D 249 -26.91 8.76 -28.50
CA SER D 249 -27.46 7.42 -28.47
C SER D 249 -28.98 7.47 -28.30
N ASP D 250 -29.60 6.30 -28.20
CA ASP D 250 -31.05 6.22 -28.02
C ASP D 250 -31.48 6.59 -26.62
N ARG D 251 -30.60 6.45 -25.62
CA ARG D 251 -30.97 6.81 -24.26
C ARG D 251 -31.07 8.32 -24.08
N ARG D 252 -30.25 9.09 -24.80
CA ARG D 252 -30.31 10.54 -24.70
C ARG D 252 -31.56 11.09 -25.39
N TRP D 253 -31.97 10.48 -26.50
CA TRP D 253 -33.16 10.95 -27.20
C TRP D 253 -34.44 10.59 -26.45
N LYS D 254 -34.44 9.47 -25.72
CA LYS D 254 -35.62 9.08 -24.96
C LYS D 254 -35.82 9.97 -23.74
N LYS D 255 -34.72 10.38 -23.10
CA LYS D 255 -34.83 11.24 -21.93
C LYS D 255 -35.12 12.69 -22.31
N ALA D 256 -34.86 13.08 -23.56
CA ALA D 256 -35.15 14.44 -23.99
C ALA D 256 -36.63 14.68 -24.18
N ILE D 257 -37.42 13.62 -24.37
CA ILE D 257 -38.86 13.79 -24.54
C ILE D 257 -39.52 14.13 -23.21
N ARG D 258 -39.00 13.59 -22.11
CA ARG D 258 -39.57 13.90 -20.80
C ARG D 258 -39.33 15.34 -20.41
N LEU D 259 -38.18 15.90 -20.80
CA LEU D 259 -37.89 17.30 -20.49
C LEU D 259 -38.70 18.24 -21.38
N LEU D 260 -38.97 17.84 -22.62
CA LEU D 260 -39.75 18.67 -23.53
C LEU D 260 -41.24 18.63 -23.18
N GLN D 261 -41.75 17.49 -22.73
CA GLN D 261 -43.16 17.40 -22.36
C GLN D 261 -43.43 18.14 -21.06
N ALA D 262 -42.47 18.13 -20.13
CA ALA D 262 -42.66 18.84 -18.86
C ALA D 262 -42.48 20.34 -19.01
N SER D 263 -41.83 20.79 -20.10
CA SER D 263 -41.64 22.22 -20.30
C SER D 263 -42.96 22.91 -20.67
N ALA D 264 -43.83 22.20 -21.39
CA ALA D 264 -45.13 22.74 -21.78
C ALA D 264 -46.21 22.48 -20.74
N PHE D 265 -46.01 21.52 -19.84
CA PHE D 265 -47.01 21.23 -18.82
C PHE D 265 -47.06 22.33 -17.76
N PHE D 266 -45.90 22.86 -17.39
CA PHE D 266 -45.82 23.93 -16.40
C PHE D 266 -45.98 25.32 -16.99
N SER D 267 -46.26 25.41 -18.29
CA SER D 267 -46.43 26.69 -18.96
C SER D 267 -47.87 26.92 -19.43
N GLY D 268 -48.79 26.03 -19.08
CA GLY D 268 -50.17 26.18 -19.48
C GLY D 268 -50.50 25.60 -20.83
N ARG D 269 -49.85 24.51 -21.23
CA ARG D 269 -50.09 23.88 -22.52
C ARG D 269 -50.34 22.39 -22.31
N SER D 270 -51.05 21.79 -23.26
CA SER D 270 -51.37 20.36 -23.21
C SER D 270 -50.56 19.53 -24.18
N ALA D 271 -50.00 20.13 -25.23
CA ALA D 271 -49.20 19.43 -26.21
C ALA D 271 -47.79 20.00 -26.26
N VAL D 272 -46.91 19.30 -26.97
CA VAL D 272 -45.53 19.73 -27.11
C VAL D 272 -45.47 20.89 -28.12
N ALA D 273 -44.90 22.01 -27.69
CA ALA D 273 -44.79 23.19 -28.54
C ALA D 273 -43.45 23.21 -29.26
N PRO D 274 -43.41 23.76 -30.48
CA PRO D 274 -42.13 23.84 -31.20
C PRO D 274 -41.10 24.72 -30.52
N VAL D 275 -41.51 25.62 -29.62
CA VAL D 275 -40.57 26.49 -28.93
C VAL D 275 -39.76 25.75 -27.87
N ASP D 276 -40.15 24.52 -27.53
CA ASP D 276 -39.44 23.75 -26.52
C ASP D 276 -38.15 23.12 -27.05
N LEU D 277 -37.85 23.28 -28.35
CA LEU D 277 -36.63 22.71 -28.91
C LEU D 277 -35.38 23.48 -28.54
N ILE D 278 -35.53 24.66 -27.92
CA ILE D 278 -34.35 25.43 -27.53
C ILE D 278 -33.65 24.79 -26.33
N LEU D 279 -34.38 23.98 -25.57
CA LEU D 279 -33.81 23.31 -24.41
C LEU D 279 -32.82 22.21 -24.78
N LEU D 280 -32.77 21.81 -26.06
CA LEU D 280 -31.85 20.77 -26.49
C LEU D 280 -30.42 21.27 -26.66
N LYS D 281 -30.20 22.59 -26.52
CA LYS D 281 -28.86 23.13 -26.67
C LYS D 281 -27.97 22.85 -25.47
N ASP D 282 -28.53 22.40 -24.35
CA ASP D 282 -27.78 22.08 -23.15
C ASP D 282 -27.83 20.59 -22.82
N CYS D 283 -28.11 19.74 -23.80
CA CYS D 283 -28.19 18.30 -23.59
C CYS D 283 -27.43 17.47 -24.61
N LEU D 284 -27.23 17.96 -25.83
CA LEU D 284 -26.52 17.21 -26.85
C LEU D 284 -25.02 17.43 -26.84
N TRP D 285 -24.57 18.59 -26.36
CA TRP D 285 -23.14 18.88 -26.32
C TRP D 285 -22.47 18.14 -25.16
N TYR D 286 -21.15 18.03 -25.25
CA TYR D 286 -20.37 17.35 -24.21
C TYR D 286 -19.02 17.99 -23.93
N ASP D 287 -18.51 18.87 -24.79
CA ASP D 287 -17.21 19.51 -24.57
C ASP D 287 -17.24 20.88 -25.24
N ALA D 288 -16.07 21.51 -25.34
CA ALA D 288 -15.97 22.82 -25.97
C ALA D 288 -16.11 22.75 -27.48
N GLN D 289 -15.80 21.61 -28.09
CA GLN D 289 -15.93 21.49 -29.54
C GLN D 289 -17.37 21.29 -29.97
N SER D 290 -18.15 20.56 -29.17
CA SER D 290 -19.55 20.31 -29.50
C SER D 290 -20.46 21.46 -29.11
N LEU D 291 -19.96 22.44 -28.35
CA LEU D 291 -20.81 23.57 -27.96
C LEU D 291 -21.08 24.49 -29.14
N ASN D 292 -20.08 24.73 -29.99
CA ASN D 292 -20.23 25.59 -31.14
C ASN D 292 -21.01 24.94 -32.28
N LEU D 293 -21.13 23.61 -32.28
CA LEU D 293 -21.85 22.90 -33.33
C LEU D 293 -23.30 22.61 -32.96
N ILE D 294 -23.58 22.34 -31.68
CA ILE D 294 -24.94 22.07 -31.26
C ILE D 294 -25.77 23.36 -31.27
N GLN D 295 -25.20 24.45 -30.75
CA GLN D 295 -25.91 25.73 -30.73
C GLN D 295 -26.09 26.31 -32.13
N GLN D 296 -25.28 25.90 -33.10
CA GLN D 296 -25.41 26.41 -34.45
C GLN D 296 -26.43 25.61 -35.26
N GLN D 297 -26.47 24.29 -35.07
CA GLN D 297 -27.42 23.47 -35.80
C GLN D 297 -28.84 23.68 -35.32
N ILE D 298 -29.03 23.95 -34.02
CA ILE D 298 -30.37 24.18 -33.49
C ILE D 298 -30.87 25.56 -33.89
N ASP D 299 -29.98 26.55 -33.91
CA ASP D 299 -30.38 27.90 -34.29
C ASP D 299 -30.84 27.97 -35.74
N VAL D 300 -30.30 27.11 -36.60
CA VAL D 300 -30.74 27.08 -37.99
C VAL D 300 -32.14 26.48 -38.09
N LEU D 301 -32.38 25.38 -37.37
CA LEU D 301 -33.70 24.76 -37.40
C LEU D 301 -34.74 25.60 -36.68
N MET D 302 -34.34 26.31 -35.62
CA MET D 302 -35.30 27.14 -34.90
C MET D 302 -35.66 28.39 -35.68
N THR D 303 -34.78 28.83 -36.59
CA THR D 303 -35.02 30.00 -37.42
C THR D 303 -35.16 29.62 -38.89
N GLY D 304 -35.60 28.40 -39.17
CA GLY D 304 -35.75 27.94 -40.53
C GLY D 304 -36.93 27.02 -40.74
N HIS D 305 -36.86 25.83 -40.13
CA HIS D 305 -37.91 24.83 -40.27
C HIS D 305 -38.88 24.80 -39.09
N ALA D 306 -38.66 25.63 -38.07
CA ALA D 306 -39.54 25.67 -36.92
C ALA D 306 -40.87 26.31 -37.28
N TRP D 307 -40.89 27.64 -37.39
CA TRP D 307 -42.08 28.39 -37.75
C TRP D 307 -42.21 28.62 -39.26
N GLN D 308 -41.77 27.65 -40.07
CA GLN D 308 -41.83 27.74 -41.53
C GLN D 308 -41.08 28.96 -42.04
N GLN D 309 -39.94 29.25 -41.42
CA GLN D 309 -39.13 30.40 -41.85
C GLN D 309 -38.43 30.10 -43.17
N GLN D 310 -37.72 28.97 -43.24
CA GLN D 310 -37.05 28.59 -44.48
C GLN D 310 -38.02 28.08 -45.53
N GLY D 311 -39.18 27.56 -45.09
CA GLY D 311 -40.17 27.10 -46.05
C GLY D 311 -40.82 28.22 -46.81
N MET D 312 -40.94 29.40 -46.20
CA MET D 312 -41.50 30.56 -46.87
C MET D 312 -40.47 31.34 -47.67
N LEU D 313 -39.18 31.17 -47.38
CA LEU D 313 -38.16 31.86 -48.15
C LEU D 313 -38.01 31.26 -49.53
N THR D 314 -38.03 29.92 -49.63
CA THR D 314 -37.95 29.27 -50.93
C THR D 314 -39.24 29.43 -51.74
N ARG D 315 -40.36 29.68 -51.07
CA ARG D 315 -41.61 29.91 -51.79
C ARG D 315 -41.72 31.34 -52.28
N LEU D 316 -41.09 32.29 -51.58
CA LEU D 316 -41.12 33.68 -52.03
C LEU D 316 -40.26 33.88 -53.27
N GLY D 317 -39.18 33.12 -53.42
CA GLY D 317 -38.34 33.24 -54.59
C GLY D 317 -39.03 32.81 -55.87
N ALA D 318 -39.99 31.89 -55.77
CA ALA D 318 -40.74 31.48 -56.95
C ALA D 318 -41.68 32.57 -57.42
N ILE D 319 -42.18 33.41 -56.51
CA ILE D 319 -43.05 34.51 -56.90
C ILE D 319 -42.23 35.63 -57.54
N VAL D 320 -41.03 35.87 -57.04
CA VAL D 320 -40.17 36.88 -57.63
C VAL D 320 -39.70 36.44 -59.02
N GLN D 321 -39.39 35.15 -59.18
CA GLN D 321 -39.00 34.64 -60.49
C GLN D 321 -40.18 34.66 -61.47
N ARG D 322 -41.40 34.45 -60.97
CA ARG D 322 -42.57 34.52 -61.84
C ARG D 322 -42.90 35.96 -62.21
N HIS D 323 -42.66 36.91 -61.29
CA HIS D 323 -42.90 38.31 -61.60
C HIS D 323 -41.90 38.84 -62.62
N LEU D 324 -40.65 38.38 -62.55
CA LEU D 324 -39.66 38.80 -63.52
C LEU D 324 -39.89 38.16 -64.88
N GLN D 325 -40.52 36.98 -64.91
CA GLN D 325 -40.81 36.33 -66.18
C GLN D 325 -41.93 37.05 -66.92
N LEU D 326 -42.95 37.52 -66.20
CA LEU D 326 -44.04 38.26 -66.82
C LEU D 326 -43.62 39.66 -67.25
N GLN D 327 -42.61 40.23 -66.61
CA GLN D 327 -42.15 41.56 -66.98
C GLN D 327 -41.37 41.53 -68.29
N GLN D 328 -40.53 40.52 -68.50
CA GLN D 328 -39.77 40.41 -69.73
C GLN D 328 -40.63 39.94 -70.91
N GLN D 329 -41.80 39.37 -70.64
CA GLN D 329 -42.68 38.94 -71.71
C GLN D 329 -43.49 40.09 -72.29
N GLN D 330 -43.86 41.06 -71.46
CA GLN D 330 -44.62 42.23 -71.90
C GLN D 330 -43.72 43.45 -72.07
N SER D 331 -42.45 43.25 -72.41
CA SER D 331 -41.52 44.35 -72.59
C SER D 331 -41.65 45.03 -73.94
N ASP D 332 -42.54 44.56 -74.81
CA ASP D 332 -42.73 45.17 -76.12
C ASP D 332 -43.55 46.45 -76.06
N LYS D 333 -44.15 46.77 -74.92
CA LYS D 333 -44.95 48.00 -74.80
C LYS D 333 -44.07 49.21 -74.48
N THR D 334 -43.10 49.04 -73.60
CA THR D 334 -42.19 50.11 -73.19
C THR D 334 -40.82 49.84 -73.77
N ALA D 335 -40.32 50.78 -74.57
CA ALA D 335 -39.00 50.64 -75.19
C ALA D 335 -37.93 51.34 -74.35
N LEU D 336 -36.87 51.82 -74.99
CA LEU D 336 -35.79 52.50 -74.30
C LEU D 336 -35.19 53.52 -75.28
N THR D 337 -35.66 54.76 -75.19
CA THR D 337 -35.20 55.84 -76.06
C THR D 337 -34.07 56.60 -75.37
N VAL D 338 -33.00 56.87 -76.11
CA VAL D 338 -31.84 57.59 -75.60
C VAL D 338 -31.80 58.95 -76.29
N ILE D 339 -31.87 60.01 -75.50
CA ILE D 339 -31.84 61.36 -76.02
C ILE D 339 -30.41 61.76 -76.35
N ARG D 340 -30.26 62.70 -77.28
CA ARG D 340 -28.97 63.18 -77.72
C ARG D 340 -28.69 64.56 -77.13
N LEU D 341 -27.42 64.97 -77.23
CA LEU D 341 -26.97 66.27 -76.74
C LEU D 341 -26.07 66.92 -77.77
N GLY D 342 -26.06 68.25 -77.75
CA GLY D 342 -25.24 69.00 -78.69
C GLY D 342 -23.81 69.16 -78.24
N GLY D 343 -23.34 70.40 -78.11
CA GLY D 343 -21.99 70.66 -77.67
C GLY D 343 -20.95 70.40 -78.75
N ILE D 344 -19.70 70.63 -78.38
CA ILE D 344 -18.56 70.45 -79.27
C ILE D 344 -17.72 69.31 -78.73
N PHE D 345 -17.78 68.16 -79.40
CA PHE D 345 -17.03 66.98 -78.98
C PHE D 345 -16.68 66.16 -80.21
N SER D 346 -15.56 65.44 -80.13
CA SER D 346 -15.11 64.61 -81.24
C SER D 346 -15.88 63.31 -81.35
N ARG D 347 -16.48 62.84 -80.25
CA ARG D 347 -17.24 61.59 -80.25
C ARG D 347 -18.72 61.89 -80.03
N ARG D 348 -19.57 60.98 -80.50
CA ARG D 348 -21.01 61.13 -80.37
C ARG D 348 -21.45 60.84 -78.94
N GLN D 349 -21.55 61.88 -78.11
CA GLN D 349 -21.95 61.71 -76.72
C GLN D 349 -23.46 61.55 -76.62
N GLN D 350 -23.89 60.64 -75.76
CA GLN D 350 -25.30 60.36 -75.52
C GLN D 350 -25.65 60.63 -74.07
N TYR D 351 -26.92 60.99 -73.83
CA TYR D 351 -27.41 61.28 -72.50
C TYR D 351 -28.58 60.36 -72.17
N GLN D 352 -28.70 60.03 -70.88
CA GLN D 352 -29.76 59.17 -70.41
C GLN D 352 -31.00 60.00 -70.08
N LEU D 353 -32.06 59.33 -69.63
CA LEU D 353 -33.28 60.02 -69.28
C LEU D 353 -33.09 60.79 -67.97
N PRO D 354 -33.67 61.98 -67.85
CA PRO D 354 -33.49 62.78 -66.62
C PRO D 354 -34.25 62.21 -65.43
N VAL D 355 -35.41 62.79 -65.13
CA VAL D 355 -36.20 62.38 -63.98
C VAL D 355 -36.89 61.04 -64.17
N ASN D 356 -36.86 60.50 -65.39
CA ASN D 356 -37.52 59.22 -65.64
C ASN D 356 -36.81 58.07 -64.92
N VAL D 357 -35.50 58.20 -64.71
CA VAL D 357 -34.71 57.20 -64.01
C VAL D 357 -33.76 57.91 -63.06
N THR D 358 -33.79 57.52 -61.79
CA THR D 358 -32.93 58.13 -60.78
C THR D 358 -32.21 57.11 -59.90
N ALA D 359 -32.49 55.82 -60.03
CA ALA D 359 -31.83 54.82 -59.20
C ALA D 359 -30.41 54.58 -59.69
N SER D 360 -29.53 54.22 -58.75
CA SER D 360 -28.14 53.93 -59.09
C SER D 360 -27.99 52.53 -59.66
N THR D 361 -28.46 51.52 -58.95
CA THR D 361 -28.38 50.13 -59.40
C THR D 361 -29.72 49.68 -59.99
N LEU D 362 -30.12 50.37 -61.06
CA LEU D 362 -31.37 50.05 -61.73
C LEU D 362 -31.21 48.80 -62.58
N THR D 363 -32.33 48.15 -62.88
CA THR D 363 -32.37 46.95 -63.68
C THR D 363 -32.99 47.25 -65.04
N LEU D 364 -32.49 46.57 -66.07
CA LEU D 364 -32.97 46.72 -67.44
C LEU D 364 -33.25 45.34 -68.01
N LEU D 365 -34.48 45.12 -68.47
CA LEU D 365 -34.87 43.84 -69.03
C LEU D 365 -34.47 43.78 -70.50
N LEU D 366 -34.81 42.66 -71.15
CA LEU D 366 -34.50 42.44 -72.55
C LEU D 366 -35.59 41.59 -73.18
N GLN D 367 -35.68 41.67 -74.51
CA GLN D 367 -36.69 40.92 -75.24
C GLN D 367 -36.25 39.47 -75.45
N LYS D 368 -35.59 39.20 -76.56
CA LYS D 368 -35.12 37.85 -76.86
C LYS D 368 -33.97 37.49 -75.94
N PRO D 369 -34.08 36.43 -75.13
CA PRO D 369 -32.98 36.06 -74.24
C PRO D 369 -31.82 35.45 -75.02
N LEU D 370 -30.62 35.70 -74.51
CA LEU D 370 -29.39 35.21 -75.11
C LEU D 370 -28.62 34.36 -74.10
N LYS D 371 -27.53 33.78 -74.57
CA LYS D 371 -26.66 32.93 -73.76
C LYS D 371 -25.35 33.67 -73.52
N LEU D 372 -25.21 34.25 -72.33
CA LEU D 372 -24.03 35.01 -71.96
C LEU D 372 -23.25 34.23 -70.91
N HIS D 373 -21.96 34.04 -71.16
CA HIS D 373 -21.06 33.31 -70.24
C HIS D 373 -21.58 31.89 -69.98
N ASP D 374 -22.05 31.24 -71.04
CA ASP D 374 -22.55 29.86 -70.97
C ASP D 374 -23.70 29.74 -69.97
N MET D 375 -24.57 30.74 -69.94
CA MET D 375 -25.72 30.72 -69.05
C MET D 375 -26.77 31.69 -69.58
N GLU D 376 -28.00 31.49 -69.15
CA GLU D 376 -29.12 32.33 -69.56
C GLU D 376 -29.30 33.49 -68.58
N VAL D 377 -29.97 34.53 -69.05
CA VAL D 377 -30.22 35.73 -68.24
C VAL D 377 -31.56 36.32 -68.67
N VAL D 378 -32.21 37.02 -67.74
CA VAL D 378 -33.50 37.66 -68.03
C VAL D 378 -33.49 39.15 -67.72
N HIS D 379 -32.52 39.63 -66.95
CA HIS D 379 -32.43 41.05 -66.62
C HIS D 379 -30.98 41.38 -66.28
N ILE D 380 -30.52 42.54 -66.75
CA ILE D 380 -29.16 43.00 -66.52
C ILE D 380 -29.23 44.31 -65.73
N SER D 381 -28.72 44.29 -64.52
CA SER D 381 -28.73 45.46 -63.66
C SER D 381 -27.45 46.27 -63.88
N PHE D 382 -27.61 47.48 -64.42
CA PHE D 382 -26.48 48.36 -64.68
C PHE D 382 -26.29 49.37 -63.55
N GLU D 383 -25.20 50.11 -63.63
CA GLU D 383 -24.86 51.13 -62.64
C GLU D 383 -24.99 52.51 -63.27
N ARG D 384 -25.64 53.43 -62.55
CA ARG D 384 -25.82 54.78 -63.05
C ARG D 384 -24.51 55.58 -63.08
N SER D 385 -23.54 55.21 -62.25
CA SER D 385 -22.27 55.93 -62.24
C SER D 385 -21.39 55.54 -63.42
N ALA D 386 -21.54 54.33 -63.94
CA ALA D 386 -20.75 53.87 -65.06
C ALA D 386 -21.46 54.02 -66.40
N LEU D 387 -22.78 54.21 -66.38
CA LEU D 387 -23.52 54.37 -67.64
C LEU D 387 -23.31 55.76 -68.24
N GLU D 388 -23.04 56.77 -67.41
CA GLU D 388 -22.84 58.11 -67.92
C GLU D 388 -21.47 58.25 -68.59
N GLN D 389 -20.48 57.49 -68.14
CA GLN D 389 -19.15 57.58 -68.74
C GLN D 389 -19.06 56.80 -70.05
N TRP D 390 -19.83 55.73 -70.20
CA TRP D 390 -19.80 54.95 -71.43
C TRP D 390 -20.59 55.64 -72.55
N LEU D 391 -21.69 56.30 -72.20
CA LEU D 391 -22.51 56.98 -73.19
C LEU D 391 -21.91 58.29 -73.68
N SER D 392 -20.89 58.81 -72.99
CA SER D 392 -20.23 60.05 -73.37
C SER D 392 -18.80 59.82 -73.83
N LYS D 393 -17.93 59.32 -72.96
CA LYS D 393 -16.54 59.08 -73.35
C LYS D 393 -16.40 57.84 -74.22
N GLY D 394 -17.04 56.74 -73.83
CA GLY D 394 -16.97 55.52 -74.61
C GLY D 394 -16.21 54.41 -73.92
N GLY D 395 -15.57 53.55 -74.69
CA GLY D 395 -14.80 52.45 -74.14
C GLY D 395 -15.63 51.20 -73.90
N GLU D 396 -15.32 50.48 -72.82
CA GLU D 396 -16.03 49.26 -72.47
C GLU D 396 -16.82 49.47 -71.18
N ILE D 397 -17.87 48.66 -71.02
CA ILE D 397 -18.73 48.72 -69.84
C ILE D 397 -18.84 47.33 -69.24
N ARG D 398 -19.21 47.29 -67.97
CA ARG D 398 -19.38 46.04 -67.24
C ARG D 398 -20.81 45.94 -66.70
N GLY D 399 -21.20 44.72 -66.35
CA GLY D 399 -22.53 44.48 -65.83
C GLY D 399 -22.74 43.05 -65.39
N LYS D 400 -23.36 42.87 -64.22
CA LYS D 400 -23.63 41.54 -63.70
C LYS D 400 -24.87 40.94 -64.37
N LEU D 401 -24.98 39.62 -64.29
CA LEU D 401 -26.09 38.89 -64.89
C LEU D 401 -27.05 38.44 -63.80
N ASN D 402 -28.34 38.64 -64.04
CA ASN D 402 -29.42 38.25 -63.12
C ASN D 402 -29.25 38.91 -61.75
N GLY D 403 -28.62 40.09 -61.71
CA GLY D 403 -28.43 40.79 -60.46
C GLY D 403 -27.51 40.10 -59.48
N ILE D 404 -26.71 39.14 -59.93
CA ILE D 404 -25.79 38.40 -59.07
C ILE D 404 -24.45 38.25 -59.80
N GLY D 405 -23.45 37.83 -59.05
CA GLY D 405 -22.12 37.62 -59.61
C GLY D 405 -21.37 38.93 -59.77
N PHE D 406 -20.23 38.82 -60.44
CA PHE D 406 -19.36 39.96 -60.70
C PHE D 406 -19.81 40.70 -61.95
N ALA D 407 -19.35 41.95 -62.07
CA ALA D 407 -19.68 42.80 -63.22
C ALA D 407 -18.86 42.34 -64.41
N GLN D 408 -19.46 41.50 -65.24
CA GLN D 408 -18.80 40.97 -66.42
C GLN D 408 -18.95 41.94 -67.59
N LYS D 409 -18.00 41.85 -68.53
CA LYS D 409 -18.02 42.70 -69.71
C LYS D 409 -19.03 42.20 -70.72
N LEU D 410 -19.78 43.12 -71.31
CA LEU D 410 -20.80 42.80 -72.30
C LEU D 410 -20.52 43.57 -73.58
N ASN D 411 -21.18 43.14 -74.66
CA ASN D 411 -21.02 43.77 -75.97
C ASN D 411 -22.13 44.80 -76.21
N LEU D 412 -22.11 45.84 -75.36
CA LEU D 412 -23.10 46.90 -75.45
C LEU D 412 -22.72 47.89 -76.55
N GLU D 413 -23.71 48.35 -77.30
CA GLU D 413 -23.49 49.31 -78.37
C GLU D 413 -24.79 50.08 -78.61
N VAL D 414 -24.68 51.14 -79.39
CA VAL D 414 -25.82 51.99 -79.72
C VAL D 414 -26.45 51.49 -81.00
N ASP D 415 -27.72 51.85 -81.21
CA ASP D 415 -28.47 51.46 -82.39
C ASP D 415 -28.85 52.69 -83.21
N SER D 416 -29.44 52.44 -84.38
CA SER D 416 -29.86 53.54 -85.24
C SER D 416 -31.11 54.24 -84.73
N ALA D 417 -31.92 53.56 -83.91
CA ALA D 417 -33.13 54.13 -83.36
C ALA D 417 -32.97 54.55 -81.89
N GLN D 418 -31.74 54.87 -81.50
CA GLN D 418 -31.43 55.28 -80.13
C GLN D 418 -31.85 54.21 -79.12
N HIS D 419 -31.23 53.04 -79.24
CA HIS D 419 -31.50 51.92 -78.37
C HIS D 419 -30.19 51.22 -78.02
N LEU D 420 -30.26 50.35 -77.02
CA LEU D 420 -29.10 49.58 -76.57
C LEU D 420 -29.21 48.15 -77.08
N VAL D 421 -28.16 47.70 -77.76
CA VAL D 421 -28.11 46.36 -78.33
C VAL D 421 -27.02 45.57 -77.60
N VAL D 422 -27.39 44.40 -77.09
CA VAL D 422 -26.46 43.53 -76.38
C VAL D 422 -26.21 42.30 -77.25
N ARG D 423 -24.96 42.09 -77.63
CA ARG D 423 -24.57 40.97 -78.46
C ARG D 423 -23.85 39.92 -77.62
N ASP D 424 -23.80 38.70 -78.16
CA ASP D 424 -23.15 37.58 -77.47
C ASP D 424 -22.01 37.02 -78.32
N VAL D 425 -21.92 35.69 -78.40
CA VAL D 425 -20.88 35.04 -79.19
C VAL D 425 -21.32 34.74 -80.61
N SER D 426 -22.62 34.84 -80.91
CA SER D 426 -23.13 34.57 -82.24
C SER D 426 -23.63 35.83 -82.94
N LEU D 427 -23.28 37.01 -82.44
CA LEU D 427 -23.69 38.29 -83.02
C LEU D 427 -25.22 38.39 -83.10
N GLN D 428 -25.88 38.17 -81.97
CA GLN D 428 -27.33 38.23 -81.88
C GLN D 428 -27.74 39.54 -81.22
N GLY D 429 -28.60 40.30 -81.89
CA GLY D 429 -29.05 41.57 -81.36
C GLY D 429 -30.20 41.40 -80.39
N SER D 430 -30.24 42.30 -79.40
CA SER D 430 -31.28 42.28 -78.38
C SER D 430 -31.45 43.68 -77.84
N THR D 431 -32.64 44.26 -78.04
CA THR D 431 -32.92 45.61 -77.57
C THR D 431 -33.31 45.57 -76.10
N LEU D 432 -32.68 46.44 -75.31
CA LEU D 432 -32.97 46.50 -73.88
C LEU D 432 -34.19 47.36 -73.61
N ALA D 433 -34.78 47.17 -72.43
CA ALA D 433 -35.96 47.92 -72.04
C ALA D 433 -36.01 47.99 -70.51
N LEU D 434 -36.65 49.05 -70.01
CA LEU D 434 -36.79 49.24 -68.58
C LEU D 434 -38.16 48.78 -68.09
N PRO D 435 -38.25 48.28 -66.87
CA PRO D 435 -39.56 47.84 -66.35
C PRO D 435 -40.47 49.01 -66.07
N GLY D 436 -41.74 48.86 -66.43
CA GLY D 436 -42.73 49.89 -66.23
C GLY D 436 -43.24 49.94 -64.80
N SER D 437 -44.08 50.93 -64.54
CA SER D 437 -44.65 51.13 -63.21
C SER D 437 -45.79 50.14 -62.96
N LEU D 442 -48.57 45.71 -60.85
CA LEU D 442 -48.65 44.38 -60.25
C LEU D 442 -49.74 43.54 -60.92
N PRO D 443 -49.34 42.43 -61.53
CA PRO D 443 -50.32 41.57 -62.20
C PRO D 443 -51.25 40.90 -61.19
N GLY D 444 -52.35 40.34 -61.72
CA GLY D 444 -53.30 39.66 -60.87
C GLY D 444 -52.81 38.33 -60.33
N GLU D 445 -51.97 37.64 -61.11
CA GLU D 445 -51.44 36.35 -60.67
C GLU D 445 -50.39 36.52 -59.60
N ILE D 446 -49.58 37.58 -59.68
CA ILE D 446 -48.55 37.81 -58.67
C ILE D 446 -49.17 38.27 -57.36
N LYS D 447 -50.21 39.11 -57.44
CA LYS D 447 -50.88 39.58 -56.23
C LYS D 447 -51.65 38.46 -55.54
N GLN D 448 -52.13 37.47 -56.30
CA GLN D 448 -52.87 36.36 -55.70
C GLN D 448 -51.93 35.44 -54.92
N GLN D 449 -50.76 35.13 -55.49
CA GLN D 449 -49.81 34.27 -54.80
C GLN D 449 -49.16 34.99 -53.63
N LEU D 450 -49.00 36.32 -53.71
CA LEU D 450 -48.41 37.07 -52.61
C LEU D 450 -49.36 37.20 -51.44
N GLU D 451 -50.67 37.24 -51.70
CA GLU D 451 -51.64 37.34 -50.62
C GLU D 451 -51.76 36.04 -49.85
N GLU D 452 -51.59 34.90 -50.52
CA GLU D 452 -51.66 33.61 -49.84
C GLU D 452 -50.43 33.38 -48.97
N LEU D 453 -49.26 33.83 -49.43
CA LEU D 453 -48.05 33.67 -48.65
C LEU D 453 -48.02 34.63 -47.46
N GLU D 454 -48.61 35.83 -47.62
CA GLU D 454 -48.65 36.77 -46.52
C GLU D 454 -49.59 36.31 -45.41
N SER D 455 -50.65 35.59 -45.77
CA SER D 455 -51.57 35.07 -44.76
C SER D 455 -50.93 33.94 -43.96
N ASP D 456 -50.05 33.15 -44.58
CA ASP D 456 -49.37 32.09 -43.85
C ASP D 456 -48.32 32.64 -42.90
N TRP D 457 -47.74 33.80 -43.23
CA TRP D 457 -46.76 34.41 -42.33
C TRP D 457 -47.43 34.96 -41.09
N ARG D 458 -48.65 35.48 -41.22
CA ARG D 458 -49.38 35.99 -40.06
C ARG D 458 -49.86 34.85 -39.17
N LYS D 459 -50.21 33.71 -39.77
CA LYS D 459 -50.64 32.57 -38.96
C LYS D 459 -49.46 31.93 -38.24
N GLN D 460 -48.28 31.93 -38.86
CA GLN D 460 -47.09 31.38 -38.21
C GLN D 460 -46.58 32.31 -37.11
N HIS D 461 -46.72 33.63 -37.30
CA HIS D 461 -46.28 34.56 -36.28
C HIS D 461 -47.23 34.57 -35.09
N ALA D 462 -48.50 34.19 -35.29
CA ALA D 462 -49.44 34.15 -34.19
C ALA D 462 -49.15 32.98 -33.25
N LEU D 463 -48.58 31.90 -33.76
CA LEU D 463 -48.23 30.76 -32.90
C LEU D 463 -47.04 31.09 -32.01
N PHE D 464 -46.10 31.89 -32.50
CA PHE D 464 -44.94 32.25 -31.69
C PHE D 464 -45.31 33.26 -30.61
N SER D 465 -46.29 34.13 -30.88
CA SER D 465 -46.73 35.12 -29.91
C SER D 465 -47.66 34.53 -28.85
N GLU D 466 -47.97 33.24 -28.92
CA GLU D 466 -48.84 32.59 -27.94
C GLU D 466 -48.11 31.54 -27.11
N GLN D 467 -46.80 31.37 -27.30
CA GLN D 467 -46.05 30.38 -26.55
C GLN D 467 -44.64 30.84 -26.17
N GLN D 468 -44.26 32.07 -26.47
CA GLN D 468 -42.93 32.56 -26.13
C GLN D 468 -42.78 32.91 -24.66
N LYS D 469 -43.89 32.96 -23.91
CA LYS D 469 -43.86 33.30 -22.49
C LYS D 469 -43.49 32.11 -21.60
N CYS D 470 -42.77 31.13 -22.12
CA CYS D 470 -42.37 29.99 -21.31
C CYS D 470 -41.25 30.37 -20.37
N LEU D 471 -41.24 29.75 -19.19
CA LEU D 471 -40.22 30.08 -18.18
C LEU D 471 -38.88 29.40 -18.48
N PHE D 472 -38.91 28.28 -19.20
CA PHE D 472 -37.69 27.54 -19.52
C PHE D 472 -37.08 27.94 -20.86
N ILE D 473 -37.19 29.21 -21.22
CA ILE D 473 -36.65 29.73 -22.48
C ILE D 473 -35.73 30.90 -22.14
N PRO D 474 -34.50 30.93 -22.64
CA PRO D 474 -33.60 32.05 -22.34
C PRO D 474 -34.12 33.36 -22.92
N GLY D 475 -33.65 34.46 -22.33
CA GLY D 475 -34.10 35.77 -22.77
C GLY D 475 -33.41 36.25 -24.04
N ASP D 476 -32.14 35.90 -24.22
CA ASP D 476 -31.42 36.33 -25.40
C ASP D 476 -31.85 35.57 -26.66
N TRP D 477 -32.52 34.43 -26.50
CA TRP D 477 -32.97 33.66 -27.65
C TRP D 477 -34.24 34.23 -28.28
N LEU D 478 -34.96 35.10 -27.58
CA LEU D 478 -36.18 35.68 -28.14
C LEU D 478 -35.87 36.70 -29.22
N GLY D 479 -34.67 37.31 -29.17
CA GLY D 479 -34.30 38.30 -30.17
C GLY D 479 -33.95 37.71 -31.52
N ARG D 480 -33.54 36.44 -31.56
CA ARG D 480 -33.20 35.81 -32.82
C ARG D 480 -34.41 35.21 -33.52
N ILE D 481 -35.40 34.76 -32.76
CA ILE D 481 -36.61 34.21 -33.38
C ILE D 481 -37.48 35.33 -33.93
N GLU D 482 -37.53 36.47 -33.23
CA GLU D 482 -38.32 37.59 -33.71
C GLU D 482 -37.69 38.24 -34.94
N ALA D 483 -36.35 38.30 -34.97
CA ALA D 483 -35.68 38.89 -36.12
C ALA D 483 -35.77 37.99 -37.35
N SER D 484 -35.87 36.68 -37.15
CA SER D 484 -35.99 35.75 -38.28
C SER D 484 -37.38 35.82 -38.90
N LEU D 485 -38.40 36.00 -38.07
CA LEU D 485 -39.77 36.10 -38.60
C LEU D 485 -40.02 37.46 -39.23
N GLN D 486 -39.38 38.52 -38.72
CA GLN D 486 -39.55 39.85 -39.30
C GLN D 486 -38.81 40.01 -40.61
N ASP D 487 -37.76 39.21 -40.85
CA ASP D 487 -37.02 39.30 -42.10
C ASP D 487 -37.83 38.75 -43.27
N VAL D 488 -38.64 37.71 -43.03
CA VAL D 488 -39.46 37.15 -44.10
C VAL D 488 -40.61 38.09 -44.43
N GLY D 489 -41.20 38.72 -43.40
CA GLY D 489 -42.29 39.65 -43.64
C GLY D 489 -41.84 40.94 -44.29
N ALA D 490 -40.58 41.32 -44.11
CA ALA D 490 -40.06 42.54 -44.73
C ALA D 490 -39.70 42.32 -46.19
N GLN D 491 -39.38 41.09 -46.58
CA GLN D 491 -39.03 40.80 -47.96
C GLN D 491 -40.27 40.61 -48.83
N ILE D 492 -41.36 40.11 -48.26
CA ILE D 492 -42.58 39.91 -49.03
C ILE D 492 -43.30 41.25 -49.23
N ARG D 493 -43.07 42.23 -48.36
CA ARG D 493 -43.72 43.52 -48.49
C ARG D 493 -43.04 44.41 -49.53
N GLN D 494 -41.81 44.10 -49.92
CA GLN D 494 -41.11 44.91 -50.92
C GLN D 494 -41.50 44.53 -52.34
N ALA D 495 -41.93 43.28 -52.56
CA ALA D 495 -42.32 42.86 -53.90
C ALA D 495 -43.66 43.45 -54.31
N GLN D 496 -44.51 43.80 -53.34
CA GLN D 496 -45.82 44.38 -53.61
C GLN D 496 -45.78 45.90 -53.55
N GLN D 497 -44.76 46.49 -54.17
CA GLN D 497 -44.62 47.94 -54.18
C GLN D 497 -44.72 48.49 -55.60
N HIS E 3 -56.49 -53.23 5.22
CA HIS E 3 -55.98 -52.33 6.25
C HIS E 3 -54.96 -51.30 5.72
N PRO E 4 -53.96 -51.73 4.94
CA PRO E 4 -53.02 -50.73 4.40
C PRO E 4 -53.64 -49.82 3.36
N HIS E 5 -54.66 -50.29 2.64
CA HIS E 5 -55.29 -49.46 1.62
C HIS E 5 -56.19 -48.39 2.25
N LEU E 6 -56.76 -48.67 3.42
CA LEU E 6 -57.61 -47.70 4.09
C LEU E 6 -56.83 -46.59 4.77
N LEU E 7 -55.52 -46.74 4.93
CA LEU E 7 -54.72 -45.70 5.57
C LEU E 7 -54.54 -44.49 4.67
N ALA E 8 -54.54 -44.70 3.35
CA ALA E 8 -54.38 -43.58 2.42
C ALA E 8 -55.60 -42.67 2.43
N GLU E 9 -56.77 -43.21 2.78
CA GLU E 9 -57.97 -42.38 2.81
C GLU E 9 -57.97 -41.44 4.02
N ARG E 10 -57.50 -41.93 5.17
CA ARG E 10 -57.46 -41.10 6.36
C ARG E 10 -56.39 -40.01 6.24
N ILE E 11 -55.27 -40.31 5.57
CA ILE E 11 -54.22 -39.31 5.40
C ILE E 11 -54.67 -38.24 4.43
N SER E 12 -55.33 -38.63 3.33
CA SER E 12 -55.81 -37.65 2.37
C SER E 12 -56.92 -36.78 2.94
N ARG E 13 -57.69 -37.30 3.90
CA ARG E 13 -58.75 -36.53 4.52
C ARG E 13 -58.26 -35.68 5.68
N LEU E 14 -57.13 -36.05 6.29
CA LEU E 14 -56.60 -35.27 7.40
C LEU E 14 -55.98 -33.96 6.90
N SER E 15 -55.20 -34.02 5.83
CA SER E 15 -54.58 -32.82 5.28
C SER E 15 -55.58 -31.95 4.51
N SER E 16 -56.73 -32.51 4.15
CA SER E 16 -57.72 -31.72 3.42
C SER E 16 -58.38 -30.69 4.34
N SER E 17 -58.62 -31.05 5.60
CA SER E 17 -59.23 -30.13 6.55
C SER E 17 -58.24 -29.07 7.05
N LEU E 18 -56.94 -29.35 7.00
CA LEU E 18 -55.93 -28.39 7.43
C LEU E 18 -55.70 -27.28 6.42
N GLU E 19 -56.08 -27.50 5.15
CA GLU E 19 -55.91 -26.48 4.12
C GLU E 19 -57.03 -25.47 4.08
N LYS E 20 -58.01 -25.58 4.98
CA LYS E 20 -59.12 -24.63 5.00
C LYS E 20 -58.66 -23.29 5.58
N GLY E 21 -58.64 -22.26 4.74
CA GLY E 21 -58.21 -20.95 5.15
C GLY E 21 -56.81 -20.56 4.71
N LEU E 22 -56.06 -21.47 4.11
CA LEU E 22 -54.71 -21.21 3.63
C LEU E 22 -54.65 -21.47 2.14
N TYR E 23 -54.36 -20.41 1.37
CA TYR E 23 -54.28 -20.49 -0.07
C TYR E 23 -52.81 -20.55 -0.52
N GLU E 24 -52.57 -21.29 -1.59
CA GLU E 24 -51.23 -21.49 -2.15
C GLU E 24 -50.27 -22.07 -1.11
N ARG E 25 -50.78 -22.91 -0.21
CA ARG E 25 -49.98 -23.54 0.83
C ARG E 25 -50.23 -25.04 0.87
N SER E 26 -50.58 -25.64 -0.26
CA SER E 26 -50.86 -27.07 -0.30
C SER E 26 -49.58 -27.89 -0.12
N HIS E 27 -48.49 -27.48 -0.78
CA HIS E 27 -47.23 -28.21 -0.66
C HIS E 27 -46.56 -28.00 0.69
N ALA E 28 -46.97 -26.98 1.45
CA ALA E 28 -46.37 -26.74 2.76
C ALA E 28 -47.07 -27.51 3.86
N ILE E 29 -48.37 -27.76 3.72
CA ILE E 29 -49.10 -28.51 4.74
C ILE E 29 -48.85 -30.00 4.61
N ARG E 30 -48.86 -30.52 3.37
CA ARG E 30 -48.63 -31.94 3.17
C ARG E 30 -47.21 -32.35 3.51
N LEU E 31 -46.25 -31.43 3.37
CA LEU E 31 -44.86 -31.75 3.68
C LEU E 31 -44.62 -31.76 5.18
N CYS E 32 -45.25 -30.83 5.91
CA CYS E 32 -45.09 -30.79 7.36
C CYS E 32 -45.86 -31.89 8.07
N LEU E 33 -46.92 -32.42 7.46
CA LEU E 33 -47.68 -33.50 8.08
C LEU E 33 -46.90 -34.80 8.05
N LEU E 34 -46.11 -35.02 7.00
CA LEU E 34 -45.31 -36.25 6.91
C LEU E 34 -44.16 -36.24 7.90
N ALA E 35 -43.54 -35.09 8.14
CA ALA E 35 -42.44 -35.01 9.09
C ALA E 35 -42.93 -35.10 10.53
N ALA E 36 -44.18 -34.72 10.78
CA ALA E 36 -44.71 -34.80 12.15
C ALA E 36 -45.04 -36.23 12.54
N LEU E 37 -45.34 -37.09 11.56
CA LEU E 37 -45.65 -38.49 11.82
C LEU E 37 -44.45 -39.41 11.62
N SER E 38 -43.27 -38.84 11.36
CA SER E 38 -42.07 -39.64 11.15
C SER E 38 -40.90 -39.24 12.03
N GLY E 39 -40.98 -38.11 12.73
CA GLY E 39 -39.90 -37.68 13.59
C GLY E 39 -38.83 -36.86 12.91
N GLU E 40 -39.18 -36.11 11.87
CA GLU E 40 -38.24 -35.28 11.14
C GLU E 40 -38.46 -33.81 11.49
N SER E 41 -37.92 -32.93 10.67
CA SER E 41 -38.04 -31.49 10.87
C SER E 41 -38.37 -30.82 9.54
N VAL E 42 -38.59 -29.51 9.59
CA VAL E 42 -38.91 -28.73 8.40
C VAL E 42 -38.34 -27.33 8.57
N PHE E 43 -38.05 -26.68 7.46
CA PHE E 43 -37.49 -25.33 7.44
C PHE E 43 -38.30 -24.45 6.52
N LEU E 44 -38.57 -23.22 6.97
CA LEU E 44 -39.32 -22.24 6.19
C LEU E 44 -38.46 -21.01 5.95
N LEU E 45 -38.60 -20.41 4.77
CA LEU E 45 -37.83 -19.23 4.40
C LEU E 45 -38.73 -18.32 3.58
N GLY E 46 -38.96 -17.11 4.09
CA GLY E 46 -39.80 -16.14 3.41
C GLY E 46 -39.82 -14.81 4.12
N PRO E 47 -40.45 -13.81 3.49
CA PRO E 47 -40.52 -12.50 4.11
C PRO E 47 -41.52 -12.49 5.26
N PRO E 48 -41.30 -11.68 6.29
CA PRO E 48 -42.24 -11.62 7.42
C PRO E 48 -43.58 -11.02 7.03
N GLY E 49 -44.62 -11.85 6.98
CA GLY E 49 -45.94 -11.38 6.64
C GLY E 49 -46.70 -12.31 5.72
N ILE E 50 -46.16 -13.51 5.51
CA ILE E 50 -46.78 -14.52 4.66
C ILE E 50 -47.39 -15.66 5.48
N ALA E 51 -47.70 -15.39 6.75
CA ALA E 51 -48.29 -16.37 7.66
C ALA E 51 -47.42 -17.62 7.77
N LYS E 52 -46.23 -17.41 8.33
CA LYS E 52 -45.28 -18.49 8.53
C LYS E 52 -45.48 -19.21 9.86
N SER E 53 -46.01 -18.51 10.87
CA SER E 53 -46.24 -19.12 12.17
C SER E 53 -47.64 -19.74 12.30
N LEU E 54 -48.48 -19.62 11.28
CA LEU E 54 -49.81 -20.21 11.35
C LEU E 54 -49.78 -21.71 11.10
N ILE E 55 -48.89 -22.18 10.21
CA ILE E 55 -48.79 -23.61 9.96
C ILE E 55 -48.17 -24.35 11.13
N ALA E 56 -47.42 -23.64 11.99
CA ALA E 56 -46.83 -24.30 13.15
C ALA E 56 -47.88 -24.66 14.19
N ARG E 57 -48.85 -23.78 14.42
CA ARG E 57 -49.92 -24.03 15.38
C ARG E 57 -51.03 -24.89 14.82
N ARG E 58 -51.02 -25.17 13.51
CA ARG E 58 -52.06 -25.97 12.89
C ARG E 58 -51.73 -27.46 12.91
N LEU E 59 -50.45 -27.82 12.97
CA LEU E 59 -50.06 -29.23 12.99
C LEU E 59 -50.33 -29.88 14.34
N LYS E 60 -50.56 -29.09 15.39
CA LYS E 60 -50.84 -29.67 16.70
C LYS E 60 -52.26 -30.21 16.81
N PHE E 61 -53.13 -29.87 15.87
CA PHE E 61 -54.51 -30.36 15.89
C PHE E 61 -54.64 -31.77 15.34
N ALA E 62 -53.61 -32.30 14.68
CA ALA E 62 -53.70 -33.65 14.14
C ALA E 62 -53.56 -34.70 15.24
N PHE E 63 -52.92 -34.36 16.35
CA PHE E 63 -52.74 -35.27 17.46
C PHE E 63 -53.76 -34.98 18.56
N GLN E 64 -54.01 -35.99 19.40
CA GLN E 64 -54.96 -35.83 20.49
C GLN E 64 -54.34 -35.04 21.63
N ASN E 65 -53.11 -35.37 22.01
CA ASN E 65 -52.40 -34.71 23.10
C ASN E 65 -51.13 -34.10 22.51
N ALA E 66 -51.22 -32.85 22.06
CA ALA E 66 -50.09 -32.14 21.48
C ALA E 66 -50.01 -30.74 22.08
N ARG E 67 -48.83 -30.38 22.57
CA ARG E 67 -48.59 -29.08 23.18
C ARG E 67 -47.73 -28.24 22.25
N ALA E 68 -48.20 -27.04 21.91
CA ALA E 68 -47.47 -26.15 21.03
C ALA E 68 -46.54 -25.23 21.83
N PHE E 69 -45.59 -24.63 21.13
CA PHE E 69 -44.63 -23.73 21.75
C PHE E 69 -44.15 -22.74 20.69
N GLU E 70 -44.48 -21.48 20.87
CA GLU E 70 -44.09 -20.41 19.95
C GLU E 70 -43.17 -19.44 20.68
N TYR E 71 -41.95 -19.28 20.15
CA TYR E 71 -40.97 -18.38 20.75
C TYR E 71 -40.21 -17.67 19.65
N LEU E 72 -39.82 -16.43 19.91
CA LEU E 72 -39.08 -15.61 18.96
C LEU E 72 -37.62 -15.55 19.40
N MET E 73 -36.74 -16.16 18.61
CA MET E 73 -35.32 -16.17 18.94
C MET E 73 -34.70 -14.81 18.64
N THR E 74 -34.17 -14.16 19.67
CA THR E 74 -33.53 -12.86 19.55
C THR E 74 -32.02 -13.00 19.71
N ARG E 75 -31.33 -11.87 19.59
CA ARG E 75 -29.87 -11.88 19.74
C ARG E 75 -29.45 -12.03 21.19
N PHE E 76 -30.20 -11.45 22.12
CA PHE E 76 -29.91 -11.52 23.55
C PHE E 76 -30.77 -12.57 24.26
N SER E 77 -31.15 -13.63 23.56
CA SER E 77 -31.97 -14.67 24.16
C SER E 77 -31.14 -15.56 25.07
N THR E 78 -31.77 -16.02 26.14
CA THR E 78 -31.14 -16.90 27.12
C THR E 78 -31.81 -18.27 27.12
N PRO E 79 -31.06 -19.33 27.40
CA PRO E 79 -31.67 -20.67 27.44
C PRO E 79 -32.69 -20.85 28.55
N GLU E 80 -32.69 -19.98 29.55
CA GLU E 80 -33.66 -20.08 30.64
C GLU E 80 -35.07 -19.68 30.23
N GLU E 81 -35.23 -18.99 29.10
CA GLU E 81 -36.54 -18.57 28.63
C GLU E 81 -37.08 -19.45 27.50
N VAL E 82 -36.28 -20.39 27.00
CA VAL E 82 -36.72 -21.28 25.92
C VAL E 82 -37.05 -22.64 26.50
N PHE E 83 -36.07 -23.27 27.17
CA PHE E 83 -36.27 -24.58 27.77
C PHE E 83 -36.89 -24.52 29.15
N GLY E 84 -36.76 -23.39 29.85
CA GLY E 84 -37.32 -23.25 31.17
C GLY E 84 -36.28 -22.85 32.21
N PRO E 85 -36.66 -21.98 33.13
CA PRO E 85 -35.72 -21.55 34.16
C PRO E 85 -35.56 -22.58 35.26
N LEU E 86 -34.38 -22.61 35.86
CA LEU E 86 -34.07 -23.54 36.93
C LEU E 86 -34.46 -22.96 38.27
N SER E 87 -34.41 -23.81 39.30
CA SER E 87 -34.77 -23.39 40.66
C SER E 87 -33.52 -23.19 41.51
N GLU E 98 -34.91 -30.10 38.75
CA GLU E 98 -34.40 -28.87 39.32
C GLU E 98 -34.64 -27.69 38.39
N ARG E 99 -35.12 -27.98 37.19
CA ARG E 99 -35.41 -26.98 36.17
C ARG E 99 -36.91 -26.96 35.90
N LEU E 100 -37.53 -25.80 36.11
CA LEU E 100 -38.97 -25.64 35.87
C LEU E 100 -39.21 -25.57 34.36
N THR E 101 -39.34 -26.76 33.76
CA THR E 101 -39.57 -26.89 32.33
C THR E 101 -41.01 -27.23 31.99
N SER E 102 -41.95 -26.87 32.86
CA SER E 102 -43.36 -27.17 32.64
C SER E 102 -43.89 -26.33 31.48
N GLY E 103 -44.20 -26.97 30.37
CA GLY E 103 -44.73 -26.28 29.21
C GLY E 103 -43.70 -25.41 28.52
N TYR E 104 -42.70 -26.04 27.91
CA TYR E 104 -41.65 -25.31 27.22
C TYR E 104 -41.17 -26.06 25.98
N LEU E 105 -40.07 -26.80 26.10
CA LEU E 105 -39.50 -27.52 24.97
C LEU E 105 -39.31 -29.01 25.27
N PRO E 106 -38.76 -29.40 26.43
CA PRO E 106 -38.60 -30.84 26.69
C PRO E 106 -39.92 -31.60 26.75
N GLU E 107 -41.03 -30.94 27.07
CA GLU E 107 -42.34 -31.57 27.12
C GLU E 107 -43.29 -30.85 26.16
N ALA E 108 -42.93 -30.87 24.87
CA ALA E 108 -43.73 -30.23 23.83
C ALA E 108 -43.70 -31.10 22.58
N GLU E 109 -44.86 -31.24 21.94
CA GLU E 109 -44.94 -32.06 20.73
C GLU E 109 -44.47 -31.29 19.50
N ILE E 110 -44.87 -30.03 19.39
CA ILE E 110 -44.51 -29.18 18.25
C ILE E 110 -43.92 -27.88 18.79
N VAL E 111 -42.69 -27.58 18.40
CA VAL E 111 -42.00 -26.37 18.81
C VAL E 111 -41.71 -25.53 17.58
N PHE E 112 -41.83 -24.20 17.73
CA PHE E 112 -41.60 -23.27 16.64
C PHE E 112 -40.63 -22.20 17.09
N LEU E 113 -39.55 -22.01 16.33
CA LEU E 113 -38.53 -21.00 16.64
C LEU E 113 -38.37 -20.11 15.42
N ASP E 114 -38.68 -18.83 15.58
CA ASP E 114 -38.57 -17.86 14.50
C ASP E 114 -37.21 -17.18 14.54
N GLU E 115 -36.61 -17.02 13.35
CA GLU E 115 -35.30 -16.40 13.17
C GLU E 115 -34.24 -17.11 14.02
N ILE E 116 -33.88 -18.31 13.54
CA ILE E 116 -32.89 -19.13 14.24
C ILE E 116 -31.47 -18.75 13.92
N TRP E 117 -31.24 -17.90 12.91
CA TRP E 117 -29.90 -17.49 12.51
C TRP E 117 -29.38 -16.30 13.32
N LYS E 118 -29.79 -16.19 14.59
CA LYS E 118 -29.31 -15.08 15.41
C LYS E 118 -29.28 -15.43 16.91
N ALA E 119 -29.36 -16.70 17.27
CA ALA E 119 -29.34 -17.09 18.67
C ALA E 119 -27.90 -17.15 19.18
N GLY E 120 -27.78 -17.32 20.49
CA GLY E 120 -26.48 -17.39 21.12
C GLY E 120 -25.86 -18.77 21.01
N PRO E 121 -24.60 -18.87 21.43
CA PRO E 121 -23.91 -20.18 21.36
C PRO E 121 -24.43 -21.18 22.37
N ALA E 122 -25.04 -20.74 23.46
CA ALA E 122 -25.54 -21.68 24.46
C ALA E 122 -26.84 -22.34 24.00
N ILE E 123 -27.69 -21.60 23.30
CA ILE E 123 -28.94 -22.18 22.83
C ILE E 123 -28.72 -23.06 21.61
N LEU E 124 -27.76 -22.72 20.76
CA LEU E 124 -27.49 -23.53 19.58
C LEU E 124 -26.85 -24.87 19.94
N ASN E 125 -25.99 -24.87 20.98
CA ASN E 125 -25.35 -26.12 21.38
C ASN E 125 -26.35 -27.08 22.01
N THR E 126 -27.29 -26.56 22.81
CA THR E 126 -28.30 -27.40 23.44
C THR E 126 -29.37 -27.87 22.46
N LEU E 127 -29.56 -27.15 21.35
CA LEU E 127 -30.55 -27.55 20.37
C LEU E 127 -30.10 -28.73 19.52
N LEU E 128 -28.79 -28.98 19.44
CA LEU E 128 -28.31 -30.11 18.65
C LEU E 128 -28.54 -31.43 19.36
N THR E 129 -28.54 -31.44 20.69
CA THR E 129 -28.77 -32.66 21.44
C THR E 129 -30.25 -33.06 21.48
N ALA E 130 -31.16 -32.12 21.26
CA ALA E 130 -32.59 -32.43 21.26
C ALA E 130 -33.04 -33.12 19.99
N ILE E 131 -32.23 -33.11 18.93
CA ILE E 131 -32.59 -33.75 17.67
C ILE E 131 -31.92 -35.12 17.54
N ASN E 132 -30.63 -35.21 17.86
CA ASN E 132 -29.93 -36.48 17.76
C ASN E 132 -30.23 -37.37 18.97
N GLU E 133 -29.86 -36.92 20.16
CA GLU E 133 -30.10 -37.71 21.37
C GLU E 133 -31.56 -37.67 21.82
N ARG E 134 -32.33 -36.68 21.38
CA ARG E 134 -33.73 -36.52 21.75
C ARG E 134 -33.90 -36.44 23.28
N GLN E 135 -32.95 -35.78 23.93
CA GLN E 135 -32.96 -35.63 25.38
C GLN E 135 -32.54 -34.20 25.73
N PHE E 136 -32.49 -33.92 27.02
CA PHE E 136 -32.11 -32.60 27.51
C PHE E 136 -31.39 -32.74 28.84
N ARG E 137 -30.32 -31.97 29.01
CA ARG E 137 -29.54 -31.99 30.24
C ARG E 137 -30.30 -31.24 31.33
N ASN E 138 -31.06 -31.98 32.13
CA ASN E 138 -31.85 -31.40 33.22
C ASN E 138 -31.06 -31.43 34.53
N GLY E 139 -29.95 -30.69 34.54
CA GLY E 139 -29.10 -30.63 35.71
C GLY E 139 -28.27 -31.88 35.91
N ALA E 140 -28.86 -32.89 36.54
CA ALA E 140 -28.17 -34.14 36.79
C ALA E 140 -28.61 -35.22 35.81
N HIS E 141 -29.79 -35.79 36.03
CA HIS E 141 -30.31 -36.83 35.15
C HIS E 141 -30.86 -36.21 33.88
N VAL E 142 -31.03 -37.07 32.87
CA VAL E 142 -31.55 -36.65 31.57
C VAL E 142 -32.89 -37.32 31.35
N GLU E 143 -33.76 -36.65 30.58
CA GLU E 143 -35.08 -37.14 30.26
C GLU E 143 -35.33 -37.03 28.76
N LYS E 144 -36.14 -37.95 28.25
CA LYS E 144 -36.45 -37.95 26.83
C LYS E 144 -37.40 -36.81 26.47
N ILE E 145 -37.36 -36.41 25.21
CA ILE E 145 -38.19 -35.32 24.70
C ILE E 145 -39.08 -35.89 23.60
N PRO E 146 -40.41 -35.91 23.77
CA PRO E 146 -41.33 -36.42 22.74
C PRO E 146 -41.61 -35.42 21.63
N MET E 147 -40.55 -34.88 21.04
CA MET E 147 -40.69 -33.91 19.96
C MET E 147 -41.09 -34.63 18.68
N ARG E 148 -42.25 -34.28 18.14
CA ARG E 148 -42.75 -34.92 16.93
C ARG E 148 -42.52 -34.10 15.67
N LEU E 149 -42.41 -32.78 15.79
CA LEU E 149 -42.20 -31.92 14.62
C LEU E 149 -41.46 -30.67 15.06
N LEU E 150 -40.42 -30.30 14.31
CA LEU E 150 -39.63 -29.10 14.58
C LEU E 150 -39.68 -28.20 13.37
N VAL E 151 -40.29 -27.02 13.53
CA VAL E 151 -40.43 -26.04 12.46
C VAL E 151 -39.64 -24.80 12.84
N ALA E 152 -38.85 -24.30 11.90
CA ALA E 152 -38.02 -23.11 12.12
C ALA E 152 -38.11 -22.22 10.89
N ALA E 153 -38.60 -20.99 11.09
CA ALA E 153 -38.74 -20.01 10.02
C ALA E 153 -37.84 -18.82 10.29
N SER E 154 -37.53 -18.09 9.21
CA SER E 154 -36.68 -16.91 9.31
C SER E 154 -36.96 -15.94 8.16
N ASN E 155 -35.91 -15.38 7.57
CA ASN E 155 -36.06 -14.43 6.48
C ASN E 155 -34.82 -14.39 5.61
N GLU E 156 -33.65 -14.59 6.22
CA GLU E 156 -32.37 -14.56 5.53
C GLU E 156 -31.67 -15.90 5.67
N LEU E 157 -30.52 -16.02 4.99
CA LEU E 157 -29.73 -17.23 5.02
C LEU E 157 -28.48 -17.05 5.88
N PRO E 158 -28.05 -18.08 6.59
CA PRO E 158 -26.85 -17.96 7.43
C PRO E 158 -25.59 -17.86 6.58
N GLU E 159 -24.48 -17.54 7.26
CA GLU E 159 -23.20 -17.40 6.58
C GLU E 159 -22.66 -18.76 6.15
N ALA E 160 -21.80 -18.74 5.14
CA ALA E 160 -21.20 -19.97 4.63
C ALA E 160 -20.09 -20.50 5.52
N ASP E 161 -19.55 -19.68 6.42
CA ASP E 161 -18.47 -20.10 7.34
C ASP E 161 -18.83 -19.56 8.73
N SER E 162 -19.79 -20.20 9.38
CA SER E 162 -20.23 -19.82 10.71
C SER E 162 -20.71 -21.05 11.45
N SER E 163 -21.07 -20.85 12.73
CA SER E 163 -21.55 -21.94 13.57
C SER E 163 -23.02 -22.27 13.33
N LEU E 164 -23.74 -21.44 12.57
CA LEU E 164 -25.15 -21.70 12.29
C LEU E 164 -25.36 -22.74 11.19
N GLU E 165 -24.29 -23.20 10.54
CA GLU E 165 -24.42 -24.20 9.49
C GLU E 165 -24.65 -25.60 10.04
N ALA E 166 -24.44 -25.81 11.35
CA ALA E 166 -24.65 -27.12 11.92
C ALA E 166 -26.14 -27.46 12.01
N LEU E 167 -26.96 -26.48 12.38
CA LEU E 167 -28.40 -26.71 12.47
C LEU E 167 -29.05 -26.75 11.09
N TYR E 168 -28.51 -26.02 10.12
CA TYR E 168 -29.08 -26.03 8.77
C TYR E 168 -28.81 -27.36 8.07
N ASP E 169 -27.67 -27.98 8.32
CA ASP E 169 -27.35 -29.26 7.69
C ASP E 169 -28.16 -30.40 8.27
N ARG E 170 -28.70 -30.25 9.47
CA ARG E 170 -29.51 -31.30 10.09
C ARG E 170 -30.98 -31.21 9.72
N MET E 171 -31.46 -30.05 9.31
CA MET E 171 -32.85 -29.89 8.91
C MET E 171 -33.08 -30.56 7.57
N LEU E 172 -33.99 -31.54 7.53
CA LEU E 172 -34.24 -32.31 6.32
C LEU E 172 -34.95 -31.47 5.27
N ILE E 173 -36.23 -31.20 5.49
CA ILE E 173 -37.04 -30.46 4.52
C ILE E 173 -36.70 -28.98 4.58
N ARG E 174 -36.46 -28.38 3.42
CA ARG E 174 -36.17 -26.96 3.31
C ARG E 174 -37.13 -26.36 2.28
N LEU E 175 -38.10 -25.58 2.75
CA LEU E 175 -39.11 -24.97 1.90
C LEU E 175 -38.85 -23.48 1.76
N TRP E 176 -39.16 -22.93 0.59
CA TRP E 176 -38.99 -21.52 0.29
C TRP E 176 -40.38 -20.93 0.04
N LEU E 177 -41.01 -20.42 1.09
CA LEU E 177 -42.33 -19.83 0.99
C LEU E 177 -42.25 -18.38 0.52
N ASP E 178 -43.35 -17.90 -0.03
CA ASP E 178 -43.44 -16.52 -0.52
C ASP E 178 -44.89 -16.06 -0.40
N LYS E 179 -45.19 -14.91 -0.98
CA LYS E 179 -46.53 -14.35 -0.95
C LYS E 179 -47.38 -14.98 -2.06
N VAL E 180 -48.66 -14.62 -2.06
CA VAL E 180 -49.59 -15.14 -3.06
C VAL E 180 -49.34 -14.44 -4.39
N GLN E 181 -49.52 -15.19 -5.49
CA GLN E 181 -49.31 -14.66 -6.82
C GLN E 181 -50.58 -14.65 -7.68
N ASP E 182 -51.56 -15.48 -7.36
CA ASP E 182 -52.80 -15.52 -8.13
C ASP E 182 -53.74 -14.41 -7.68
N LYS E 183 -54.48 -13.85 -8.65
CA LYS E 183 -55.41 -12.77 -8.32
C LYS E 183 -56.65 -13.32 -7.62
N ALA E 184 -57.10 -14.52 -7.99
CA ALA E 184 -58.28 -15.09 -7.35
C ALA E 184 -57.98 -15.59 -5.95
N ASN E 185 -56.73 -15.96 -5.67
CA ASN E 185 -56.36 -16.44 -4.35
C ASN E 185 -56.13 -15.31 -3.35
N PHE E 186 -55.82 -14.11 -3.83
CA PHE E 186 -55.60 -12.98 -2.93
C PHE E 186 -56.91 -12.37 -2.45
N ARG E 187 -57.95 -12.40 -3.27
CA ARG E 187 -59.23 -11.82 -2.86
C ARG E 187 -59.93 -12.70 -1.83
N SER E 188 -59.80 -14.02 -1.96
CA SER E 188 -60.43 -14.93 -1.01
C SER E 188 -59.65 -15.05 0.29
N MET E 189 -58.37 -14.69 0.29
CA MET E 189 -57.57 -14.78 1.51
C MET E 189 -57.86 -13.62 2.46
N LEU E 190 -58.01 -12.41 1.92
CA LEU E 190 -58.29 -11.26 2.77
C LEU E 190 -59.73 -11.26 3.26
N THR E 191 -60.63 -11.91 2.54
CA THR E 191 -62.04 -11.99 2.91
C THR E 191 -62.42 -13.36 3.45
N SER E 192 -61.47 -14.04 4.10
CA SER E 192 -61.71 -15.37 4.66
C SER E 192 -62.23 -15.21 6.09
N GLN E 193 -63.41 -15.80 6.35
CA GLN E 193 -64.03 -15.74 7.66
C GLN E 193 -63.67 -16.93 8.54
N GLN E 194 -62.76 -17.79 8.09
CA GLN E 194 -62.36 -18.95 8.87
C GLN E 194 -61.40 -18.53 9.98
N ASP E 195 -61.70 -18.96 11.20
CA ASP E 195 -60.85 -18.61 12.34
C ASP E 195 -59.53 -19.37 12.26
N GLU E 196 -58.42 -18.65 12.43
CA GLU E 196 -57.10 -19.24 12.36
C GLU E 196 -56.66 -19.89 13.67
N ASN E 197 -57.42 -19.70 14.76
CA ASN E 197 -57.09 -20.26 16.06
C ASN E 197 -58.14 -21.27 16.53
N ASP E 198 -58.94 -21.80 15.61
CA ASP E 198 -59.98 -22.77 15.93
C ASP E 198 -59.48 -24.18 15.62
N ASN E 199 -60.38 -25.15 15.72
CA ASN E 199 -60.07 -26.56 15.46
C ASN E 199 -60.88 -27.03 14.25
N PRO E 200 -60.32 -26.96 13.04
CA PRO E 200 -61.04 -27.41 11.84
C PRO E 200 -60.83 -28.88 11.48
N VAL E 201 -60.34 -29.70 12.40
CA VAL E 201 -60.10 -31.12 12.15
C VAL E 201 -61.08 -31.92 13.00
N PRO E 202 -61.84 -32.84 12.40
CA PRO E 202 -62.79 -33.63 13.19
C PRO E 202 -62.07 -34.59 14.12
N ASP E 203 -62.82 -35.08 15.11
CA ASP E 203 -62.25 -36.01 16.08
C ASP E 203 -61.99 -37.38 15.50
N ALA E 204 -62.67 -37.75 14.42
CA ALA E 204 -62.46 -39.05 13.79
C ALA E 204 -61.17 -39.12 12.99
N LEU E 205 -60.61 -37.98 12.59
CA LEU E 205 -59.38 -37.95 11.81
C LEU E 205 -58.15 -37.67 12.67
N GLN E 206 -58.32 -37.36 13.95
CA GLN E 206 -57.19 -37.08 14.83
C GLN E 206 -56.57 -38.38 15.30
N VAL E 207 -55.25 -38.49 15.15
CA VAL E 207 -54.54 -39.69 15.57
C VAL E 207 -54.31 -39.66 17.08
N THR E 208 -54.09 -40.84 17.66
CA THR E 208 -53.86 -40.98 19.08
C THR E 208 -52.37 -41.19 19.35
N ASP E 209 -52.03 -41.30 20.63
CA ASP E 209 -50.63 -41.51 21.01
C ASP E 209 -50.18 -42.93 20.71
N GLU E 210 -51.10 -43.90 20.71
CA GLU E 210 -50.73 -45.28 20.43
C GLU E 210 -50.45 -45.49 18.95
N GLU E 211 -51.15 -44.76 18.07
CA GLU E 211 -50.93 -44.92 16.64
C GLU E 211 -49.63 -44.27 16.20
N TYR E 212 -49.16 -43.25 16.92
CA TYR E 212 -47.91 -42.59 16.55
C TYR E 212 -46.71 -43.46 16.89
N GLU E 213 -46.76 -44.15 18.04
CA GLU E 213 -45.64 -45.00 18.42
C GLU E 213 -45.59 -46.27 17.58
N ARG E 214 -46.73 -46.73 17.07
CA ARG E 214 -46.76 -47.93 16.24
C ARG E 214 -46.29 -47.64 14.82
N TRP E 215 -46.57 -46.43 14.31
CA TRP E 215 -46.15 -46.10 12.95
C TRP E 215 -44.65 -45.86 12.86
N GLN E 216 -44.01 -45.50 13.98
CA GLN E 216 -42.57 -45.27 13.95
C GLN E 216 -41.80 -46.58 13.77
N LYS E 217 -42.39 -47.71 14.19
CA LYS E 217 -41.72 -48.99 14.03
C LYS E 217 -41.90 -49.55 12.62
N GLU E 218 -43.06 -49.30 12.01
CA GLU E 218 -43.33 -49.79 10.66
C GLU E 218 -42.68 -48.95 9.57
N ILE E 219 -42.15 -47.76 9.91
CA ILE E 219 -41.51 -46.94 8.90
C ILE E 219 -40.16 -47.53 8.50
N GLY E 220 -39.36 -47.94 9.48
CA GLY E 220 -38.06 -48.52 9.20
C GLY E 220 -38.11 -49.92 8.64
N GLU E 221 -39.27 -50.57 8.65
CA GLU E 221 -39.43 -51.92 8.14
C GLU E 221 -39.83 -51.96 6.67
N ILE E 222 -39.84 -50.81 5.99
CA ILE E 222 -40.19 -50.77 4.59
C ILE E 222 -39.04 -51.34 3.76
N THR E 223 -39.36 -52.29 2.88
CA THR E 223 -38.34 -52.93 2.05
C THR E 223 -37.80 -51.93 1.03
N LEU E 224 -36.50 -52.07 0.73
CA LEU E 224 -35.86 -51.20 -0.24
C LEU E 224 -35.63 -51.98 -1.52
N PRO E 225 -36.39 -51.73 -2.58
CA PRO E 225 -36.20 -52.48 -3.82
C PRO E 225 -34.88 -52.14 -4.50
N ASP E 226 -34.43 -53.08 -5.35
CA ASP E 226 -33.16 -52.87 -6.05
C ASP E 226 -33.27 -51.79 -7.11
N HIS E 227 -34.48 -51.55 -7.64
CA HIS E 227 -34.64 -50.52 -8.65
C HIS E 227 -34.54 -49.12 -8.05
N VAL E 228 -34.90 -48.95 -6.78
CA VAL E 228 -34.80 -47.64 -6.15
C VAL E 228 -33.37 -47.34 -5.73
N PHE E 229 -32.59 -48.37 -5.39
CA PHE E 229 -31.20 -48.14 -4.99
C PHE E 229 -30.36 -47.66 -6.16
N GLU E 230 -30.69 -48.08 -7.38
CA GLU E 230 -29.93 -47.63 -8.55
C GLU E 230 -30.18 -46.17 -8.87
N LEU E 231 -31.30 -45.60 -8.42
CA LEU E 231 -31.58 -44.19 -8.67
C LEU E 231 -30.93 -43.30 -7.62
N ILE E 232 -30.80 -43.78 -6.38
CA ILE E 232 -30.18 -42.97 -5.34
C ILE E 232 -28.68 -42.89 -5.56
N PHE E 233 -28.05 -43.99 -5.95
CA PHE E 233 -26.61 -43.98 -6.19
C PHE E 233 -26.25 -43.20 -7.45
N MET E 234 -27.16 -43.15 -8.42
CA MET E 234 -26.88 -42.39 -9.65
C MET E 234 -27.00 -40.90 -9.40
N LEU E 235 -28.00 -40.47 -8.63
CA LEU E 235 -28.15 -39.06 -8.31
C LEU E 235 -27.05 -38.56 -7.37
N ARG E 236 -26.55 -39.43 -6.49
CA ARG E 236 -25.48 -39.04 -5.59
C ARG E 236 -24.16 -38.86 -6.32
N GLN E 237 -23.86 -39.76 -7.25
CA GLN E 237 -22.63 -39.65 -8.02
C GLN E 237 -22.68 -38.52 -9.05
N GLN E 238 -23.88 -38.13 -9.49
CA GLN E 238 -23.98 -37.05 -10.47
C GLN E 238 -23.68 -35.70 -9.84
N LEU E 239 -24.06 -35.52 -8.57
CA LEU E 239 -23.79 -34.26 -7.88
C LEU E 239 -22.34 -34.13 -7.44
N ASP E 240 -21.60 -35.23 -7.34
CA ASP E 240 -20.21 -35.17 -6.94
C ASP E 240 -19.28 -34.77 -8.08
N LYS E 241 -19.77 -34.79 -9.33
CA LYS E 241 -18.96 -34.41 -10.47
C LYS E 241 -19.13 -32.96 -10.88
N LEU E 242 -20.31 -32.38 -10.61
CA LEU E 242 -20.55 -30.99 -10.96
C LEU E 242 -19.98 -30.07 -9.90
N PRO E 243 -19.15 -29.08 -10.27
CA PRO E 243 -18.59 -28.18 -9.25
C PRO E 243 -19.63 -27.27 -8.62
N ASP E 244 -20.66 -26.89 -9.37
CA ASP E 244 -21.71 -26.01 -8.84
C ASP E 244 -22.82 -26.78 -8.13
N ALA E 245 -22.70 -28.09 -7.98
CA ALA E 245 -23.72 -28.86 -7.30
C ALA E 245 -23.48 -28.84 -5.79
N PRO E 246 -24.54 -28.75 -5.00
CA PRO E 246 -24.37 -28.74 -3.54
C PRO E 246 -23.95 -30.10 -3.01
N TYR E 247 -23.07 -30.09 -2.03
CA TYR E 247 -22.57 -31.31 -1.43
C TYR E 247 -23.63 -31.93 -0.52
N VAL E 248 -23.90 -33.22 -0.71
CA VAL E 248 -24.86 -33.96 0.09
C VAL E 248 -24.09 -34.95 0.95
N SER E 249 -24.19 -34.81 2.26
CA SER E 249 -23.47 -35.67 3.18
C SER E 249 -24.26 -36.96 3.42
N ASP E 250 -23.69 -37.84 4.26
CA ASP E 250 -24.36 -39.10 4.55
C ASP E 250 -25.56 -38.91 5.47
N ARG E 251 -25.55 -37.84 6.27
CA ARG E 251 -26.69 -37.58 7.16
C ARG E 251 -27.92 -37.16 6.36
N ARG E 252 -27.72 -36.38 5.29
CA ARG E 252 -28.86 -35.97 4.47
C ARG E 252 -29.44 -37.13 3.67
N TRP E 253 -28.59 -38.07 3.25
CA TRP E 253 -29.09 -39.22 2.49
C TRP E 253 -29.81 -40.20 3.39
N LYS E 254 -29.32 -40.40 4.62
CA LYS E 254 -29.95 -41.35 5.52
C LYS E 254 -31.28 -40.84 6.03
N LYS E 255 -31.36 -39.56 6.37
CA LYS E 255 -32.61 -38.98 6.87
C LYS E 255 -33.65 -38.81 5.77
N ALA E 256 -33.24 -38.78 4.51
CA ALA E 256 -34.21 -38.65 3.43
C ALA E 256 -34.98 -39.95 3.20
N ILE E 257 -34.42 -41.08 3.63
CA ILE E 257 -35.11 -42.35 3.47
C ILE E 257 -36.25 -42.47 4.48
N ARG E 258 -36.09 -41.91 5.68
CA ARG E 258 -37.15 -41.96 6.68
C ARG E 258 -38.38 -41.20 6.21
N LEU E 259 -38.18 -40.12 5.45
CA LEU E 259 -39.31 -39.38 4.89
C LEU E 259 -39.83 -40.04 3.61
N LEU E 260 -38.99 -40.76 2.89
CA LEU E 260 -39.42 -41.43 1.67
C LEU E 260 -40.16 -42.73 1.98
N GLN E 261 -39.72 -43.46 3.01
CA GLN E 261 -40.39 -44.69 3.39
C GLN E 261 -41.77 -44.41 3.98
N ALA E 262 -41.91 -43.31 4.72
CA ALA E 262 -43.20 -42.95 5.28
C ALA E 262 -44.15 -42.38 4.23
N SER E 263 -43.63 -41.91 3.09
CA SER E 263 -44.49 -41.39 2.04
C SER E 263 -45.29 -42.50 1.39
N ALA E 264 -44.70 -43.69 1.25
CA ALA E 264 -45.39 -44.84 0.67
C ALA E 264 -46.20 -45.62 1.70
N PHE E 265 -45.85 -45.52 2.98
CA PHE E 265 -46.59 -46.24 4.02
C PHE E 265 -47.96 -45.62 4.24
N PHE E 266 -48.04 -44.29 4.21
CA PHE E 266 -49.30 -43.58 4.39
C PHE E 266 -50.10 -43.45 3.10
N SER E 267 -49.62 -44.01 2.00
CA SER E 267 -50.31 -43.95 0.72
C SER E 267 -50.85 -45.30 0.27
N GLY E 268 -50.65 -46.35 1.06
CA GLY E 268 -51.14 -47.67 0.70
C GLY E 268 -50.13 -48.57 0.01
N ARG E 269 -48.85 -48.40 0.30
CA ARG E 269 -47.80 -49.21 -0.31
C ARG E 269 -46.92 -49.80 0.78
N SER E 270 -46.26 -50.91 0.45
CA SER E 270 -45.38 -51.61 1.38
C SER E 270 -43.91 -51.43 1.06
N ALA E 271 -43.56 -51.00 -0.15
CA ALA E 271 -42.17 -50.80 -0.56
C ALA E 271 -41.97 -49.37 -1.02
N VAL E 272 -40.70 -49.01 -1.24
CA VAL E 272 -40.35 -47.68 -1.69
C VAL E 272 -40.66 -47.56 -3.18
N ALA E 273 -41.45 -46.53 -3.53
CA ALA E 273 -41.82 -46.31 -4.92
C ALA E 273 -40.90 -45.29 -5.58
N PRO E 274 -40.64 -45.44 -6.87
CA PRO E 274 -39.77 -44.47 -7.57
C PRO E 274 -40.36 -43.08 -7.63
N VAL E 275 -41.68 -42.92 -7.43
CA VAL E 275 -42.30 -41.60 -7.46
C VAL E 275 -41.99 -40.78 -6.23
N ASP E 276 -41.42 -41.38 -5.19
CA ASP E 276 -41.08 -40.65 -3.98
C ASP E 276 -39.78 -39.86 -4.09
N LEU E 277 -39.09 -39.94 -5.24
CA LEU E 277 -37.85 -39.20 -5.42
C LEU E 277 -38.07 -37.72 -5.67
N ILE E 278 -39.32 -37.30 -5.92
CA ILE E 278 -39.59 -35.88 -6.16
C ILE E 278 -39.49 -35.08 -4.87
N LEU E 279 -39.62 -35.73 -3.71
CA LEU E 279 -39.52 -35.03 -2.43
C LEU E 279 -38.10 -34.55 -2.11
N LEU E 280 -37.11 -35.00 -2.88
CA LEU E 280 -35.73 -34.59 -2.64
C LEU E 280 -35.42 -33.20 -3.16
N LYS E 281 -36.36 -32.56 -3.87
CA LYS E 281 -36.14 -31.22 -4.39
C LYS E 281 -36.20 -30.14 -3.32
N ASP E 282 -36.69 -30.47 -2.12
CA ASP E 282 -36.78 -29.51 -1.02
C ASP E 282 -35.92 -29.96 0.16
N CYS E 283 -34.83 -30.67 -0.11
CA CYS E 283 -33.95 -31.16 0.94
C CYS E 283 -32.49 -31.00 0.54
N LEU E 284 -32.19 -31.25 -0.74
CA LEU E 284 -30.80 -31.17 -1.19
C LEU E 284 -30.34 -29.73 -1.37
N TRP E 285 -31.25 -28.82 -1.70
CA TRP E 285 -30.88 -27.43 -1.91
C TRP E 285 -30.63 -26.73 -0.57
N TYR E 286 -29.91 -25.61 -0.64
CA TYR E 286 -29.60 -24.83 0.55
C TYR E 286 -29.58 -23.33 0.33
N ASP E 287 -29.50 -22.84 -0.91
CA ASP E 287 -29.49 -21.41 -1.18
C ASP E 287 -30.17 -21.17 -2.51
N ALA E 288 -30.06 -19.94 -3.02
CA ALA E 288 -30.70 -19.61 -4.29
C ALA E 288 -29.96 -20.22 -5.48
N GLN E 289 -28.66 -20.50 -5.31
CA GLN E 289 -27.89 -21.08 -6.40
C GLN E 289 -28.16 -22.58 -6.56
N SER E 290 -28.39 -23.29 -5.45
CA SER E 290 -28.66 -24.72 -5.51
C SER E 290 -30.13 -25.05 -5.78
N LEU E 291 -31.01 -24.05 -5.76
CA LEU E 291 -32.43 -24.31 -6.00
C LEU E 291 -32.69 -24.63 -7.46
N ASN E 292 -32.03 -23.92 -8.37
CA ASN E 292 -32.22 -24.15 -9.81
C ASN E 292 -31.45 -25.37 -10.32
N LEU E 293 -30.46 -25.85 -9.56
CA LEU E 293 -29.69 -27.01 -9.98
C LEU E 293 -30.25 -28.31 -9.44
N ILE E 294 -30.83 -28.28 -8.24
CA ILE E 294 -31.40 -29.50 -7.66
C ILE E 294 -32.70 -29.86 -8.39
N GLN E 295 -33.56 -28.87 -8.64
CA GLN E 295 -34.80 -29.12 -9.35
C GLN E 295 -34.58 -29.54 -10.80
N GLN E 296 -33.43 -29.20 -11.38
CA GLN E 296 -33.12 -29.58 -12.75
C GLN E 296 -32.52 -30.97 -12.85
N GLN E 297 -31.65 -31.34 -11.91
CA GLN E 297 -31.03 -32.67 -11.94
C GLN E 297 -32.03 -33.75 -11.59
N ILE E 298 -32.97 -33.46 -10.70
CA ILE E 298 -33.97 -34.46 -10.33
C ILE E 298 -34.99 -34.65 -11.45
N ASP E 299 -35.35 -33.57 -12.13
CA ASP E 299 -36.31 -33.66 -13.23
C ASP E 299 -35.77 -34.50 -14.37
N VAL E 300 -34.45 -34.51 -14.57
CA VAL E 300 -33.86 -35.34 -15.62
C VAL E 300 -33.94 -36.81 -15.23
N LEU E 301 -33.62 -37.13 -13.97
CA LEU E 301 -33.68 -38.52 -13.52
C LEU E 301 -35.12 -39.00 -13.38
N MET E 302 -36.04 -38.10 -13.01
CA MET E 302 -37.45 -38.49 -12.89
C MET E 302 -38.09 -38.74 -14.23
N THR E 303 -37.58 -38.11 -15.29
CA THR E 303 -38.10 -38.27 -16.65
C THR E 303 -37.08 -38.96 -17.56
N GLY E 304 -36.22 -39.80 -16.98
CA GLY E 304 -35.20 -40.48 -17.75
C GLY E 304 -34.93 -41.89 -17.27
N HIS E 305 -34.56 -42.04 -15.99
CA HIS E 305 -34.24 -43.33 -15.43
C HIS E 305 -35.22 -43.78 -14.35
N ALA E 306 -36.23 -42.98 -14.03
CA ALA E 306 -37.19 -43.38 -13.01
C ALA E 306 -38.11 -44.48 -13.51
N TRP E 307 -38.69 -44.30 -14.70
CA TRP E 307 -39.57 -45.28 -15.31
C TRP E 307 -38.96 -45.88 -16.57
N GLN E 308 -37.64 -46.02 -16.61
CA GLN E 308 -36.92 -46.58 -17.74
C GLN E 308 -37.20 -45.80 -19.02
N GLN E 309 -37.27 -44.47 -18.91
CA GLN E 309 -37.50 -43.63 -20.08
C GLN E 309 -36.26 -43.58 -20.96
N GLN E 310 -35.12 -43.17 -20.39
CA GLN E 310 -33.87 -43.15 -21.15
C GLN E 310 -33.30 -44.54 -21.33
N GLY E 311 -33.63 -45.49 -20.45
CA GLY E 311 -33.14 -46.85 -20.61
C GLY E 311 -33.73 -47.55 -21.82
N MET E 312 -34.97 -47.20 -22.18
CA MET E 312 -35.60 -47.77 -23.37
C MET E 312 -35.25 -47.01 -24.64
N LEU E 313 -34.78 -45.76 -24.52
CA LEU E 313 -34.39 -45.00 -25.71
C LEU E 313 -33.10 -45.54 -26.30
N THR E 314 -32.11 -45.85 -25.46
CA THR E 314 -30.87 -46.43 -25.94
C THR E 314 -31.05 -47.86 -26.41
N ARG E 315 -32.06 -48.57 -25.91
CA ARG E 315 -32.34 -49.92 -26.39
C ARG E 315 -33.12 -49.92 -27.70
N LEU E 316 -33.93 -48.88 -27.93
CA LEU E 316 -34.66 -48.79 -29.19
C LEU E 316 -33.73 -48.47 -30.35
N GLY E 317 -32.67 -47.71 -30.10
CA GLY E 317 -31.72 -47.42 -31.17
C GLY E 317 -30.95 -48.64 -31.64
N ALA E 318 -30.77 -49.63 -30.77
CA ALA E 318 -30.10 -50.85 -31.19
C ALA E 318 -30.98 -51.68 -32.13
N ILE E 319 -32.30 -51.60 -31.96
CA ILE E 319 -33.19 -52.31 -32.86
C ILE E 319 -33.23 -51.63 -34.23
N VAL E 320 -33.19 -50.30 -34.25
CA VAL E 320 -33.16 -49.58 -35.52
C VAL E 320 -31.83 -49.80 -36.22
N GLN E 321 -30.73 -49.85 -35.47
CA GLN E 321 -29.43 -50.13 -36.06
C GLN E 321 -29.34 -51.56 -36.56
N ARG E 322 -30.02 -52.49 -35.89
CA ARG E 322 -30.03 -53.88 -36.35
C ARG E 322 -30.90 -54.04 -37.60
N HIS E 323 -31.96 -53.25 -37.72
CA HIS E 323 -32.79 -53.32 -38.92
C HIS E 323 -32.06 -52.76 -40.13
N LEU E 324 -31.28 -51.70 -39.94
CA LEU E 324 -30.50 -51.14 -41.04
C LEU E 324 -29.33 -52.05 -41.41
N GLN E 325 -28.83 -52.83 -40.46
CA GLN E 325 -27.74 -53.76 -40.75
C GLN E 325 -28.22 -54.93 -41.60
N LEU E 326 -29.42 -55.44 -41.31
CA LEU E 326 -29.96 -56.54 -42.10
C LEU E 326 -30.41 -56.07 -43.48
N GLN E 327 -30.76 -54.79 -43.61
CA GLN E 327 -31.17 -54.27 -44.91
C GLN E 327 -29.98 -54.05 -45.84
N GLN E 328 -28.87 -53.56 -45.30
CA GLN E 328 -27.67 -53.34 -46.11
C GLN E 328 -26.95 -54.63 -46.45
N GLN E 329 -27.21 -55.72 -45.72
CA GLN E 329 -26.58 -56.99 -46.01
C GLN E 329 -27.24 -57.70 -47.19
N GLN E 330 -28.56 -57.55 -47.34
CA GLN E 330 -29.30 -58.15 -48.45
C GLN E 330 -29.55 -57.16 -49.58
N SER E 331 -28.66 -56.19 -49.76
CA SER E 331 -28.81 -55.19 -50.81
C SER E 331 -28.38 -55.69 -52.18
N ASP E 332 -27.88 -56.92 -52.27
CA ASP E 332 -27.46 -57.49 -53.55
C ASP E 332 -28.62 -57.98 -54.39
N LYS E 333 -29.84 -58.02 -53.84
CA LYS E 333 -30.99 -58.48 -54.60
C LYS E 333 -31.64 -57.34 -55.38
N THR E 334 -31.76 -56.17 -54.77
CA THR E 334 -32.36 -55.01 -55.41
C THR E 334 -31.26 -53.98 -55.70
N ALA E 335 -31.12 -53.64 -56.98
CA ALA E 335 -30.09 -52.68 -57.40
C ALA E 335 -30.68 -51.28 -57.48
N LEU E 336 -30.18 -50.47 -58.42
CA LEU E 336 -30.66 -49.10 -58.60
C LEU E 336 -30.43 -48.72 -60.06
N THR E 337 -31.46 -48.89 -60.88
CA THR E 337 -31.40 -48.58 -62.30
C THR E 337 -31.92 -47.17 -62.54
N VAL E 338 -31.17 -46.39 -63.33
CA VAL E 338 -31.53 -45.02 -63.65
C VAL E 338 -31.94 -44.97 -65.12
N ILE E 339 -33.18 -44.57 -65.38
CA ILE E 339 -33.69 -44.49 -66.74
C ILE E 339 -33.17 -43.23 -67.41
N ARG E 340 -33.10 -43.25 -68.74
CA ARG E 340 -32.63 -42.12 -69.52
C ARG E 340 -33.80 -41.42 -70.20
N LEU E 341 -33.53 -40.21 -70.67
CA LEU E 341 -34.52 -39.39 -71.35
C LEU E 341 -33.92 -38.81 -72.63
N GLY E 342 -34.78 -38.56 -73.61
CA GLY E 342 -34.34 -38.00 -74.86
C GLY E 342 -34.20 -36.49 -74.84
N GLY E 343 -34.90 -35.81 -75.74
CA GLY E 343 -34.86 -34.37 -75.79
C GLY E 343 -33.58 -33.83 -76.41
N ILE E 344 -33.51 -32.51 -76.49
CA ILE E 344 -32.37 -31.80 -77.06
C ILE E 344 -31.68 -31.05 -75.93
N PHE E 345 -30.51 -31.54 -75.52
CA PHE E 345 -29.75 -30.91 -74.45
C PHE E 345 -28.27 -31.16 -74.68
N SER E 346 -27.45 -30.23 -74.21
CA SER E 346 -26.00 -30.34 -74.37
C SER E 346 -25.38 -31.32 -73.39
N ARG E 347 -26.03 -31.58 -72.26
CA ARG E 347 -25.52 -32.50 -71.24
C ARG E 347 -26.41 -33.73 -71.16
N ARG E 348 -25.82 -34.83 -70.71
CA ARG E 348 -26.55 -36.09 -70.57
C ARG E 348 -27.47 -36.04 -69.36
N GLN E 349 -28.74 -35.67 -69.58
CA GLN E 349 -29.70 -35.59 -68.50
C GLN E 349 -30.23 -36.97 -68.15
N GLN E 350 -30.38 -37.22 -66.85
CA GLN E 350 -30.89 -38.50 -66.36
C GLN E 350 -32.16 -38.26 -65.55
N TYR E 351 -33.03 -39.27 -65.54
CA TYR E 351 -34.29 -39.21 -64.83
C TYR E 351 -34.36 -40.33 -63.79
N GLN E 352 -35.04 -40.05 -62.69
CA GLN E 352 -35.21 -41.02 -61.61
C GLN E 352 -36.42 -41.90 -61.88
N LEU E 353 -36.69 -42.82 -60.97
CA LEU E 353 -37.83 -43.71 -61.12
C LEU E 353 -39.13 -42.93 -60.85
N PRO E 354 -40.19 -43.22 -61.60
CA PRO E 354 -41.46 -42.48 -61.39
C PRO E 354 -42.18 -42.85 -60.11
N VAL E 355 -43.18 -43.72 -60.21
CA VAL E 355 -43.98 -44.09 -59.06
C VAL E 355 -43.25 -45.04 -58.11
N ASN E 356 -42.08 -45.54 -58.51
CA ASN E 356 -41.34 -46.45 -57.64
C ASN E 356 -40.81 -45.74 -56.41
N VAL E 357 -40.55 -44.45 -56.51
CA VAL E 357 -40.06 -43.64 -55.39
C VAL E 357 -40.79 -42.30 -55.40
N THR E 358 -41.41 -41.97 -54.27
CA THR E 358 -42.13 -40.70 -54.15
C THR E 358 -41.81 -39.92 -52.89
N ALA E 359 -41.01 -40.45 -51.98
CA ALA E 359 -40.67 -39.71 -50.77
C ALA E 359 -39.64 -38.63 -51.06
N SER E 360 -39.69 -37.56 -50.26
CA SER E 360 -38.76 -36.46 -50.43
C SER E 360 -37.41 -36.78 -49.78
N THR E 361 -37.42 -37.11 -48.49
CA THR E 361 -36.20 -37.45 -47.76
C THR E 361 -36.03 -38.97 -47.68
N LEU E 362 -35.94 -39.59 -48.85
CA LEU E 362 -35.75 -41.03 -48.92
C LEU E 362 -34.31 -41.41 -48.59
N THR E 363 -34.13 -42.67 -48.20
CA THR E 363 -32.83 -43.20 -47.83
C THR E 363 -32.36 -44.20 -48.90
N LEU E 364 -31.05 -44.22 -49.12
CA LEU E 364 -30.44 -45.12 -50.09
C LEU E 364 -29.28 -45.84 -49.41
N LEU E 365 -29.32 -47.17 -49.43
CA LEU E 365 -28.28 -47.96 -48.82
C LEU E 365 -27.10 -48.15 -49.78
N LEU E 366 -26.08 -48.85 -49.30
CA LEU E 366 -24.88 -49.12 -50.09
C LEU E 366 -24.35 -50.49 -49.73
N GLN E 367 -23.54 -51.04 -50.66
CA GLN E 367 -22.97 -52.37 -50.46
C GLN E 367 -21.74 -52.31 -49.56
N LYS E 368 -20.58 -52.15 -50.18
CA LYS E 368 -19.33 -52.08 -49.42
C LYS E 368 -19.24 -50.76 -48.66
N PRO E 369 -19.16 -50.77 -47.33
CA PRO E 369 -19.08 -49.51 -46.58
C PRO E 369 -17.74 -48.83 -46.77
N LEU E 370 -17.77 -47.50 -46.74
CA LEU E 370 -16.58 -46.69 -46.91
C LEU E 370 -16.41 -45.78 -45.70
N LYS E 371 -15.30 -45.04 -45.69
CA LYS E 371 -14.97 -44.11 -44.62
C LYS E 371 -15.10 -42.69 -45.16
N LEU E 372 -16.20 -42.03 -44.81
CA LEU E 372 -16.48 -40.67 -45.25
C LEU E 372 -16.38 -39.73 -44.05
N HIS E 373 -15.60 -38.66 -44.21
CA HIS E 373 -15.39 -37.66 -43.16
C HIS E 373 -14.87 -38.30 -41.88
N ASP E 374 -13.92 -39.23 -42.04
CA ASP E 374 -13.27 -39.91 -40.91
C ASP E 374 -14.29 -40.63 -40.04
N MET E 375 -15.29 -41.24 -40.68
CA MET E 375 -16.32 -41.99 -39.96
C MET E 375 -16.98 -42.96 -40.93
N GLU E 376 -17.62 -43.98 -40.36
CA GLU E 376 -18.30 -44.99 -41.15
C GLU E 376 -19.77 -44.61 -41.34
N VAL E 377 -20.38 -45.19 -42.36
CA VAL E 377 -21.77 -44.92 -42.70
C VAL E 377 -22.39 -46.19 -43.26
N VAL E 378 -23.71 -46.34 -43.10
CA VAL E 378 -24.41 -47.50 -43.63
C VAL E 378 -25.58 -47.12 -44.54
N HIS E 379 -26.03 -45.86 -44.50
CA HIS E 379 -27.12 -45.40 -45.35
C HIS E 379 -27.01 -43.90 -45.53
N ILE E 380 -27.26 -43.44 -46.75
CA ILE E 380 -27.19 -42.02 -47.10
C ILE E 380 -28.57 -41.58 -47.54
N SER E 381 -29.17 -40.65 -46.79
CA SER E 381 -30.49 -40.13 -47.09
C SER E 381 -30.37 -38.90 -47.98
N PHE E 382 -30.88 -39.00 -49.20
CA PHE E 382 -30.83 -37.90 -50.15
C PHE E 382 -32.17 -37.16 -50.17
N GLU E 383 -32.18 -36.05 -50.90
CA GLU E 383 -33.36 -35.20 -51.03
C GLU E 383 -33.88 -35.30 -52.46
N ARG E 384 -35.20 -35.47 -52.60
CA ARG E 384 -35.80 -35.57 -53.93
C ARG E 384 -35.80 -34.24 -54.68
N SER E 385 -35.75 -33.11 -53.96
CA SER E 385 -35.74 -31.82 -54.62
C SER E 385 -34.37 -31.49 -55.21
N ALA E 386 -33.30 -32.03 -54.62
CA ALA E 386 -31.95 -31.78 -55.12
C ALA E 386 -31.43 -32.89 -56.04
N LEU E 387 -32.06 -34.07 -56.02
CA LEU E 387 -31.59 -35.15 -56.88
C LEU E 387 -32.01 -34.93 -58.33
N GLU E 388 -33.11 -34.21 -58.57
CA GLU E 388 -33.55 -33.97 -59.93
C GLU E 388 -32.68 -32.93 -60.63
N GLN E 389 -32.11 -31.98 -59.86
CA GLN E 389 -31.27 -30.96 -60.47
C GLN E 389 -29.86 -31.47 -60.76
N TRP E 390 -29.37 -32.43 -59.98
CA TRP E 390 -28.03 -32.96 -60.22
C TRP E 390 -28.03 -33.96 -61.37
N LEU E 391 -29.11 -34.74 -61.52
CA LEU E 391 -29.20 -35.72 -62.60
C LEU E 391 -29.50 -35.10 -63.95
N SER E 392 -29.90 -33.82 -63.98
CA SER E 392 -30.20 -33.13 -65.24
C SER E 392 -29.20 -32.01 -65.53
N LYS E 393 -29.13 -31.00 -64.67
CA LYS E 393 -28.20 -29.90 -64.90
C LYS E 393 -26.77 -30.29 -64.56
N GLY E 394 -26.56 -30.95 -63.42
CA GLY E 394 -25.23 -31.37 -63.03
C GLY E 394 -24.70 -30.62 -61.83
N GLY E 395 -23.38 -30.47 -61.77
CA GLY E 395 -22.75 -29.76 -60.66
C GLY E 395 -22.42 -30.66 -59.49
N GLU E 396 -22.56 -30.13 -58.28
CA GLU E 396 -22.27 -30.88 -57.05
C GLU E 396 -23.57 -31.10 -56.27
N ILE E 397 -23.56 -32.16 -55.46
CA ILE E 397 -24.71 -32.51 -54.63
C ILE E 397 -24.24 -32.68 -53.18
N ARG E 398 -25.20 -32.56 -52.27
CA ARG E 398 -24.94 -32.70 -50.85
C ARG E 398 -25.77 -33.83 -50.27
N GLY E 399 -25.38 -34.28 -49.07
CA GLY E 399 -26.08 -35.35 -48.41
C GLY E 399 -25.53 -35.67 -47.04
N LYS E 400 -26.41 -35.88 -46.07
CA LYS E 400 -25.99 -36.19 -44.71
C LYS E 400 -25.64 -37.68 -44.59
N LEU E 401 -24.89 -38.00 -43.54
CA LEU E 401 -24.45 -39.36 -43.28
C LEU E 401 -25.24 -39.95 -42.13
N ASN E 402 -25.72 -41.18 -42.32
CA ASN E 402 -26.50 -41.92 -41.32
C ASN E 402 -27.76 -41.17 -40.91
N GLY E 403 -28.29 -40.34 -41.81
CA GLY E 403 -29.50 -39.59 -41.52
C GLY E 403 -29.36 -38.53 -40.45
N ILE E 404 -28.12 -38.14 -40.12
CA ILE E 404 -27.87 -37.13 -39.10
C ILE E 404 -26.77 -36.20 -39.60
N GLY E 405 -26.62 -35.08 -38.91
CA GLY E 405 -25.62 -34.10 -39.27
C GLY E 405 -26.05 -33.22 -40.42
N PHE E 406 -25.10 -32.42 -40.91
CA PHE E 406 -25.34 -31.52 -42.01
C PHE E 406 -25.17 -32.23 -43.34
N ALA E 407 -25.71 -31.63 -44.39
CA ALA E 407 -25.63 -32.18 -45.74
C ALA E 407 -24.23 -31.93 -46.29
N GLN E 408 -23.36 -32.92 -46.15
CA GLN E 408 -21.98 -32.81 -46.61
C GLN E 408 -21.88 -33.19 -48.08
N LYS E 409 -20.84 -32.67 -48.73
CA LYS E 409 -20.62 -32.95 -50.14
C LYS E 409 -20.00 -34.33 -50.32
N LEU E 410 -20.49 -35.06 -51.32
CA LEU E 410 -20.02 -36.39 -51.63
C LEU E 410 -19.55 -36.45 -53.08
N ASN E 411 -18.82 -37.52 -53.40
CA ASN E 411 -18.29 -37.72 -54.75
C ASN E 411 -19.22 -38.63 -55.54
N LEU E 412 -20.43 -38.13 -55.77
CA LEU E 412 -21.44 -38.88 -56.51
C LEU E 412 -21.21 -38.72 -58.02
N GLU E 413 -21.37 -39.82 -58.74
CA GLU E 413 -21.21 -39.82 -60.19
C GLU E 413 -22.03 -40.96 -60.78
N VAL E 414 -22.15 -40.94 -62.10
CA VAL E 414 -22.91 -41.95 -62.82
C VAL E 414 -21.97 -43.08 -63.23
N ASP E 415 -22.54 -44.24 -63.50
CA ASP E 415 -21.80 -45.42 -63.92
C ASP E 415 -22.19 -45.83 -65.33
N SER E 416 -21.48 -46.83 -65.86
CA SER E 416 -21.77 -47.32 -67.20
C SER E 416 -23.04 -48.16 -67.25
N ALA E 417 -23.45 -48.74 -66.13
CA ALA E 417 -24.66 -49.56 -66.05
C ALA E 417 -25.82 -48.82 -65.41
N GLN E 418 -25.84 -47.49 -65.51
CA GLN E 418 -26.89 -46.65 -64.96
C GLN E 418 -27.04 -46.89 -63.45
N HIS E 419 -25.97 -46.57 -62.73
CA HIS E 419 -25.93 -46.72 -61.28
C HIS E 419 -25.21 -45.53 -60.67
N LEU E 420 -25.34 -45.39 -59.35
CA LEU E 420 -24.71 -44.31 -58.61
C LEU E 420 -23.49 -44.83 -57.87
N VAL E 421 -22.34 -44.20 -58.09
CA VAL E 421 -21.09 -44.58 -57.48
C VAL E 421 -20.65 -43.48 -56.54
N VAL E 422 -20.38 -43.84 -55.28
CA VAL E 422 -19.95 -42.89 -54.25
C VAL E 422 -18.49 -43.20 -53.93
N ARG E 423 -17.61 -42.22 -54.17
CA ARG E 423 -16.19 -42.36 -53.92
C ARG E 423 -15.80 -41.60 -52.66
N ASP E 424 -14.65 -41.96 -52.11
CA ASP E 424 -14.14 -41.33 -50.90
C ASP E 424 -12.78 -40.69 -51.15
N VAL E 425 -11.84 -40.88 -50.22
CA VAL E 425 -10.51 -40.31 -50.37
C VAL E 425 -9.53 -41.28 -51.03
N SER E 426 -9.89 -42.56 -51.17
CA SER E 426 -9.03 -43.55 -51.81
C SER E 426 -9.57 -44.03 -53.14
N LEU E 427 -10.53 -43.31 -53.72
CA LEU E 427 -11.13 -43.66 -55.02
C LEU E 427 -11.71 -45.08 -54.98
N GLN E 428 -12.58 -45.32 -54.01
CA GLN E 428 -13.24 -46.60 -53.84
C GLN E 428 -14.68 -46.52 -54.34
N GLY E 429 -15.04 -47.42 -55.26
CA GLY E 429 -16.37 -47.42 -55.81
C GLY E 429 -17.36 -48.15 -54.92
N SER E 430 -18.60 -47.68 -54.94
CA SER E 430 -19.67 -48.27 -54.14
C SER E 430 -21.00 -47.99 -54.82
N THR E 431 -21.68 -49.04 -55.25
CA THR E 431 -22.97 -48.90 -55.92
C THR E 431 -24.08 -48.73 -54.89
N LEU E 432 -24.91 -47.71 -55.07
CA LEU E 432 -26.00 -47.45 -54.16
C LEU E 432 -27.21 -48.33 -54.49
N ALA E 433 -28.10 -48.47 -53.52
CA ALA E 433 -29.30 -49.28 -53.69
C ALA E 433 -30.37 -48.77 -52.75
N LEU E 434 -31.64 -48.99 -53.14
CA LEU E 434 -32.76 -48.56 -52.33
C LEU E 434 -33.32 -49.72 -51.51
N PRO E 435 -33.87 -49.45 -50.33
CA PRO E 435 -34.43 -50.53 -49.52
C PRO E 435 -35.73 -51.06 -50.12
N GLY E 436 -35.87 -52.38 -50.11
CA GLY E 436 -37.05 -53.03 -50.64
C GLY E 436 -38.23 -52.97 -49.69
N SER E 437 -39.35 -53.49 -50.16
CA SER E 437 -40.58 -53.51 -49.37
C SER E 437 -40.54 -54.63 -48.33
N LEU E 442 -40.88 -56.26 -42.69
CA LEU E 442 -40.33 -56.38 -41.35
C LEU E 442 -39.87 -57.81 -41.06
N PRO E 443 -38.58 -57.97 -40.79
CA PRO E 443 -38.05 -59.31 -40.50
C PRO E 443 -38.59 -59.86 -39.19
N GLY E 444 -38.40 -61.16 -39.01
CA GLY E 444 -38.87 -61.81 -37.79
C GLY E 444 -38.04 -61.46 -36.57
N GLU E 445 -36.74 -61.20 -36.76
CA GLU E 445 -35.89 -60.85 -35.64
C GLU E 445 -36.15 -59.43 -35.15
N ILE E 446 -36.46 -58.51 -36.06
CA ILE E 446 -36.72 -57.14 -35.67
C ILE E 446 -38.09 -57.05 -34.97
N LYS E 447 -39.07 -57.81 -35.46
CA LYS E 447 -40.39 -57.79 -34.83
C LYS E 447 -40.38 -58.45 -33.46
N GLN E 448 -39.47 -59.41 -33.24
CA GLN E 448 -39.40 -60.06 -31.94
C GLN E 448 -38.81 -59.14 -30.89
N GLN E 449 -37.75 -58.40 -31.24
CA GLN E 449 -37.15 -57.47 -30.29
C GLN E 449 -38.04 -56.25 -30.05
N LEU E 450 -38.81 -55.85 -31.07
CA LEU E 450 -39.70 -54.70 -30.91
C LEU E 450 -40.91 -55.04 -30.04
N GLU E 451 -41.37 -56.30 -30.09
CA GLU E 451 -42.50 -56.68 -29.27
C GLU E 451 -42.11 -56.81 -27.80
N GLU E 452 -40.87 -57.21 -27.53
CA GLU E 452 -40.43 -57.30 -26.14
C GLU E 452 -40.20 -55.93 -25.51
N LEU E 453 -39.74 -54.96 -26.30
CA LEU E 453 -39.55 -53.61 -25.77
C LEU E 453 -40.89 -52.90 -25.56
N GLU E 454 -41.88 -53.20 -26.40
CA GLU E 454 -43.19 -52.59 -26.23
C GLU E 454 -43.90 -53.11 -24.98
N SER E 455 -43.64 -54.37 -24.60
CA SER E 455 -44.25 -54.92 -23.40
C SER E 455 -43.65 -54.30 -22.14
N ASP E 456 -42.38 -53.91 -22.19
CA ASP E 456 -41.77 -53.26 -21.03
C ASP E 456 -42.28 -51.84 -20.85
N TRP E 457 -42.67 -51.17 -21.94
CA TRP E 457 -43.22 -49.83 -21.82
C TRP E 457 -44.62 -49.86 -21.22
N ARG E 458 -45.40 -50.90 -21.53
CA ARG E 458 -46.73 -51.01 -20.94
C ARG E 458 -46.66 -51.39 -19.47
N LYS E 459 -45.68 -52.21 -19.09
CA LYS E 459 -45.53 -52.57 -17.67
C LYS E 459 -45.01 -51.40 -16.85
N GLN E 460 -44.16 -50.57 -17.43
CA GLN E 460 -43.65 -49.40 -16.71
C GLN E 460 -44.74 -48.33 -16.59
N HIS E 461 -45.59 -48.20 -17.61
CA HIS E 461 -46.67 -47.23 -17.54
C HIS E 461 -47.76 -47.65 -16.56
N ALA E 462 -47.91 -48.96 -16.33
CA ALA E 462 -48.91 -49.43 -15.39
C ALA E 462 -48.48 -49.15 -13.95
N LEU E 463 -47.17 -49.10 -13.68
CA LEU E 463 -46.71 -48.80 -12.33
C LEU E 463 -46.92 -47.32 -11.99
N PHE E 464 -46.83 -46.43 -12.98
CA PHE E 464 -47.06 -45.02 -12.70
C PHE E 464 -48.53 -44.72 -12.45
N SER E 465 -49.43 -45.47 -13.09
CA SER E 465 -50.86 -45.29 -12.90
C SER E 465 -51.38 -45.90 -11.60
N GLU E 466 -50.51 -46.52 -10.81
CA GLU E 466 -50.92 -47.12 -9.54
C GLU E 466 -50.27 -46.44 -8.34
N GLN E 467 -49.46 -45.41 -8.55
CA GLN E 467 -48.81 -44.72 -7.45
C GLN E 467 -48.75 -43.21 -7.61
N GLN E 468 -49.37 -42.64 -8.64
CA GLN E 468 -49.37 -41.21 -8.85
C GLN E 468 -50.33 -40.47 -7.93
N LYS E 469 -51.20 -41.18 -7.22
CA LYS E 469 -52.18 -40.58 -6.32
C LYS E 469 -51.60 -40.27 -4.94
N CYS E 470 -50.29 -40.05 -4.85
CA CYS E 470 -49.67 -39.73 -3.58
C CYS E 470 -49.99 -38.29 -3.17
N LEU E 471 -50.24 -38.10 -1.87
CA LEU E 471 -50.59 -36.77 -1.38
C LEU E 471 -49.38 -35.87 -1.26
N PHE E 472 -48.19 -36.44 -1.07
CA PHE E 472 -46.96 -35.68 -0.92
C PHE E 472 -46.28 -35.40 -2.25
N ILE E 473 -47.02 -35.39 -3.34
CA ILE E 473 -46.47 -35.12 -4.67
C ILE E 473 -47.20 -33.93 -5.27
N PRO E 474 -46.50 -32.91 -5.76
CA PRO E 474 -47.18 -31.75 -6.35
C PRO E 474 -47.93 -32.12 -7.61
N GLY E 475 -48.86 -31.25 -7.99
CA GLY E 475 -49.68 -31.51 -9.16
C GLY E 475 -49.02 -31.14 -10.48
N ASP E 476 -48.15 -30.14 -10.47
CA ASP E 476 -47.49 -29.72 -11.70
C ASP E 476 -46.43 -30.71 -12.15
N TRP E 477 -45.96 -31.58 -11.25
CA TRP E 477 -44.97 -32.57 -11.62
C TRP E 477 -45.56 -33.77 -12.35
N LEU E 478 -46.88 -33.97 -12.25
CA LEU E 478 -47.50 -35.10 -12.93
C LEU E 478 -47.60 -34.89 -14.42
N GLY E 479 -47.60 -33.63 -14.87
CA GLY E 479 -47.68 -33.35 -16.30
C GLY E 479 -46.41 -33.64 -17.05
N ARG E 480 -45.27 -33.67 -16.37
CA ARG E 480 -43.99 -33.97 -17.02
C ARG E 480 -43.68 -35.45 -17.06
N ILE E 481 -44.20 -36.23 -16.11
CA ILE E 481 -43.97 -37.67 -16.12
C ILE E 481 -44.80 -38.34 -17.19
N GLU E 482 -46.05 -37.88 -17.38
CA GLU E 482 -46.90 -38.46 -18.40
C GLU E 482 -46.44 -38.06 -19.79
N ALA E 483 -45.91 -36.84 -19.94
CA ALA E 483 -45.42 -36.40 -21.24
C ALA E 483 -44.13 -37.11 -21.63
N SER E 484 -43.31 -37.47 -20.65
CA SER E 484 -42.06 -38.18 -20.93
C SER E 484 -42.30 -39.65 -21.28
N LEU E 485 -43.33 -40.27 -20.69
CA LEU E 485 -43.62 -41.66 -21.00
C LEU E 485 -44.29 -41.81 -22.36
N GLN E 486 -45.03 -40.79 -22.80
CA GLN E 486 -45.68 -40.85 -24.11
C GLN E 486 -44.70 -40.66 -25.26
N ASP E 487 -43.58 -39.98 -25.02
CA ASP E 487 -42.59 -39.79 -26.07
C ASP E 487 -41.85 -41.08 -26.39
N VAL E 488 -41.66 -41.95 -25.39
CA VAL E 488 -40.99 -43.21 -25.64
C VAL E 488 -41.90 -44.18 -26.38
N GLY E 489 -43.19 -44.19 -26.02
CA GLY E 489 -44.14 -45.05 -26.70
C GLY E 489 -44.46 -44.61 -28.11
N ALA E 490 -44.27 -43.33 -28.41
CA ALA E 490 -44.53 -42.84 -29.75
C ALA E 490 -43.36 -43.10 -30.69
N GLN E 491 -42.15 -43.24 -30.16
CA GLN E 491 -40.99 -43.52 -31.00
C GLN E 491 -40.89 -44.99 -31.37
N ILE E 492 -41.35 -45.88 -30.49
CA ILE E 492 -41.31 -47.31 -30.81
C ILE E 492 -42.41 -47.69 -31.79
N ARG E 493 -43.49 -46.91 -31.83
CA ARG E 493 -44.59 -47.21 -32.75
C ARG E 493 -44.28 -46.79 -34.18
N GLN E 494 -43.29 -45.92 -34.38
CA GLN E 494 -42.95 -45.48 -35.73
C GLN E 494 -42.03 -46.46 -36.43
N ALA E 495 -41.24 -47.23 -35.67
CA ALA E 495 -40.33 -48.19 -36.28
C ALA E 495 -41.07 -49.40 -36.83
N GLN E 496 -42.25 -49.70 -36.28
CA GLN E 496 -43.04 -50.84 -36.72
C GLN E 496 -44.10 -50.43 -37.76
N GLN E 497 -43.67 -49.67 -38.75
CA GLN E 497 -44.58 -49.20 -39.80
C GLN E 497 -44.13 -49.71 -41.17
N HIS F 3 -3.11 -65.45 30.48
CA HIS F 3 -3.70 -64.15 30.80
C HIS F 3 -3.49 -63.09 29.70
N PRO F 4 -2.27 -62.92 29.20
CA PRO F 4 -2.08 -61.93 28.11
C PRO F 4 -2.73 -62.36 26.81
N HIS F 5 -2.88 -63.65 26.55
CA HIS F 5 -3.50 -64.10 25.32
C HIS F 5 -5.01 -63.92 25.34
N LEU F 6 -5.62 -63.95 26.53
CA LEU F 6 -7.06 -63.78 26.64
C LEU F 6 -7.48 -62.32 26.52
N LEU F 7 -6.54 -61.38 26.62
CA LEU F 7 -6.88 -59.97 26.51
C LEU F 7 -7.21 -59.59 25.07
N ALA F 8 -6.59 -60.27 24.08
CA ALA F 8 -6.86 -59.96 22.68
C ALA F 8 -8.27 -60.36 22.28
N GLU F 9 -8.86 -61.35 22.96
CA GLU F 9 -10.21 -61.75 22.63
C GLU F 9 -11.24 -60.73 23.10
N ARG F 10 -11.04 -60.17 24.29
CA ARG F 10 -11.97 -59.16 24.80
C ARG F 10 -11.88 -57.86 24.00
N ILE F 11 -10.69 -57.50 23.52
CA ILE F 11 -10.55 -56.28 22.73
C ILE F 11 -11.19 -56.45 21.36
N SER F 12 -10.98 -57.61 20.73
CA SER F 12 -11.57 -57.85 19.42
C SER F 12 -13.09 -57.95 19.49
N ARG F 13 -13.63 -58.39 20.64
CA ARG F 13 -15.07 -58.48 20.80
C ARG F 13 -15.70 -57.17 21.24
N LEU F 14 -14.92 -56.28 21.85
CA LEU F 14 -15.47 -55.00 22.29
C LEU F 14 -15.73 -54.07 21.11
N SER F 15 -14.78 -53.98 20.18
CA SER F 15 -14.95 -53.13 19.01
C SER F 15 -15.89 -53.72 17.97
N SER F 16 -16.18 -55.03 18.07
CA SER F 16 -17.09 -55.64 17.11
C SER F 16 -18.52 -55.16 17.32
N SER F 17 -18.93 -54.96 18.57
CA SER F 17 -20.26 -54.46 18.85
C SER F 17 -20.38 -52.96 18.58
N LEU F 18 -19.27 -52.24 18.61
CA LEU F 18 -19.29 -50.80 18.35
C LEU F 18 -19.43 -50.48 16.86
N GLU F 19 -19.07 -51.42 15.98
CA GLU F 19 -19.17 -51.20 14.55
C GLU F 19 -20.56 -51.51 14.00
N LYS F 20 -21.51 -51.91 14.84
CA LYS F 20 -22.86 -52.21 14.40
C LYS F 20 -23.59 -50.91 14.08
N GLY F 21 -23.83 -50.68 12.78
CA GLY F 21 -24.50 -49.47 12.33
C GLY F 21 -23.59 -48.45 11.69
N LEU F 22 -22.28 -48.66 11.71
CA LEU F 22 -21.30 -47.75 11.12
C LEU F 22 -20.49 -48.52 10.09
N TYR F 23 -20.77 -48.27 8.82
CA TYR F 23 -20.07 -48.93 7.72
C TYR F 23 -18.91 -48.06 7.23
N GLU F 24 -17.87 -48.72 6.76
CA GLU F 24 -16.65 -48.06 6.27
C GLU F 24 -16.02 -47.16 7.34
N ARG F 25 -16.19 -47.54 8.61
CA ARG F 25 -15.65 -46.78 9.73
C ARG F 25 -14.92 -47.69 10.71
N SER F 26 -14.36 -48.80 10.21
CA SER F 26 -13.65 -49.73 11.08
C SER F 26 -12.35 -49.14 11.59
N HIS F 27 -11.63 -48.42 10.74
CA HIS F 27 -10.36 -47.82 11.15
C HIS F 27 -10.55 -46.61 12.05
N ALA F 28 -11.78 -46.06 12.11
CA ALA F 28 -12.05 -44.91 12.96
C ALA F 28 -12.50 -45.31 14.36
N ILE F 29 -13.10 -46.49 14.51
CA ILE F 29 -13.55 -46.94 15.82
C ILE F 29 -12.41 -47.59 16.59
N ARG F 30 -11.62 -48.43 15.93
CA ARG F 30 -10.51 -49.09 16.60
C ARG F 30 -9.41 -48.11 16.97
N LEU F 31 -9.29 -47.00 16.23
CA LEU F 31 -8.26 -46.01 16.55
C LEU F 31 -8.66 -45.20 17.77
N CYS F 32 -9.95 -44.88 17.92
CA CYS F 32 -10.40 -44.12 19.07
C CYS F 32 -10.44 -44.98 20.33
N LEU F 33 -10.62 -46.29 20.17
CA LEU F 33 -10.65 -47.17 21.33
C LEU F 33 -9.26 -47.34 21.94
N LEU F 34 -8.22 -47.33 21.11
CA LEU F 34 -6.85 -47.45 21.62
C LEU F 34 -6.42 -46.19 22.36
N ALA F 35 -6.83 -45.03 21.87
CA ALA F 35 -6.47 -43.78 22.54
C ALA F 35 -7.28 -43.57 23.82
N ALA F 36 -8.46 -44.20 23.92
CA ALA F 36 -9.27 -44.05 25.12
C ALA F 36 -8.72 -44.88 26.27
N LEU F 37 -8.00 -45.95 25.97
CA LEU F 37 -7.42 -46.82 26.99
C LEU F 37 -5.94 -46.53 27.24
N SER F 38 -5.41 -45.45 26.65
CA SER F 38 -4.02 -45.10 26.81
C SER F 38 -3.79 -43.64 27.18
N GLY F 39 -4.82 -42.79 27.14
CA GLY F 39 -4.67 -41.39 27.48
C GLY F 39 -4.17 -40.52 26.37
N GLU F 40 -4.55 -40.80 25.12
CA GLU F 40 -4.13 -40.02 23.96
C GLU F 40 -5.34 -39.29 23.36
N SER F 41 -5.12 -38.66 22.23
CA SER F 41 -6.16 -37.90 21.53
C SER F 41 -6.28 -38.41 20.10
N VAL F 42 -7.30 -37.89 19.41
CA VAL F 42 -7.56 -38.27 18.02
C VAL F 42 -8.21 -37.09 17.32
N PHE F 43 -7.69 -36.75 16.14
CA PHE F 43 -8.19 -35.63 15.35
C PHE F 43 -8.93 -36.17 14.12
N LEU F 44 -10.08 -35.56 13.83
CA LEU F 44 -10.91 -35.93 12.69
C LEU F 44 -11.03 -34.75 11.74
N LEU F 45 -10.92 -35.03 10.44
CA LEU F 45 -11.01 -34.00 9.41
C LEU F 45 -11.89 -34.51 8.28
N GLY F 46 -12.81 -33.67 7.82
CA GLY F 46 -13.70 -34.02 6.75
C GLY F 46 -14.93 -33.13 6.70
N PRO F 47 -15.78 -33.34 5.69
CA PRO F 47 -16.99 -32.53 5.58
C PRO F 47 -17.98 -32.90 6.67
N PRO F 48 -18.79 -31.95 7.14
CA PRO F 48 -19.76 -32.25 8.20
C PRO F 48 -20.86 -33.16 7.69
N GLY F 49 -20.97 -34.35 8.30
CA GLY F 49 -21.99 -35.29 7.92
C GLY F 49 -21.46 -36.66 7.55
N ILE F 50 -20.48 -37.14 8.32
CA ILE F 50 -19.89 -38.45 8.08
C ILE F 50 -19.74 -39.18 9.40
N ALA F 51 -20.74 -39.06 10.27
CA ALA F 51 -20.75 -39.72 11.58
C ALA F 51 -19.53 -39.33 12.41
N LYS F 52 -19.16 -38.06 12.36
CA LYS F 52 -18.02 -37.58 13.14
C LYS F 52 -18.38 -37.37 14.60
N SER F 53 -19.65 -37.21 14.94
CA SER F 53 -20.08 -37.02 16.31
C SER F 53 -20.59 -38.31 16.96
N LEU F 54 -20.95 -39.32 16.16
CA LEU F 54 -21.42 -40.58 16.73
C LEU F 54 -20.28 -41.39 17.32
N ILE F 55 -19.07 -41.27 16.75
CA ILE F 55 -17.93 -42.01 17.30
C ILE F 55 -17.54 -41.46 18.66
N ALA F 56 -17.80 -40.17 18.92
CA ALA F 56 -17.50 -39.60 20.22
C ALA F 56 -18.50 -40.05 21.28
N ARG F 57 -19.75 -40.27 20.89
CA ARG F 57 -20.77 -40.73 21.82
C ARG F 57 -20.80 -42.23 21.99
N ARG F 58 -20.14 -42.99 21.11
CA ARG F 58 -20.11 -44.44 21.20
C ARG F 58 -18.99 -44.96 22.08
N LEU F 59 -17.92 -44.17 22.26
CA LEU F 59 -16.81 -44.60 23.09
C LEU F 59 -17.13 -44.54 24.58
N LYS F 60 -18.19 -43.83 24.96
CA LYS F 60 -18.57 -43.76 26.37
C LYS F 60 -19.25 -45.04 26.85
N PHE F 61 -19.67 -45.91 25.92
CA PHE F 61 -20.30 -47.16 26.32
C PHE F 61 -19.30 -48.25 26.67
N ALA F 62 -18.02 -48.06 26.33
CA ALA F 62 -17.02 -49.07 26.66
C ALA F 62 -16.66 -49.05 28.14
N PHE F 63 -16.81 -47.90 28.79
CA PHE F 63 -16.50 -47.75 30.20
C PHE F 63 -17.78 -47.86 31.03
N GLN F 64 -17.60 -48.24 32.30
CA GLN F 64 -18.75 -48.37 33.20
C GLN F 64 -19.25 -47.02 33.66
N ASN F 65 -18.34 -46.09 33.96
CA ASN F 65 -18.68 -44.75 34.42
C ASN F 65 -18.00 -43.75 33.48
N ALA F 66 -18.70 -43.37 32.42
CA ALA F 66 -18.19 -42.42 31.43
C ALA F 66 -19.28 -41.41 31.11
N ARG F 67 -18.90 -40.13 31.10
CA ARG F 67 -19.82 -39.03 30.81
C ARG F 67 -19.39 -38.35 29.53
N ALA F 68 -20.30 -38.27 28.57
CA ALA F 68 -20.02 -37.63 27.30
C ALA F 68 -20.26 -36.13 27.37
N PHE F 69 -19.71 -35.41 26.40
CA PHE F 69 -19.85 -33.95 26.34
C PHE F 69 -19.71 -33.53 24.89
N GLU F 70 -20.83 -33.11 24.28
CA GLU F 70 -20.85 -32.66 22.89
C GLU F 70 -21.06 -31.15 22.89
N TYR F 71 -20.09 -30.43 22.31
CA TYR F 71 -20.15 -28.98 22.23
C TYR F 71 -19.55 -28.51 20.91
N LEU F 72 -20.12 -27.44 20.38
CA LEU F 72 -19.66 -26.84 19.12
C LEU F 72 -19.01 -25.50 19.43
N MET F 73 -17.71 -25.41 19.16
CA MET F 73 -16.98 -24.18 19.43
C MET F 73 -17.34 -23.12 18.39
N THR F 74 -17.73 -21.94 18.87
CA THR F 74 -18.11 -20.82 18.02
C THR F 74 -17.05 -19.72 18.10
N ARG F 75 -17.24 -18.69 17.27
CA ARG F 75 -16.31 -17.57 17.27
C ARG F 75 -16.47 -16.70 18.49
N PHE F 76 -17.67 -16.69 19.09
CA PHE F 76 -17.96 -15.90 20.28
C PHE F 76 -18.18 -16.79 21.51
N SER F 77 -17.51 -17.94 21.56
CA SER F 77 -17.66 -18.86 22.68
C SER F 77 -16.91 -18.33 23.90
N THR F 78 -17.51 -18.55 25.07
CA THR F 78 -16.93 -18.13 26.34
C THR F 78 -16.56 -19.34 27.19
N PRO F 79 -15.51 -19.24 28.01
CA PRO F 79 -15.14 -20.39 28.85
C PRO F 79 -16.17 -20.74 29.90
N GLU F 80 -17.14 -19.84 30.16
CA GLU F 80 -18.16 -20.14 31.16
C GLU F 80 -19.19 -21.15 30.66
N GLU F 81 -19.26 -21.37 29.34
CA GLU F 81 -20.19 -22.33 28.77
C GLU F 81 -19.58 -23.70 28.49
N VAL F 82 -18.26 -23.79 28.44
CA VAL F 82 -17.56 -25.04 28.17
C VAL F 82 -17.07 -25.69 29.47
N PHE F 83 -16.30 -24.95 30.26
CA PHE F 83 -15.75 -25.45 31.51
C PHE F 83 -16.67 -25.18 32.70
N GLY F 84 -17.94 -24.85 32.45
CA GLY F 84 -18.88 -24.57 33.50
C GLY F 84 -18.76 -23.15 34.02
N PRO F 85 -19.91 -22.53 34.32
CA PRO F 85 -19.89 -21.17 34.84
C PRO F 85 -19.55 -21.12 36.32
N LEU F 86 -19.02 -19.97 36.74
CA LEU F 86 -18.63 -19.76 38.12
C LEU F 86 -19.77 -19.15 38.92
N SER F 87 -19.62 -19.16 40.24
CA SER F 87 -20.65 -18.61 41.13
C SER F 87 -20.25 -17.23 41.63
N GLU F 98 -15.82 -23.18 43.39
CA GLU F 98 -16.46 -21.89 43.12
C GLU F 98 -17.00 -21.84 41.70
N ARG F 99 -16.74 -22.88 40.93
CA ARG F 99 -17.16 -22.98 39.55
C ARG F 99 -18.13 -24.16 39.41
N LEU F 100 -19.35 -23.89 38.96
CA LEU F 100 -20.36 -24.93 38.77
C LEU F 100 -20.00 -25.74 37.52
N THR F 101 -19.21 -26.80 37.76
CA THR F 101 -18.73 -27.67 36.68
C THR F 101 -19.45 -29.01 36.67
N SER F 102 -20.71 -29.05 37.06
CA SER F 102 -21.47 -30.31 37.10
C SER F 102 -21.75 -30.76 35.67
N GLY F 103 -21.01 -31.76 35.20
CA GLY F 103 -21.20 -32.29 33.87
C GLY F 103 -20.75 -31.33 32.79
N TYR F 104 -19.44 -31.18 32.62
CA TYR F 104 -18.90 -30.27 31.62
C TYR F 104 -17.62 -30.84 31.00
N LEU F 105 -16.48 -30.45 31.54
CA LEU F 105 -15.19 -30.88 30.99
C LEU F 105 -14.24 -31.39 32.08
N PRO F 106 -14.08 -30.69 33.21
CA PRO F 106 -13.17 -31.21 34.25
C PRO F 106 -13.57 -32.56 34.82
N GLU F 107 -14.86 -32.91 34.76
CA GLU F 107 -15.34 -34.20 35.24
C GLU F 107 -16.09 -34.92 34.12
N ALA F 108 -15.37 -35.15 33.02
CA ALA F 108 -15.92 -35.85 31.86
C ALA F 108 -14.88 -36.81 31.31
N GLU F 109 -15.30 -38.04 31.01
CA GLU F 109 -14.38 -39.04 30.50
C GLU F 109 -14.08 -38.83 29.02
N ILE F 110 -15.10 -38.50 28.23
CA ILE F 110 -14.96 -38.29 26.80
C ILE F 110 -15.59 -36.94 26.46
N VAL F 111 -14.80 -36.06 25.86
CA VAL F 111 -15.25 -34.73 25.45
C VAL F 111 -15.13 -34.61 23.94
N PHE F 112 -16.07 -33.90 23.33
CA PHE F 112 -16.10 -33.69 21.90
C PHE F 112 -16.25 -32.22 21.61
N LEU F 113 -15.30 -31.66 20.85
CA LEU F 113 -15.29 -30.25 20.49
C LEU F 113 -15.25 -30.15 18.96
N ASP F 114 -16.37 -29.74 18.37
CA ASP F 114 -16.47 -29.61 16.92
C ASP F 114 -16.01 -28.23 16.48
N GLU F 115 -15.24 -28.19 15.39
CA GLU F 115 -14.70 -26.95 14.83
C GLU F 115 -13.87 -26.20 15.86
N ILE F 116 -12.66 -26.73 16.09
CA ILE F 116 -11.75 -26.16 17.07
C ILE F 116 -10.88 -25.05 16.51
N TRP F 117 -10.88 -24.84 15.19
CA TRP F 117 -10.05 -23.82 14.58
C TRP F 117 -10.77 -22.47 14.53
N LYS F 118 -11.56 -22.16 15.56
CA LYS F 118 -12.27 -20.89 15.60
C LYS F 118 -12.62 -20.45 17.02
N ALA F 119 -11.92 -20.95 18.03
CA ALA F 119 -12.20 -20.57 19.42
C ALA F 119 -11.42 -19.33 19.80
N GLY F 120 -11.65 -18.84 21.02
CA GLY F 120 -10.99 -17.66 21.51
C GLY F 120 -9.66 -17.99 22.17
N PRO F 121 -8.92 -16.94 22.56
CA PRO F 121 -7.62 -17.19 23.21
C PRO F 121 -7.74 -17.72 24.63
N ALA F 122 -8.85 -17.45 25.33
CA ALA F 122 -9.00 -17.94 26.69
C ALA F 122 -9.31 -19.44 26.72
N ILE F 123 -10.10 -19.92 25.76
CA ILE F 123 -10.43 -21.35 25.73
C ILE F 123 -9.25 -22.17 25.22
N LEU F 124 -8.47 -21.64 24.28
CA LEU F 124 -7.34 -22.39 23.74
C LEU F 124 -6.21 -22.49 24.76
N ASN F 125 -6.02 -21.45 25.58
CA ASN F 125 -4.94 -21.50 26.58
C ASN F 125 -5.27 -22.48 27.69
N THR F 126 -6.54 -22.55 28.10
CA THR F 126 -6.93 -23.47 29.16
C THR F 126 -6.97 -24.92 28.68
N LEU F 127 -7.13 -25.14 27.37
CA LEU F 127 -7.18 -26.50 26.85
C LEU F 127 -5.80 -27.15 26.77
N LEU F 128 -4.73 -26.36 26.78
CA LEU F 128 -3.39 -26.92 26.72
C LEU F 128 -2.96 -27.51 28.06
N THR F 129 -3.41 -26.94 29.17
CA THR F 129 -3.05 -27.45 30.49
C THR F 129 -3.82 -28.71 30.86
N ALA F 130 -4.96 -28.97 30.22
CA ALA F 130 -5.75 -30.16 30.50
C ALA F 130 -5.22 -31.40 29.80
N ILE F 131 -4.24 -31.27 28.92
CA ILE F 131 -3.67 -32.40 28.21
C ILE F 131 -2.31 -32.79 28.78
N ASN F 132 -1.44 -31.81 29.02
CA ASN F 132 -0.12 -32.11 29.57
C ASN F 132 -0.19 -32.32 31.07
N GLU F 133 -0.77 -31.37 31.80
CA GLU F 133 -0.88 -31.48 33.25
C GLU F 133 -2.14 -32.20 33.70
N ARG F 134 -3.15 -32.30 32.83
CA ARG F 134 -4.42 -32.96 33.16
C ARG F 134 -5.08 -32.33 34.39
N GLN F 135 -5.01 -31.00 34.48
CA GLN F 135 -5.59 -30.26 35.59
C GLN F 135 -6.39 -29.08 35.04
N PHE F 136 -6.96 -28.30 35.95
CA PHE F 136 -7.75 -27.14 35.58
C PHE F 136 -7.70 -26.12 36.71
N ARG F 137 -7.56 -24.85 36.34
CA ARG F 137 -7.51 -23.75 37.31
C ARG F 137 -8.92 -23.45 37.78
N ASN F 138 -9.34 -24.10 38.85
CA ASN F 138 -10.67 -23.91 39.42
C ASN F 138 -10.65 -22.80 40.47
N GLY F 139 -10.40 -21.58 40.00
CA GLY F 139 -10.35 -20.42 40.88
C GLY F 139 -9.09 -20.37 41.71
N ALA F 140 -9.05 -21.12 42.81
CA ALA F 140 -7.89 -21.15 43.69
C ALA F 140 -7.14 -22.46 43.56
N HIS F 141 -7.68 -23.53 44.15
CA HIS F 141 -7.04 -24.84 44.09
C HIS F 141 -7.31 -25.49 42.74
N VAL F 142 -6.41 -26.41 42.37
CA VAL F 142 -6.51 -27.14 41.10
C VAL F 142 -6.96 -28.56 41.39
N GLU F 143 -7.59 -29.18 40.39
CA GLU F 143 -8.09 -30.54 40.51
C GLU F 143 -7.77 -31.30 39.23
N LYS F 144 -7.59 -32.61 39.37
CA LYS F 144 -7.28 -33.45 38.22
C LYS F 144 -8.52 -33.66 37.36
N ILE F 145 -8.28 -33.99 36.09
CA ILE F 145 -9.34 -34.22 35.12
C ILE F 145 -9.19 -35.65 34.59
N PRO F 146 -10.17 -36.53 34.81
CA PRO F 146 -10.11 -37.91 34.31
C PRO F 146 -10.49 -38.04 32.84
N MET F 147 -9.88 -37.21 31.99
CA MET F 147 -10.16 -37.23 30.56
C MET F 147 -9.45 -38.43 29.95
N ARG F 148 -10.24 -39.46 29.58
CA ARG F 148 -9.69 -40.67 29.00
C ARG F 148 -9.55 -40.60 27.49
N LEU F 149 -10.34 -39.77 26.82
CA LEU F 149 -10.27 -39.65 25.37
C LEU F 149 -10.69 -38.23 24.96
N LEU F 150 -9.88 -37.61 24.10
CA LEU F 150 -10.16 -36.27 23.60
C LEU F 150 -10.22 -36.32 22.08
N VAL F 151 -11.40 -36.06 21.53
CA VAL F 151 -11.62 -36.07 20.08
C VAL F 151 -12.06 -34.69 19.64
N ALA F 152 -11.46 -34.20 18.56
CA ALA F 152 -11.79 -32.89 18.01
C ALA F 152 -11.93 -33.01 16.50
N ALA F 153 -13.07 -32.56 15.98
CA ALA F 153 -13.36 -32.60 14.56
C ALA F 153 -13.65 -31.20 14.04
N SER F 154 -13.48 -31.04 12.73
CA SER F 154 -13.71 -29.75 12.09
C SER F 154 -14.00 -30.01 10.61
N ASN F 155 -13.55 -29.11 9.75
CA ASN F 155 -13.76 -29.23 8.31
C ASN F 155 -12.59 -28.67 7.49
N GLU F 156 -11.97 -27.59 7.94
CA GLU F 156 -10.86 -26.96 7.26
C GLU F 156 -9.59 -27.08 8.10
N LEU F 157 -8.49 -26.54 7.57
CA LEU F 157 -7.21 -26.58 8.25
C LEU F 157 -6.86 -25.20 8.80
N PRO F 158 -6.21 -25.14 9.96
CA PRO F 158 -5.85 -23.85 10.55
C PRO F 158 -4.74 -23.18 9.75
N GLU F 159 -4.47 -21.92 10.11
CA GLU F 159 -3.45 -21.15 9.45
C GLU F 159 -2.06 -21.65 9.82
N ALA F 160 -1.10 -21.39 8.92
CA ALA F 160 0.28 -21.81 9.16
C ALA F 160 1.01 -20.91 10.13
N ASP F 161 0.50 -19.70 10.39
CA ASP F 161 1.12 -18.74 11.31
C ASP F 161 0.03 -18.19 12.22
N SER F 162 -0.45 -19.02 13.14
CA SER F 162 -1.50 -18.63 14.07
C SER F 162 -1.29 -19.36 15.39
N SER F 163 -2.14 -19.04 16.36
CA SER F 163 -2.07 -19.67 17.67
C SER F 163 -2.76 -21.02 17.73
N LEU F 164 -3.47 -21.42 16.67
CA LEU F 164 -4.14 -22.71 16.64
C LEU F 164 -3.21 -23.86 16.30
N GLU F 165 -1.95 -23.58 15.95
CA GLU F 165 -1.01 -24.64 15.62
C GLU F 165 -0.49 -25.36 16.85
N ALA F 166 -0.69 -24.80 18.05
CA ALA F 166 -0.22 -25.45 19.26
C ALA F 166 -1.08 -26.67 19.59
N LEU F 167 -2.39 -26.59 19.39
CA LEU F 167 -3.27 -27.72 19.65
C LEU F 167 -3.14 -28.79 18.59
N TYR F 168 -2.86 -28.41 17.35
CA TYR F 168 -2.72 -29.40 16.28
C TYR F 168 -1.44 -30.22 16.45
N ASP F 169 -0.37 -29.60 16.95
CA ASP F 169 0.89 -30.33 17.14
C ASP F 169 0.83 -31.28 18.32
N ARG F 170 -0.13 -31.11 19.24
CA ARG F 170 -0.26 -31.98 20.38
C ARG F 170 -1.21 -33.15 20.14
N MET F 171 -2.00 -33.10 19.07
CA MET F 171 -2.92 -34.19 18.75
C MET F 171 -2.17 -35.28 18.00
N LEU F 172 -2.14 -36.49 18.58
CA LEU F 172 -1.41 -37.61 18.01
C LEU F 172 -2.09 -38.13 16.76
N ILE F 173 -3.24 -38.79 16.93
CA ILE F 173 -3.94 -39.40 15.81
C ILE F 173 -4.65 -38.32 15.01
N ARG F 174 -4.42 -38.31 13.70
CA ARG F 174 -5.05 -37.38 12.78
C ARG F 174 -5.68 -38.18 11.64
N LEU F 175 -7.00 -38.34 11.68
CA LEU F 175 -7.73 -39.10 10.68
C LEU F 175 -8.47 -38.17 9.73
N TRP F 176 -8.50 -38.54 8.46
CA TRP F 176 -9.19 -37.77 7.42
C TRP F 176 -10.40 -38.59 6.96
N LEU F 177 -11.49 -38.47 7.70
CA LEU F 177 -12.71 -39.19 7.37
C LEU F 177 -13.39 -38.56 6.15
N ASP F 178 -14.10 -39.38 5.40
CA ASP F 178 -14.80 -38.92 4.20
C ASP F 178 -16.07 -39.75 4.05
N LYS F 179 -16.77 -39.54 2.94
CA LYS F 179 -18.01 -40.26 2.67
C LYS F 179 -17.71 -41.68 2.20
N VAL F 180 -18.76 -42.49 2.10
CA VAL F 180 -18.60 -43.87 1.67
C VAL F 180 -18.37 -43.92 0.16
N GLN F 181 -17.63 -44.94 -0.29
CA GLN F 181 -17.32 -45.11 -1.70
C GLN F 181 -17.79 -46.43 -2.28
N ASP F 182 -17.90 -47.48 -1.47
CA ASP F 182 -18.34 -48.78 -1.97
C ASP F 182 -19.85 -48.78 -2.17
N LYS F 183 -20.29 -49.43 -3.25
CA LYS F 183 -21.72 -49.49 -3.56
C LYS F 183 -22.42 -50.52 -2.67
N ALA F 184 -21.74 -51.61 -2.33
CA ALA F 184 -22.36 -52.63 -1.49
C ALA F 184 -22.49 -52.15 -0.05
N ASN F 185 -21.53 -51.34 0.42
CA ASN F 185 -21.58 -50.82 1.77
C ASN F 185 -22.53 -49.64 1.91
N PHE F 186 -22.98 -49.07 0.80
CA PHE F 186 -23.89 -47.93 0.87
C PHE F 186 -25.35 -48.36 1.00
N ARG F 187 -25.69 -49.54 0.47
CA ARG F 187 -27.08 -50.02 0.56
C ARG F 187 -27.44 -50.39 1.99
N SER F 188 -26.55 -51.08 2.70
CA SER F 188 -26.83 -51.46 4.08
C SER F 188 -26.75 -50.26 5.01
N MET F 189 -25.94 -49.26 4.66
CA MET F 189 -25.83 -48.07 5.50
C MET F 189 -27.05 -47.15 5.31
N LEU F 190 -27.54 -47.03 4.08
CA LEU F 190 -28.69 -46.17 3.82
C LEU F 190 -29.96 -46.71 4.46
N THR F 191 -30.04 -48.03 4.66
CA THR F 191 -31.20 -48.67 5.27
C THR F 191 -30.73 -49.41 6.52
N SER F 192 -30.53 -48.67 7.60
CA SER F 192 -30.07 -49.22 8.86
C SER F 192 -31.15 -49.02 9.92
N GLN F 193 -31.47 -50.10 10.63
CA GLN F 193 -32.48 -50.07 11.68
C GLN F 193 -31.89 -50.06 13.09
N GLN F 194 -30.56 -50.09 13.20
CA GLN F 194 -29.91 -50.08 14.50
C GLN F 194 -29.94 -48.68 15.09
N ASP F 195 -30.39 -48.57 16.33
CA ASP F 195 -30.47 -47.27 17.00
C ASP F 195 -29.06 -46.79 17.35
N GLU F 196 -28.74 -45.55 16.95
CA GLU F 196 -27.43 -44.98 17.21
C GLU F 196 -27.30 -44.41 18.62
N ASN F 197 -28.42 -44.27 19.35
CA ASN F 197 -28.40 -43.72 20.70
C ASN F 197 -28.65 -44.78 21.75
N ASP F 198 -28.66 -46.06 21.38
CA ASP F 198 -28.89 -47.14 22.32
C ASP F 198 -27.54 -47.64 22.85
N ASN F 199 -27.57 -48.77 23.57
CA ASN F 199 -26.38 -49.38 24.16
C ASN F 199 -26.17 -50.75 23.54
N PRO F 200 -25.38 -50.86 22.47
CA PRO F 200 -25.14 -52.16 21.83
C PRO F 200 -23.94 -52.92 22.37
N VAL F 201 -23.37 -52.52 23.48
CA VAL F 201 -22.22 -53.17 24.08
C VAL F 201 -22.68 -53.96 25.30
N PRO F 202 -22.39 -55.26 25.38
CA PRO F 202 -22.82 -56.03 26.56
C PRO F 202 -22.08 -55.59 27.81
N ASP F 203 -22.67 -55.96 28.96
CA ASP F 203 -22.08 -55.59 30.24
C ASP F 203 -20.81 -56.39 30.55
N ALA F 204 -20.65 -57.57 29.95
CA ALA F 204 -19.46 -58.37 30.19
C ALA F 204 -18.23 -57.85 29.48
N LEU F 205 -18.41 -57.05 28.42
CA LEU F 205 -17.29 -56.49 27.66
C LEU F 205 -16.93 -55.08 28.10
N GLN F 206 -17.69 -54.48 29.00
CA GLN F 206 -17.41 -53.13 29.47
C GLN F 206 -16.31 -53.15 30.52
N VAL F 207 -15.29 -52.32 30.34
CA VAL F 207 -14.19 -52.25 31.28
C VAL F 207 -14.59 -51.42 32.50
N THR F 208 -13.91 -51.66 33.61
CA THR F 208 -14.18 -50.96 34.85
C THR F 208 -13.13 -49.87 35.07
N ASP F 209 -13.29 -49.12 36.17
CA ASP F 209 -12.35 -48.05 36.48
C ASP F 209 -11.03 -48.60 37.00
N GLU F 210 -11.05 -49.79 37.62
CA GLU F 210 -9.82 -50.38 38.14
C GLU F 210 -8.95 -50.94 37.01
N GLU F 211 -9.56 -51.43 35.94
CA GLU F 211 -8.79 -51.98 34.83
C GLU F 211 -8.15 -50.87 33.99
N TYR F 212 -8.73 -49.67 34.00
CA TYR F 212 -8.15 -48.57 33.23
C TYR F 212 -6.90 -48.02 33.91
N GLU F 213 -6.91 -47.93 35.24
CA GLU F 213 -5.75 -47.43 35.96
C GLU F 213 -4.61 -48.45 35.96
N ARG F 214 -4.93 -49.74 35.90
CA ARG F 214 -3.90 -50.76 35.89
C ARG F 214 -3.23 -50.90 34.53
N TRP F 215 -3.97 -50.67 33.44
CA TRP F 215 -3.40 -50.77 32.10
C TRP F 215 -2.47 -49.60 31.79
N GLN F 216 -2.63 -48.47 32.47
CA GLN F 216 -1.76 -47.32 32.20
C GLN F 216 -0.33 -47.57 32.68
N LYS F 217 -0.15 -48.45 33.66
CA LYS F 217 1.18 -48.75 34.16
C LYS F 217 1.87 -49.81 33.31
N GLU F 218 1.10 -50.75 32.76
CA GLU F 218 1.67 -51.80 31.94
C GLU F 218 1.96 -51.35 30.51
N ILE F 219 1.48 -50.17 30.11
CA ILE F 219 1.74 -49.70 28.75
C ILE F 219 3.19 -49.26 28.60
N GLY F 220 3.70 -48.50 29.57
CA GLY F 220 5.07 -48.03 29.52
C GLY F 220 6.12 -49.09 29.81
N GLU F 221 5.70 -50.27 30.26
CA GLU F 221 6.62 -51.36 30.58
C GLU F 221 6.89 -52.26 29.38
N ILE F 222 6.39 -51.90 28.19
CA ILE F 222 6.62 -52.72 27.00
C ILE F 222 8.04 -52.53 26.53
N THR F 223 8.76 -53.63 26.34
CA THR F 223 10.14 -53.56 25.89
C THR F 223 10.23 -53.10 24.44
N LEU F 224 11.34 -52.46 24.10
CA LEU F 224 11.58 -51.96 22.75
C LEU F 224 12.68 -52.77 22.10
N PRO F 225 12.35 -53.67 21.16
CA PRO F 225 13.40 -54.48 20.53
C PRO F 225 14.33 -53.64 19.67
N ASP F 226 15.52 -54.20 19.42
CA ASP F 226 16.50 -53.48 18.61
C ASP F 226 16.09 -53.42 17.15
N HIS F 227 15.28 -54.37 16.69
CA HIS F 227 14.85 -54.36 15.30
C HIS F 227 13.83 -53.26 15.02
N VAL F 228 13.05 -52.87 16.04
CA VAL F 228 12.07 -51.81 15.85
C VAL F 228 12.73 -50.43 15.87
N PHE F 229 13.80 -50.27 16.65
CA PHE F 229 14.49 -48.99 16.70
C PHE F 229 15.18 -48.66 15.38
N GLU F 230 15.64 -49.68 14.66
CA GLU F 230 16.30 -49.45 13.38
C GLU F 230 15.32 -48.96 12.32
N LEU F 231 14.03 -49.24 12.47
CA LEU F 231 13.02 -48.79 11.52
C LEU F 231 12.49 -47.40 11.84
N ILE F 232 12.44 -47.04 13.12
CA ILE F 232 11.96 -45.71 13.50
C ILE F 232 13.00 -44.66 13.15
N PHE F 233 14.27 -44.95 13.41
CA PHE F 233 15.33 -43.99 13.09
C PHE F 233 15.52 -43.85 11.58
N MET F 234 15.24 -44.91 10.82
CA MET F 234 15.37 -44.84 9.37
C MET F 234 14.27 -43.99 8.75
N LEU F 235 13.04 -44.12 9.27
CA LEU F 235 11.93 -43.31 8.74
C LEU F 235 12.07 -41.85 9.13
N ARG F 236 12.67 -41.57 10.30
CA ARG F 236 12.85 -40.20 10.73
C ARG F 236 13.92 -39.50 9.89
N GLN F 237 15.01 -40.19 9.58
CA GLN F 237 16.07 -39.61 8.77
C GLN F 237 15.66 -39.45 7.31
N GLN F 238 14.71 -40.26 6.82
CA GLN F 238 14.28 -40.14 5.44
C GLN F 238 13.44 -38.89 5.23
N LEU F 239 12.70 -38.45 6.25
CA LEU F 239 11.87 -37.26 6.13
C LEU F 239 12.68 -35.98 6.29
N ASP F 240 13.85 -36.04 6.91
CA ASP F 240 14.69 -34.86 7.08
C ASP F 240 15.45 -34.48 5.82
N LYS F 241 15.53 -35.38 4.84
CA LYS F 241 16.22 -35.09 3.59
C LYS F 241 15.30 -34.60 2.50
N LEU F 242 14.03 -34.97 2.54
CA LEU F 242 13.09 -34.54 1.51
C LEU F 242 12.54 -33.16 1.85
N PRO F 243 12.63 -32.18 0.93
CA PRO F 243 12.10 -30.85 1.25
C PRO F 243 10.59 -30.82 1.39
N ASP F 244 9.87 -31.65 0.65
CA ASP F 244 8.41 -31.69 0.72
C ASP F 244 7.89 -32.58 1.83
N ALA F 245 8.77 -33.14 2.67
CA ALA F 245 8.32 -34.01 3.75
C ALA F 245 7.92 -33.17 4.96
N PRO F 246 6.87 -33.57 5.68
CA PRO F 246 6.46 -32.80 6.86
C PRO F 246 7.44 -32.98 8.01
N TYR F 247 7.62 -31.91 8.77
CA TYR F 247 8.53 -31.93 9.91
C TYR F 247 7.89 -32.65 11.09
N VAL F 248 8.60 -33.63 11.64
CA VAL F 248 8.14 -34.39 12.79
C VAL F 248 9.00 -34.02 13.99
N SER F 249 8.38 -33.43 15.00
CA SER F 249 9.09 -32.99 16.19
C SER F 249 9.34 -34.17 17.13
N ASP F 250 10.05 -33.89 18.23
CA ASP F 250 10.33 -34.95 19.19
C ASP F 250 9.09 -35.32 20.00
N ARG F 251 8.14 -34.39 20.13
CA ARG F 251 6.91 -34.71 20.85
C ARG F 251 6.05 -35.69 20.08
N ARG F 252 6.03 -35.58 18.75
CA ARG F 252 5.26 -36.52 17.94
C ARG F 252 5.86 -37.91 17.95
N TRP F 253 7.18 -38.02 18.04
CA TRP F 253 7.82 -39.33 18.07
C TRP F 253 7.66 -40.00 19.43
N LYS F 254 7.71 -39.22 20.52
CA LYS F 254 7.59 -39.81 21.84
C LYS F 254 6.16 -40.26 22.13
N LYS F 255 5.18 -39.46 21.71
CA LYS F 255 3.78 -39.82 21.94
C LYS F 255 3.32 -40.97 21.05
N ALA F 256 3.98 -41.18 19.91
CA ALA F 256 3.62 -42.28 19.03
C ALA F 256 3.99 -43.64 19.61
N ILE F 257 4.94 -43.69 20.55
CA ILE F 257 5.31 -44.95 21.16
C ILE F 257 4.25 -45.41 22.16
N ARG F 258 3.59 -44.47 22.83
CA ARG F 258 2.54 -44.83 23.77
C ARG F 258 1.36 -45.51 23.07
N LEU F 259 1.06 -45.09 21.83
CA LEU F 259 0.00 -45.73 21.07
C LEU F 259 0.48 -47.01 20.41
N LEU F 260 1.78 -47.12 20.14
CA LEU F 260 2.33 -48.34 19.53
C LEU F 260 2.54 -49.43 20.57
N GLN F 261 2.97 -49.06 21.78
CA GLN F 261 3.17 -50.05 22.83
C GLN F 261 1.83 -50.63 23.30
N ALA F 262 0.78 -49.80 23.34
CA ALA F 262 -0.53 -50.28 23.74
C ALA F 262 -1.20 -51.10 22.64
N SER F 263 -0.74 -50.97 21.40
CA SER F 263 -1.32 -51.76 20.31
C SER F 263 -0.96 -53.24 20.45
N ALA F 264 0.26 -53.52 20.91
CA ALA F 264 0.68 -54.90 21.11
C ALA F 264 0.26 -55.45 22.46
N PHE F 265 -0.02 -54.58 23.44
CA PHE F 265 -0.45 -55.05 24.75
C PHE F 265 -1.86 -55.62 24.70
N PHE F 266 -2.74 -54.97 23.93
CA PHE F 266 -4.13 -55.42 23.78
C PHE F 266 -4.29 -56.49 22.71
N SER F 267 -3.20 -56.91 22.08
CA SER F 267 -3.26 -57.93 21.03
C SER F 267 -2.59 -59.24 21.45
N GLY F 268 -2.14 -59.34 22.69
CA GLY F 268 -1.50 -60.55 23.17
C GLY F 268 -0.01 -60.60 22.97
N ARG F 269 0.68 -59.47 23.02
CA ARG F 269 2.12 -59.42 22.85
C ARG F 269 2.75 -58.64 24.00
N SER F 270 4.03 -58.91 24.25
CA SER F 270 4.77 -58.25 25.31
C SER F 270 5.79 -57.23 24.82
N ALA F 271 6.17 -57.30 23.55
CA ALA F 271 7.14 -56.37 22.97
C ALA F 271 6.51 -55.65 21.78
N VAL F 272 7.22 -54.63 21.30
CA VAL F 272 6.75 -53.85 20.16
C VAL F 272 6.97 -54.65 18.88
N ALA F 273 5.89 -54.84 18.11
CA ALA F 273 5.96 -55.60 16.87
C ALA F 273 6.20 -54.66 15.68
N PRO F 274 6.91 -55.15 14.66
CA PRO F 274 7.14 -54.30 13.47
C PRO F 274 5.86 -53.98 12.71
N VAL F 275 4.78 -54.73 12.92
CA VAL F 275 3.53 -54.45 12.22
C VAL F 275 2.82 -53.22 12.76
N ASP F 276 3.25 -52.70 13.90
CA ASP F 276 2.63 -51.52 14.50
C ASP F 276 3.07 -50.22 13.83
N LEU F 277 3.97 -50.29 12.84
CA LEU F 277 4.42 -49.07 12.17
C LEU F 277 3.40 -48.51 11.20
N ILE F 278 2.34 -49.26 10.89
CA ILE F 278 1.31 -48.77 9.98
C ILE F 278 0.46 -47.68 10.62
N LEU F 279 0.42 -47.63 11.96
CA LEU F 279 -0.36 -46.62 12.66
C LEU F 279 0.22 -45.22 12.53
N LEU F 280 1.45 -45.08 12.03
CA LEU F 280 2.06 -43.78 11.87
C LEU F 280 1.56 -43.03 10.64
N LYS F 281 0.74 -43.65 9.80
CA LYS F 281 0.23 -42.99 8.60
C LYS F 281 -0.85 -41.98 8.92
N ASP F 282 -1.40 -41.97 10.14
CA ASP F 282 -2.43 -41.02 10.55
C ASP F 282 -1.95 -40.16 11.71
N CYS F 283 -0.65 -39.88 11.77
CA CYS F 283 -0.09 -39.07 12.84
C CYS F 283 0.97 -38.11 12.31
N LEU F 284 1.77 -38.58 11.36
CA LEU F 284 2.85 -37.74 10.82
C LEU F 284 2.33 -36.68 9.86
N TRP F 285 1.24 -36.97 9.15
CA TRP F 285 0.70 -36.02 8.21
C TRP F 285 -0.01 -34.88 8.93
N TYR F 286 -0.19 -33.76 8.22
CA TYR F 286 -0.86 -32.59 8.78
C TYR F 286 -1.72 -31.82 7.79
N ASP F 287 -1.55 -32.00 6.49
CA ASP F 287 -2.35 -31.30 5.49
C ASP F 287 -2.54 -32.24 4.29
N ALA F 288 -3.03 -31.67 3.18
CA ALA F 288 -3.27 -32.48 1.99
C ALA F 288 -1.98 -32.86 1.29
N GLN F 289 -0.93 -32.04 1.42
CA GLN F 289 0.34 -32.33 0.78
C GLN F 289 1.12 -33.42 1.51
N SER F 290 0.95 -33.52 2.82
CA SER F 290 1.65 -34.54 3.60
C SER F 290 0.92 -35.87 3.65
N LEU F 291 -0.31 -35.94 3.15
CA LEU F 291 -1.05 -37.19 3.19
C LEU F 291 -0.51 -38.18 2.15
N ASN F 292 -0.19 -37.68 0.95
CA ASN F 292 0.31 -38.54 -0.12
C ASN F 292 1.78 -38.89 0.05
N LEU F 293 2.50 -38.16 0.91
CA LEU F 293 3.92 -38.44 1.12
C LEU F 293 4.16 -39.35 2.32
N ILE F 294 3.34 -39.22 3.37
CA ILE F 294 3.52 -40.06 4.55
C ILE F 294 3.07 -41.49 4.24
N GLN F 295 1.93 -41.64 3.57
CA GLN F 295 1.43 -42.96 3.22
C GLN F 295 2.32 -43.67 2.20
N GLN F 296 3.11 -42.92 1.44
CA GLN F 296 4.00 -43.51 0.44
C GLN F 296 5.35 -43.91 1.05
N GLN F 297 5.88 -43.10 1.97
CA GLN F 297 7.17 -43.42 2.58
C GLN F 297 7.04 -44.60 3.56
N ILE F 298 5.90 -44.72 4.24
CA ILE F 298 5.71 -45.82 5.17
C ILE F 298 5.47 -47.12 4.41
N ASP F 299 4.75 -47.06 3.29
CA ASP F 299 4.48 -48.26 2.51
C ASP F 299 5.77 -48.84 1.93
N VAL F 300 6.76 -48.01 1.65
CA VAL F 300 8.03 -48.52 1.16
C VAL F 300 8.79 -49.25 2.27
N LEU F 301 8.82 -48.66 3.47
CA LEU F 301 9.51 -49.30 4.59
C LEU F 301 8.75 -50.52 5.08
N MET F 302 7.42 -50.51 5.01
CA MET F 302 6.63 -51.65 5.45
C MET F 302 6.77 -52.83 4.49
N THR F 303 7.08 -52.57 3.22
CA THR F 303 7.25 -53.60 2.21
C THR F 303 8.69 -53.67 1.71
N GLY F 304 9.65 -53.30 2.56
CA GLY F 304 11.04 -53.31 2.18
C GLY F 304 11.98 -53.68 3.31
N HIS F 305 11.97 -52.89 4.38
CA HIS F 305 12.84 -53.11 5.53
C HIS F 305 12.10 -53.61 6.76
N ALA F 306 10.78 -53.77 6.69
CA ALA F 306 10.03 -54.25 7.84
C ALA F 306 10.31 -55.71 8.12
N TRP F 307 10.04 -56.58 7.15
CA TRP F 307 10.27 -58.01 7.26
C TRP F 307 11.46 -58.47 6.42
N GLN F 308 12.49 -57.62 6.31
CA GLN F 308 13.69 -57.92 5.54
C GLN F 308 13.36 -58.23 4.08
N GLN F 309 12.40 -57.49 3.53
CA GLN F 309 12.04 -57.69 2.12
C GLN F 309 13.13 -57.17 1.19
N GLN F 310 13.52 -55.91 1.35
CA GLN F 310 14.60 -55.35 0.54
C GLN F 310 15.97 -55.84 0.98
N GLY F 311 16.12 -56.22 2.25
CA GLY F 311 17.40 -56.74 2.71
C GLY F 311 17.75 -58.08 2.10
N MET F 312 16.73 -58.91 1.81
CA MET F 312 16.96 -60.20 1.17
C MET F 312 17.05 -60.10 -0.35
N LEU F 313 16.54 -59.01 -0.94
CA LEU F 313 16.63 -58.85 -2.39
C LEU F 313 18.06 -58.55 -2.82
N THR F 314 18.76 -57.66 -2.08
CA THR F 314 20.15 -57.36 -2.40
C THR F 314 21.07 -58.53 -2.05
N ARG F 315 20.66 -59.39 -1.12
CA ARG F 315 21.47 -60.57 -0.80
C ARG F 315 21.25 -61.70 -1.78
N LEU F 316 20.06 -61.79 -2.37
CA LEU F 316 19.80 -62.81 -3.38
C LEU F 316 20.54 -62.52 -4.68
N GLY F 317 20.71 -61.24 -5.02
CA GLY F 317 21.44 -60.90 -6.23
C GLY F 317 22.91 -61.27 -6.17
N ALA F 318 23.48 -61.30 -4.96
CA ALA F 318 24.88 -61.71 -4.83
C ALA F 318 25.04 -63.21 -5.07
N ILE F 319 24.01 -64.01 -4.75
CA ILE F 319 24.08 -65.44 -5.01
C ILE F 319 23.93 -65.72 -6.49
N VAL F 320 23.06 -64.96 -7.17
CA VAL F 320 22.90 -65.13 -8.61
C VAL F 320 24.16 -64.69 -9.35
N GLN F 321 24.78 -63.60 -8.89
CA GLN F 321 26.03 -63.15 -9.50
C GLN F 321 27.17 -64.12 -9.24
N ARG F 322 27.17 -64.77 -8.07
CA ARG F 322 28.19 -65.76 -7.78
C ARG F 322 27.97 -67.04 -8.56
N HIS F 323 26.70 -67.40 -8.82
CA HIS F 323 26.42 -68.60 -9.60
C HIS F 323 26.79 -68.40 -11.06
N LEU F 324 26.59 -67.19 -11.59
CA LEU F 324 26.98 -66.91 -12.97
C LEU F 324 28.49 -66.80 -13.11
N GLN F 325 29.18 -66.42 -12.05
CA GLN F 325 30.63 -66.33 -12.10
C GLN F 325 31.26 -67.72 -12.11
N LEU F 326 30.72 -68.65 -11.33
CA LEU F 326 31.25 -70.01 -11.33
C LEU F 326 30.89 -70.76 -12.60
N GLN F 327 29.79 -70.38 -13.25
CA GLN F 327 29.40 -71.04 -14.49
C GLN F 327 30.25 -70.59 -15.67
N GLN F 328 30.58 -69.29 -15.73
CA GLN F 328 31.42 -68.78 -16.81
C GLN F 328 32.88 -69.16 -16.65
N GLN F 329 33.30 -69.54 -15.44
CA GLN F 329 34.68 -69.96 -15.23
C GLN F 329 34.93 -71.39 -15.68
N GLN F 330 33.93 -72.26 -15.53
CA GLN F 330 34.04 -73.66 -15.93
C GLN F 330 33.40 -73.90 -17.30
N SER F 331 33.37 -72.89 -18.16
CA SER F 331 32.77 -73.02 -19.48
C SER F 331 33.67 -73.73 -20.47
N ASP F 332 34.91 -74.07 -20.09
CA ASP F 332 35.83 -74.76 -21.00
C ASP F 332 35.53 -76.25 -21.12
N LYS F 333 34.62 -76.78 -20.30
CA LYS F 333 34.30 -78.21 -20.38
C LYS F 333 33.21 -78.48 -21.41
N THR F 334 32.18 -77.63 -21.46
CA THR F 334 31.08 -77.77 -22.41
C THR F 334 31.18 -76.67 -23.45
N ALA F 335 31.28 -77.07 -24.72
CA ALA F 335 31.39 -76.11 -25.81
C ALA F 335 30.03 -75.83 -26.42
N LEU F 336 29.98 -75.58 -27.73
CA LEU F 336 28.73 -75.29 -28.41
C LEU F 336 28.90 -75.73 -29.88
N THR F 337 28.45 -76.94 -30.18
CA THR F 337 28.55 -77.51 -31.52
C THR F 337 27.25 -77.26 -32.27
N VAL F 338 27.37 -76.78 -33.50
CA VAL F 338 26.23 -76.49 -34.35
C VAL F 338 26.20 -77.52 -35.47
N ILE F 339 25.11 -78.28 -35.55
CA ILE F 339 24.96 -79.31 -36.57
C ILE F 339 24.56 -78.66 -37.89
N ARG F 340 24.89 -79.34 -38.99
CA ARG F 340 24.57 -78.86 -40.33
C ARG F 340 23.40 -79.64 -40.91
N LEU F 341 22.84 -79.09 -41.99
CA LEU F 341 21.72 -79.70 -42.69
C LEU F 341 21.97 -79.67 -44.19
N GLY F 342 21.39 -80.63 -44.89
CA GLY F 342 21.54 -80.73 -46.33
C GLY F 342 20.58 -79.84 -47.08
N GLY F 343 19.79 -80.43 -47.97
CA GLY F 343 18.81 -79.68 -48.74
C GLY F 343 19.45 -78.88 -49.87
N ILE F 344 18.58 -78.19 -50.60
CA ILE F 344 18.99 -77.36 -51.73
C ILE F 344 18.72 -75.91 -51.36
N PHE F 345 19.79 -75.16 -51.10
CA PHE F 345 19.66 -73.75 -50.74
C PHE F 345 20.90 -73.01 -51.20
N SER F 346 20.72 -71.72 -51.52
CA SER F 346 21.83 -70.91 -51.97
C SER F 346 22.76 -70.46 -50.85
N ARG F 347 22.27 -70.43 -49.61
CA ARG F 347 23.06 -70.02 -48.46
C ARG F 347 23.29 -71.21 -47.54
N ARG F 348 24.39 -71.15 -46.78
CA ARG F 348 24.73 -72.21 -45.85
C ARG F 348 23.84 -72.17 -44.62
N GLN F 349 22.75 -72.94 -44.64
CA GLN F 349 21.82 -72.97 -43.52
C GLN F 349 22.34 -73.86 -42.41
N GLN F 350 22.18 -73.41 -41.17
CA GLN F 350 22.62 -74.13 -39.99
C GLN F 350 21.43 -74.44 -39.10
N TYR F 351 21.53 -75.54 -38.35
CA TYR F 351 20.48 -75.97 -37.45
C TYR F 351 21.02 -76.05 -36.02
N GLN F 352 20.15 -75.77 -35.06
CA GLN F 352 20.50 -75.81 -33.66
C GLN F 352 20.33 -77.24 -33.12
N LEU F 353 20.62 -77.40 -31.82
CA LEU F 353 20.48 -78.71 -31.20
C LEU F 353 19.00 -79.04 -31.00
N PRO F 354 18.60 -80.30 -31.19
CA PRO F 354 17.19 -80.66 -31.05
C PRO F 354 16.71 -80.66 -29.61
N VAL F 355 16.63 -81.84 -28.99
CA VAL F 355 16.13 -81.96 -27.63
C VAL F 355 17.11 -81.44 -26.59
N ASN F 356 18.35 -81.13 -26.99
CA ASN F 356 19.33 -80.64 -26.02
C ASN F 356 18.95 -79.26 -25.50
N VAL F 357 18.25 -78.47 -26.29
CA VAL F 357 17.81 -77.14 -25.91
C VAL F 357 16.37 -76.95 -26.37
N THR F 358 15.48 -76.58 -25.44
CA THR F 358 14.08 -76.37 -25.77
C THR F 358 13.51 -75.08 -25.20
N ALA F 359 14.27 -74.31 -24.42
CA ALA F 359 13.75 -73.06 -23.86
C ALA F 359 13.74 -71.97 -24.92
N SER F 360 12.80 -71.04 -24.78
CA SER F 360 12.70 -69.92 -25.71
C SER F 360 13.72 -68.84 -25.38
N THR F 361 13.70 -68.33 -24.15
CA THR F 361 14.63 -67.29 -23.72
C THR F 361 15.79 -67.91 -22.95
N LEU F 362 16.52 -68.79 -23.63
CA LEU F 362 17.67 -69.45 -23.04
C LEU F 362 18.85 -68.50 -22.97
N THR F 363 19.79 -68.82 -22.07
CA THR F 363 21.00 -68.02 -21.87
C THR F 363 22.21 -68.78 -22.39
N LEU F 364 23.18 -68.02 -22.90
CA LEU F 364 24.42 -68.59 -23.43
C LEU F 364 25.59 -67.83 -22.83
N LEU F 365 26.50 -68.55 -22.17
CA LEU F 365 27.65 -67.94 -21.56
C LEU F 365 28.78 -67.76 -22.58
N LEU F 366 29.87 -67.15 -22.12
CA LEU F 366 31.03 -66.90 -22.97
C LEU F 366 32.30 -67.06 -22.14
N GLN F 367 33.40 -67.30 -22.84
CA GLN F 367 34.69 -67.49 -22.18
C GLN F 367 35.33 -66.16 -21.81
N LYS F 368 36.12 -65.60 -22.71
CA LYS F 368 36.79 -64.34 -22.45
C LYS F 368 35.77 -63.20 -22.50
N PRO F 369 35.59 -62.44 -21.42
CA PRO F 369 34.61 -61.35 -21.45
C PRO F 369 35.10 -60.19 -22.30
N LEU F 370 34.14 -59.52 -22.94
CA LEU F 370 34.42 -58.38 -23.80
C LEU F 370 33.67 -57.15 -23.30
N LYS F 371 33.91 -56.02 -23.96
CA LYS F 371 33.28 -54.75 -23.63
C LYS F 371 32.30 -54.40 -24.74
N LEU F 372 31.01 -54.61 -24.47
CA LEU F 372 29.95 -54.34 -25.43
C LEU F 372 29.12 -53.16 -24.94
N HIS F 373 28.95 -52.17 -25.81
CA HIS F 373 28.18 -50.96 -25.50
C HIS F 373 28.75 -50.24 -24.28
N ASP F 374 30.08 -50.16 -24.21
CA ASP F 374 30.78 -49.49 -23.12
C ASP F 374 30.43 -50.08 -21.75
N MET F 375 30.28 -51.41 -21.71
CA MET F 375 29.97 -52.10 -20.46
C MET F 375 30.38 -53.55 -20.60
N GLU F 376 30.56 -54.21 -19.45
CA GLU F 376 30.94 -55.61 -19.41
C GLU F 376 29.70 -56.50 -19.37
N VAL F 377 29.89 -57.76 -19.75
CA VAL F 377 28.81 -58.73 -19.79
C VAL F 377 29.39 -60.10 -19.44
N VAL F 378 28.56 -60.98 -18.89
CA VAL F 378 28.98 -62.33 -18.55
C VAL F 378 28.09 -63.40 -19.18
N HIS F 379 26.90 -63.04 -19.64
CA HIS F 379 26.00 -64.00 -20.27
C HIS F 379 25.06 -63.25 -21.19
N ILE F 380 24.80 -63.82 -22.36
CA ILE F 380 23.92 -63.22 -23.36
C ILE F 380 22.73 -64.17 -23.57
N SER F 381 21.54 -63.70 -23.25
CA SER F 381 20.32 -64.48 -23.40
C SER F 381 19.72 -64.22 -24.76
N PHE F 382 19.65 -65.27 -25.59
CA PHE F 382 19.09 -65.17 -26.92
C PHE F 382 17.66 -65.70 -26.95
N GLU F 383 17.02 -65.53 -28.10
CA GLU F 383 15.65 -65.97 -28.31
C GLU F 383 15.64 -67.13 -29.31
N ARG F 384 14.88 -68.17 -28.97
CA ARG F 384 14.79 -69.33 -29.85
C ARG F 384 14.02 -69.05 -31.13
N SER F 385 13.12 -68.06 -31.11
CA SER F 385 12.34 -67.74 -32.31
C SER F 385 13.16 -66.95 -33.32
N ALA F 386 14.17 -66.21 -32.86
CA ALA F 386 15.01 -65.42 -33.75
C ALA F 386 16.32 -66.12 -34.10
N LEU F 387 16.70 -67.15 -33.34
CA LEU F 387 17.94 -67.87 -33.64
C LEU F 387 17.79 -68.79 -34.83
N GLU F 388 16.58 -69.29 -35.08
CA GLU F 388 16.36 -70.19 -36.20
C GLU F 388 16.37 -69.43 -37.53
N GLN F 389 15.96 -68.17 -37.53
CA GLN F 389 15.93 -67.39 -38.76
C GLN F 389 17.31 -66.87 -39.14
N TRP F 390 18.17 -66.60 -38.15
CA TRP F 390 19.51 -66.12 -38.44
C TRP F 390 20.44 -67.23 -38.91
N LEU F 391 20.26 -68.44 -38.35
CA LEU F 391 21.10 -69.57 -38.73
C LEU F 391 20.72 -70.17 -40.07
N SER F 392 19.56 -69.81 -40.63
CA SER F 392 19.12 -70.32 -41.92
C SER F 392 19.07 -69.22 -42.98
N LYS F 393 18.24 -68.20 -42.79
CA LYS F 393 18.15 -67.12 -43.77
C LYS F 393 19.36 -66.19 -43.69
N GLY F 394 19.73 -65.78 -42.49
CA GLY F 394 20.87 -64.89 -42.31
C GLY F 394 20.48 -63.50 -41.85
N GLY F 395 21.26 -62.50 -42.22
CA GLY F 395 20.98 -61.13 -41.84
C GLY F 395 21.62 -60.75 -40.51
N GLU F 396 20.91 -59.93 -39.74
CA GLU F 396 21.39 -59.47 -38.44
C GLU F 396 20.51 -60.04 -37.33
N ILE F 397 21.11 -60.15 -36.14
CA ILE F 397 20.41 -60.67 -34.97
C ILE F 397 20.56 -59.67 -33.82
N ARG F 398 19.65 -59.77 -32.86
CA ARG F 398 19.64 -58.91 -31.69
C ARG F 398 19.75 -59.75 -30.42
N GLY F 399 20.09 -59.08 -29.32
CA GLY F 399 20.24 -59.75 -28.05
C GLY F 399 20.58 -58.81 -26.91
N LYS F 400 19.93 -59.00 -25.76
CA LYS F 400 20.17 -58.16 -24.61
C LYS F 400 21.43 -58.62 -23.88
N LEU F 401 21.97 -57.73 -23.05
CA LEU F 401 23.18 -57.98 -22.29
C LEU F 401 22.82 -58.22 -20.83
N ASN F 402 23.40 -59.28 -20.25
CA ASN F 402 23.19 -59.64 -18.84
C ASN F 402 21.71 -59.89 -18.54
N GLY F 403 20.95 -60.30 -19.55
CA GLY F 403 19.54 -60.58 -19.35
C GLY F 403 18.69 -59.37 -19.02
N ILE F 404 19.19 -58.17 -19.28
CA ILE F 404 18.47 -56.93 -19.00
C ILE F 404 18.66 -55.97 -20.18
N GLY F 405 17.84 -54.94 -20.20
CA GLY F 405 17.91 -53.95 -21.26
C GLY F 405 17.22 -54.42 -22.53
N PHE F 406 17.39 -53.61 -23.57
CA PHE F 406 16.81 -53.90 -24.87
C PHE F 406 17.70 -54.85 -25.67
N ALA F 407 17.11 -55.48 -26.68
CA ALA F 407 17.82 -56.41 -27.54
C ALA F 407 18.70 -55.63 -28.51
N GLN F 408 19.96 -55.47 -28.14
CA GLN F 408 20.92 -54.74 -28.94
C GLN F 408 21.54 -55.64 -30.00
N LYS F 409 22.02 -55.02 -31.07
CA LYS F 409 22.64 -55.75 -32.16
C LYS F 409 24.07 -56.14 -31.80
N LEU F 410 24.44 -57.38 -32.11
CA LEU F 410 25.76 -57.91 -31.84
C LEU F 410 26.39 -58.39 -33.14
N ASN F 411 27.71 -58.61 -33.08
CA ASN F 411 28.47 -59.08 -34.24
C ASN F 411 28.62 -60.60 -34.20
N LEU F 412 27.48 -61.28 -34.29
CA LEU F 412 27.46 -62.74 -34.26
C LEU F 412 27.79 -63.29 -35.63
N GLU F 413 28.60 -64.36 -35.64
CA GLU F 413 28.99 -65.00 -36.89
C GLU F 413 29.34 -66.45 -36.59
N VAL F 414 29.49 -67.23 -37.66
CA VAL F 414 29.81 -68.65 -37.55
C VAL F 414 31.33 -68.82 -37.59
N ASP F 415 31.81 -69.94 -37.08
CA ASP F 415 33.23 -70.26 -37.04
C ASP F 415 33.51 -71.49 -37.91
N SER F 416 34.80 -71.79 -38.03
CA SER F 416 35.22 -72.96 -38.83
C SER F 416 34.95 -74.27 -38.11
N ALA F 417 34.85 -74.25 -36.78
CA ALA F 417 34.59 -75.45 -35.99
C ALA F 417 33.15 -75.52 -35.50
N GLN F 418 32.22 -74.90 -36.24
CA GLN F 418 30.80 -74.88 -35.91
C GLN F 418 30.57 -74.30 -34.50
N HIS F 419 30.96 -73.03 -34.36
CA HIS F 419 30.81 -72.31 -33.10
C HIS F 419 30.34 -70.89 -33.39
N LEU F 420 29.91 -70.21 -32.33
CA LEU F 420 29.43 -68.84 -32.43
C LEU F 420 30.50 -67.90 -31.88
N VAL F 421 30.88 -66.92 -32.70
CA VAL F 421 31.90 -65.94 -32.34
C VAL F 421 31.24 -64.57 -32.22
N VAL F 422 31.42 -63.92 -31.08
CA VAL F 422 30.87 -62.60 -30.82
C VAL F 422 32.02 -61.60 -30.80
N ARG F 423 31.99 -60.64 -31.73
CA ARG F 423 33.00 -59.61 -31.84
C ARG F 423 32.50 -58.29 -31.28
N ASP F 424 33.44 -57.40 -30.96
CA ASP F 424 33.11 -56.10 -30.41
C ASP F 424 33.63 -54.99 -31.32
N VAL F 425 34.24 -53.96 -30.70
CA VAL F 425 34.79 -52.85 -31.47
C VAL F 425 36.26 -53.03 -31.81
N SER F 426 36.94 -54.00 -31.20
CA SER F 426 38.34 -54.27 -31.46
C SER F 426 38.57 -55.59 -32.18
N LEU F 427 37.52 -56.18 -32.75
CA LEU F 427 37.61 -57.45 -33.48
C LEU F 427 38.19 -58.55 -32.59
N GLN F 428 37.57 -58.74 -31.43
CA GLN F 428 38.00 -59.76 -30.48
C GLN F 428 37.05 -60.94 -30.54
N GLY F 429 37.61 -62.13 -30.77
CA GLY F 429 36.79 -63.32 -30.86
C GLY F 429 36.46 -63.90 -29.49
N SER F 430 35.28 -64.50 -29.40
CA SER F 430 34.80 -65.10 -28.16
C SER F 430 33.82 -66.21 -28.49
N THR F 431 34.18 -67.44 -28.14
CA THR F 431 33.33 -68.59 -28.41
C THR F 431 32.25 -68.71 -27.34
N LEU F 432 31.00 -68.84 -27.77
CA LEU F 432 29.89 -68.96 -26.84
C LEU F 432 29.75 -70.40 -26.35
N ALA F 433 29.04 -70.56 -25.24
CA ALA F 433 28.82 -71.87 -24.65
C ALA F 433 27.53 -71.85 -23.85
N LEU F 434 26.90 -73.02 -23.73
CA LEU F 434 25.65 -73.13 -22.98
C LEU F 434 25.92 -73.67 -21.58
N PRO F 435 25.12 -73.28 -20.59
CA PRO F 435 25.31 -73.79 -19.23
C PRO F 435 24.92 -75.25 -19.13
N GLY F 436 25.75 -76.01 -18.42
CA GLY F 436 25.51 -77.42 -18.23
C GLY F 436 24.46 -77.70 -17.17
N SER F 437 24.14 -78.97 -17.02
CA SER F 437 23.14 -79.40 -16.04
C SER F 437 23.73 -79.42 -14.64
N LEU F 442 23.97 -77.62 -9.84
CA LEU F 442 24.07 -76.67 -8.73
C LEU F 442 25.28 -76.97 -7.87
N PRO F 443 26.20 -76.01 -7.79
CA PRO F 443 27.41 -76.21 -6.97
C PRO F 443 27.08 -76.27 -5.49
N GLY F 444 28.05 -76.74 -4.72
CA GLY F 444 27.86 -76.84 -3.28
C GLY F 444 27.88 -75.51 -2.57
N GLU F 445 28.66 -74.54 -3.10
CA GLU F 445 28.71 -73.23 -2.47
C GLU F 445 27.44 -72.43 -2.73
N ILE F 446 26.85 -72.58 -3.92
CA ILE F 446 25.62 -71.85 -4.23
C ILE F 446 24.44 -72.43 -3.46
N LYS F 447 24.41 -73.76 -3.30
CA LYS F 447 23.33 -74.39 -2.56
C LYS F 447 23.41 -74.08 -1.07
N GLN F 448 24.62 -73.87 -0.54
CA GLN F 448 24.77 -73.54 0.87
C GLN F 448 24.27 -72.13 1.18
N GLN F 449 24.60 -71.17 0.31
CA GLN F 449 24.14 -69.81 0.52
C GLN F 449 22.65 -69.66 0.26
N LEU F 450 22.11 -70.46 -0.67
CA LEU F 450 20.68 -70.38 -0.95
C LEU F 450 19.84 -71.02 0.15
N GLU F 451 20.39 -72.03 0.83
CA GLU F 451 19.66 -72.65 1.93
C GLU F 451 19.61 -71.76 3.15
N GLU F 452 20.65 -70.95 3.38
CA GLU F 452 20.64 -70.03 4.51
C GLU F 452 19.69 -68.87 4.28
N LEU F 453 19.59 -68.39 3.04
CA LEU F 453 18.67 -67.30 2.74
C LEU F 453 17.22 -67.78 2.74
N GLU F 454 16.97 -69.03 2.34
CA GLU F 454 15.62 -69.56 2.36
C GLU F 454 15.13 -69.77 3.79
N SER F 455 16.03 -70.10 4.72
CA SER F 455 15.62 -70.26 6.11
C SER F 455 15.28 -68.93 6.75
N ASP F 456 15.93 -67.85 6.34
CA ASP F 456 15.62 -66.53 6.88
C ASP F 456 14.28 -66.03 6.36
N TRP F 457 13.90 -66.42 5.14
CA TRP F 457 12.60 -66.02 4.60
C TRP F 457 11.46 -66.74 5.30
N ARG F 458 11.67 -67.99 5.70
CA ARG F 458 10.65 -68.72 6.42
C ARG F 458 10.51 -68.21 7.85
N LYS F 459 11.61 -67.80 8.48
CA LYS F 459 11.53 -67.25 9.83
C LYS F 459 10.89 -65.87 9.83
N GLN F 460 11.11 -65.07 8.79
CA GLN F 460 10.49 -63.76 8.71
C GLN F 460 9.01 -63.87 8.39
N HIS F 461 8.63 -64.86 7.58
CA HIS F 461 7.22 -65.05 7.25
C HIS F 461 6.45 -65.62 8.44
N ALA F 462 7.12 -66.35 9.33
CA ALA F 462 6.46 -66.89 10.50
C ALA F 462 6.13 -65.80 11.51
N LEU F 463 6.95 -64.74 11.56
CA LEU F 463 6.66 -63.64 12.47
C LEU F 463 5.47 -62.82 12.01
N PHE F 464 5.27 -62.69 10.69
CA PHE F 464 4.13 -61.95 10.19
C PHE F 464 2.83 -62.72 10.38
N SER F 465 2.88 -64.05 10.32
CA SER F 465 1.70 -64.89 10.51
C SER F 465 1.29 -65.01 11.97
N GLU F 466 2.07 -64.45 12.90
CA GLU F 466 1.76 -64.50 14.32
C GLU F 466 1.40 -63.14 14.89
N GLN F 467 1.35 -62.09 14.07
CA GLN F 467 1.02 -60.76 14.55
C GLN F 467 0.12 -59.97 13.60
N GLN F 468 -0.31 -60.55 12.48
CA GLN F 468 -1.18 -59.86 11.54
C GLN F 468 -2.62 -59.75 12.03
N LYS F 469 -2.99 -60.50 13.07
CA LYS F 469 -4.36 -60.48 13.59
C LYS F 469 -4.61 -59.33 14.56
N CYS F 470 -3.86 -58.24 14.45
CA CYS F 470 -4.06 -57.11 15.33
C CYS F 470 -5.33 -56.35 14.94
N LEU F 471 -6.03 -55.82 15.96
CA LEU F 471 -7.28 -55.11 15.70
C LEU F 471 -7.03 -53.71 15.15
N PHE F 472 -5.92 -53.08 15.53
CA PHE F 472 -5.60 -51.73 15.08
C PHE F 472 -4.82 -51.70 13.78
N ILE F 473 -5.09 -52.64 12.87
CA ILE F 473 -4.41 -52.69 11.58
C ILE F 473 -5.46 -52.70 10.48
N PRO F 474 -5.34 -51.84 9.46
CA PRO F 474 -6.34 -51.83 8.39
C PRO F 474 -6.32 -53.13 7.59
N GLY F 475 -7.47 -53.45 6.99
CA GLY F 475 -7.58 -54.68 6.24
C GLY F 475 -6.95 -54.63 4.86
N ASP F 476 -6.99 -53.45 4.21
CA ASP F 476 -6.41 -53.33 2.88
C ASP F 476 -4.89 -53.36 2.90
N TRP F 477 -4.27 -53.09 4.05
CA TRP F 477 -2.81 -53.12 4.15
C TRP F 477 -2.26 -54.53 4.21
N LEU F 478 -3.09 -55.52 4.54
CA LEU F 478 -2.62 -56.90 4.62
C LEU F 478 -2.32 -57.49 3.24
N GLY F 479 -2.99 -57.01 2.19
CA GLY F 479 -2.75 -57.52 0.86
C GLY F 479 -1.41 -57.12 0.28
N ARG F 480 -0.84 -56.00 0.73
CA ARG F 480 0.45 -55.55 0.24
C ARG F 480 1.61 -56.19 0.97
N ILE F 481 1.45 -56.52 2.25
CA ILE F 481 2.53 -57.17 2.99
C ILE F 481 2.68 -58.63 2.55
N GLU F 482 1.55 -59.30 2.28
CA GLU F 482 1.62 -60.68 1.82
C GLU F 482 2.16 -60.77 0.41
N ALA F 483 1.83 -59.80 -0.45
CA ALA F 483 2.33 -59.81 -1.81
C ALA F 483 3.81 -59.49 -1.87
N SER F 484 4.32 -58.67 -0.94
CA SER F 484 5.74 -58.35 -0.92
C SER F 484 6.58 -59.50 -0.40
N LEU F 485 6.07 -60.28 0.55
CA LEU F 485 6.81 -61.42 1.07
C LEU F 485 6.80 -62.60 0.11
N GLN F 486 5.72 -62.76 -0.67
CA GLN F 486 5.66 -63.85 -1.63
C GLN F 486 6.53 -63.60 -2.84
N ASP F 487 6.81 -62.33 -3.18
CA ASP F 487 7.67 -62.04 -4.32
C ASP F 487 9.12 -62.41 -4.04
N VAL F 488 9.56 -62.29 -2.79
CA VAL F 488 10.93 -62.65 -2.45
C VAL F 488 11.09 -64.17 -2.43
N GLY F 489 10.08 -64.88 -1.93
CA GLY F 489 10.14 -66.33 -1.91
C GLY F 489 10.01 -66.96 -3.28
N ALA F 490 9.37 -66.26 -4.22
CA ALA F 490 9.22 -66.79 -5.57
C ALA F 490 10.49 -66.58 -6.40
N GLN F 491 11.29 -65.58 -6.06
CA GLN F 491 12.52 -65.33 -6.80
C GLN F 491 13.65 -66.24 -6.34
N ILE F 492 13.67 -66.62 -5.06
CA ILE F 492 14.71 -67.51 -4.56
C ILE F 492 14.46 -68.95 -4.99
N ARG F 493 13.21 -69.31 -5.28
CA ARG F 493 12.90 -70.66 -5.71
C ARG F 493 13.23 -70.89 -7.18
N GLN F 494 13.40 -69.83 -7.96
CA GLN F 494 13.73 -69.99 -9.38
C GLN F 494 15.22 -70.22 -9.59
N ALA F 495 16.07 -69.74 -8.68
CA ALA F 495 17.50 -69.92 -8.84
C ALA F 495 17.92 -71.36 -8.53
N GLN F 496 17.13 -72.07 -7.73
CA GLN F 496 17.45 -73.46 -7.36
C GLN F 496 16.70 -74.45 -8.26
N GLN F 497 16.74 -74.19 -9.57
CA GLN F 497 16.08 -75.06 -10.54
C GLN F 497 17.09 -75.69 -11.49
PB ADP G . 7.69 -28.05 23.10
O1B ADP G . 9.06 -27.80 22.50
O2B ADP G . 7.35 -27.18 24.29
O3B ADP G . 6.58 -28.17 22.08
PA ADP G . 6.53 -30.25 24.39
O1A ADP G . 6.12 -29.47 25.61
O2A ADP G . 5.52 -30.53 23.29
O3A ADP G . 7.81 -29.53 23.73
O5' ADP G . 7.15 -31.66 24.88
C5' ADP G . 6.28 -32.73 25.27
C4' ADP G . 7.11 -33.87 25.84
O4' ADP G . 8.09 -34.31 24.89
C3' ADP G . 7.86 -33.45 27.09
O3' ADP G . 7.30 -34.07 28.25
C2' ADP G . 9.29 -33.92 26.89
O2' ADP G . 9.66 -34.84 27.93
C1' ADP G . 9.32 -34.62 25.54
N9 ADP G . 10.46 -34.12 24.74
C8 ADP G . 10.40 -33.23 23.73
N7 ADP G . 11.63 -32.99 23.20
C5 ADP G . 12.51 -33.74 23.89
C6 ADP G . 13.97 -33.96 23.85
N6 ADP G . 14.76 -33.33 22.95
N1 ADP G . 14.50 -34.84 24.75
C2 ADP G . 13.73 -35.48 25.64
N3 ADP G . 12.40 -35.32 25.73
C4 ADP G . 11.74 -34.49 24.90
PB ADP H . 18.69 2.00 27.14
O1B ADP H . 19.59 2.95 26.40
O2B ADP H . 17.49 2.65 27.80
O3B ADP H . 18.36 0.73 26.38
PA ADP H . 19.04 0.37 29.40
O1A ADP H . 18.92 -0.93 28.63
O2A ADP H . 17.84 0.92 30.12
O3A ADP H . 19.58 1.50 28.39
O5' ADP H . 20.25 0.23 30.46
C5' ADP H . 20.28 -0.86 31.37
C4' ADP H . 21.42 -0.64 32.37
O4' ADP H . 22.67 -0.51 31.68
C3' ADP H . 21.22 0.63 33.18
O3' ADP H . 20.88 0.30 34.53
C2' ADP H . 22.55 1.35 33.14
O2' ADP H . 23.06 1.52 34.46
C1' ADP H . 23.48 0.48 32.32
N9 ADP H . 24.17 1.30 31.28
C8 ADP H . 23.87 1.34 29.98
N7 ADP H . 24.69 2.19 29.31
C5 ADP H . 25.54 2.71 30.21
C6 ADP H . 26.66 3.68 30.17
N6 ADP H . 27.04 4.27 29.02
N1 ADP H . 27.28 3.97 31.34
C2 ADP H . 26.90 3.39 32.50
N3 ADP H . 25.90 2.50 32.60
C4 ADP H . 25.19 2.13 31.51
PB ADP I . 4.65 28.74 15.56
O1B ADP I . 5.52 27.51 15.53
O2B ADP I . 4.82 29.67 14.38
O3B ADP I . 3.21 28.47 15.93
PA ADP I . 5.30 28.96 18.28
O1A ADP I . 6.32 27.85 18.25
O2A ADP I . 3.89 28.68 18.76
O3A ADP I . 5.21 29.60 16.81
O5' ADP I . 5.89 30.17 19.15
C5' ADP I . 6.39 29.94 20.47
C4' ADP I . 6.69 31.27 21.15
O4' ADP I . 7.63 32.03 20.38
C3' ADP I . 5.44 32.12 21.29
O3' ADP I . 5.02 32.19 22.65
C2' ADP I . 5.82 33.50 20.79
O2' ADP I . 5.64 34.46 21.84
C1' ADP I . 7.28 33.41 20.39
N9 ADP I . 7.48 34.01 19.05
C8 ADP I . 7.66 33.32 17.90
N7 ADP I . 7.82 34.16 16.85
C5 ADP I . 7.73 35.42 17.32
C6 ADP I . 7.79 36.79 16.75
N6 ADP I . 8.00 36.98 15.41
N1 ADP I . 7.65 37.84 17.58
C2 ADP I . 7.44 37.66 18.91
N3 ADP I . 7.38 36.45 19.50
C4 ADP I . 7.51 35.32 18.77
PB ADP J . -19.18 28.13 -5.97
O1B ADP J . -17.75 28.13 -5.50
O2B ADP J . -19.35 28.35 -7.46
O3B ADP J . -20.00 26.99 -5.41
PA ADP J . -19.78 29.67 -3.71
O1A ADP J . -18.33 29.86 -3.30
O2A ADP J . -20.61 28.59 -3.05
O3A ADP J . -19.83 29.44 -5.30
O5' ADP J . -20.54 31.07 -3.53
C5' ADP J . -20.47 31.78 -2.29
C4' ADP J . -21.42 32.98 -2.34
O4' ADP J . -21.10 33.83 -3.44
C3' ADP J . -22.87 32.53 -2.52
O3' ADP J . -23.59 32.73 -1.30
C2' ADP J . -23.43 33.40 -3.61
O2' ADP J . -24.52 34.17 -3.11
C1' ADP J . -22.30 34.32 -4.04
N9 ADP J . -22.17 34.32 -5.51
C8 ADP J . -21.22 33.69 -6.23
N7 ADP J . -21.40 33.88 -7.56
C5 ADP J . -22.48 34.66 -7.72
C6 ADP J . -23.22 35.24 -8.87
N6 ADP J . -22.81 35.04 -10.14
N1 ADP J . -24.31 36.00 -8.59
C2 ADP J . -24.72 36.22 -7.33
N3 ADP J . -24.10 35.72 -6.25
C4 ADP J . -22.99 34.95 -6.37
PB ADP K . -21.51 -35.58 11.63
O1B ADP K . -20.32 -36.03 10.81
O2B ADP K . -21.26 -35.50 13.11
O3B ADP K . -22.25 -34.38 11.06
PA ADP K . -24.04 -36.69 12.11
O1A ADP K . -23.91 -36.62 13.61
O2A ADP K . -24.81 -35.62 11.37
O3A ADP K . -22.56 -36.80 11.48
O5' ADP K . -24.68 -38.12 11.73
C5' ADP K . -26.08 -38.34 11.87
C4' ADP K . -26.38 -39.81 11.64
O4' ADP K . -25.93 -40.23 10.36
C3' ADP K . -25.68 -40.70 12.67
O3' ADP K . -26.64 -41.25 13.58
C2' ADP K . -25.02 -41.80 11.87
O2' ADP K . -25.54 -43.08 12.28
C1' ADP K . -25.37 -41.54 10.42
N9 ADP K . -24.15 -41.61 9.59
C8 ADP K . -23.47 -40.57 9.09
N7 ADP K . -22.39 -40.97 8.36
C5 ADP K . -22.37 -42.33 8.39
C6 ADP K . -21.52 -43.40 7.83
N6 ADP K . -20.43 -43.09 7.07
N1 ADP K . -21.85 -44.68 8.10
C2 ADP K . -22.94 -44.99 8.84
N3 ADP K . -23.75 -44.06 9.38
C4 ADP K . -23.53 -42.74 9.19
#